data_9B05
#
_entry.id   9B05
#
_cell.length_a   1.00
_cell.length_b   1.00
_cell.length_c   1.00
_cell.angle_alpha   90.00
_cell.angle_beta   90.00
_cell.angle_gamma   90.00
#
_symmetry.space_group_name_H-M   'P 1'
#
_entity_poly.entity_id   1
_entity_poly.type   'polypeptide(L)'
_entity_poly.pdbx_seq_one_letter_code
;MGSSHHHHHHSSGLVPRGSHMENLYFQGAASERRRLYPPSAEYPDLRKHNNCMASHLTPAVYARLCDKTTPTGWTLDQCI
QTGVDNPGHPFIKTVGMVAGDEETYEVFADLFDPVIQERHNGYDPRTMKHTTDLDASKIRSGYFDERYVLSSRVRTGRSI
RGLSLPPACTRAERREVERVVVDALSGLKGDLAGRYYRLSEMTEAEQQQLIDDHFLFDKPVSPLLTAAGMARDWPDARGI
WHNNEKSFLIWVNEEDHTRVISMEKGGNMKRVFERFCRGLKEVERLIQERGWEFMWNERLGYILTCPSNLGTGLRAGVHI
KLPLLSKDSRFPKILENLRLQKRGTGGVDTAATGGVFDISNLDRLGKSEVELVQLVIDGVNYLIDCERRLERGQDIRIPT
PVIHTKHGSSDYKDDDDK
;
_entity_poly.pdbx_strand_id   A,B,C,D,E,F,G,H
#
# COMPACT_ATOMS: atom_id res chain seq x y z
N SER A 31 3.15 14.75 6.79
CA SER A 31 4.19 14.04 7.51
C SER A 31 3.60 13.07 8.51
N GLU A 32 4.28 11.94 8.71
CA GLU A 32 3.87 10.95 9.68
C GLU A 32 4.51 11.17 11.05
N ARG A 33 5.27 12.25 11.22
CA ARG A 33 5.86 12.60 12.50
C ARG A 33 4.92 13.42 13.38
N ARG A 34 3.74 13.77 12.88
CA ARG A 34 2.74 14.46 13.69
C ARG A 34 2.18 13.51 14.74
N ARG A 35 1.94 14.03 15.94
CA ARG A 35 1.49 13.23 17.06
C ARG A 35 -0.03 13.20 17.12
N LEU A 36 -0.58 12.02 17.38
CA LEU A 36 -2.00 11.86 17.61
C LEU A 36 -2.36 12.30 19.03
N TYR A 37 -3.63 12.57 19.25
CA TYR A 37 -4.12 12.78 20.59
C TYR A 37 -3.95 11.50 21.39
N PRO A 38 -3.35 11.54 22.58
CA PRO A 38 -3.25 10.34 23.39
C PRO A 38 -4.63 9.84 23.76
N PRO A 39 -4.80 8.52 23.90
CA PRO A 39 -6.13 7.98 24.20
C PRO A 39 -6.73 8.52 25.49
N SER A 40 -5.90 8.86 26.47
CA SER A 40 -6.41 9.41 27.72
C SER A 40 -7.01 10.80 27.54
N ALA A 41 -6.66 11.50 26.46
CA ALA A 41 -7.29 12.78 26.19
C ALA A 41 -8.74 12.64 25.76
N GLU A 42 -9.12 11.48 25.23
CA GLU A 42 -10.49 11.21 24.81
C GLU A 42 -11.30 10.50 25.89
N TYR A 43 -10.72 10.27 27.06
CA TYR A 43 -11.41 9.51 28.10
C TYR A 43 -12.64 10.28 28.59
N PRO A 44 -13.80 9.65 28.67
CA PRO A 44 -15.00 10.36 29.10
C PRO A 44 -14.93 10.80 30.55
N ASP A 45 -15.64 11.87 30.86
CA ASP A 45 -15.74 12.39 32.22
C ASP A 45 -16.89 11.67 32.91
N LEU A 46 -16.54 10.68 33.75
CA LEU A 46 -17.53 9.86 34.45
C LEU A 46 -17.55 10.12 35.94
N ARG A 47 -17.09 11.29 36.38
CA ARG A 47 -17.06 11.61 37.80
C ARG A 47 -18.45 11.75 38.41
N LYS A 48 -19.49 11.88 37.58
CA LYS A 48 -20.86 11.96 38.08
C LYS A 48 -21.73 10.79 37.65
N HIS A 49 -21.29 9.98 36.70
CA HIS A 49 -22.07 8.85 36.22
C HIS A 49 -22.09 7.74 37.25
N ASN A 50 -23.17 6.96 37.23
CA ASN A 50 -23.33 5.78 38.10
C ASN A 50 -24.00 4.69 37.28
N ASN A 51 -23.18 3.84 36.66
CA ASN A 51 -23.68 2.69 35.89
C ASN A 51 -22.52 1.71 35.73
N CYS A 52 -22.81 0.58 35.08
CA CYS A 52 -21.77 -0.42 34.83
C CYS A 52 -20.66 0.15 33.97
N MET A 53 -20.99 1.06 33.05
CA MET A 53 -19.98 1.74 32.25
C MET A 53 -19.04 2.55 33.13
N ALA A 54 -19.59 3.29 34.10
CA ALA A 54 -18.74 4.12 34.95
C ALA A 54 -17.81 3.27 35.80
N SER A 55 -18.29 2.13 36.31
CA SER A 55 -17.52 1.32 37.22
C SER A 55 -16.62 0.30 36.52
N HIS A 56 -16.81 0.06 35.23
CA HIS A 56 -16.02 -0.93 34.51
C HIS A 56 -15.14 -0.35 33.41
N LEU A 57 -15.28 0.93 33.09
CA LEU A 57 -14.43 1.57 32.09
C LEU A 57 -13.29 2.27 32.82
N THR A 58 -12.13 1.62 32.84
CA THR A 58 -10.93 2.18 33.44
C THR A 58 -10.04 2.77 32.37
N PRO A 59 -9.13 3.68 32.75
CA PRO A 59 -8.23 4.27 31.74
C PRO A 59 -7.44 3.24 30.96
N ALA A 60 -7.00 2.16 31.61
CA ALA A 60 -6.26 1.12 30.91
C ALA A 60 -7.12 0.45 29.85
N VAL A 61 -8.36 0.10 30.20
CA VAL A 61 -9.26 -0.54 29.25
C VAL A 61 -9.58 0.40 28.10
N TYR A 62 -9.88 1.66 28.39
CA TYR A 62 -10.20 2.62 27.33
C TYR A 62 -9.01 2.82 26.40
N ALA A 63 -7.80 2.93 26.95
CA ALA A 63 -6.62 3.10 26.12
C ALA A 63 -6.35 1.86 25.27
N ARG A 64 -6.61 0.68 25.83
CA ARG A 64 -6.37 -0.56 25.09
C ARG A 64 -7.37 -0.72 23.95
N LEU A 65 -8.63 -0.37 24.18
CA LEU A 65 -9.70 -0.60 23.21
C LEU A 65 -9.95 0.58 22.29
N CYS A 66 -9.22 1.68 22.45
CA CYS A 66 -9.50 2.88 21.66
C CYS A 66 -9.18 2.66 20.18
N ASP A 67 -8.05 2.02 19.88
CA ASP A 67 -7.63 1.87 18.49
C ASP A 67 -8.41 0.78 17.76
N LYS A 68 -8.94 -0.21 18.47
CA LYS A 68 -9.60 -1.32 17.82
C LYS A 68 -10.93 -0.90 17.20
N THR A 69 -11.33 -1.62 16.16
CA THR A 69 -12.59 -1.36 15.48
C THR A 69 -13.07 -2.63 14.80
N THR A 70 -14.38 -2.73 14.63
CA THR A 70 -14.98 -3.86 13.93
C THR A 70 -14.78 -3.69 12.43
N PRO A 71 -14.94 -4.77 11.66
CA PRO A 71 -14.80 -4.65 10.19
C PRO A 71 -15.74 -3.64 9.57
N THR A 72 -16.92 -3.43 10.14
CA THR A 72 -17.87 -2.45 9.61
C THR A 72 -17.59 -1.03 10.09
N GLY A 73 -16.59 -0.83 10.95
CA GLY A 73 -16.21 0.49 11.40
C GLY A 73 -16.72 0.89 12.77
N TRP A 74 -17.39 -0.01 13.48
CA TRP A 74 -17.87 0.30 14.82
C TRP A 74 -16.70 0.45 15.79
N THR A 75 -16.76 1.48 16.64
CA THR A 75 -15.68 1.80 17.55
C THR A 75 -16.18 1.82 18.99
N LEU A 76 -15.23 1.92 19.92
CA LEU A 76 -15.57 1.92 21.34
C LEU A 76 -16.37 3.16 21.73
N ASP A 77 -16.02 4.31 21.17
CA ASP A 77 -16.73 5.54 21.49
C ASP A 77 -18.20 5.46 21.09
N GLN A 78 -18.47 4.86 19.93
CA GLN A 78 -19.86 4.67 19.52
C GLN A 78 -20.58 3.69 20.45
N CYS A 79 -19.86 2.70 20.99
CA CYS A 79 -20.46 1.80 21.96
C CYS A 79 -20.85 2.53 23.24
N ILE A 80 -19.96 3.40 23.74
CA ILE A 80 -20.15 4.00 25.05
C ILE A 80 -20.83 5.36 25.01
N GLN A 81 -21.15 5.86 23.81
CA GLN A 81 -21.80 7.16 23.71
C GLN A 81 -23.16 7.18 24.40
N THR A 82 -23.90 6.07 24.34
CA THR A 82 -25.19 6.00 25.01
C THR A 82 -25.05 6.20 26.50
N GLY A 83 -24.08 5.52 27.12
CA GLY A 83 -23.85 5.69 28.54
C GLY A 83 -23.32 7.06 28.90
N VAL A 84 -22.41 7.60 28.08
CA VAL A 84 -21.82 8.89 28.37
C VAL A 84 -22.86 10.01 28.29
N ASP A 85 -23.71 9.97 27.26
CA ASP A 85 -24.68 11.04 27.07
C ASP A 85 -25.76 11.03 28.15
N ASN A 86 -26.14 9.85 28.62
CA ASN A 86 -27.17 9.72 29.65
C ASN A 86 -26.56 9.19 30.94
N PRO A 87 -26.22 10.05 31.89
CA PRO A 87 -25.62 9.55 33.14
C PRO A 87 -26.53 8.61 33.92
N GLY A 88 -27.84 8.81 33.84
CA GLY A 88 -28.76 7.97 34.58
C GLY A 88 -28.84 8.35 36.05
N HIS A 89 -29.44 7.46 36.82
CA HIS A 89 -29.62 7.65 38.25
C HIS A 89 -29.12 6.43 39.00
N PRO A 90 -28.61 6.62 40.23
CA PRO A 90 -28.13 5.52 41.06
C PRO A 90 -29.24 4.52 41.41
N LYS A 93 -30.29 1.15 37.33
CA LYS A 93 -28.98 1.25 36.69
C LYS A 93 -28.97 0.53 35.35
N THR A 94 -29.07 1.31 34.27
CA THR A 94 -29.07 0.75 32.93
C THR A 94 -27.64 0.36 32.51
N VAL A 95 -27.53 -0.22 31.32
CA VAL A 95 -26.23 -0.63 30.81
C VAL A 95 -25.50 0.54 30.17
N GLY A 96 -26.17 1.24 29.25
CA GLY A 96 -25.53 2.33 28.55
C GLY A 96 -24.56 1.90 27.47
N MET A 97 -24.67 0.68 26.97
CA MET A 97 -23.81 0.21 25.90
C MET A 97 -24.67 -0.43 24.83
N VAL A 98 -24.22 -0.30 23.57
CA VAL A 98 -24.85 -0.95 22.43
C VAL A 98 -23.76 -1.52 21.54
N ALA A 99 -24.16 -2.48 20.72
CA ALA A 99 -23.26 -3.10 19.75
C ALA A 99 -23.70 -2.71 18.35
N GLY A 100 -22.72 -2.43 17.48
CA GLY A 100 -23.01 -2.03 16.13
C GLY A 100 -23.15 -3.19 15.16
N ASP A 101 -22.61 -4.34 15.53
CA ASP A 101 -22.68 -5.53 14.69
C ASP A 101 -22.39 -6.75 15.56
N GLU A 102 -22.24 -7.91 14.91
CA GLU A 102 -21.96 -9.13 15.64
C GLU A 102 -20.54 -9.16 16.16
N GLU A 103 -19.59 -8.64 15.39
CA GLU A 103 -18.18 -8.69 15.76
C GLU A 103 -17.88 -7.84 16.99
N THR A 104 -18.74 -6.89 17.32
CA THR A 104 -18.48 -5.98 18.45
C THR A 104 -18.23 -6.76 19.72
N TYR A 105 -19.13 -7.67 20.06
CA TYR A 105 -18.99 -8.46 21.28
C TYR A 105 -17.70 -9.26 21.32
N GLU A 106 -17.10 -9.52 20.17
CA GLU A 106 -15.79 -10.16 20.14
C GLU A 106 -14.66 -9.13 20.15
N VAL A 107 -14.82 -8.02 19.43
CA VAL A 107 -13.75 -7.03 19.35
C VAL A 107 -13.62 -6.30 20.68
N PHE A 108 -14.74 -5.89 21.27
CA PHE A 108 -14.75 -5.17 22.55
C PHE A 108 -15.17 -6.06 23.69
N ALA A 109 -14.74 -7.33 23.67
CA ALA A 109 -15.11 -8.27 24.72
C ALA A 109 -14.59 -7.82 26.09
N ASP A 110 -13.42 -7.18 26.12
CA ASP A 110 -12.85 -6.73 27.38
C ASP A 110 -13.74 -5.70 28.08
N LEU A 111 -14.63 -5.03 27.33
CA LEU A 111 -15.54 -4.06 27.91
C LEU A 111 -16.90 -4.68 28.22
N PHE A 112 -17.45 -5.46 27.30
CA PHE A 112 -18.79 -6.00 27.48
C PHE A 112 -18.83 -7.17 28.45
N ASP A 113 -17.77 -7.98 28.51
CA ASP A 113 -17.79 -9.20 29.32
C ASP A 113 -18.04 -8.93 30.80
N PRO A 114 -17.33 -8.00 31.46
CA PRO A 114 -17.70 -7.69 32.86
C PRO A 114 -19.12 -7.19 32.99
N VAL A 115 -19.59 -6.41 32.01
CA VAL A 115 -20.95 -5.90 32.06
C VAL A 115 -21.96 -7.02 31.87
N ILE A 116 -21.69 -7.94 30.93
CA ILE A 116 -22.58 -9.07 30.71
C ILE A 116 -22.63 -9.94 31.97
N GLN A 117 -21.50 -10.10 32.65
CA GLN A 117 -21.46 -10.94 33.85
C GLN A 117 -22.18 -10.29 35.01
N GLU A 118 -21.94 -8.99 35.24
CA GLU A 118 -22.55 -8.32 36.39
C GLU A 118 -24.04 -8.10 36.18
N ARG A 119 -24.45 -7.78 34.94
CA ARG A 119 -25.86 -7.54 34.67
C ARG A 119 -26.68 -8.81 34.84
N HIS A 120 -26.13 -9.96 34.44
CA HIS A 120 -26.83 -11.23 34.51
C HIS A 120 -26.44 -12.04 35.73
N ASN A 121 -25.99 -11.38 36.80
CA ASN A 121 -25.73 -11.94 38.13
C ASN A 121 -25.03 -13.31 38.05
N GLY A 122 -23.84 -13.31 37.49
CA GLY A 122 -22.98 -14.47 37.62
C GLY A 122 -22.51 -15.12 36.34
N TYR A 123 -23.29 -15.01 35.27
CA TYR A 123 -22.96 -15.69 34.02
C TYR A 123 -21.69 -15.07 33.43
N ASP A 124 -20.59 -15.83 33.47
CA ASP A 124 -19.34 -15.38 32.87
C ASP A 124 -19.32 -15.84 31.42
N PRO A 125 -19.39 -14.94 30.44
CA PRO A 125 -19.36 -15.39 29.04
C PRO A 125 -18.08 -16.11 28.65
N ARG A 126 -16.94 -15.72 29.22
CA ARG A 126 -15.67 -16.32 28.83
C ARG A 126 -15.59 -17.80 29.21
N THR A 127 -16.12 -18.15 30.37
CA THR A 127 -16.01 -19.52 30.87
C THR A 127 -17.23 -20.37 30.47
N MET A 128 -18.42 -19.94 30.89
CA MET A 128 -19.63 -20.72 30.68
C MET A 128 -20.19 -20.52 29.26
N LYS A 129 -20.91 -21.52 28.79
CA LYS A 129 -21.56 -21.49 27.49
C LYS A 129 -23.07 -21.44 27.67
N HIS A 130 -23.75 -20.94 26.64
CA HIS A 130 -25.20 -20.79 26.66
C HIS A 130 -25.83 -21.87 25.79
N THR A 131 -26.85 -22.55 26.34
CA THR A 131 -27.57 -23.60 25.63
C THR A 131 -28.93 -23.07 25.21
N THR A 132 -29.27 -23.25 23.95
CA THR A 132 -30.54 -22.81 23.39
C THR A 132 -31.47 -24.00 23.27
N ASP A 133 -32.66 -23.89 23.88
CA ASP A 133 -33.67 -24.96 23.84
C ASP A 133 -35.03 -24.30 23.71
N LEU A 134 -35.49 -24.12 22.47
CA LEU A 134 -36.80 -23.55 22.21
C LEU A 134 -37.92 -24.59 22.16
N ASP A 135 -37.58 -25.87 22.19
CA ASP A 135 -38.59 -26.92 22.09
C ASP A 135 -39.57 -26.84 23.25
N ALA A 136 -40.83 -26.53 22.92
CA ALA A 136 -41.86 -26.31 23.92
C ALA A 136 -42.58 -27.59 24.33
N SER A 137 -42.15 -28.74 23.80
CA SER A 137 -42.78 -30.00 24.16
C SER A 137 -42.42 -30.47 25.57
N LYS A 138 -41.45 -29.84 26.22
CA LYS A 138 -40.97 -30.25 27.53
C LYS A 138 -41.57 -29.44 28.67
N ILE A 139 -42.55 -28.59 28.39
CA ILE A 139 -43.17 -27.79 29.43
C ILE A 139 -44.18 -28.64 30.20
N ARG A 140 -44.21 -28.46 31.52
CA ARG A 140 -45.11 -29.19 32.40
C ARG A 140 -46.13 -28.21 32.96
N SER A 141 -47.41 -28.51 32.74
CA SER A 141 -48.52 -27.69 33.24
C SER A 141 -48.41 -26.24 32.76
N GLY A 142 -49.08 -25.34 33.48
CA GLY A 142 -49.04 -23.93 33.15
C GLY A 142 -50.35 -23.40 32.61
N TYR A 143 -51.13 -22.76 33.49
CA TYR A 143 -52.41 -22.18 33.10
C TYR A 143 -52.83 -21.22 34.20
N PHE A 144 -53.06 -19.96 33.85
CA PHE A 144 -53.43 -18.94 34.83
C PHE A 144 -54.95 -18.77 34.86
N ASP A 145 -55.46 -18.39 36.02
CA ASP A 145 -56.89 -18.15 36.18
C ASP A 145 -57.34 -17.03 35.26
N GLU A 146 -58.49 -17.23 34.62
CA GLU A 146 -59.03 -16.21 33.72
C GLU A 146 -59.34 -14.92 34.46
N ARG A 147 -59.70 -15.01 35.74
CA ARG A 147 -59.90 -13.81 36.54
C ARG A 147 -58.60 -13.04 36.73
N TYR A 148 -57.47 -13.71 36.65
CA TYR A 148 -56.17 -13.07 36.81
C TYR A 148 -55.53 -12.77 35.46
N LEU A 150 -54.96 -11.18 32.78
CA LEU A 150 -55.67 -10.52 31.69
C LEU A 150 -55.17 -11.02 30.33
N SER A 151 -53.90 -10.76 30.05
CA SER A 151 -53.28 -11.17 28.80
C SER A 151 -51.93 -11.82 29.08
N SER A 152 -51.57 -12.77 28.23
CA SER A 152 -50.29 -13.47 28.31
C SER A 152 -49.44 -13.14 27.09
N ARG A 153 -48.16 -12.86 27.31
CA ARG A 153 -47.29 -12.40 26.24
C ARG A 153 -45.92 -13.05 26.37
N VAL A 154 -45.37 -13.48 25.24
CA VAL A 154 -44.01 -14.00 25.16
C VAL A 154 -43.30 -13.22 24.05
N ARG A 155 -42.09 -12.74 24.34
CA ARG A 155 -41.37 -11.86 23.43
C ARG A 155 -39.92 -12.27 23.35
N THR A 156 -39.36 -12.22 22.13
CA THR A 156 -37.92 -12.37 21.91
C THR A 156 -37.51 -11.36 20.85
N GLY A 157 -36.26 -11.46 20.42
CA GLY A 157 -35.75 -10.63 19.35
C GLY A 157 -34.63 -11.34 18.65
N ARG A 158 -34.53 -11.12 17.34
CA ARG A 158 -33.53 -11.78 16.52
C ARG A 158 -32.85 -10.77 15.60
N SER A 159 -31.60 -11.07 15.24
CA SER A 159 -30.82 -10.25 14.33
C SER A 159 -30.36 -11.12 13.17
N ILE A 160 -30.38 -10.56 11.97
CA ILE A 160 -30.02 -11.29 10.76
C ILE A 160 -28.52 -11.18 10.56
N ARG A 161 -27.84 -12.32 10.46
CA ARG A 161 -26.39 -12.33 10.30
C ARG A 161 -25.99 -11.71 8.98
N GLY A 162 -24.91 -10.92 9.01
CA GLY A 162 -24.41 -10.24 7.83
C GLY A 162 -24.86 -8.81 7.68
N LEU A 163 -25.79 -8.35 8.51
CA LEU A 163 -26.32 -7.00 8.43
C LEU A 163 -26.10 -6.28 9.76
N SER A 164 -25.72 -5.01 9.67
CA SER A 164 -25.37 -4.24 10.86
C SER A 164 -26.59 -4.04 11.76
N LEU A 165 -26.32 -3.92 13.06
CA LEU A 165 -27.37 -3.71 14.04
C LEU A 165 -27.93 -2.30 13.93
N PRO A 166 -29.12 -2.06 14.49
CA PRO A 166 -29.80 -0.77 14.32
C PRO A 166 -28.93 0.43 14.70
N PRO A 167 -28.11 0.36 15.75
CA PRO A 167 -27.25 1.52 16.03
C PRO A 167 -26.29 1.87 14.91
N ALA A 168 -25.83 0.90 14.12
CA ALA A 168 -24.84 1.15 13.08
C ALA A 168 -25.36 0.91 11.67
N CYS A 169 -26.58 0.42 11.50
CA CYS A 169 -27.07 0.06 10.18
C CYS A 169 -27.30 1.29 9.33
N THR A 170 -26.97 1.19 8.04
CA THR A 170 -27.27 2.24 7.08
C THR A 170 -28.70 2.08 6.58
N ARG A 171 -29.12 2.97 5.69
CA ARG A 171 -30.45 2.86 5.09
C ARG A 171 -30.57 1.60 4.25
N ALA A 172 -29.52 1.29 3.47
CA ALA A 172 -29.56 0.10 2.63
C ALA A 172 -29.63 -1.18 3.47
N GLU A 173 -28.86 -1.24 4.55
CA GLU A 173 -28.89 -2.42 5.41
C GLU A 173 -30.25 -2.59 6.09
N ARG A 174 -30.83 -1.49 6.55
CA ARG A 174 -32.16 -1.54 7.17
C ARG A 174 -33.21 -2.01 6.17
N ARG A 175 -33.15 -1.48 4.94
CA ARG A 175 -34.09 -1.92 3.92
C ARG A 175 -33.88 -3.39 3.57
N GLU A 176 -32.62 -3.84 3.55
CA GLU A 176 -32.35 -5.25 3.31
C GLU A 176 -32.94 -6.13 4.40
N VAL A 177 -32.81 -5.71 5.66
CA VAL A 177 -33.42 -6.44 6.77
C VAL A 177 -34.92 -6.53 6.58
N GLU A 178 -35.55 -5.39 6.26
CA GLU A 178 -37.00 -5.38 6.07
C GLU A 178 -37.42 -6.30 4.94
N ARG A 179 -36.70 -6.27 3.82
N ARG A 179 -36.70 -6.26 3.82
CA ARG A 179 -37.06 -7.11 2.68
CA ARG A 179 -37.03 -7.11 2.67
C ARG A 179 -36.90 -8.59 3.01
C ARG A 179 -36.91 -8.58 3.01
N VAL A 180 -35.81 -8.95 3.70
CA VAL A 180 -35.61 -10.35 4.06
C VAL A 180 -36.72 -10.83 4.98
N VAL A 181 -37.07 -10.03 6.00
CA VAL A 181 -38.11 -10.42 6.94
C VAL A 181 -39.45 -10.53 6.24
N VAL A 182 -39.77 -9.57 5.36
CA VAL A 182 -41.06 -9.59 4.68
C VAL A 182 -41.17 -10.80 3.75
N ASP A 183 -40.12 -11.06 2.97
CA ASP A 183 -40.16 -12.21 2.06
C ASP A 183 -40.27 -13.52 2.83
N ALA A 184 -39.57 -13.61 3.97
CA ALA A 184 -39.69 -14.83 4.78
C ALA A 184 -41.10 -14.98 5.34
N LEU A 185 -41.65 -13.91 5.93
CA LEU A 185 -42.97 -13.99 6.54
C LEU A 185 -44.08 -14.17 5.53
N SER A 186 -43.83 -13.85 4.25
CA SER A 186 -44.84 -14.10 3.22
C SER A 186 -45.16 -15.58 3.08
N GLY A 187 -44.22 -16.46 3.45
CA GLY A 187 -44.41 -17.89 3.35
C GLY A 187 -45.15 -18.54 4.49
N LEU A 188 -45.48 -17.79 5.55
CA LEU A 188 -46.24 -18.35 6.65
C LEU A 188 -47.66 -18.68 6.20
N LYS A 189 -48.14 -19.85 6.62
CA LYS A 189 -49.44 -20.35 6.17
C LYS A 189 -50.24 -20.85 7.36
N GLY A 190 -51.56 -20.91 7.18
CA GLY A 190 -52.43 -21.41 8.22
C GLY A 190 -52.77 -20.34 9.22
N ASP A 191 -52.72 -20.69 10.50
CA ASP A 191 -52.98 -19.72 11.55
C ASP A 191 -51.94 -18.61 11.53
N LEU A 192 -50.69 -18.95 11.16
CA LEU A 192 -49.59 -18.01 11.15
C LEU A 192 -49.64 -17.04 9.97
N ALA A 193 -50.57 -17.21 9.04
CA ALA A 193 -50.66 -16.31 7.90
C ALA A 193 -51.03 -14.90 8.36
N GLY A 194 -50.39 -13.90 7.75
CA GLY A 194 -50.61 -12.53 8.14
C GLY A 194 -50.18 -11.56 7.08
N ARG A 195 -50.19 -10.28 7.43
CA ARG A 195 -49.87 -9.19 6.53
C ARG A 195 -48.86 -8.25 7.18
N TYR A 196 -48.05 -7.61 6.34
CA TYR A 196 -47.05 -6.66 6.78
C TYR A 196 -47.59 -5.24 6.64
N TYR A 197 -47.44 -4.46 7.70
CA TYR A 197 -47.97 -3.09 7.75
C TYR A 197 -46.80 -2.13 7.94
N ARG A 198 -46.50 -1.35 6.91
CA ARG A 198 -45.42 -0.39 6.97
C ARG A 198 -45.85 0.85 7.74
N LEU A 199 -44.95 1.34 8.60
CA LEU A 199 -45.28 2.53 9.41
C LEU A 199 -45.43 3.77 8.53
N SER A 200 -44.58 3.92 7.53
CA SER A 200 -44.57 5.14 6.72
C SER A 200 -45.85 5.28 5.90
N GLU A 201 -46.50 4.17 5.56
CA GLU A 201 -47.67 4.19 4.68
C GLU A 201 -48.98 4.01 5.44
N MET A 202 -48.96 4.16 6.77
CA MET A 202 -50.17 4.01 7.57
C MET A 202 -50.33 5.21 8.49
N THR A 203 -51.58 5.49 8.84
CA THR A 203 -51.92 6.72 9.56
C THR A 203 -51.44 6.65 11.01
N GLU A 204 -51.30 7.84 11.61
CA GLU A 204 -50.88 7.94 13.00
C GLU A 204 -51.98 7.57 13.98
N ALA A 205 -53.25 7.72 13.58
CA ALA A 205 -54.35 7.38 14.47
C ALA A 205 -54.39 5.88 14.74
N GLU A 206 -54.34 5.07 13.68
CA GLU A 206 -54.29 3.62 13.88
C GLU A 206 -53.01 3.22 14.59
N GLN A 207 -51.92 3.95 14.34
CA GLN A 207 -50.67 3.68 15.05
C GLN A 207 -50.84 3.85 16.55
N GLN A 208 -51.43 4.98 16.96
CA GLN A 208 -51.66 5.22 18.38
C GLN A 208 -52.64 4.21 18.97
N GLN A 209 -53.68 3.84 18.21
CA GLN A 209 -54.63 2.85 18.69
C GLN A 209 -53.95 1.51 18.95
N LEU A 210 -53.14 1.04 18.01
CA LEU A 210 -52.45 -0.23 18.19
C LEU A 210 -51.39 -0.14 19.28
N ILE A 211 -50.77 1.04 19.45
CA ILE A 211 -49.83 1.23 20.55
C ILE A 211 -50.55 1.08 21.88
N ASP A 212 -51.73 1.69 22.00
CA ASP A 212 -52.52 1.55 23.21
C ASP A 212 -52.92 0.10 23.46
N ASP A 213 -53.32 -0.60 22.39
CA ASP A 213 -53.62 -2.03 22.49
C ASP A 213 -52.37 -2.90 22.54
N HIS A 214 -51.19 -2.30 22.60
CA HIS A 214 -49.91 -2.99 22.53
C HIS A 214 -49.77 -3.83 21.27
N PHE A 215 -50.40 -3.40 20.19
CA PHE A 215 -50.24 -4.02 18.88
C PHE A 215 -49.40 -3.15 17.95
N LEU A 216 -48.59 -2.25 18.49
CA LEU A 216 -47.64 -1.47 17.71
C LEU A 216 -46.65 -0.80 18.65
N PHE A 217 -45.50 -0.45 18.11
CA PHE A 217 -44.49 0.31 18.82
C PHE A 217 -44.51 1.76 18.35
N ASP A 218 -43.99 2.65 19.18
CA ASP A 218 -43.96 4.07 18.90
C ASP A 218 -42.56 4.50 18.48
N LYS A 219 -42.46 5.74 18.02
CA LYS A 219 -41.17 6.32 17.71
C LYS A 219 -40.30 6.35 18.97
N PRO A 220 -39.06 5.85 18.90
CA PRO A 220 -38.18 5.91 20.08
C PRO A 220 -38.00 7.33 20.58
N VAL A 221 -38.54 7.62 21.76
CA VAL A 221 -38.41 8.95 22.33
C VAL A 221 -37.52 8.95 23.56
N SER A 222 -37.22 7.79 24.12
CA SER A 222 -36.29 7.70 25.24
C SER A 222 -34.91 8.16 24.78
N PRO A 223 -34.22 8.99 25.57
CA PRO A 223 -32.88 9.45 25.16
C PRO A 223 -31.88 8.32 24.99
N LEU A 224 -32.13 7.17 25.62
CA LEU A 224 -31.22 6.03 25.47
C LEU A 224 -31.16 5.55 24.03
N LEU A 225 -32.32 5.41 23.39
CA LEU A 225 -32.35 4.94 22.00
C LEU A 225 -31.92 6.03 21.04
N THR A 226 -32.32 7.27 21.29
CA THR A 226 -31.95 8.37 20.39
C THR A 226 -30.45 8.61 20.39
N ALA A 227 -29.82 8.60 21.57
CA ALA A 227 -28.38 8.81 21.66
C ALA A 227 -27.59 7.63 21.10
N ALA A 228 -28.18 6.44 21.06
CA ALA A 228 -27.49 5.28 20.50
C ALA A 228 -27.51 5.29 18.98
N GLY A 229 -28.33 6.15 18.38
CA GLY A 229 -28.48 6.19 16.95
C GLY A 229 -29.50 5.24 16.37
N MET A 230 -30.50 4.84 17.16
CA MET A 230 -31.50 3.87 16.74
C MET A 230 -32.80 4.52 16.28
N ALA A 231 -32.79 5.85 16.13
CA ALA A 231 -33.96 6.56 15.62
C ALA A 231 -33.68 7.24 14.29
N ARG A 232 -32.55 6.93 13.65
CA ARG A 232 -32.20 7.57 12.38
C ARG A 232 -33.17 7.15 11.29
N ASP A 233 -33.53 8.11 10.43
CA ASP A 233 -34.34 7.86 9.25
C ASP A 233 -35.73 7.32 9.58
N TRP A 234 -36.21 7.57 10.80
CA TRP A 234 -37.54 7.12 11.16
C TRP A 234 -38.59 7.84 10.31
N PRO A 235 -39.63 7.14 9.84
CA PRO A 235 -39.90 5.71 10.01
C PRO A 235 -39.56 4.89 8.76
N ASP A 236 -38.45 5.17 8.09
CA ASP A 236 -38.09 4.44 6.88
C ASP A 236 -37.66 3.02 7.26
N ALA A 237 -38.19 2.04 6.54
CA ALA A 237 -37.87 0.62 6.71
C ALA A 237 -38.28 0.07 8.07
N ARG A 238 -39.14 0.78 8.79
CA ARG A 238 -39.74 0.28 10.01
C ARG A 238 -41.19 -0.10 9.74
N GLY A 239 -41.57 -1.29 10.15
CA GLY A 239 -42.93 -1.76 9.94
C GLY A 239 -43.29 -2.81 10.97
N ILE A 240 -44.49 -3.35 10.82
CA ILE A 240 -45.01 -4.35 11.74
C ILE A 240 -45.67 -5.45 10.92
N TRP A 241 -45.49 -6.70 11.33
CA TRP A 241 -46.17 -7.83 10.73
C TRP A 241 -46.96 -8.56 11.80
N HIS A 242 -48.22 -8.85 11.51
CA HIS A 242 -49.08 -9.56 12.45
C HIS A 242 -50.03 -10.47 11.69
N ASN A 243 -50.36 -11.59 12.32
CA ASN A 243 -51.35 -12.50 11.77
C ASN A 243 -52.75 -11.90 11.91
N ASN A 244 -53.71 -12.55 11.23
CA ASN A 244 -55.07 -12.01 11.19
C ASN A 244 -55.72 -11.96 12.57
N GLU A 245 -55.33 -12.85 13.46
CA GLU A 245 -55.91 -12.92 14.80
C GLU A 245 -55.19 -12.03 15.81
N LYS A 246 -54.16 -11.28 15.39
CA LYS A 246 -53.38 -10.42 16.27
C LYS A 246 -52.79 -11.22 17.43
N SER A 247 -52.36 -12.45 17.12
CA SER A 247 -51.75 -13.33 18.12
C SER A 247 -50.27 -13.58 17.87
N PHE A 248 -49.76 -13.29 16.68
CA PHE A 248 -48.34 -13.45 16.37
C PHE A 248 -47.86 -12.13 15.79
N LEU A 249 -47.09 -11.38 16.57
CA LEU A 249 -46.66 -10.04 16.20
C LEU A 249 -45.16 -10.02 15.99
N ILE A 250 -44.72 -9.33 14.94
CA ILE A 250 -43.30 -9.15 14.65
C ILE A 250 -43.06 -7.65 14.42
N TRP A 251 -42.15 -7.08 15.19
CA TRP A 251 -41.76 -5.68 15.03
C TRP A 251 -40.42 -5.61 14.35
N VAL A 252 -40.36 -4.86 13.23
CA VAL A 252 -39.20 -4.84 12.36
C VAL A 252 -38.46 -3.52 12.55
N ASN A 253 -37.16 -3.63 12.85
CA ASN A 253 -36.22 -2.50 12.84
C ASN A 253 -36.54 -1.44 13.88
N GLU A 254 -37.28 -1.78 14.94
CA GLU A 254 -37.52 -0.79 16.00
C GLU A 254 -36.36 -0.74 16.99
N GLU A 255 -36.11 -1.83 17.70
CA GLU A 255 -35.03 -1.96 18.66
C GLU A 255 -33.97 -2.96 18.24
N ASP A 256 -34.40 -4.05 17.62
CA ASP A 256 -33.52 -5.01 16.97
C ASP A 256 -33.98 -5.18 15.54
N HIS A 257 -33.37 -6.11 14.82
CA HIS A 257 -33.84 -6.42 13.47
C HIS A 257 -35.26 -6.94 13.49
N THR A 258 -35.56 -7.82 14.45
CA THR A 258 -36.91 -8.37 14.61
C THR A 258 -37.24 -8.44 16.09
N ARG A 259 -38.55 -8.45 16.38
CA ARG A 259 -39.04 -8.61 17.75
C ARG A 259 -40.30 -9.47 17.67
N VAL A 260 -40.14 -10.76 17.89
CA VAL A 260 -41.24 -11.71 17.77
C VAL A 260 -42.07 -11.66 19.04
N ILE A 261 -43.38 -11.46 18.90
CA ILE A 261 -44.30 -11.37 20.02
C ILE A 261 -45.45 -12.33 19.78
N SER A 262 -45.74 -13.18 20.78
CA SER A 262 -46.93 -14.02 20.79
C SER A 262 -47.83 -13.55 21.92
N MET A 263 -49.06 -13.19 21.59
CA MET A 263 -49.96 -12.58 22.55
C MET A 263 -51.33 -13.24 22.49
N GLU A 264 -51.98 -13.30 23.65
CA GLU A 264 -53.36 -13.80 23.74
C GLU A 264 -53.98 -13.24 25.01
N LYS A 265 -55.30 -13.19 25.02
CA LYS A 265 -56.06 -12.69 26.16
C LYS A 265 -56.45 -13.87 27.05
N GLY A 266 -56.20 -13.72 28.35
CA GLY A 266 -56.45 -14.78 29.31
C GLY A 266 -55.18 -15.19 30.03
N GLY A 267 -55.15 -16.45 30.45
CA GLY A 267 -54.00 -16.98 31.15
C GLY A 267 -53.54 -18.31 30.60
N ASN A 268 -53.85 -18.58 29.33
CA ASN A 268 -53.46 -19.83 28.68
C ASN A 268 -52.08 -19.68 28.07
N MET A 269 -51.08 -19.57 28.96
CA MET A 269 -49.69 -19.42 28.52
C MET A 269 -49.20 -20.65 27.75
N LYS A 270 -49.82 -21.81 27.94
CA LYS A 270 -49.46 -22.99 27.18
C LYS A 270 -49.63 -22.75 25.68
N ARG A 271 -50.83 -22.28 25.29
CA ARG A 271 -51.09 -22.03 23.87
C ARG A 271 -50.20 -20.92 23.34
N VAL A 272 -50.01 -19.86 24.13
CA VAL A 272 -49.17 -18.75 23.69
C VAL A 272 -47.75 -19.23 23.42
N PHE A 273 -47.19 -20.02 24.33
CA PHE A 273 -45.82 -20.49 24.15
C PHE A 273 -45.72 -21.50 23.01
N GLU A 274 -46.74 -22.34 22.82
CA GLU A 274 -46.71 -23.28 21.71
C GLU A 274 -46.72 -22.55 20.37
N ARG A 275 -47.61 -21.55 20.24
CA ARG A 275 -47.65 -20.75 19.03
C ARG A 275 -46.33 -20.01 18.83
N PHE A 276 -45.77 -19.49 19.91
CA PHE A 276 -44.49 -18.79 19.84
C PHE A 276 -43.39 -19.69 19.31
N CYS A 277 -43.30 -20.91 19.85
CA CYS A 277 -42.28 -21.85 19.42
C CYS A 277 -42.43 -22.23 17.95
N ARG A 278 -43.66 -22.60 17.55
CA ARG A 278 -43.85 -23.01 16.17
C ARG A 278 -43.61 -21.85 15.21
N GLY A 279 -44.01 -20.64 15.59
CA GLY A 279 -43.77 -19.48 14.75
C GLY A 279 -42.30 -19.18 14.59
N LEU A 280 -41.54 -19.25 15.69
CA LEU A 280 -40.10 -19.02 15.60
C LEU A 280 -39.43 -20.07 14.73
N LYS A 281 -39.83 -21.33 14.88
CA LYS A 281 -39.25 -22.40 14.06
C LYS A 281 -39.55 -22.16 12.58
N GLU A 282 -40.80 -21.81 12.26
CA GLU A 282 -41.17 -21.56 10.87
C GLU A 282 -40.40 -20.37 10.30
N VAL A 283 -40.28 -19.29 11.08
CA VAL A 283 -39.57 -18.11 10.60
C VAL A 283 -38.11 -18.43 10.34
N GLU A 284 -37.47 -19.16 11.26
CA GLU A 284 -36.07 -19.52 11.06
C GLU A 284 -35.90 -20.39 9.82
N ARG A 285 -36.79 -21.37 9.64
CA ARG A 285 -36.69 -22.21 8.45
C ARG A 285 -36.87 -21.39 7.17
N LEU A 286 -37.81 -20.45 7.18
CA LEU A 286 -38.07 -19.69 5.96
C LEU A 286 -36.95 -18.72 5.65
N ILE A 287 -36.32 -18.12 6.67
CA ILE A 287 -35.17 -17.26 6.40
C ILE A 287 -33.98 -18.09 5.93
N GLN A 288 -33.82 -19.29 6.49
CA GLN A 288 -32.70 -20.13 6.07
C GLN A 288 -32.91 -20.71 4.67
N GLU A 289 -34.15 -20.80 4.21
CA GLU A 289 -34.40 -21.23 2.83
C GLU A 289 -33.76 -20.28 1.84
N ARG A 290 -33.83 -18.98 2.11
CA ARG A 290 -33.28 -17.97 1.21
C ARG A 290 -31.80 -17.69 1.46
N GLY A 291 -31.20 -18.31 2.47
CA GLY A 291 -29.79 -18.16 2.71
C GLY A 291 -29.38 -17.27 3.86
N TRP A 292 -30.31 -16.82 4.68
CA TRP A 292 -30.01 -15.96 5.81
C TRP A 292 -30.07 -16.74 7.12
N GLU A 293 -29.27 -16.30 8.08
CA GLU A 293 -29.22 -16.92 9.40
C GLU A 293 -29.37 -15.87 10.48
N PHE A 294 -29.91 -16.29 11.63
CA PHE A 294 -29.89 -15.46 12.81
C PHE A 294 -28.49 -15.43 13.41
N MET A 295 -28.10 -14.29 13.94
CA MET A 295 -26.85 -14.20 14.68
C MET A 295 -26.94 -15.05 15.94
N TRP A 296 -25.94 -15.92 16.13
CA TRP A 296 -25.95 -16.82 17.29
C TRP A 296 -24.57 -17.46 17.49
N ASN A 297 -24.07 -17.42 18.71
CA ASN A 297 -22.86 -18.14 19.08
C ASN A 297 -23.08 -18.85 20.41
N GLU A 298 -22.27 -19.89 20.64
CA GLU A 298 -22.46 -20.73 21.83
C GLU A 298 -22.22 -19.94 23.11
N ARG A 299 -21.24 -19.04 23.10
CA ARG A 299 -20.85 -18.34 24.32
C ARG A 299 -21.93 -17.35 24.77
N LEU A 300 -22.50 -16.59 23.83
CA LEU A 300 -23.43 -15.53 24.17
C LEU A 300 -24.88 -15.81 23.79
N GLY A 301 -25.13 -16.79 22.93
CA GLY A 301 -26.49 -17.03 22.48
C GLY A 301 -26.86 -16.13 21.31
N TYR A 302 -28.13 -15.74 21.27
CA TYR A 302 -28.60 -14.85 20.22
C TYR A 302 -28.08 -13.44 20.45
N ILE A 303 -27.51 -12.84 19.40
CA ILE A 303 -26.85 -11.55 19.50
C ILE A 303 -27.87 -10.44 19.28
N LEU A 304 -27.94 -9.51 20.22
CA LEU A 304 -28.82 -8.35 20.15
C LEU A 304 -28.02 -7.10 20.49
N THR A 305 -28.65 -5.94 20.27
CA THR A 305 -27.95 -4.67 20.45
C THR A 305 -27.64 -4.40 21.92
N CYS A 306 -28.64 -4.55 22.78
CA CYS A 306 -28.44 -4.29 24.20
C CYS A 306 -27.82 -5.51 24.87
N PRO A 307 -26.70 -5.36 25.58
CA PRO A 307 -26.10 -6.53 26.25
C PRO A 307 -27.00 -7.16 27.29
N SER A 308 -27.95 -6.42 27.85
CA SER A 308 -28.89 -7.00 28.81
C SER A 308 -29.88 -7.94 28.14
N ASN A 309 -29.98 -7.93 26.82
CA ASN A 309 -30.91 -8.79 26.09
C ASN A 309 -30.23 -10.01 25.49
N LEU A 310 -28.95 -10.24 25.80
CA LEU A 310 -28.22 -11.34 25.21
C LEU A 310 -28.75 -12.68 25.75
N GLY A 311 -28.35 -13.76 25.08
CA GLY A 311 -28.75 -15.09 25.48
C GLY A 311 -29.98 -15.57 24.75
N THR A 312 -31.14 -15.51 25.41
CA THR A 312 -32.40 -15.86 24.78
C THR A 312 -33.21 -14.64 24.37
N GLY A 313 -33.03 -13.51 25.06
CA GLY A 313 -33.82 -12.33 24.77
C GLY A 313 -35.29 -12.50 25.07
N LEU A 314 -35.65 -13.49 25.87
CA LEU A 314 -37.04 -13.82 26.10
C LEU A 314 -37.60 -13.03 27.28
N ARG A 315 -38.88 -12.68 27.17
CA ARG A 315 -39.58 -11.99 28.26
C ARG A 315 -41.03 -12.47 28.25
N ALA A 316 -41.33 -13.45 29.07
CA ALA A 316 -42.68 -13.98 29.20
C ALA A 316 -43.41 -13.15 30.26
N GLY A 317 -44.38 -12.35 29.83
CA GLY A 317 -45.04 -11.41 30.70
C GLY A 317 -46.55 -11.56 30.69
N VAL A 318 -47.19 -11.15 31.78
CA VAL A 318 -48.64 -11.14 31.91
C VAL A 318 -49.06 -9.78 32.45
N HIS A 319 -50.34 -9.48 32.28
CA HIS A 319 -50.94 -8.25 32.81
C HIS A 319 -51.90 -8.63 33.93
N ILE A 320 -51.64 -8.13 35.13
CA ILE A 320 -52.47 -8.43 36.29
C ILE A 320 -52.60 -7.19 37.17
N PRO A 323 -56.08 -6.53 43.89
CA PRO A 323 -54.75 -5.98 44.17
C PRO A 323 -54.40 -6.01 45.66
N LEU A 324 -54.68 -7.14 46.31
CA LEU A 324 -54.37 -7.27 47.73
C LEU A 324 -52.87 -7.27 47.99
N LEU A 325 -52.06 -7.70 47.03
CA LEU A 325 -50.61 -7.73 47.17
C LEU A 325 -49.94 -6.51 46.53
N SER A 326 -50.64 -5.38 46.49
CA SER A 326 -50.10 -4.14 45.96
C SER A 326 -49.71 -3.15 47.04
N LYS A 327 -50.55 -2.98 48.07
CA LYS A 327 -50.22 -2.08 49.17
C LYS A 327 -49.18 -2.68 50.12
N ASP A 328 -49.12 -4.01 50.20
CA ASP A 328 -48.20 -4.66 51.13
C ASP A 328 -46.75 -4.39 50.73
N SER A 329 -45.91 -4.13 51.73
CA SER A 329 -44.50 -3.85 51.50
C SER A 329 -43.66 -5.11 51.30
N ARG A 330 -44.21 -6.29 51.60
CA ARG A 330 -43.47 -7.53 51.38
C ARG A 330 -43.55 -8.01 49.94
N PHE A 331 -44.44 -7.44 49.14
CA PHE A 331 -44.60 -7.85 47.75
C PHE A 331 -43.33 -7.64 46.92
N PRO A 332 -42.61 -6.50 47.02
CA PRO A 332 -41.31 -6.42 46.33
C PRO A 332 -40.34 -7.50 46.79
N LYS A 333 -40.33 -7.83 48.08
CA LYS A 333 -39.41 -8.83 48.59
C LYS A 333 -39.71 -10.21 47.99
N ILE A 334 -40.99 -10.59 47.95
CA ILE A 334 -41.31 -11.92 47.44
C ILE A 334 -41.11 -11.98 45.92
N LEU A 335 -41.41 -10.89 45.19
CA LEU A 335 -41.15 -10.93 43.76
C LEU A 335 -39.65 -11.01 43.47
N GLU A 336 -38.84 -10.30 44.26
CA GLU A 336 -37.39 -10.41 44.09
C GLU A 336 -36.89 -11.81 44.42
N ASN A 337 -37.41 -12.42 45.49
CA ASN A 337 -37.01 -13.77 45.85
C ASN A 337 -37.52 -14.80 44.86
N LEU A 338 -38.56 -14.48 44.09
CA LEU A 338 -39.11 -15.39 43.11
C LEU A 338 -38.47 -15.23 41.73
N ARG A 339 -37.41 -14.41 41.62
CA ARG A 339 -36.79 -14.09 40.33
C ARG A 339 -37.82 -13.54 39.35
N LEU A 340 -38.72 -12.69 39.87
CA LEU A 340 -39.87 -12.20 39.13
C LEU A 340 -39.80 -10.68 39.11
N GLN A 341 -40.06 -10.08 37.95
CA GLN A 341 -39.89 -8.65 37.74
C GLN A 341 -41.26 -8.01 37.55
N LYS A 342 -41.56 -7.00 38.37
CA LYS A 342 -42.85 -6.34 38.37
C LYS A 342 -42.66 -4.84 38.12
N ARG A 343 -43.44 -4.30 37.18
CA ARG A 343 -43.37 -2.89 36.82
C ARG A 343 -44.78 -2.39 36.60
N GLY A 344 -44.89 -1.19 36.03
CA GLY A 344 -46.21 -0.61 35.82
C GLY A 344 -47.04 -1.43 34.86
N THR A 345 -48.35 -1.49 35.14
CA THR A 345 -49.27 -2.28 34.34
C THR A 345 -49.53 -1.61 32.99
N ASP A 358 -47.69 -5.23 34.92
CA ASP A 358 -46.91 -6.19 34.13
C ASP A 358 -46.04 -7.06 35.03
N ILE A 359 -46.03 -8.36 34.74
CA ILE A 359 -45.30 -9.34 35.54
C ILE A 359 -44.39 -10.09 34.58
N SER A 360 -43.07 -9.94 34.77
CA SER A 360 -42.10 -10.49 33.82
C SER A 360 -40.95 -11.12 34.61
N ASN A 361 -39.89 -11.49 33.88
CA ASN A 361 -38.74 -12.18 34.43
C ASN A 361 -37.55 -11.23 34.55
N LEU A 362 -36.43 -11.76 35.03
CA LEU A 362 -35.19 -11.01 35.17
C LEU A 362 -34.10 -11.49 34.22
N ASP A 363 -33.76 -12.77 34.27
CA ASP A 363 -32.59 -13.31 33.58
C ASP A 363 -32.94 -13.71 32.15
N ARG A 364 -31.92 -13.63 31.29
CA ARG A 364 -32.02 -14.12 29.92
C ARG A 364 -30.86 -15.00 29.48
N LEU A 365 -29.74 -15.01 30.20
CA LEU A 365 -28.60 -15.87 29.88
C LEU A 365 -28.50 -17.00 30.89
N GLY A 366 -27.89 -18.10 30.45
CA GLY A 366 -27.62 -19.23 31.34
C GLY A 366 -28.72 -20.27 31.38
N LYS A 367 -29.97 -19.83 31.44
CA LYS A 367 -31.11 -20.73 31.53
C LYS A 367 -32.00 -20.57 30.32
N SER A 368 -32.61 -21.67 29.88
CA SER A 368 -33.23 -21.78 28.58
C SER A 368 -34.61 -21.12 28.56
N GLU A 369 -35.18 -21.04 27.36
CA GLU A 369 -36.48 -20.40 27.19
C GLU A 369 -37.57 -21.16 27.94
N VAL A 370 -37.54 -22.50 27.88
CA VAL A 370 -38.54 -23.28 28.60
C VAL A 370 -38.44 -23.04 30.10
N GLU A 371 -37.21 -22.94 30.62
CA GLU A 371 -37.04 -22.62 32.03
C GLU A 371 -37.54 -21.21 32.34
N LEU A 372 -37.43 -20.28 31.39
CA LEU A 372 -37.94 -18.94 31.62
C LEU A 372 -39.44 -18.94 31.85
N VAL A 373 -40.19 -19.58 30.95
CA VAL A 373 -41.64 -19.65 31.10
C VAL A 373 -42.01 -20.50 32.31
N GLN A 374 -41.24 -21.56 32.58
CA GLN A 374 -41.49 -22.37 33.76
C GLN A 374 -41.35 -21.55 35.03
N LEU A 375 -40.34 -20.67 35.08
CA LEU A 375 -40.19 -19.79 36.23
C LEU A 375 -41.36 -18.84 36.37
N VAL A 376 -41.85 -18.32 35.25
CA VAL A 376 -42.94 -17.35 35.29
C VAL A 376 -44.25 -18.01 35.73
N ILE A 377 -44.56 -19.16 35.16
CA ILE A 377 -45.83 -19.82 35.48
C ILE A 377 -45.85 -20.26 36.94
N ASP A 378 -44.75 -20.82 37.44
CA ASP A 378 -44.67 -21.18 38.85
C ASP A 378 -44.61 -19.94 39.73
N GLY A 379 -43.92 -18.89 39.27
CA GLY A 379 -43.88 -17.66 40.04
C GLY A 379 -45.24 -17.01 40.18
N VAL A 380 -46.00 -16.94 39.09
CA VAL A 380 -47.35 -16.41 39.16
C VAL A 380 -48.26 -17.35 39.94
N ASN A 381 -48.02 -18.66 39.84
CA ASN A 381 -48.85 -19.62 40.57
C ASN A 381 -48.80 -19.37 42.07
N TYR A 382 -47.60 -19.08 42.61
CA TYR A 382 -47.49 -18.72 44.01
C TYR A 382 -48.11 -17.37 44.33
N LEU A 383 -48.45 -16.57 43.31
CA LEU A 383 -49.07 -15.27 43.50
C LEU A 383 -50.58 -15.32 43.41
N ILE A 384 -51.14 -16.23 42.60
CA ILE A 384 -52.59 -16.36 42.52
C ILE A 384 -53.17 -16.85 43.84
N ASP A 385 -52.46 -17.77 44.50
CA ASP A 385 -52.96 -18.31 45.76
C ASP A 385 -53.10 -17.23 46.82
N CYS A 386 -52.12 -16.31 46.89
CA CYS A 386 -52.19 -15.22 47.85
C CYS A 386 -53.35 -14.28 47.53
N GLU A 387 -53.78 -14.23 46.27
CA GLU A 387 -54.91 -13.39 45.85
C GLU A 387 -54.67 -11.92 46.18
N SER B 31 13.98 0.85 9.65
CA SER B 31 13.48 2.22 9.74
C SER B 31 13.57 2.92 8.39
N GLU B 32 12.75 3.96 8.21
CA GLU B 32 12.76 4.76 6.99
C GLU B 32 13.73 5.93 7.05
N ARG B 33 14.41 6.12 8.19
CA ARG B 33 15.40 7.17 8.33
C ARG B 33 16.79 6.73 7.88
N ARG B 34 16.95 5.47 7.47
CA ARG B 34 18.23 5.02 6.92
C ARG B 34 18.48 5.69 5.57
N ARG B 35 19.72 6.12 5.37
CA ARG B 35 20.09 6.86 4.18
C ARG B 35 20.56 5.92 3.07
N LEU B 36 20.12 6.19 1.85
CA LEU B 36 20.59 5.46 0.70
C LEU B 36 21.97 5.96 0.27
N TYR B 37 22.66 5.15 -0.50
CA TYR B 37 23.89 5.58 -1.12
C TYR B 37 23.58 6.73 -2.09
N PRO B 38 24.26 7.87 -1.99
CA PRO B 38 24.02 8.94 -2.94
C PRO B 38 24.34 8.49 -4.35
N PRO B 39 23.62 9.00 -5.34
CA PRO B 39 23.86 8.56 -6.73
C PRO B 39 25.29 8.76 -7.20
N SER B 40 25.96 9.82 -6.73
CA SER B 40 27.34 10.04 -7.13
C SER B 40 28.30 8.99 -6.60
N ALA B 41 27.90 8.25 -5.56
CA ALA B 41 28.74 7.16 -5.09
C ALA B 41 28.76 5.99 -6.05
N GLU B 42 27.75 5.86 -6.90
CA GLU B 42 27.69 4.80 -7.90
C GLU B 42 28.20 5.23 -9.26
N TYR B 43 28.70 6.46 -9.38
CA TYR B 43 29.12 6.97 -10.68
C TYR B 43 30.32 6.18 -11.18
N PRO B 44 30.31 5.72 -12.42
CA PRO B 44 31.43 4.92 -12.93
C PRO B 44 32.71 5.74 -13.06
N ASP B 45 33.84 5.05 -12.96
CA ASP B 45 35.16 5.67 -13.13
C ASP B 45 35.49 5.64 -14.62
N LEU B 46 35.32 6.78 -15.28
CA LEU B 46 35.53 6.89 -16.72
C LEU B 46 36.74 7.75 -17.06
N ARG B 47 37.69 7.87 -16.13
CA ARG B 47 38.86 8.70 -16.35
C ARG B 47 39.79 8.15 -17.42
N LYS B 48 39.65 6.88 -17.80
CA LYS B 48 40.46 6.29 -18.85
C LYS B 48 39.63 5.72 -19.98
N HIS B 49 38.37 6.14 -20.10
CA HIS B 49 37.48 5.68 -21.16
C HIS B 49 37.40 6.73 -22.25
N ASN B 50 37.17 6.27 -23.49
CA ASN B 50 37.03 7.14 -24.65
C ASN B 50 35.92 6.58 -25.53
N ASN B 51 34.70 7.05 -25.33
CA ASN B 51 33.56 6.68 -26.15
C ASN B 51 32.44 7.67 -25.88
N CYS B 52 31.33 7.49 -26.59
CA CYS B 52 30.17 8.38 -26.42
C CYS B 52 29.67 8.33 -24.98
N MET B 53 29.74 7.17 -24.34
CA MET B 53 29.35 7.07 -22.93
C MET B 53 30.22 7.95 -22.05
N ALA B 54 31.54 7.93 -22.28
CA ALA B 54 32.44 8.71 -21.43
C ALA B 54 32.21 10.20 -21.60
N SER B 55 31.98 10.65 -22.84
CA SER B 55 31.83 12.07 -23.12
C SER B 55 30.41 12.59 -22.91
N HIS B 56 29.42 11.71 -22.76
CA HIS B 56 28.04 12.16 -22.62
C HIS B 56 27.40 11.78 -21.30
N LEU B 57 28.07 10.99 -20.46
CA LEU B 57 27.55 10.65 -19.13
C LEU B 57 28.18 11.60 -18.13
N THR B 58 27.45 12.64 -17.77
CA THR B 58 27.88 13.60 -16.77
C THR B 58 27.26 13.26 -15.43
N PRO B 59 27.85 13.74 -14.33
CA PRO B 59 27.26 13.44 -13.01
C PRO B 59 25.82 13.86 -12.88
N ALA B 60 25.43 14.99 -13.47
CA ALA B 60 24.03 15.42 -13.41
C ALA B 60 23.12 14.42 -14.10
N VAL B 61 23.49 13.97 -15.30
CA VAL B 61 22.66 13.02 -16.04
C VAL B 61 22.57 11.70 -15.29
N TYR B 62 23.70 11.21 -14.78
CA TYR B 62 23.70 9.94 -14.06
C TYR B 62 22.84 10.03 -12.80
N ALA B 63 22.95 11.14 -12.06
CA ALA B 63 22.13 11.31 -10.86
C ALA B 63 20.65 11.42 -11.21
N ARG B 64 20.33 12.06 -12.33
CA ARG B 64 18.93 12.22 -12.72
C ARG B 64 18.32 10.90 -13.17
N LEU B 65 19.07 10.09 -13.90
CA LEU B 65 18.52 8.89 -14.52
C LEU B 65 18.69 7.63 -13.67
N CYS B 66 19.33 7.72 -12.50
CA CYS B 66 19.64 6.51 -11.75
C CYS B 66 18.43 5.94 -11.03
N ASP B 67 17.48 6.78 -10.59
CA ASP B 67 16.27 6.26 -9.95
C ASP B 67 15.30 5.66 -10.96
N LYS B 68 15.31 6.15 -12.20
CA LYS B 68 14.31 5.72 -13.17
C LYS B 68 14.57 4.28 -13.61
N THR B 69 13.49 3.61 -14.04
CA THR B 69 13.57 2.25 -14.53
C THR B 69 12.40 1.98 -15.46
N THR B 70 12.60 1.06 -16.38
CA THR B 70 11.55 0.65 -17.30
C THR B 70 10.56 -0.26 -16.59
N PRO B 71 9.36 -0.44 -17.15
CA PRO B 71 8.39 -1.34 -16.50
C PRO B 71 8.90 -2.76 -16.31
N THR B 72 9.78 -3.24 -17.18
CA THR B 72 10.33 -4.58 -17.03
C THR B 72 11.52 -4.64 -16.07
N GLY B 73 11.95 -3.50 -15.52
CA GLY B 73 13.02 -3.48 -14.55
C GLY B 73 14.38 -3.09 -15.08
N TRP B 74 14.48 -2.71 -16.35
CA TRP B 74 15.75 -2.28 -16.90
C TRP B 74 16.18 -0.95 -16.30
N THR B 75 17.46 -0.83 -15.95
CA THR B 75 17.99 0.34 -15.28
C THR B 75 19.14 0.94 -16.08
N LEU B 76 19.59 2.12 -15.64
CA LEU B 76 20.68 2.81 -16.33
C LEU B 76 22.00 2.06 -16.21
N ASP B 77 22.25 1.48 -15.04
CA ASP B 77 23.50 0.74 -14.84
C ASP B 77 23.59 -0.45 -15.78
N GLN B 78 22.47 -1.14 -16.00
CA GLN B 78 22.47 -2.24 -16.95
C GLN B 78 22.69 -1.74 -18.37
N CYS B 79 22.20 -0.54 -18.69
CA CYS B 79 22.45 0.05 -20.00
C CYS B 79 23.94 0.34 -20.20
N ILE B 80 24.61 0.89 -19.18
CA ILE B 80 25.97 1.39 -19.34
C ILE B 80 27.03 0.39 -18.91
N GLN B 81 26.63 -0.80 -18.44
CA GLN B 81 27.60 -1.79 -17.99
C GLN B 81 28.51 -2.23 -19.12
N THR B 82 27.97 -2.34 -20.34
CA THR B 82 28.79 -2.72 -21.49
C THR B 82 29.91 -1.72 -21.72
N GLY B 83 29.57 -0.43 -21.72
CA GLY B 83 30.60 0.59 -21.91
C GLY B 83 31.58 0.66 -20.77
N VAL B 84 31.10 0.49 -19.53
CA VAL B 84 31.98 0.56 -18.38
C VAL B 84 32.96 -0.59 -18.37
N ASP B 85 32.49 -1.81 -18.66
CA ASP B 85 33.36 -2.99 -18.59
C ASP B 85 34.41 -2.97 -19.69
N ASN B 86 34.06 -2.46 -20.87
CA ASN B 86 34.99 -2.42 -22.00
C ASN B 86 35.34 -0.98 -22.32
N PRO B 87 36.48 -0.47 -21.84
CA PRO B 87 36.84 0.93 -22.15
C PRO B 87 37.01 1.19 -23.63
N GLY B 88 37.48 0.22 -24.39
CA GLY B 88 37.69 0.42 -25.81
C GLY B 88 38.95 1.21 -26.10
N HIS B 89 39.04 1.65 -27.35
CA HIS B 89 40.19 2.41 -27.83
C HIS B 89 39.72 3.67 -28.52
N PRO B 90 40.52 4.76 -28.46
CA PRO B 90 40.19 6.03 -29.13
C PRO B 90 40.08 5.87 -30.64
N LYS B 93 35.36 4.01 -32.27
CA LYS B 93 34.64 4.37 -31.05
C LYS B 93 33.25 3.74 -31.03
N THR B 94 33.12 2.63 -30.30
CA THR B 94 31.85 1.94 -30.17
C THR B 94 30.90 2.71 -29.26
N VAL B 95 29.64 2.29 -29.25
CA VAL B 95 28.64 2.97 -28.45
C VAL B 95 28.77 2.57 -26.98
N GLY B 96 28.73 1.27 -26.70
CA GLY B 96 28.80 0.82 -25.33
C GLY B 96 27.50 0.93 -24.57
N MET B 97 26.37 1.09 -25.25
CA MET B 97 25.07 1.09 -24.61
C MET B 97 24.21 0.01 -25.25
N VAL B 98 23.30 -0.56 -24.46
CA VAL B 98 22.29 -1.47 -24.96
C VAL B 98 20.96 -1.14 -24.28
N ALA B 99 19.88 -1.52 -24.94
CA ALA B 99 18.53 -1.33 -24.43
C ALA B 99 17.94 -2.67 -24.02
N GLY B 100 17.24 -2.68 -22.88
CA GLY B 100 16.65 -3.91 -22.39
C GLY B 100 15.26 -4.18 -22.93
N ASP B 101 14.60 -3.13 -23.42
CA ASP B 101 13.25 -3.26 -23.97
C ASP B 101 12.97 -2.03 -24.83
N GLU B 102 11.71 -1.90 -25.28
CA GLU B 102 11.33 -0.77 -26.11
C GLU B 102 11.26 0.52 -25.30
N GLU B 103 10.78 0.43 -24.05
CA GLU B 103 10.60 1.62 -23.23
C GLU B 103 11.91 2.28 -22.85
N THR B 104 13.03 1.55 -22.94
CA THR B 104 14.32 2.10 -22.53
C THR B 104 14.62 3.40 -23.26
N TYR B 105 14.51 3.39 -24.59
CA TYR B 105 14.80 4.58 -25.38
C TYR B 105 13.92 5.75 -25.01
N GLU B 106 12.77 5.50 -24.39
CA GLU B 106 11.94 6.58 -23.88
C GLU B 106 12.30 6.93 -22.44
N VAL B 107 12.58 5.92 -21.61
CA VAL B 107 12.87 6.19 -20.20
C VAL B 107 14.23 6.85 -20.06
N PHE B 108 15.24 6.34 -20.77
CA PHE B 108 16.60 6.86 -20.71
C PHE B 108 16.93 7.68 -21.95
N ALA B 109 15.96 8.45 -22.45
CA ALA B 109 16.18 9.26 -23.64
C ALA B 109 17.26 10.31 -23.43
N ASP B 110 17.36 10.84 -22.20
CA ASP B 110 18.37 11.86 -21.92
C ASP B 110 19.79 11.34 -22.09
N LEU B 111 19.98 10.02 -22.04
CA LEU B 111 21.28 9.41 -22.25
C LEU B 111 21.49 8.96 -23.69
N PHE B 112 20.50 8.30 -24.28
CA PHE B 112 20.66 7.75 -25.62
C PHE B 112 20.56 8.81 -26.72
N ASP B 113 19.77 9.86 -26.50
CA ASP B 113 19.54 10.84 -27.56
C ASP B 113 20.82 11.53 -28.02
N PRO B 114 21.68 12.05 -27.14
CA PRO B 114 22.95 12.59 -27.64
C PRO B 114 23.81 11.54 -28.33
N VAL B 115 23.78 10.30 -27.84
CA VAL B 115 24.55 9.23 -28.47
C VAL B 115 23.98 8.91 -29.85
N ILE B 116 22.65 8.84 -29.97
CA ILE B 116 22.02 8.57 -31.25
C ILE B 116 22.33 9.70 -32.24
N GLN B 117 22.34 10.94 -31.75
CA GLN B 117 22.59 12.07 -32.65
C GLN B 117 24.05 12.12 -33.10
N GLU B 118 24.98 11.92 -32.17
CA GLU B 118 26.40 12.01 -32.53
C GLU B 118 26.83 10.82 -33.37
N ARG B 119 26.31 9.63 -33.06
CA ARG B 119 26.67 8.43 -33.82
C ARG B 119 26.20 8.52 -35.27
N HIS B 120 25.00 9.07 -35.48
CA HIS B 120 24.40 9.15 -36.81
C HIS B 120 24.57 10.55 -37.43
N ASN B 121 25.61 11.27 -37.01
CA ASN B 121 26.06 12.54 -37.60
C ASN B 121 24.89 13.46 -37.95
N GLY B 122 24.15 13.87 -36.91
CA GLY B 122 23.21 14.96 -37.08
C GLY B 122 21.76 14.66 -36.74
N TYR B 123 21.34 13.41 -36.88
CA TYR B 123 19.95 13.06 -36.66
C TYR B 123 19.59 13.25 -35.19
N ASP B 124 18.82 14.31 -34.89
CA ASP B 124 18.33 14.54 -33.54
C ASP B 124 16.99 13.83 -33.41
N PRO B 125 16.88 12.77 -32.62
CA PRO B 125 15.60 12.05 -32.52
C PRO B 125 14.47 12.91 -31.98
N ARG B 126 14.75 13.84 -31.07
CA ARG B 126 13.69 14.64 -30.47
C ARG B 126 13.08 15.61 -31.47
N THR B 127 13.85 16.04 -32.47
CA THR B 127 13.39 17.05 -33.42
C THR B 127 12.75 16.44 -34.66
N MET B 128 13.53 15.64 -35.41
CA MET B 128 13.07 15.11 -36.69
C MET B 128 12.49 13.72 -36.53
N LYS B 129 11.65 13.33 -37.49
CA LYS B 129 10.98 12.04 -37.50
C LYS B 129 11.60 11.15 -38.57
N HIS B 130 11.54 9.84 -38.34
CA HIS B 130 12.07 8.85 -39.26
C HIS B 130 10.94 8.28 -40.10
N THR B 131 11.15 8.23 -41.42
CA THR B 131 10.19 7.69 -42.36
C THR B 131 10.67 6.33 -42.85
N THR B 132 9.78 5.34 -42.77
CA THR B 132 10.09 3.98 -43.21
C THR B 132 9.48 3.73 -44.57
N ASP B 133 10.31 3.32 -45.53
CA ASP B 133 9.87 3.05 -46.90
C ASP B 133 10.59 1.80 -47.40
N LEU B 134 9.94 0.66 -47.25
CA LEU B 134 10.47 -0.61 -47.74
C LEU B 134 9.96 -0.96 -49.13
N ASP B 135 9.17 -0.09 -49.75
CA ASP B 135 8.65 -0.35 -51.08
C ASP B 135 9.80 -0.31 -52.08
N ALA B 136 10.16 -1.47 -52.62
CA ALA B 136 11.28 -1.59 -53.55
C ALA B 136 10.89 -1.30 -54.99
N SER B 137 9.62 -1.00 -55.25
CA SER B 137 9.19 -0.69 -56.61
C SER B 137 9.70 0.67 -57.10
N LYS B 138 10.28 1.48 -56.21
CA LYS B 138 10.75 2.81 -56.56
C LYS B 138 12.27 2.86 -56.73
N ILE B 139 12.91 1.73 -57.01
CA ILE B 139 14.35 1.68 -57.23
C ILE B 139 14.63 1.89 -58.71
N ARG B 140 15.70 2.62 -59.01
CA ARG B 140 16.12 2.88 -60.38
C ARG B 140 17.46 2.19 -60.62
N SER B 141 17.50 1.32 -61.62
CA SER B 141 18.72 0.62 -62.02
C SER B 141 19.31 -0.18 -60.86
N GLY B 142 20.60 -0.51 -60.97
CA GLY B 142 21.29 -1.24 -59.94
C GLY B 142 21.67 -2.65 -60.34
N TYR B 143 22.93 -2.84 -60.74
CA TYR B 143 23.43 -4.16 -61.13
C TYR B 143 24.95 -4.07 -61.15
N PHE B 144 25.61 -4.92 -60.36
CA PHE B 144 27.06 -4.93 -60.30
C PHE B 144 27.62 -5.94 -61.29
N ASP B 145 28.82 -5.63 -61.80
CA ASP B 145 29.49 -6.53 -62.74
C ASP B 145 29.75 -7.88 -62.08
N GLU B 146 29.50 -8.95 -62.84
CA GLU B 146 29.71 -10.29 -62.31
C GLU B 146 31.17 -10.53 -61.95
N ARG B 147 32.10 -9.87 -62.67
CA ARG B 147 33.50 -9.96 -62.31
C ARG B 147 33.77 -9.31 -60.96
N TYR B 148 32.94 -8.35 -60.56
CA TYR B 148 33.10 -7.67 -59.29
C TYR B 148 32.21 -8.29 -58.21
N LEU B 150 31.33 -10.37 -55.93
CA LEU B 150 31.26 -11.79 -55.63
C LEU B 150 29.89 -12.19 -55.12
N SER B 151 29.53 -11.68 -53.94
CA SER B 151 28.25 -11.98 -53.31
C SER B 151 27.61 -10.70 -52.81
N SER B 152 26.31 -10.55 -53.04
CA SER B 152 25.55 -9.39 -52.61
C SER B 152 24.66 -9.77 -51.44
N ARG B 153 24.63 -8.91 -50.42
CA ARG B 153 23.94 -9.22 -49.18
C ARG B 153 23.18 -8.01 -48.67
N VAL B 154 21.98 -8.23 -48.18
CA VAL B 154 21.18 -7.21 -47.50
C VAL B 154 20.76 -7.78 -46.14
N ARG B 155 20.91 -6.97 -45.10
CA ARG B 155 20.67 -7.42 -43.73
C ARG B 155 19.92 -6.35 -42.96
N THR B 156 18.90 -6.77 -42.21
CA THR B 156 18.25 -5.91 -41.23
C THR B 156 18.05 -6.71 -39.95
N GLY B 157 17.33 -6.12 -39.00
CA GLY B 157 16.99 -6.79 -37.76
C GLY B 157 15.69 -6.27 -37.21
N ARG B 158 14.89 -7.15 -36.62
CA ARG B 158 13.58 -6.79 -36.10
C ARG B 158 13.40 -7.33 -34.70
N SER B 159 12.62 -6.62 -33.90
CA SER B 159 12.28 -7.02 -32.54
C SER B 159 10.77 -7.13 -32.42
N ILE B 160 10.30 -8.14 -31.70
CA ILE B 160 8.88 -8.39 -31.53
C ILE B 160 8.38 -7.57 -30.35
N ARG B 161 7.37 -6.75 -30.59
CA ARG B 161 6.82 -5.90 -29.55
C ARG B 161 6.19 -6.72 -28.44
N GLY B 162 6.42 -6.30 -27.20
CA GLY B 162 5.91 -6.99 -26.04
C GLY B 162 6.87 -7.95 -25.38
N LEU B 163 8.03 -8.19 -25.98
CA LEU B 163 9.02 -9.12 -25.46
C LEU B 163 10.34 -8.40 -25.26
N SER B 164 11.01 -8.70 -24.14
CA SER B 164 12.24 -8.01 -23.79
C SER B 164 13.35 -8.29 -24.79
N LEU B 165 14.25 -7.33 -24.93
CA LEU B 165 15.38 -7.46 -25.84
C LEU B 165 16.40 -8.45 -25.29
N PRO B 166 17.29 -8.96 -26.14
CA PRO B 166 18.22 -10.02 -25.72
C PRO B 166 19.02 -9.67 -24.46
N PRO B 167 19.46 -8.43 -24.27
CA PRO B 167 20.16 -8.12 -23.01
C PRO B 167 19.33 -8.37 -21.76
N ALA B 168 18.02 -8.19 -21.82
CA ALA B 168 17.16 -8.32 -20.64
C ALA B 168 16.17 -9.47 -20.71
N CYS B 169 16.10 -10.20 -21.82
CA CYS B 169 15.08 -11.22 -21.97
C CYS B 169 15.37 -12.41 -21.06
N THR B 170 14.31 -12.98 -20.50
CA THR B 170 14.42 -14.21 -19.73
C THR B 170 14.40 -15.41 -20.66
N ARG B 171 14.49 -16.61 -20.09
CA ARG B 171 14.39 -17.83 -20.89
C ARG B 171 13.02 -17.96 -21.53
N ALA B 172 11.97 -17.65 -20.75
CA ALA B 172 10.61 -17.75 -21.28
C ALA B 172 10.38 -16.77 -22.41
N GLU B 173 10.86 -15.54 -22.27
CA GLU B 173 10.68 -14.54 -23.33
C GLU B 173 11.45 -14.94 -24.59
N ARG B 174 12.67 -15.45 -24.43
CA ARG B 174 13.45 -15.88 -25.58
C ARG B 174 12.76 -17.05 -26.30
N ARG B 175 12.24 -18.01 -25.54
CA ARG B 175 11.51 -19.12 -26.13
C ARG B 175 10.24 -18.64 -26.83
N GLU B 176 9.56 -17.65 -26.25
CA GLU B 176 8.39 -17.07 -26.89
C GLU B 176 8.74 -16.42 -28.22
N VAL B 177 9.86 -15.68 -28.24
CA VAL B 177 10.32 -15.08 -29.49
C VAL B 177 10.58 -16.15 -30.53
N GLU B 178 11.27 -17.22 -30.13
CA GLU B 178 11.59 -18.29 -31.07
C GLU B 178 10.32 -18.94 -31.60
N ARG B 179 9.34 -19.20 -30.72
N ARG B 179 9.36 -19.21 -30.72
CA ARG B 179 8.12 -19.85 -31.16
CA ARG B 179 8.10 -19.84 -31.13
C ARG B 179 7.33 -18.95 -32.10
C ARG B 179 7.33 -18.95 -32.10
N VAL B 180 7.24 -17.65 -31.81
CA VAL B 180 6.52 -16.74 -32.69
C VAL B 180 7.17 -16.70 -34.06
N VAL B 181 8.50 -16.58 -34.10
CA VAL B 181 9.20 -16.50 -35.37
C VAL B 181 9.04 -17.80 -36.15
N VAL B 182 9.15 -18.94 -35.48
CA VAL B 182 9.05 -20.22 -36.17
C VAL B 182 7.65 -20.43 -36.73
N ASP B 183 6.61 -20.14 -35.93
CA ASP B 183 5.24 -20.30 -36.40
C ASP B 183 4.96 -19.36 -37.57
N ALA B 184 5.47 -18.13 -37.51
CA ALA B 184 5.28 -17.21 -38.63
C ALA B 184 5.97 -17.73 -39.88
N LEU B 185 7.23 -18.14 -39.76
CA LEU B 185 8.00 -18.58 -40.92
C LEU B 185 7.50 -19.90 -41.49
N SER B 186 6.76 -20.68 -40.70
CA SER B 186 6.18 -21.91 -41.24
C SER B 186 5.19 -21.63 -42.36
N GLY B 187 4.56 -20.45 -42.37
CA GLY B 187 3.61 -20.08 -43.39
C GLY B 187 4.19 -19.56 -44.68
N LEU B 188 5.52 -19.38 -44.76
CA LEU B 188 6.14 -18.93 -45.99
C LEU B 188 6.00 -20.00 -47.08
N LYS B 189 5.64 -19.57 -48.27
CA LYS B 189 5.37 -20.49 -49.38
C LYS B 189 6.13 -20.03 -50.62
N GLY B 190 6.30 -20.97 -51.55
CA GLY B 190 6.98 -20.69 -52.80
C GLY B 190 8.49 -20.71 -52.67
N ASP B 191 9.16 -19.74 -53.32
CA ASP B 191 10.60 -19.63 -53.21
C ASP B 191 11.05 -19.31 -51.78
N LEU B 192 10.16 -18.79 -50.96
CA LEU B 192 10.47 -18.43 -49.59
C LEU B 192 10.26 -19.57 -48.61
N ALA B 193 9.88 -20.75 -49.09
CA ALA B 193 9.71 -21.90 -48.21
C ALA B 193 11.07 -22.36 -47.67
N GLY B 194 11.09 -22.74 -46.40
CA GLY B 194 12.34 -23.15 -45.79
C GLY B 194 12.11 -23.93 -44.52
N ARG B 195 13.21 -24.18 -43.80
CA ARG B 195 13.21 -24.98 -42.60
C ARG B 195 13.98 -24.28 -41.50
N TYR B 196 13.57 -24.52 -40.26
CA TYR B 196 14.21 -23.93 -39.09
C TYR B 196 15.21 -24.93 -38.50
N TYR B 197 16.43 -24.47 -38.25
CA TYR B 197 17.51 -25.30 -37.76
C TYR B 197 17.94 -24.79 -36.39
N ARG B 198 17.59 -25.54 -35.34
CA ARG B 198 17.96 -25.16 -33.98
C ARG B 198 19.44 -25.41 -33.75
N LEU B 199 20.09 -24.48 -33.06
CA LEU B 199 21.52 -24.60 -32.79
C LEU B 199 21.82 -25.76 -31.83
N SER B 200 20.97 -25.94 -30.82
CA SER B 200 21.24 -26.94 -29.81
C SER B 200 21.14 -28.37 -30.37
N GLU B 201 20.37 -28.57 -31.43
CA GLU B 201 20.13 -29.90 -31.97
C GLU B 201 20.94 -30.19 -33.23
N MET B 202 21.93 -29.37 -33.55
CA MET B 202 22.75 -29.57 -34.73
C MET B 202 24.23 -29.54 -34.37
N THR B 203 25.04 -30.21 -35.17
CA THR B 203 26.44 -30.43 -34.85
C THR B 203 27.25 -29.15 -35.03
N GLU B 204 28.43 -29.14 -34.41
CA GLU B 204 29.33 -27.99 -34.49
C GLU B 204 30.07 -27.93 -35.82
N ALA B 205 30.28 -29.06 -36.48
CA ALA B 205 30.98 -29.06 -37.76
C ALA B 205 30.18 -28.34 -38.83
N GLU B 206 28.90 -28.71 -38.99
CA GLU B 206 28.04 -28.00 -39.92
C GLU B 206 27.86 -26.55 -39.51
N GLN B 207 27.87 -26.29 -38.20
CA GLN B 207 27.80 -24.93 -37.70
C GLN B 207 28.97 -24.09 -38.20
N GLN B 208 30.19 -24.61 -38.05
CA GLN B 208 31.38 -23.90 -38.52
C GLN B 208 31.39 -23.77 -40.03
N GLN B 209 30.93 -24.80 -40.74
CA GLN B 209 30.87 -24.72 -42.20
C GLN B 209 29.94 -23.60 -42.64
N LEU B 210 28.75 -23.52 -42.05
CA LEU B 210 27.82 -22.46 -42.40
C LEU B 210 28.34 -21.09 -41.96
N ILE B 211 29.08 -21.04 -40.85
CA ILE B 211 29.70 -19.79 -40.41
C ILE B 211 30.69 -19.30 -41.47
N ASP B 212 31.52 -20.23 -41.97
CA ASP B 212 32.47 -19.88 -43.02
C ASP B 212 31.75 -19.42 -44.29
N ASP B 213 30.65 -20.10 -44.64
CA ASP B 213 29.83 -19.68 -45.76
C ASP B 213 28.90 -18.53 -45.42
N HIS B 214 29.01 -17.98 -44.21
CA HIS B 214 28.12 -16.92 -43.72
C HIS B 214 26.66 -17.36 -43.77
N PHE B 215 26.43 -18.65 -43.49
CA PHE B 215 25.07 -19.17 -43.31
C PHE B 215 24.84 -19.62 -41.87
N LEU B 216 25.53 -19.00 -40.92
CA LEU B 216 25.28 -19.22 -39.50
C LEU B 216 26.06 -18.19 -38.70
N PHE B 217 25.55 -17.89 -37.51
CA PHE B 217 26.22 -17.03 -36.54
C PHE B 217 26.93 -17.89 -35.52
N ASP B 218 28.16 -17.54 -35.19
CA ASP B 218 28.93 -18.32 -34.23
C ASP B 218 28.55 -17.94 -32.81
N LYS B 219 29.02 -18.75 -31.86
CA LYS B 219 28.93 -18.42 -30.44
C LYS B 219 29.64 -17.08 -30.24
N PRO B 220 28.90 -16.01 -29.95
CA PRO B 220 29.54 -14.69 -29.89
C PRO B 220 30.37 -14.53 -28.63
N VAL B 221 31.69 -14.59 -28.79
CA VAL B 221 32.62 -14.52 -27.66
C VAL B 221 33.13 -13.09 -27.53
N SER B 222 32.53 -12.18 -28.27
CA SER B 222 32.93 -10.78 -28.20
C SER B 222 32.60 -10.23 -26.81
N PRO B 223 33.57 -9.66 -26.10
CA PRO B 223 33.27 -9.10 -24.77
C PRO B 223 32.32 -7.91 -24.82
N LEU B 224 32.17 -7.27 -25.97
CA LEU B 224 31.26 -6.13 -26.08
C LEU B 224 29.80 -6.53 -25.97
N LEU B 225 29.49 -7.82 -26.08
CA LEU B 225 28.13 -8.30 -25.90
C LEU B 225 28.00 -9.32 -24.77
N THR B 226 29.07 -10.04 -24.43
CA THR B 226 29.01 -10.93 -23.27
C THR B 226 28.79 -10.12 -21.99
N ALA B 227 29.45 -8.97 -21.86
CA ALA B 227 29.19 -8.08 -20.75
C ALA B 227 27.80 -7.47 -20.81
N ALA B 228 27.17 -7.47 -21.98
CA ALA B 228 25.81 -6.97 -22.12
C ALA B 228 24.77 -7.99 -21.68
N GLY B 229 25.17 -9.24 -21.42
CA GLY B 229 24.21 -10.27 -21.06
C GLY B 229 23.47 -10.87 -22.23
N MET B 230 24.05 -10.82 -23.43
CA MET B 230 23.42 -11.34 -24.63
C MET B 230 23.87 -12.76 -24.97
N ALA B 231 24.70 -13.37 -24.13
CA ALA B 231 25.13 -14.75 -24.33
C ALA B 231 24.60 -15.69 -23.26
N ARG B 232 23.63 -15.24 -22.46
CA ARG B 232 23.07 -16.08 -21.40
C ARG B 232 22.31 -17.25 -21.99
N ASP B 233 22.46 -18.42 -21.36
CA ASP B 233 21.70 -19.62 -21.70
C ASP B 233 22.00 -20.11 -23.11
N TRP B 234 23.15 -19.73 -23.67
CA TRP B 234 23.51 -20.21 -24.99
C TRP B 234 23.71 -21.72 -24.99
N PRO B 235 23.21 -22.44 -26.01
CA PRO B 235 22.46 -21.96 -27.16
C PRO B 235 20.95 -22.21 -27.07
N ASP B 236 20.36 -22.04 -25.89
CA ASP B 236 18.93 -22.29 -25.74
C ASP B 236 18.14 -21.22 -26.47
N ALA B 237 17.14 -21.65 -27.26
CA ALA B 237 16.24 -20.79 -28.03
C ALA B 237 16.95 -19.98 -29.11
N ARG B 238 18.17 -20.35 -29.47
CA ARG B 238 18.86 -19.74 -30.62
C ARG B 238 18.86 -20.74 -31.77
N GLY B 239 18.46 -20.27 -32.94
CA GLY B 239 18.42 -21.11 -34.12
C GLY B 239 18.51 -20.26 -35.36
N ILE B 240 18.46 -20.93 -36.52
CA ILE B 240 18.55 -20.26 -37.81
C ILE B 240 17.48 -20.84 -38.73
N TRP B 241 16.85 -19.96 -39.49
CA TRP B 241 15.87 -20.34 -40.49
C TRP B 241 16.37 -19.88 -41.86
N HIS B 242 16.46 -20.81 -42.81
CA HIS B 242 16.87 -20.46 -44.17
C HIS B 242 16.02 -21.23 -45.16
N ASN B 243 15.82 -20.62 -46.33
CA ASN B 243 15.06 -21.25 -47.40
C ASN B 243 15.91 -22.33 -48.08
N ASN B 244 15.24 -23.11 -48.92
CA ASN B 244 15.91 -24.23 -49.59
C ASN B 244 17.03 -23.74 -50.51
N GLU B 245 16.81 -22.62 -51.21
CA GLU B 245 17.82 -22.08 -52.10
C GLU B 245 18.97 -21.42 -51.36
N LYS B 246 18.91 -21.33 -50.03
CA LYS B 246 19.97 -20.73 -49.22
C LYS B 246 20.16 -19.26 -49.54
N SER B 247 19.09 -18.58 -49.95
CA SER B 247 19.14 -17.17 -50.31
C SER B 247 18.44 -16.26 -49.32
N PHE B 248 17.50 -16.78 -48.54
CA PHE B 248 16.80 -16.01 -47.52
C PHE B 248 17.17 -16.59 -46.15
N LEU B 249 17.94 -15.83 -45.38
CA LEU B 249 18.47 -16.28 -44.10
C LEU B 249 17.87 -15.44 -42.98
N ILE B 250 17.51 -16.09 -41.88
CA ILE B 250 17.01 -15.42 -40.69
C ILE B 250 17.71 -16.00 -39.47
N TRP B 251 18.31 -15.13 -38.66
CA TRP B 251 19.00 -15.52 -37.43
C TRP B 251 18.14 -15.12 -36.24
N VAL B 252 17.87 -16.07 -35.35
CA VAL B 252 16.94 -15.89 -34.25
C VAL B 252 17.72 -15.80 -32.95
N ASN B 253 17.48 -14.71 -32.21
CA ASN B 253 17.96 -14.53 -30.84
C ASN B 253 19.48 -14.50 -30.71
N GLU B 254 20.20 -14.14 -31.78
CA GLU B 254 21.65 -14.01 -31.67
C GLU B 254 22.03 -12.64 -31.10
N GLU B 255 21.73 -11.59 -31.85
CA GLU B 255 21.99 -10.22 -31.43
C GLU B 255 20.72 -9.40 -31.25
N ASP B 256 19.70 -9.64 -32.06
CA ASP B 256 18.37 -9.10 -31.87
C ASP B 256 17.40 -10.27 -31.86
N HIS B 257 16.10 -9.97 -31.81
CA HIS B 257 15.10 -11.02 -31.90
C HIS B 257 15.19 -11.74 -33.23
N THR B 258 15.37 -10.99 -34.32
CA THR B 258 15.51 -11.55 -35.65
C THR B 258 16.59 -10.79 -36.41
N ARG B 259 17.17 -11.46 -37.40
CA ARG B 259 18.16 -10.84 -38.28
C ARG B 259 17.89 -11.38 -39.69
N VAL B 260 17.11 -10.63 -40.46
CA VAL B 260 16.71 -11.05 -41.80
C VAL B 260 17.85 -10.77 -42.77
N ILE B 261 18.27 -11.79 -43.51
CA ILE B 261 19.37 -11.68 -44.46
C ILE B 261 18.92 -12.24 -45.80
N SER B 262 19.15 -11.47 -46.87
CA SER B 262 18.95 -11.93 -48.24
C SER B 262 20.31 -11.95 -48.91
N MET B 263 20.71 -13.11 -49.42
CA MET B 263 22.05 -13.31 -49.96
C MET B 263 21.97 -13.98 -51.33
N GLU B 264 22.93 -13.62 -52.18
CA GLU B 264 23.06 -14.22 -53.50
C GLU B 264 24.50 -14.05 -53.96
N LYS B 265 24.92 -14.92 -54.89
CA LYS B 265 26.25 -14.85 -55.47
C LYS B 265 26.18 -14.10 -56.79
N GLY B 266 27.07 -13.12 -56.95
CA GLY B 266 27.09 -12.28 -58.13
C GLY B 266 26.91 -10.81 -57.77
N GLY B 267 26.44 -10.04 -58.75
CA GLY B 267 26.22 -8.63 -58.55
C GLY B 267 24.81 -8.19 -58.86
N ASN B 268 23.86 -9.12 -58.80
CA ASN B 268 22.46 -8.83 -59.09
C ASN B 268 21.79 -8.28 -57.83
N MET B 269 22.16 -7.04 -57.49
CA MET B 269 21.63 -6.39 -56.30
C MET B 269 20.13 -6.23 -56.38
N LYS B 270 19.58 -6.04 -57.59
CA LYS B 270 18.15 -5.82 -57.74
C LYS B 270 17.35 -7.02 -57.25
N ARG B 271 17.74 -8.23 -57.67
CA ARG B 271 17.03 -9.42 -57.26
C ARG B 271 17.15 -9.65 -55.75
N VAL B 272 18.34 -9.41 -55.20
CA VAL B 272 18.54 -9.59 -53.76
C VAL B 272 17.63 -8.64 -52.98
N PHE B 273 17.58 -7.38 -53.39
CA PHE B 273 16.75 -6.42 -52.67
C PHE B 273 15.27 -6.72 -52.85
N GLU B 274 14.86 -7.17 -54.04
CA GLU B 274 13.47 -7.52 -54.27
C GLU B 274 13.04 -8.69 -53.37
N ARG B 275 13.86 -9.74 -53.32
CA ARG B 275 13.57 -10.87 -52.45
C ARG B 275 13.55 -10.43 -50.99
N PHE B 276 14.50 -9.58 -50.60
CA PHE B 276 14.55 -9.06 -49.24
C PHE B 276 13.25 -8.35 -48.88
N CYS B 277 12.79 -7.45 -49.75
CA CYS B 277 11.60 -6.67 -49.44
C CYS B 277 10.35 -7.55 -49.40
N ARG B 278 10.19 -8.45 -50.37
CA ARG B 278 9.01 -9.30 -50.36
C ARG B 278 9.02 -10.25 -49.17
N GLY B 279 10.20 -10.77 -48.79
CA GLY B 279 10.29 -11.61 -47.61
C GLY B 279 9.95 -10.87 -46.34
N LEU B 280 10.45 -9.63 -46.20
CA LEU B 280 10.11 -8.84 -45.02
C LEU B 280 8.62 -8.56 -44.96
N LYS B 281 8.00 -8.22 -46.10
CA LYS B 281 6.56 -7.98 -46.11
C LYS B 281 5.79 -9.24 -45.72
N GLU B 282 6.18 -10.39 -46.27
CA GLU B 282 5.49 -11.64 -45.94
C GLU B 282 5.65 -11.98 -44.46
N VAL B 283 6.85 -11.82 -43.92
CA VAL B 283 7.10 -12.14 -42.52
C VAL B 283 6.27 -11.23 -41.62
N GLU B 284 6.24 -9.93 -41.94
CA GLU B 284 5.44 -9.01 -41.13
C GLU B 284 3.97 -9.36 -41.19
N ARG B 285 3.44 -9.66 -42.38
CA ARG B 285 2.04 -10.01 -42.49
C ARG B 285 1.74 -11.27 -41.68
N LEU B 286 2.62 -12.26 -41.74
CA LEU B 286 2.38 -13.50 -41.01
C LEU B 286 2.47 -13.31 -39.50
N ILE B 287 3.34 -12.41 -39.02
CA ILE B 287 3.40 -12.19 -37.58
C ILE B 287 2.19 -11.42 -37.10
N GLN B 288 1.69 -10.45 -37.88
CA GLN B 288 0.47 -9.78 -37.46
C GLN B 288 -0.78 -10.63 -37.66
N GLU B 289 -0.70 -11.70 -38.45
CA GLU B 289 -1.82 -12.64 -38.50
C GLU B 289 -2.07 -13.26 -37.14
N ARG B 290 -1.02 -13.56 -36.39
CA ARG B 290 -1.14 -14.15 -35.06
C ARG B 290 -1.22 -13.12 -33.95
N GLY B 291 -1.11 -11.82 -34.26
CA GLY B 291 -1.27 -10.78 -33.28
C GLY B 291 -0.01 -10.12 -32.78
N TRP B 292 1.14 -10.37 -33.41
CA TRP B 292 2.40 -9.77 -32.99
C TRP B 292 2.81 -8.66 -33.95
N GLU B 293 3.52 -7.68 -33.41
CA GLU B 293 4.02 -6.56 -34.19
C GLU B 293 5.50 -6.36 -33.95
N PHE B 294 6.18 -5.81 -34.96
CA PHE B 294 7.55 -5.35 -34.79
C PHE B 294 7.57 -4.06 -33.99
N MET B 295 8.58 -3.90 -33.14
CA MET B 295 8.76 -2.62 -32.46
C MET B 295 9.11 -1.55 -33.47
N TRP B 296 8.39 -0.43 -33.41
CA TRP B 296 8.60 0.66 -34.35
C TRP B 296 7.92 1.93 -33.89
N ASN B 297 8.64 3.04 -33.88
CA ASN B 297 8.06 4.35 -33.61
C ASN B 297 8.57 5.34 -34.64
N GLU B 298 7.81 6.43 -34.80
CA GLU B 298 8.13 7.42 -35.83
C GLU B 298 9.46 8.09 -35.58
N ARG B 299 9.78 8.36 -34.31
CA ARG B 299 10.98 9.14 -34.00
C ARG B 299 12.25 8.34 -34.27
N LEU B 300 12.27 7.07 -33.88
CA LEU B 300 13.49 6.26 -33.95
C LEU B 300 13.46 5.19 -35.02
N GLY B 301 12.29 4.83 -35.54
CA GLY B 301 12.20 3.75 -36.49
C GLY B 301 12.12 2.39 -35.83
N TYR B 302 12.73 1.38 -36.44
CA TYR B 302 12.71 0.05 -35.86
C TYR B 302 13.64 0.00 -34.65
N ILE B 303 13.15 -0.55 -33.55
CA ILE B 303 13.87 -0.55 -32.28
C ILE B 303 14.75 -1.79 -32.20
N LEU B 304 16.03 -1.58 -31.94
CA LEU B 304 17.00 -2.66 -31.78
C LEU B 304 17.83 -2.40 -30.53
N THR B 305 18.61 -3.41 -30.14
CA THR B 305 19.36 -3.32 -28.89
C THR B 305 20.47 -2.28 -28.98
N CYS B 306 21.27 -2.33 -30.04
CA CYS B 306 22.37 -1.38 -30.18
C CYS B 306 21.85 -0.07 -30.75
N PRO B 307 22.10 1.07 -30.09
CA PRO B 307 21.62 2.36 -30.64
C PRO B 307 22.20 2.68 -32.01
N SER B 308 23.36 2.14 -32.37
CA SER B 308 23.91 2.36 -33.69
C SER B 308 23.13 1.64 -34.79
N ASN B 309 22.24 0.72 -34.43
CA ASN B 309 21.46 -0.03 -35.39
C ASN B 309 20.03 0.50 -35.52
N LEU B 310 19.72 1.63 -34.89
CA LEU B 310 18.37 2.16 -34.92
C LEU B 310 18.00 2.68 -36.31
N GLY B 311 16.72 2.95 -36.49
CA GLY B 311 16.22 3.43 -37.76
C GLY B 311 15.73 2.33 -38.67
N THR B 312 16.56 1.95 -39.64
CA THR B 312 16.24 0.84 -40.52
C THR B 312 17.05 -0.41 -40.19
N GLY B 313 18.22 -0.26 -39.57
CA GLY B 313 19.05 -1.41 -39.28
C GLY B 313 19.58 -2.11 -40.51
N LEU B 314 19.55 -1.45 -41.67
CA LEU B 314 19.91 -2.08 -42.92
C LEU B 314 21.41 -1.99 -43.16
N ARG B 315 21.96 -3.01 -43.81
CA ARG B 315 23.37 -3.04 -44.20
C ARG B 315 23.45 -3.80 -45.52
N ALA B 316 23.45 -3.06 -46.62
CA ALA B 316 23.59 -3.65 -47.95
C ALA B 316 25.07 -3.87 -48.22
N GLY B 317 25.50 -5.12 -48.24
CA GLY B 317 26.91 -5.46 -48.34
C GLY B 317 27.22 -6.25 -49.59
N VAL B 318 28.45 -6.06 -50.09
CA VAL B 318 28.98 -6.84 -51.19
C VAL B 318 30.40 -7.24 -50.85
N HIS B 319 30.88 -8.30 -51.51
CA HIS B 319 32.24 -8.80 -51.32
C HIS B 319 33.02 -8.55 -52.60
N ILE B 320 34.06 -7.73 -52.51
CA ILE B 320 34.88 -7.38 -53.66
C ILE B 320 36.35 -7.59 -53.34
N PRO B 323 42.13 -5.38 -57.39
CA PRO B 323 42.37 -4.58 -56.18
C PRO B 323 43.30 -3.39 -56.44
N LEU B 324 43.08 -2.70 -57.56
CA LEU B 324 43.91 -1.54 -57.89
C LEU B 324 43.67 -0.39 -56.92
N LEU B 325 42.48 -0.30 -56.35
CA LEU B 325 42.14 0.75 -55.38
C LEU B 325 42.28 0.29 -53.94
N SER B 326 43.21 -0.62 -53.68
CA SER B 326 43.50 -1.08 -52.33
C SER B 326 44.80 -0.52 -51.77
N LYS B 327 45.85 -0.44 -52.58
CA LYS B 327 47.12 0.11 -52.12
C LYS B 327 47.09 1.64 -52.07
N ASP B 328 46.27 2.28 -52.89
CA ASP B 328 46.23 3.73 -52.95
C ASP B 328 45.72 4.31 -51.63
N SER B 329 46.36 5.40 -51.19
CA SER B 329 45.98 6.05 -49.95
C SER B 329 44.75 6.94 -50.08
N ARG B 330 44.34 7.25 -51.31
CA ARG B 330 43.14 8.05 -51.53
C ARG B 330 41.86 7.23 -51.44
N PHE B 331 41.96 5.90 -51.46
CA PHE B 331 40.78 5.04 -51.39
C PHE B 331 39.98 5.23 -50.10
N PRO B 332 40.60 5.33 -48.90
CA PRO B 332 39.82 5.71 -47.72
C PRO B 332 39.11 7.05 -47.88
N LYS B 333 39.78 8.02 -48.51
CA LYS B 333 39.17 9.33 -48.68
C LYS B 333 37.93 9.27 -49.56
N ILE B 334 38.01 8.55 -50.69
CA ILE B 334 36.85 8.49 -51.58
C ILE B 334 35.74 7.63 -50.98
N LEU B 335 36.07 6.58 -50.23
CA LEU B 335 35.00 5.82 -49.58
C LEU B 335 34.31 6.65 -48.51
N GLU B 336 35.08 7.46 -47.77
CA GLU B 336 34.46 8.34 -46.78
C GLU B 336 33.59 9.39 -47.45
N ASN B 337 34.06 9.96 -48.56
CA ASN B 337 33.27 10.96 -49.29
C ASN B 337 32.05 10.35 -49.95
N LEU B 338 32.06 9.05 -50.22
CA LEU B 338 30.92 8.37 -50.82
C LEU B 338 29.91 7.87 -49.80
N ARG B 339 30.11 8.19 -48.52
CA ARG B 339 29.29 7.65 -47.42
C ARG B 339 29.28 6.13 -47.44
N LEU B 340 30.43 5.55 -47.75
CA LEU B 340 30.60 4.11 -47.92
C LEU B 340 31.62 3.61 -46.90
N GLN B 341 31.32 2.48 -46.27
CA GLN B 341 32.16 1.91 -45.23
C GLN B 341 32.81 0.66 -45.79
N LYS B 342 34.12 0.55 -45.59
CA LYS B 342 34.91 -0.59 -46.04
C LYS B 342 35.61 -1.23 -44.86
N ARG B 343 35.58 -2.56 -44.80
CA ARG B 343 36.23 -3.32 -43.74
C ARG B 343 36.86 -4.56 -44.35
N GLY B 344 37.30 -5.47 -43.49
CA GLY B 344 37.94 -6.68 -43.96
C GLY B 344 36.99 -7.53 -44.80
N THR B 345 37.54 -8.17 -45.83
CA THR B 345 36.74 -9.00 -46.73
C THR B 345 36.32 -10.30 -46.05
N ASP B 358 34.75 -6.14 -47.58
CA ASP B 358 33.32 -5.91 -47.52
C ASP B 358 32.97 -4.44 -47.75
N ILE B 359 32.01 -4.20 -48.63
CA ILE B 359 31.51 -2.87 -48.96
C ILE B 359 30.16 -2.70 -48.29
N SER B 360 30.05 -1.69 -47.44
CA SER B 360 28.83 -1.49 -46.65
C SER B 360 28.53 0.01 -46.59
N ASN B 361 27.64 0.38 -45.69
CA ASN B 361 27.14 1.75 -45.54
C ASN B 361 27.49 2.29 -44.16
N LEU B 362 27.07 3.53 -43.91
CA LEU B 362 27.28 4.17 -42.61
C LEU B 362 25.97 4.45 -41.89
N ASP B 363 25.05 5.17 -42.53
CA ASP B 363 23.85 5.68 -41.87
C ASP B 363 22.72 4.65 -41.90
N ARG B 364 21.89 4.70 -40.86
CA ARG B 364 20.71 3.85 -40.78
C ARG B 364 19.47 4.69 -40.46
N LEU B 365 19.67 5.79 -39.75
CA LEU B 365 18.57 6.70 -39.44
C LEU B 365 18.56 7.88 -40.40
N GLY B 366 17.36 8.41 -40.65
CA GLY B 366 17.20 9.60 -41.46
C GLY B 366 16.90 9.34 -42.92
N LYS B 367 17.51 8.30 -43.49
CA LYS B 367 17.36 7.99 -44.90
C LYS B 367 16.87 6.56 -45.06
N SER B 368 16.03 6.34 -46.07
CA SER B 368 15.24 5.11 -46.16
C SER B 368 16.07 3.94 -46.67
N GLU B 369 15.48 2.75 -46.58
CA GLU B 369 16.16 1.53 -47.01
C GLU B 369 16.46 1.56 -48.50
N VAL B 370 15.52 2.04 -49.30
CA VAL B 370 15.76 2.16 -50.74
C VAL B 370 16.92 3.10 -51.00
N GLU B 371 16.96 4.22 -50.27
CA GLU B 371 18.08 5.15 -50.38
C GLU B 371 19.39 4.51 -49.92
N LEU B 372 19.32 3.59 -48.95
CA LEU B 372 20.52 2.90 -48.50
C LEU B 372 21.16 2.11 -49.64
N VAL B 373 20.38 1.27 -50.30
CA VAL B 373 20.90 0.51 -51.44
C VAL B 373 21.21 1.44 -52.61
N GLN B 374 20.40 2.48 -52.79
CA GLN B 374 20.68 3.48 -53.83
C GLN B 374 22.07 4.08 -53.65
N LEU B 375 22.42 4.43 -52.41
CA LEU B 375 23.76 4.94 -52.14
C LEU B 375 24.83 3.88 -52.40
N VAL B 376 24.56 2.64 -52.03
CA VAL B 376 25.55 1.58 -52.20
C VAL B 376 25.77 1.27 -53.67
N ILE B 377 24.69 1.11 -54.43
CA ILE B 377 24.84 0.74 -55.84
C ILE B 377 25.52 1.85 -56.63
N ASP B 378 25.13 3.11 -56.38
CA ASP B 378 25.80 4.22 -57.03
C ASP B 378 27.21 4.42 -56.48
N GLY B 379 27.42 4.18 -55.19
CA GLY B 379 28.75 4.27 -54.63
C GLY B 379 29.70 3.24 -55.22
N VAL B 380 29.23 2.00 -55.35
CA VAL B 380 30.05 0.97 -55.99
C VAL B 380 30.17 1.26 -57.49
N ASN B 381 29.14 1.86 -58.10
CA ASN B 381 29.21 2.19 -59.52
C ASN B 381 30.38 3.11 -59.82
N TYR B 382 30.61 4.12 -58.98
CA TYR B 382 31.78 4.97 -59.11
C TYR B 382 33.07 4.24 -58.79
N LEU B 383 33.00 3.05 -58.21
CA LEU B 383 34.17 2.25 -57.88
C LEU B 383 34.51 1.23 -58.95
N ILE B 384 33.51 0.66 -59.63
CA ILE B 384 33.78 -0.29 -60.70
C ILE B 384 34.52 0.39 -61.85
N ASP B 385 34.15 1.63 -62.16
CA ASP B 385 34.78 2.34 -63.27
C ASP B 385 36.26 2.55 -63.03
N CYS B 386 36.64 2.88 -61.79
CA CYS B 386 38.05 3.06 -61.47
C CYS B 386 38.83 1.75 -61.58
N GLU B 387 38.15 0.62 -61.40
CA GLU B 387 38.75 -0.71 -61.54
C GLU B 387 39.96 -0.88 -60.61
N SER C 31 8.44 -12.96 -6.33
CA SER C 31 9.27 -11.88 -6.86
C SER C 31 8.52 -11.08 -7.90
N GLU C 32 8.87 -9.79 -8.02
CA GLU C 32 8.30 -8.91 -9.01
C GLU C 32 9.09 -8.89 -10.31
N ARG C 33 10.15 -9.72 -10.41
CA ARG C 33 10.93 -9.83 -11.62
C ARG C 33 10.39 -10.89 -12.57
N ARG C 34 9.34 -11.61 -12.19
CA ARG C 34 8.72 -12.56 -13.09
C ARG C 34 7.98 -11.83 -14.20
N ARG C 35 8.06 -12.38 -15.41
CA ARG C 35 7.48 -11.73 -16.58
C ARG C 35 6.05 -12.20 -16.81
N LEU C 36 5.18 -11.26 -17.15
CA LEU C 36 3.82 -11.58 -17.52
C LEU C 36 3.77 -12.07 -18.97
N TYR C 37 2.68 -12.74 -19.30
CA TYR C 37 2.43 -13.08 -20.69
C TYR C 37 2.24 -11.79 -21.49
N PRO C 38 2.97 -11.62 -22.61
CA PRO C 38 2.75 -10.43 -23.42
C PRO C 38 1.33 -10.40 -23.95
N PRO C 39 0.75 -9.21 -24.12
CA PRO C 39 -0.65 -9.13 -24.57
C PRO C 39 -0.90 -9.82 -25.89
N SER C 40 0.09 -9.84 -26.79
CA SER C 40 -0.08 -10.51 -28.07
C SER C 40 -0.22 -12.01 -27.93
N ALA C 41 0.24 -12.59 -26.81
CA ALA C 41 0.05 -14.02 -26.58
C ALA C 41 -1.41 -14.37 -26.31
N GLU C 42 -2.21 -13.40 -25.85
CA GLU C 42 -3.62 -13.59 -25.58
C GLU C 42 -4.50 -13.16 -26.75
N TYR C 43 -3.92 -12.74 -27.86
CA TYR C 43 -4.70 -12.23 -28.97
C TYR C 43 -5.55 -13.35 -29.57
N PRO C 44 -6.84 -13.12 -29.79
CA PRO C 44 -7.69 -14.18 -30.33
C PRO C 44 -7.32 -14.54 -31.76
N ASP C 45 -7.61 -15.79 -32.13
CA ASP C 45 -7.41 -16.29 -33.48
C ASP C 45 -8.65 -15.95 -34.29
N LEU C 46 -8.55 -14.91 -35.13
CA LEU C 46 -9.68 -14.43 -35.92
C LEU C 46 -9.46 -14.61 -37.42
N ARG C 47 -8.64 -15.59 -37.80
CA ARG C 47 -8.35 -15.84 -39.20
C ARG C 47 -9.51 -16.49 -39.95
N LYS C 48 -10.56 -16.92 -39.24
CA LYS C 48 -11.76 -17.44 -39.86
C LYS C 48 -13.01 -16.63 -39.55
N HIS C 49 -12.96 -15.72 -38.59
CA HIS C 49 -14.11 -14.91 -38.23
C HIS C 49 -14.36 -13.82 -39.28
N ASN C 50 -15.61 -13.37 -39.34
CA ASN C 50 -15.99 -12.20 -40.15
C ASN C 50 -17.03 -11.41 -39.34
N ASN C 51 -16.54 -10.51 -38.50
CA ASN C 51 -17.41 -9.63 -37.72
C ASN C 51 -16.87 -8.21 -37.78
N CYS C 52 -17.65 -7.28 -37.26
CA CYS C 52 -17.13 -5.93 -37.02
C CYS C 52 -16.01 -5.97 -36.00
N MET C 53 -16.16 -6.81 -34.97
CA MET C 53 -15.07 -7.04 -34.02
C MET C 53 -13.85 -7.64 -34.71
N ALA C 54 -14.06 -8.61 -35.61
CA ALA C 54 -12.94 -9.24 -36.28
C ALA C 54 -12.16 -8.24 -37.15
N SER C 55 -12.87 -7.34 -37.82
CA SER C 55 -12.23 -6.38 -38.70
C SER C 55 -11.75 -5.12 -37.98
N HIS C 56 -12.17 -4.90 -36.74
CA HIS C 56 -11.78 -3.70 -36.00
C HIS C 56 -10.88 -3.99 -34.80
N LEU C 57 -10.63 -5.26 -34.50
CA LEU C 57 -9.72 -5.63 -33.41
C LEU C 57 -8.35 -5.90 -34.02
N THR C 58 -7.45 -4.93 -33.87
CA THR C 58 -6.09 -5.05 -34.35
C THR C 58 -5.15 -5.34 -33.18
N PRO C 59 -3.96 -5.90 -33.46
CA PRO C 59 -3.03 -6.17 -32.34
C PRO C 59 -2.70 -4.95 -31.51
N ALA C 60 -2.57 -3.78 -32.14
CA ALA C 60 -2.30 -2.57 -31.37
C ALA C 60 -3.43 -2.24 -30.42
N VAL C 61 -4.68 -2.31 -30.91
CA VAL C 61 -5.83 -2.01 -30.06
C VAL C 61 -5.95 -3.02 -28.93
N TYR C 62 -5.78 -4.30 -29.24
CA TYR C 62 -5.87 -5.33 -28.21
C TYR C 62 -4.80 -5.15 -27.14
N ALA C 63 -3.57 -4.85 -27.58
CA ALA C 63 -2.49 -4.65 -26.60
C ALA C 63 -2.72 -3.40 -25.77
N ARG C 64 -3.30 -2.35 -26.36
CA ARG C 64 -3.55 -1.13 -25.63
C ARG C 64 -4.66 -1.31 -24.60
N LEU C 65 -5.72 -2.04 -24.96
CA LEU C 65 -6.88 -2.19 -24.10
C LEU C 65 -6.83 -3.41 -23.19
N CYS C 66 -5.78 -4.21 -23.26
CA CYS C 66 -5.73 -5.44 -22.48
C CYS C 66 -5.66 -5.17 -20.98
N ASP C 67 -4.84 -4.20 -20.58
CA ASP C 67 -4.63 -3.94 -19.16
C ASP C 67 -5.80 -3.18 -18.52
N LYS C 68 -6.54 -2.40 -19.31
CA LYS C 68 -7.59 -1.56 -18.74
C LYS C 68 -8.76 -2.41 -18.26
N THR C 69 -9.49 -1.89 -17.28
CA THR C 69 -10.66 -2.56 -16.73
C THR C 69 -11.60 -1.52 -16.13
N THR C 70 -12.88 -1.85 -16.10
CA THR C 70 -13.88 -1.00 -15.49
C THR C 70 -13.80 -1.12 -13.96
N PRO C 71 -14.38 -0.16 -13.23
CA PRO C 71 -14.36 -0.26 -11.77
C PRO C 71 -14.97 -1.54 -11.22
N THR C 72 -15.96 -2.11 -11.91
CA THR C 72 -16.59 -3.34 -11.47
C THR C 72 -15.82 -4.59 -11.90
N GLY C 73 -14.73 -4.44 -12.64
CA GLY C 73 -13.89 -5.56 -13.02
C GLY C 73 -14.10 -6.07 -14.42
N TRP C 74 -14.94 -5.43 -15.22
CA TRP C 74 -15.15 -5.86 -16.60
C TRP C 74 -13.90 -5.60 -17.43
N THR C 75 -13.55 -6.57 -18.28
CA THR C 75 -12.32 -6.51 -19.06
C THR C 75 -12.64 -6.66 -20.54
N LEU C 76 -11.61 -6.45 -21.36
CA LEU C 76 -11.76 -6.54 -22.81
C LEU C 76 -12.08 -7.96 -23.26
N ASP C 77 -11.43 -8.96 -22.64
CA ASP C 77 -11.68 -10.34 -23.02
C ASP C 77 -13.12 -10.74 -22.76
N GLN C 78 -13.69 -10.28 -21.66
CA GLN C 78 -15.10 -10.54 -21.40
C GLN C 78 -16.00 -9.84 -22.41
N CYS C 79 -15.58 -8.67 -22.89
CA CYS C 79 -16.34 -7.99 -23.93
C CYS C 79 -16.34 -8.78 -25.23
N ILE C 80 -15.18 -9.33 -25.61
CA ILE C 80 -15.03 -9.93 -26.94
C ILE C 80 -15.21 -11.44 -26.93
N GLN C 81 -15.48 -12.04 -25.77
CA GLN C 81 -15.65 -13.49 -25.72
C GLN C 81 -16.85 -13.94 -26.54
N THR C 82 -17.90 -13.12 -26.58
CA THR C 82 -19.09 -13.46 -27.37
C THR C 82 -18.75 -13.59 -28.84
N GLY C 83 -18.01 -12.61 -29.38
CA GLY C 83 -17.62 -12.67 -30.77
C GLY C 83 -16.63 -13.78 -31.06
N VAL C 84 -15.68 -13.99 -30.13
CA VAL C 84 -14.66 -15.01 -30.36
C VAL C 84 -15.27 -16.40 -30.36
N ASP C 85 -16.19 -16.67 -29.42
CA ASP C 85 -16.77 -18.00 -29.32
C ASP C 85 -17.68 -18.32 -30.51
N ASN C 86 -18.38 -17.32 -31.04
CA ASN C 86 -19.29 -17.53 -32.17
C ASN C 86 -18.77 -16.81 -33.39
N PRO C 87 -18.07 -17.49 -34.30
CA PRO C 87 -17.54 -16.80 -35.49
C PRO C 87 -18.62 -16.20 -36.37
N GLY C 88 -19.79 -16.81 -36.43
CA GLY C 88 -20.86 -16.30 -37.26
C GLY C 88 -20.64 -16.63 -38.73
N HIS C 89 -21.42 -15.95 -39.57
CA HIS C 89 -21.37 -16.15 -41.01
C HIS C 89 -21.24 -14.81 -41.70
N PRO C 90 -20.57 -14.77 -42.87
CA PRO C 90 -20.40 -13.55 -43.65
C PRO C 90 -21.74 -12.97 -44.12
N LYS C 93 -24.18 -10.11 -40.25
CA LYS C 93 -22.97 -9.81 -39.50
C LYS C 93 -23.32 -9.22 -38.14
N THR C 94 -23.33 -10.05 -37.11
CA THR C 94 -23.64 -9.60 -35.76
C THR C 94 -22.44 -8.85 -35.16
N VAL C 95 -22.70 -8.17 -34.05
CA VAL C 95 -21.65 -7.40 -33.39
C VAL C 95 -20.69 -8.31 -32.65
N GLY C 96 -21.22 -9.23 -31.84
CA GLY C 96 -20.37 -10.11 -31.06
C GLY C 96 -19.67 -9.47 -29.89
N MET C 97 -20.17 -8.33 -29.41
CA MET C 97 -19.60 -7.64 -28.26
C MET C 97 -20.70 -7.22 -27.31
N VAL C 98 -20.38 -7.22 -26.02
CA VAL C 98 -21.32 -6.79 -24.99
C VAL C 98 -20.57 -5.92 -23.97
N ALA C 99 -21.34 -5.15 -23.21
CA ALA C 99 -20.81 -4.30 -22.16
C ALA C 99 -21.24 -4.83 -20.81
N GLY C 100 -20.32 -4.81 -19.84
CA GLY C 100 -20.61 -5.31 -18.51
C GLY C 100 -21.21 -4.28 -17.58
N ASP C 101 -21.04 -3.00 -17.90
CA ASP C 101 -21.58 -1.92 -17.09
C ASP C 101 -21.62 -0.65 -17.94
N GLU C 102 -21.92 0.48 -17.30
CA GLU C 102 -21.99 1.75 -18.01
C GLU C 102 -20.60 2.25 -18.38
N GLU C 103 -19.62 2.05 -17.49
CA GLU C 103 -18.27 2.56 -17.73
C GLU C 103 -17.57 1.89 -18.90
N THR C 104 -18.04 0.69 -19.30
CA THR C 104 -17.38 -0.04 -20.38
C THR C 104 -17.26 0.79 -21.64
N TYR C 105 -18.38 1.37 -22.08
CA TYR C 105 -18.38 2.18 -23.29
C TYR C 105 -17.43 3.36 -23.21
N GLU C 106 -17.07 3.79 -22.00
CA GLU C 106 -16.05 4.81 -21.84
C GLU C 106 -14.65 4.21 -21.72
N VAL C 107 -14.52 3.09 -20.99
CA VAL C 107 -13.20 2.49 -20.80
C VAL C 107 -12.69 1.87 -22.09
N PHE C 108 -13.55 1.15 -22.80
CA PHE C 108 -13.20 0.48 -24.05
C PHE C 108 -13.77 1.22 -25.26
N ALA C 109 -13.77 2.56 -25.20
CA ALA C 109 -14.31 3.34 -26.30
C ALA C 109 -13.54 3.12 -27.58
N ASP C 110 -12.22 2.92 -27.49
CA ASP C 110 -11.42 2.69 -28.69
C ASP C 110 -11.82 1.43 -29.43
N LEU C 111 -12.52 0.50 -28.77
CA LEU C 111 -12.99 -0.72 -29.40
C LEU C 111 -14.44 -0.59 -29.88
N PHE C 112 -15.30 -0.05 -29.04
CA PHE C 112 -16.73 0.02 -29.36
C PHE C 112 -17.05 1.13 -30.36
N ASP C 113 -16.31 2.24 -30.33
CA ASP C 113 -16.65 3.38 -31.17
C ASP C 113 -16.65 3.06 -32.66
N PRO C 114 -15.61 2.41 -33.23
CA PRO C 114 -15.72 2.02 -34.65
C PRO C 114 -16.87 1.08 -34.92
N VAL C 115 -17.17 0.17 -33.99
CA VAL C 115 -18.29 -0.74 -34.17
C VAL C 115 -19.61 0.02 -34.11
N ILE C 116 -19.75 0.95 -33.16
CA ILE C 116 -20.96 1.74 -33.07
C ILE C 116 -21.16 2.58 -34.34
N GLN C 117 -20.06 3.10 -34.89
CA GLN C 117 -20.16 3.93 -36.08
C GLN C 117 -20.51 3.11 -37.32
N GLU C 118 -19.85 1.96 -37.50
CA GLU C 118 -20.10 1.16 -38.70
C GLU C 118 -21.46 0.48 -38.64
N ARG C 119 -21.87 0.02 -37.45
CA ARG C 119 -23.16 -0.65 -37.32
C ARG C 119 -24.31 0.30 -37.61
N HIS C 120 -24.19 1.55 -37.17
CA HIS C 120 -25.25 2.54 -37.33
C HIS C 120 -25.00 3.48 -38.50
N ASN C 121 -24.26 3.03 -39.49
CA ASN C 121 -24.06 3.68 -40.79
C ASN C 121 -23.83 5.19 -40.67
N GLY C 122 -22.73 5.55 -40.01
CA GLY C 122 -22.17 6.89 -40.09
C GLY C 122 -22.13 7.62 -38.76
N TYR C 123 -22.97 7.23 -37.80
CA TYR C 123 -23.05 7.95 -36.53
C TYR C 123 -21.73 7.79 -35.78
N ASP C 124 -20.95 8.86 -35.70
CA ASP C 124 -19.71 8.86 -34.95
C ASP C 124 -20.01 9.28 -33.52
N PRO C 125 -19.89 8.38 -32.54
CA PRO C 125 -20.18 8.79 -31.14
C PRO C 125 -19.25 9.88 -30.62
N ARG C 126 -17.98 9.89 -31.05
CA ARG C 126 -17.02 10.84 -30.52
C ARG C 126 -17.39 12.28 -30.89
N THR C 127 -17.89 12.51 -32.10
CA THR C 127 -18.18 13.85 -32.57
C THR C 127 -19.65 14.22 -32.39
N MET C 128 -20.56 13.34 -32.79
CA MET C 128 -21.98 13.63 -32.77
C MET C 128 -22.60 13.33 -31.42
N LYS C 129 -23.61 14.11 -31.06
CA LYS C 129 -24.37 13.91 -29.83
C LYS C 129 -25.76 13.39 -30.16
N HIS C 130 -26.31 12.59 -29.24
CA HIS C 130 -27.62 11.99 -29.41
C HIS C 130 -28.67 12.76 -28.63
N THR C 131 -29.77 13.09 -29.27
CA THR C 131 -30.87 13.82 -28.65
C THR C 131 -32.04 12.86 -28.41
N THR C 132 -32.56 12.88 -27.19
CA THR C 132 -33.67 12.02 -26.80
C THR C 132 -34.95 12.84 -26.76
N ASP C 133 -35.96 12.38 -27.50
CA ASP C 133 -37.26 13.06 -27.59
C ASP C 133 -38.35 11.99 -27.55
N LEU C 134 -38.88 11.75 -26.34
CA LEU C 134 -39.97 10.80 -26.16
C LEU C 134 -41.34 11.46 -26.15
N ASP C 135 -41.41 12.77 -26.38
CA ASP C 135 -42.69 13.47 -26.39
C ASP C 135 -43.46 13.09 -27.66
N ALA C 136 -44.58 12.39 -27.49
CA ALA C 136 -45.37 11.90 -28.60
C ALA C 136 -46.41 12.90 -29.08
N SER C 137 -46.46 14.09 -28.49
CA SER C 137 -47.43 15.09 -28.91
C SER C 137 -47.12 15.67 -30.28
N LYS C 138 -45.93 15.41 -30.84
CA LYS C 138 -45.52 15.98 -32.10
C LYS C 138 -45.70 15.03 -33.28
N ILE C 139 -46.32 13.86 -33.05
CA ILE C 139 -46.53 12.91 -34.13
C ILE C 139 -47.65 13.40 -35.04
N ARG C 140 -47.47 13.22 -36.35
CA ARG C 140 -48.46 13.62 -37.34
C ARG C 140 -49.03 12.37 -37.99
N SER C 141 -50.36 12.22 -37.91
CA SER C 141 -51.07 11.10 -38.52
C SER C 141 -50.54 9.75 -38.02
N GLY C 142 -50.81 8.71 -38.78
CA GLY C 142 -50.35 7.37 -38.44
C GLY C 142 -51.46 6.44 -38.04
N TYR C 143 -51.90 5.60 -38.98
CA TYR C 143 -52.95 4.62 -38.72
C TYR C 143 -52.93 3.61 -39.85
N PHE C 144 -52.75 2.33 -39.51
CA PHE C 144 -52.69 1.28 -40.51
C PHE C 144 -54.06 0.63 -40.69
N ASP C 145 -54.31 0.13 -41.90
CA ASP C 145 -55.56 -0.54 -42.19
C ASP C 145 -55.74 -1.76 -41.31
N GLU C 146 -56.95 -1.96 -40.79
CA GLU C 146 -57.23 -3.11 -39.94
C GLU C 146 -57.03 -4.42 -40.69
N ARG C 147 -57.26 -4.42 -42.01
CA ARG C 147 -56.98 -5.60 -42.81
C ARG C 147 -55.50 -5.91 -42.85
N TYR C 148 -54.65 -4.91 -42.66
CA TYR C 148 -53.21 -5.09 -42.68
C TYR C 148 -52.65 -5.22 -41.25
N LEU C 150 -51.98 -6.54 -38.46
CA LEU C 150 -52.49 -7.46 -37.44
C LEU C 150 -52.23 -6.93 -36.04
N SER C 151 -50.95 -6.81 -35.69
CA SER C 151 -50.53 -6.34 -34.38
C SER C 151 -49.54 -5.21 -34.54
N SER C 152 -49.62 -4.22 -33.64
CA SER C 152 -48.71 -3.10 -33.60
C SER C 152 -47.93 -3.15 -32.30
N ARG C 153 -46.60 -3.02 -32.39
CA ARG C 153 -45.73 -3.20 -31.24
C ARG C 153 -44.64 -2.14 -31.23
N VAL C 154 -44.38 -1.57 -30.06
CA VAL C 154 -43.27 -0.64 -29.84
C VAL C 154 -42.46 -1.17 -28.65
N ARG C 155 -41.14 -1.22 -28.81
CA ARG C 155 -40.28 -1.83 -27.81
C ARG C 155 -39.05 -0.98 -27.59
N THR C 156 -38.65 -0.83 -26.33
CA THR C 156 -37.36 -0.25 -25.97
C THR C 156 -36.76 -1.09 -24.85
N GLY C 157 -35.66 -0.60 -24.30
CA GLY C 157 -35.03 -1.25 -23.16
C GLY C 157 -34.28 -0.22 -22.35
N ARG C 158 -34.25 -0.44 -21.04
CA ARG C 158 -33.62 0.51 -20.12
C ARG C 158 -32.75 -0.25 -19.13
N SER C 159 -31.71 0.43 -18.65
CA SER C 159 -30.81 -0.10 -17.63
C SER C 159 -30.78 0.85 -16.45
N ILE C 160 -30.75 0.29 -15.25
CA ILE C 160 -30.77 1.07 -14.02
C ILE C 160 -29.34 1.45 -13.67
N ARG C 161 -29.09 2.74 -13.52
CA ARG C 161 -27.75 3.23 -13.22
C ARG C 161 -27.30 2.75 -11.85
N GLY C 162 -26.03 2.35 -11.75
CA GLY C 162 -25.45 1.86 -10.52
C GLY C 162 -25.43 0.35 -10.38
N LEU C 163 -26.07 -0.37 -11.30
CA LEU C 163 -26.14 -1.82 -11.26
C LEU C 163 -25.54 -2.40 -12.53
N SER C 164 -24.79 -3.49 -12.39
CA SER C 164 -24.09 -4.07 -13.52
C SER C 164 -25.08 -4.64 -14.54
N LEU C 165 -24.64 -4.66 -15.80
CA LEU C 165 -25.47 -5.16 -16.88
C LEU C 165 -25.55 -6.69 -16.80
N PRO C 166 -26.53 -7.28 -17.48
CA PRO C 166 -26.76 -8.73 -17.36
C PRO C 166 -25.52 -9.57 -17.62
N PRO C 167 -24.66 -9.23 -18.59
CA PRO C 167 -23.44 -10.03 -18.77
C PRO C 167 -22.54 -10.08 -17.54
N ALA C 168 -22.51 -9.02 -16.72
CA ALA C 168 -21.61 -8.95 -15.59
C ALA C 168 -22.32 -8.92 -14.23
N CYS C 169 -23.65 -8.87 -14.20
CA CYS C 169 -24.36 -8.70 -12.95
C CYS C 169 -24.26 -9.97 -12.10
N THR C 170 -24.11 -9.77 -10.79
CA THR C 170 -24.15 -10.87 -9.84
C THR C 170 -25.61 -11.21 -9.50
N ARG C 171 -25.79 -12.21 -8.64
CA ARG C 171 -27.14 -12.55 -8.19
C ARG C 171 -27.75 -11.41 -7.39
N ALA C 172 -26.96 -10.78 -6.51
CA ALA C 172 -27.46 -9.68 -5.70
C ALA C 172 -27.86 -8.48 -6.56
N GLU C 173 -27.05 -8.16 -7.57
CA GLU C 173 -27.37 -7.04 -8.45
C GLU C 173 -28.62 -7.32 -9.26
N ARG C 174 -28.77 -8.54 -9.77
CA ARG C 174 -29.96 -8.90 -10.52
C ARG C 174 -31.21 -8.82 -9.63
N ARG C 175 -31.11 -9.32 -8.40
CA ARG C 175 -32.22 -9.23 -7.47
C ARG C 175 -32.55 -7.78 -7.13
N GLU C 176 -31.53 -6.93 -7.00
CA GLU C 176 -31.76 -5.51 -6.75
C GLU C 176 -32.50 -4.86 -7.93
N VAL C 177 -32.09 -5.19 -9.15
CA VAL C 177 -32.77 -4.68 -10.34
C VAL C 177 -34.24 -5.09 -10.30
N GLU C 178 -34.50 -6.36 -10.02
CA GLU C 178 -35.87 -6.84 -9.99
C GLU C 178 -36.69 -6.14 -8.91
N ARG C 179 -36.10 -5.95 -7.73
N ARG C 179 -36.10 -5.96 -7.72
CA ARG C 179 -36.83 -5.30 -6.65
CA ARG C 179 -36.81 -5.29 -6.64
C ARG C 179 -37.14 -3.84 -7.00
C ARG C 179 -37.14 -3.84 -7.00
N VAL C 180 -36.19 -3.13 -7.57
CA VAL C 180 -36.42 -1.74 -7.95
C VAL C 180 -37.53 -1.65 -8.99
N VAL C 181 -37.47 -2.50 -10.00
CA VAL C 181 -38.48 -2.46 -11.06
C VAL C 181 -39.86 -2.80 -10.51
N VAL C 182 -39.94 -3.82 -9.66
CA VAL C 182 -41.24 -4.24 -9.12
C VAL C 182 -41.81 -3.16 -8.21
N ASP C 183 -40.99 -2.57 -7.34
CA ASP C 183 -41.48 -1.52 -6.46
C ASP C 183 -41.94 -0.31 -7.25
N ALA C 184 -41.21 0.04 -8.31
CA ALA C 184 -41.62 1.16 -9.15
C ALA C 184 -42.95 0.86 -9.84
N LEU C 185 -43.06 -0.32 -10.45
CA LEU C 185 -44.26 -0.67 -11.20
C LEU C 185 -45.47 -0.88 -10.32
N SER C 186 -45.27 -1.13 -9.02
CA SER C 186 -46.41 -1.24 -8.11
C SER C 186 -47.19 0.06 -8.01
N GLY C 187 -46.55 1.20 -8.28
CA GLY C 187 -47.20 2.49 -8.22
C GLY C 187 -47.98 2.89 -9.46
N LEU C 188 -47.93 2.10 -10.53
CA LEU C 188 -48.70 2.40 -11.72
C LEU C 188 -50.19 2.29 -11.44
N LYS C 189 -50.96 3.27 -11.91
CA LYS C 189 -52.39 3.34 -11.64
C LYS C 189 -53.15 3.55 -12.93
N GLY C 190 -54.45 3.24 -12.88
CA GLY C 190 -55.32 3.41 -14.03
C GLY C 190 -55.19 2.28 -15.03
N ASP C 191 -55.19 2.61 -16.31
CA ASP C 191 -55.02 1.61 -17.36
C ASP C 191 -53.66 0.94 -17.28
N LEU C 192 -52.68 1.57 -16.63
CA LEU C 192 -51.34 1.04 -16.50
C LEU C 192 -51.17 0.12 -15.30
N ALA C 193 -52.23 -0.12 -14.53
CA ALA C 193 -52.14 -1.03 -13.40
C ALA C 193 -51.93 -2.46 -13.88
N GLY C 194 -51.09 -3.21 -13.17
CA GLY C 194 -50.79 -4.55 -13.58
C GLY C 194 -50.16 -5.35 -12.45
N ARG C 195 -49.73 -6.56 -12.79
CA ARG C 195 -49.17 -7.49 -11.83
C ARG C 195 -47.85 -8.05 -12.36
N TYR C 196 -46.95 -8.37 -11.43
CA TYR C 196 -45.65 -8.93 -11.77
C TYR C 196 -45.70 -10.45 -11.66
N TYR C 197 -45.22 -11.13 -12.69
CA TYR C 197 -45.27 -12.59 -12.78
C TYR C 197 -43.84 -13.11 -12.83
N ARG C 198 -43.41 -13.75 -11.75
CA ARG C 198 -42.07 -14.32 -11.68
C ARG C 198 -42.00 -15.62 -12.47
N LEU C 199 -40.91 -15.79 -13.21
CA LEU C 199 -40.74 -16.99 -14.02
C LEU C 199 -40.59 -18.24 -13.15
N SER C 200 -39.85 -18.13 -12.05
CA SER C 200 -39.57 -19.30 -11.23
C SER C 200 -40.82 -19.84 -10.55
N GLU C 201 -41.81 -18.99 -10.31
CA GLU C 201 -43.01 -19.39 -9.57
C GLU C 201 -44.21 -19.66 -10.48
N MET C 202 -44.00 -19.76 -11.79
CA MET C 202 -45.10 -20.01 -12.72
C MET C 202 -44.75 -21.19 -13.62
N THR C 203 -45.79 -21.85 -14.13
CA THR C 203 -45.62 -23.10 -14.86
C THR C 203 -45.04 -22.85 -16.25
N GLU C 204 -44.50 -23.92 -16.83
CA GLU C 204 -43.92 -23.85 -18.17
C GLU C 204 -44.98 -23.82 -19.26
N ALA C 205 -46.16 -24.39 -19.00
CA ALA C 205 -47.21 -24.40 -20.02
C ALA C 205 -47.72 -22.99 -20.30
N GLU C 206 -48.05 -22.24 -19.25
CA GLU C 206 -48.45 -20.84 -19.44
C GLU C 206 -47.29 -20.03 -20.00
N GLN C 207 -46.07 -20.38 -19.62
CA GLN C 207 -44.90 -19.71 -20.18
C GLN C 207 -44.84 -19.87 -21.70
N GLN C 208 -45.00 -21.10 -22.18
CA GLN C 208 -44.97 -21.35 -23.62
C GLN C 208 -46.16 -20.70 -24.32
N GLN C 209 -47.33 -20.71 -23.67
CA GLN C 209 -48.50 -20.06 -24.26
C GLN C 209 -48.26 -18.56 -24.45
N LEU C 210 -47.73 -17.90 -23.42
CA LEU C 210 -47.44 -16.47 -23.55
C LEU C 210 -46.31 -16.22 -24.53
N ILE C 211 -45.36 -17.15 -24.63
CA ILE C 211 -44.29 -17.02 -25.64
C ILE C 211 -44.89 -17.04 -27.03
N ASP C 212 -45.82 -17.98 -27.28
CA ASP C 212 -46.49 -18.04 -28.57
C ASP C 212 -47.29 -16.78 -28.83
N ASP C 213 -47.97 -16.26 -27.81
CA ASP C 213 -48.69 -14.99 -27.93
C ASP C 213 -47.78 -13.79 -27.82
N HIS C 214 -46.46 -14.00 -27.75
CA HIS C 214 -45.48 -12.92 -27.56
C HIS C 214 -45.79 -12.12 -26.30
N PHE C 215 -46.24 -12.82 -25.26
CA PHE C 215 -46.40 -12.24 -23.92
C PHE C 215 -45.46 -12.87 -22.92
N LEU C 216 -44.33 -13.40 -23.39
CA LEU C 216 -43.26 -13.87 -22.51
C LEU C 216 -42.01 -14.12 -23.35
N PHE C 217 -40.87 -14.08 -22.68
CA PHE C 217 -39.58 -14.41 -23.28
C PHE C 217 -39.18 -15.81 -22.83
N ASP C 218 -38.71 -16.62 -23.77
CA ASP C 218 -38.32 -17.98 -23.45
C ASP C 218 -36.93 -18.02 -22.82
N LYS C 219 -36.59 -19.19 -22.27
CA LYS C 219 -35.24 -19.48 -21.84
C LYS C 219 -34.31 -19.24 -23.03
N PRO C 220 -33.48 -18.21 -23.00
CA PRO C 220 -32.69 -17.88 -24.19
C PRO C 220 -31.56 -18.87 -24.41
N VAL C 221 -31.74 -19.74 -25.42
CA VAL C 221 -30.76 -20.77 -25.73
C VAL C 221 -29.83 -20.37 -26.85
N SER C 222 -29.92 -19.14 -27.33
CA SER C 222 -29.05 -18.67 -28.40
C SER C 222 -27.61 -18.63 -27.90
N PRO C 223 -26.67 -19.28 -28.61
CA PRO C 223 -25.26 -19.21 -28.18
C PRO C 223 -24.68 -17.81 -28.23
N LEU C 224 -25.30 -16.90 -28.97
CA LEU C 224 -24.80 -15.53 -29.08
C LEU C 224 -25.00 -14.75 -27.77
N LEU C 225 -25.72 -15.30 -26.81
CA LEU C 225 -25.85 -14.67 -25.50
C LEU C 225 -25.50 -15.60 -24.35
N THR C 226 -25.60 -16.92 -24.53
CA THR C 226 -25.12 -17.85 -23.50
C THR C 226 -23.61 -17.71 -23.31
N ALA C 227 -22.87 -17.57 -24.40
CA ALA C 227 -21.44 -17.31 -24.31
C ALA C 227 -21.14 -15.95 -23.71
N ALA C 228 -22.10 -15.02 -23.74
CA ALA C 228 -21.93 -13.71 -23.14
C ALA C 228 -22.17 -13.72 -21.64
N GLY C 229 -22.64 -14.83 -21.07
CA GLY C 229 -22.92 -14.90 -19.66
C GLY C 229 -24.24 -14.29 -19.24
N MET C 230 -25.21 -14.22 -20.16
CA MET C 230 -26.51 -13.62 -19.88
C MET C 230 -27.57 -14.64 -19.50
N ALA C 231 -27.21 -15.91 -19.40
CA ALA C 231 -28.15 -16.95 -18.99
C ALA C 231 -27.79 -17.55 -17.64
N ARG C 232 -26.88 -16.91 -16.89
CA ARG C 232 -26.48 -17.42 -15.59
C ARG C 232 -27.64 -17.34 -14.60
N ASP C 233 -27.79 -18.37 -13.78
CA ASP C 233 -28.76 -18.47 -12.69
C ASP C 233 -30.21 -18.43 -13.17
N TRP C 234 -30.47 -18.78 -14.43
CA TRP C 234 -31.83 -18.79 -14.93
C TRP C 234 -32.66 -19.82 -14.16
N PRO C 235 -33.92 -19.50 -13.80
CA PRO C 235 -34.63 -18.23 -14.00
C PRO C 235 -34.68 -17.36 -12.76
N ASP C 236 -33.61 -17.29 -11.97
CA ASP C 236 -33.62 -16.50 -10.75
C ASP C 236 -33.64 -15.01 -11.11
N ALA C 237 -34.54 -14.26 -10.47
CA ALA C 237 -34.71 -12.82 -10.63
C ALA C 237 -35.15 -12.42 -12.03
N ARG C 238 -35.65 -13.35 -12.83
CA ARG C 238 -36.25 -13.04 -14.12
C ARG C 238 -37.76 -13.16 -14.00
N GLY C 239 -38.48 -12.14 -14.44
CA GLY C 239 -39.92 -12.15 -14.40
C GLY C 239 -40.48 -11.24 -15.47
N ILE C 240 -41.81 -11.16 -15.51
CA ILE C 240 -42.50 -10.32 -16.48
C ILE C 240 -43.61 -9.55 -15.76
N TRP C 241 -43.75 -8.28 -16.11
CA TRP C 241 -44.80 -7.43 -15.59
C TRP C 241 -45.67 -6.97 -16.76
N HIS C 242 -46.98 -7.19 -16.66
CA HIS C 242 -47.91 -6.76 -17.69
C HIS C 242 -49.18 -6.23 -17.04
N ASN C 243 -49.81 -5.28 -17.73
CA ASN C 243 -51.06 -4.71 -17.26
C ASN C 243 -52.21 -5.68 -17.50
N ASN C 244 -53.37 -5.34 -16.91
CA ASN C 244 -54.52 -6.23 -17.00
C ASN C 244 -55.00 -6.39 -18.43
N GLU C 245 -54.97 -5.31 -19.21
CA GLU C 245 -55.39 -5.36 -20.61
C GLU C 245 -54.38 -6.06 -21.52
N LYS C 246 -53.24 -6.49 -20.99
CA LYS C 246 -52.21 -7.19 -21.75
C LYS C 246 -51.66 -6.30 -22.87
N SER C 247 -51.64 -4.99 -22.65
CA SER C 247 -51.15 -4.05 -23.65
C SER C 247 -49.82 -3.41 -23.29
N PHE C 248 -49.48 -3.32 -22.01
CA PHE C 248 -48.21 -2.77 -21.55
C PHE C 248 -47.40 -3.91 -20.94
N LEU C 249 -46.33 -4.30 -21.62
CA LEU C 249 -45.50 -5.44 -21.22
C LEU C 249 -44.11 -4.96 -20.85
N ILE C 250 -43.57 -5.52 -19.78
CA ILE C 250 -42.21 -5.23 -19.34
C ILE C 250 -41.51 -6.54 -19.00
N TRP C 251 -40.35 -6.76 -19.62
CA TRP C 251 -39.54 -7.96 -19.39
C TRP C 251 -38.34 -7.58 -18.55
N VAL C 252 -38.15 -8.31 -17.45
CA VAL C 252 -37.14 -7.97 -16.45
C VAL C 252 -35.99 -8.97 -16.54
N ASN C 253 -34.77 -8.45 -16.70
CA ASN C 253 -33.53 -9.21 -16.58
C ASN C 253 -33.40 -10.31 -17.63
N GLU C 254 -34.06 -10.19 -18.78
CA GLU C 254 -33.88 -11.18 -19.84
C GLU C 254 -32.65 -10.86 -20.69
N GLU C 255 -32.67 -9.73 -21.39
CA GLU C 255 -31.58 -9.26 -22.21
C GLU C 255 -30.97 -7.97 -21.71
N ASP C 256 -31.80 -7.08 -21.16
CA ASP C 256 -31.36 -5.90 -20.46
C ASP C 256 -32.01 -5.91 -19.08
N HIS C 257 -31.80 -4.83 -18.32
CA HIS C 257 -32.49 -4.72 -17.03
C HIS C 257 -34.00 -4.68 -17.22
N THR C 258 -34.46 -3.94 -18.21
CA THR C 258 -35.88 -3.86 -18.53
C THR C 258 -36.07 -3.87 -20.04
N ARG C 259 -37.26 -4.27 -20.46
CA ARG C 259 -37.65 -4.27 -21.86
C ARG C 259 -39.11 -3.86 -21.93
N VAL C 260 -39.36 -2.58 -22.15
CA VAL C 260 -40.72 -2.06 -22.16
C VAL C 260 -41.35 -2.34 -23.52
N ILE C 261 -42.53 -2.96 -23.50
CA ILE C 261 -43.25 -3.31 -24.72
C ILE C 261 -44.67 -2.78 -24.61
N SER C 262 -45.11 -2.05 -25.64
CA SER C 262 -46.49 -1.65 -25.79
C SER C 262 -47.06 -2.36 -27.01
N MET C 263 -48.13 -3.12 -26.80
CA MET C 263 -48.69 -3.97 -27.84
C MET C 263 -50.19 -3.80 -27.94
N GLU C 264 -50.70 -3.94 -29.15
CA GLU C 264 -52.14 -3.90 -29.40
C GLU C 264 -52.41 -4.61 -30.72
N LYS C 265 -53.65 -5.05 -30.89
CA LYS C 265 -54.08 -5.75 -32.09
C LYS C 265 -54.74 -4.76 -33.04
N GLY C 266 -54.29 -4.75 -34.29
CA GLY C 266 -54.79 -3.83 -35.29
C GLY C 266 -53.66 -2.97 -35.86
N GLY C 267 -54.03 -1.80 -36.35
CA GLY C 267 -53.06 -0.89 -36.93
C GLY C 267 -53.11 0.49 -36.31
N ASN C 268 -53.61 0.59 -35.09
CA ASN C 268 -53.72 1.86 -34.39
C ASN C 268 -52.42 2.17 -33.65
N MET C 269 -51.37 2.41 -34.44
CA MET C 269 -50.06 2.70 -33.87
C MET C 269 -50.06 4.00 -33.07
N LYS C 270 -51.00 4.91 -33.34
CA LYS C 270 -51.10 6.13 -32.56
C LYS C 270 -51.35 5.82 -31.09
N ARG C 271 -52.36 4.99 -30.81
CA ARG C 271 -52.68 4.64 -29.43
C ARG C 271 -51.53 3.86 -28.79
N VAL C 272 -50.92 2.94 -29.54
CA VAL C 272 -49.82 2.15 -29.00
C VAL C 272 -48.67 3.05 -28.59
N PHE C 273 -48.30 4.01 -29.45
CA PHE C 273 -47.19 4.89 -29.14
C PHE C 273 -47.53 5.84 -28.00
N GLU C 274 -48.78 6.31 -27.95
CA GLU C 274 -49.18 7.18 -26.84
C GLU C 274 -49.09 6.45 -25.51
N ARG C 275 -49.62 5.22 -25.46
CA ARG C 275 -49.52 4.43 -24.24
C ARG C 275 -48.07 4.14 -23.89
N PHE C 276 -47.25 3.83 -24.90
CA PHE C 276 -45.84 3.58 -24.69
C PHE C 276 -45.15 4.78 -24.04
N CYS C 277 -45.38 5.97 -24.58
CA CYS C 277 -44.71 7.16 -24.08
C CYS C 277 -45.17 7.50 -22.67
N ARG C 278 -46.48 7.45 -22.42
CA ARG C 278 -46.96 7.78 -21.08
C ARG C 278 -46.49 6.75 -20.06
N GLY C 279 -46.44 5.47 -20.45
CA GLY C 279 -45.93 4.45 -19.55
C GLY C 279 -44.46 4.63 -19.24
N LEU C 280 -43.66 4.96 -20.25
CA LEU C 280 -42.24 5.21 -20.00
C LEU C 280 -42.04 6.40 -19.08
N LYS C 281 -42.81 7.48 -19.30
CA LYS C 281 -42.70 8.64 -18.43
C LYS C 281 -43.07 8.29 -17.00
N GLU C 282 -44.17 7.56 -16.81
CA GLU C 282 -44.59 7.18 -15.46
C GLU C 282 -43.55 6.30 -14.78
N VAL C 283 -43.02 5.32 -15.52
CA VAL C 283 -42.02 4.41 -14.95
C VAL C 283 -40.77 5.19 -14.54
N GLU C 284 -40.31 6.10 -15.40
CA GLU C 284 -39.13 6.89 -15.06
C GLU C 284 -39.38 7.75 -13.83
N ARG C 285 -40.54 8.40 -13.76
CA ARG C 285 -40.84 9.22 -12.60
C ARG C 285 -40.87 8.38 -11.33
N LEU C 286 -41.46 7.20 -11.40
CA LEU C 286 -41.56 6.36 -10.21
C LEU C 286 -40.20 5.82 -9.79
N ILE C 287 -39.30 5.53 -10.74
CA ILE C 287 -37.97 5.05 -10.33
C ILE C 287 -37.15 6.19 -9.74
N GLN C 288 -37.28 7.42 -10.26
CA GLN C 288 -36.56 8.52 -9.63
C GLN C 288 -37.19 8.96 -8.32
N GLU C 289 -38.44 8.58 -8.06
CA GLU C 289 -39.02 8.85 -6.75
C GLU C 289 -38.24 8.13 -5.66
N ARG C 290 -37.78 6.91 -5.94
CA ARG C 290 -37.02 6.13 -4.97
C ARG C 290 -35.51 6.36 -5.08
N GLY C 291 -35.05 7.16 -6.03
CA GLY C 291 -33.65 7.51 -6.12
C GLY C 291 -32.85 6.82 -7.20
N TRP C 292 -33.49 6.11 -8.11
CA TRP C 292 -32.80 5.41 -9.18
C TRP C 292 -32.97 6.15 -10.50
N GLU C 293 -31.97 6.02 -11.37
CA GLU C 293 -31.99 6.64 -12.68
C GLU C 293 -31.68 5.61 -13.75
N PHE C 294 -32.20 5.86 -14.96
CA PHE C 294 -31.79 5.10 -16.12
C PHE C 294 -30.40 5.53 -16.57
N MET C 295 -29.60 4.58 -17.05
CA MET C 295 -28.32 4.94 -17.64
C MET C 295 -28.56 5.73 -18.92
N TRP C 296 -27.89 6.87 -19.03
CA TRP C 296 -28.06 7.75 -20.18
C TRP C 296 -26.97 8.79 -20.26
N ASN C 297 -26.34 8.94 -21.42
CA ASN C 297 -25.39 10.02 -21.66
C ASN C 297 -25.69 10.66 -23.01
N GLU C 298 -25.24 11.89 -23.18
CA GLU C 298 -25.55 12.65 -24.39
C GLU C 298 -24.94 12.01 -25.62
N ARG C 299 -23.73 11.47 -25.50
CA ARG C 299 -23.04 10.96 -26.67
C ARG C 299 -23.68 9.68 -27.21
N LEU C 300 -24.06 8.76 -26.33
CA LEU C 300 -24.56 7.46 -26.75
C LEU C 300 -26.05 7.26 -26.53
N GLY C 301 -26.69 8.09 -25.71
CA GLY C 301 -28.09 7.87 -25.40
C GLY C 301 -28.27 6.87 -24.27
N TYR C 302 -29.34 6.09 -24.36
CA TYR C 302 -29.61 5.07 -23.36
C TYR C 302 -28.62 3.91 -23.50
N ILE C 303 -28.02 3.51 -22.39
CA ILE C 303 -26.96 2.51 -22.39
C ILE C 303 -27.58 1.12 -22.26
N LEU C 304 -27.23 0.24 -23.19
CA LEU C 304 -27.70 -1.14 -23.19
C LEU C 304 -26.51 -2.07 -23.42
N THR C 305 -26.73 -3.37 -23.25
CA THR C 305 -25.64 -4.34 -23.33
C THR C 305 -25.13 -4.47 -24.76
N CYS C 306 -26.02 -4.64 -25.72
CA CYS C 306 -25.60 -4.79 -27.11
C CYS C 306 -25.36 -3.41 -27.73
N PRO C 307 -24.18 -3.17 -28.31
CA PRO C 307 -23.93 -1.86 -28.93
C PRO C 307 -24.87 -1.53 -30.08
N SER C 308 -25.46 -2.54 -30.71
CA SER C 308 -26.43 -2.29 -31.78
C SER C 308 -27.76 -1.75 -31.25
N ASN C 309 -27.97 -1.79 -29.94
CA ASN C 309 -29.19 -1.29 -29.32
C ASN C 309 -29.02 0.07 -28.67
N LEU C 310 -27.87 0.71 -28.86
CA LEU C 310 -27.61 1.98 -28.21
C LEU C 310 -28.47 3.09 -28.81
N GLY C 311 -28.52 4.21 -28.11
CA GLY C 311 -29.30 5.36 -28.56
C GLY C 311 -30.70 5.39 -27.92
N THR C 312 -31.70 5.00 -28.71
CA THR C 312 -33.07 4.90 -28.21
C THR C 312 -33.47 3.47 -27.89
N GLY C 313 -32.85 2.49 -28.55
CA GLY C 313 -33.22 1.10 -28.36
C GLY C 313 -34.63 0.78 -28.82
N LEU C 314 -35.21 1.64 -29.66
CA LEU C 314 -36.60 1.50 -30.06
C LEU C 314 -36.72 0.57 -31.26
N ARG C 315 -37.81 -0.19 -31.30
CA ARG C 315 -38.13 -1.05 -32.43
C ARG C 315 -39.65 -1.07 -32.57
N ALA C 316 -40.17 -0.22 -33.45
CA ALA C 316 -41.60 -0.16 -33.72
C ALA C 316 -41.89 -1.14 -34.86
N GLY C 317 -42.59 -2.23 -34.52
CA GLY C 317 -42.81 -3.30 -35.47
C GLY C 317 -44.28 -3.65 -35.60
N VAL C 318 -44.63 -4.22 -36.75
CA VAL C 318 -45.98 -4.70 -37.03
C VAL C 318 -45.90 -6.10 -37.60
N HIS C 319 -47.02 -6.80 -37.56
CA HIS C 319 -47.14 -8.15 -38.13
C HIS C 319 -48.06 -8.06 -39.34
N ILE C 320 -47.53 -8.41 -40.51
CA ILE C 320 -48.29 -8.33 -41.75
C ILE C 320 -47.99 -9.56 -42.61
N PRO C 323 -50.23 -11.01 -49.63
CA PRO C 323 -48.77 -11.14 -49.77
C PRO C 323 -48.32 -10.97 -51.22
N LEU C 324 -48.86 -9.97 -51.91
CA LEU C 324 -48.48 -9.73 -53.29
C LEU C 324 -47.04 -9.24 -53.39
N LEU C 325 -46.54 -8.56 -52.36
CA LEU C 325 -45.17 -8.06 -52.34
C LEU C 325 -44.22 -9.00 -51.61
N SER C 326 -44.51 -10.29 -51.63
CA SER C 326 -43.65 -11.31 -51.03
C SER C 326 -42.86 -12.11 -52.05
N LYS C 327 -43.49 -12.50 -53.16
CA LYS C 327 -42.79 -13.24 -54.20
C LYS C 327 -41.90 -12.34 -55.06
N ASP C 328 -42.24 -11.06 -55.16
CA ASP C 328 -41.48 -10.15 -56.00
C ASP C 328 -40.07 -9.95 -55.45
N SER C 329 -39.10 -9.91 -56.37
CA SER C 329 -37.70 -9.75 -56.00
C SER C 329 -37.33 -8.29 -55.72
N ARG C 330 -38.18 -7.34 -56.10
CA ARG C 330 -37.90 -5.93 -55.82
C ARG C 330 -38.29 -5.54 -54.40
N PHE C 331 -39.04 -6.39 -53.70
CA PHE C 331 -39.48 -6.08 -52.34
C PHE C 331 -38.32 -5.88 -51.37
N PRO C 332 -37.26 -6.70 -51.36
CA PRO C 332 -36.09 -6.35 -50.53
C PRO C 332 -35.50 -5.00 -50.89
N LYS C 333 -35.45 -4.66 -52.19
CA LYS C 333 -34.88 -3.40 -52.60
C LYS C 333 -35.69 -2.21 -52.06
N ILE C 334 -37.01 -2.30 -52.14
CA ILE C 334 -37.82 -1.17 -51.68
C ILE C 334 -37.92 -1.12 -50.16
N LEU C 335 -37.75 -2.25 -49.46
CA LEU C 335 -37.67 -2.14 -48.01
C LEU C 335 -36.34 -1.55 -47.58
N GLU C 336 -35.24 -1.93 -48.25
CA GLU C 336 -33.93 -1.36 -47.91
C GLU C 336 -33.89 0.13 -48.22
N ASN C 337 -34.46 0.54 -49.36
CA ASN C 337 -34.49 1.96 -49.71
C ASN C 337 -35.38 2.77 -48.78
N LEU C 338 -36.30 2.12 -48.07
CA LEU C 338 -37.21 2.78 -47.15
C LEU C 338 -36.68 2.81 -45.72
N ARG C 339 -35.44 2.37 -45.50
CA ARG C 339 -34.88 2.23 -44.16
C ARG C 339 -35.80 1.37 -43.29
N LEU C 340 -36.34 0.31 -43.90
CA LEU C 340 -37.35 -0.54 -43.28
C LEU C 340 -36.79 -1.96 -43.26
N GLN C 341 -36.99 -2.65 -42.14
CA GLN C 341 -36.42 -3.98 -41.91
C GLN C 341 -37.54 -5.01 -41.88
N LYS C 342 -37.38 -6.07 -42.69
CA LYS C 342 -38.34 -7.15 -42.79
C LYS C 342 -37.67 -8.47 -42.43
N ARG C 343 -38.35 -9.26 -41.61
CA ARG C 343 -37.86 -10.58 -41.22
C ARG C 343 -39.05 -11.53 -41.15
N GLY C 344 -38.82 -12.72 -40.59
CA GLY C 344 -39.88 -13.71 -40.52
C GLY C 344 -41.05 -13.22 -39.66
N THR C 345 -42.25 -13.59 -40.07
CA THR C 345 -43.47 -13.18 -39.37
C THR C 345 -43.61 -13.94 -38.06
N ASP C 358 -42.86 -9.88 -39.83
CA ASP C 358 -42.55 -8.72 -39.01
C ASP C 358 -41.93 -7.60 -39.84
N ILE C 359 -42.32 -6.37 -39.53
CA ILE C 359 -41.88 -5.18 -40.26
C ILE C 359 -41.36 -4.20 -39.23
N SER C 360 -40.04 -3.97 -39.23
CA SER C 360 -39.40 -3.16 -38.18
C SER C 360 -38.45 -2.18 -38.84
N ASN C 361 -37.65 -1.51 -38.01
CA ASN C 361 -36.73 -0.46 -38.41
C ASN C 361 -35.29 -0.96 -38.40
N LEU C 362 -34.36 -0.07 -38.75
CA LEU C 362 -32.94 -0.36 -38.75
C LEU C 362 -32.17 0.43 -37.70
N ASP C 363 -32.28 1.75 -37.72
CA ASP C 363 -31.41 2.62 -36.94
C ASP C 363 -31.99 2.88 -35.55
N ARG C 364 -31.09 3.15 -34.60
CA ARG C 364 -31.49 3.49 -33.24
C ARG C 364 -30.79 4.75 -32.76
N LEU C 365 -29.58 5.00 -33.26
CA LEU C 365 -28.81 6.17 -32.86
C LEU C 365 -28.90 7.28 -33.89
N GLY C 366 -29.01 8.52 -33.40
CA GLY C 366 -28.95 9.69 -34.24
C GLY C 366 -30.29 10.28 -34.61
N LYS C 367 -31.34 9.47 -34.54
CA LYS C 367 -32.69 9.87 -34.91
C LYS C 367 -33.66 9.44 -33.81
N SER C 368 -34.58 10.34 -33.46
CA SER C 368 -35.34 10.22 -32.23
C SER C 368 -36.45 9.17 -32.35
N GLU C 369 -37.06 8.87 -31.21
CA GLU C 369 -38.11 7.85 -31.15
C GLU C 369 -39.32 8.25 -31.99
N VAL C 370 -39.71 9.52 -31.94
CA VAL C 370 -40.85 9.98 -32.73
C VAL C 370 -40.56 9.82 -34.21
N GLU C 371 -39.34 10.19 -34.64
CA GLU C 371 -38.94 9.97 -36.02
C GLU C 371 -38.88 8.50 -36.37
N LEU C 372 -38.57 7.64 -35.39
CA LEU C 372 -38.54 6.20 -35.64
C LEU C 372 -39.92 5.69 -36.04
N VAL C 373 -40.95 6.01 -35.25
CA VAL C 373 -42.29 5.58 -35.59
C VAL C 373 -42.77 6.31 -36.84
N GLN C 374 -42.36 7.57 -37.01
CA GLN C 374 -42.73 8.31 -38.22
C GLN C 374 -42.20 7.62 -39.46
N LEU C 375 -40.97 7.11 -39.40
CA LEU C 375 -40.41 6.37 -40.53
C LEU C 375 -41.20 5.09 -40.78
N VAL C 376 -41.61 4.41 -39.71
CA VAL C 376 -42.31 3.13 -39.86
C VAL C 376 -43.71 3.35 -40.42
N ILE C 377 -44.44 4.33 -39.90
CA ILE C 377 -45.81 4.55 -40.35
C ILE C 377 -45.82 5.01 -41.81
N ASP C 378 -44.91 5.90 -42.19
CA ASP C 378 -44.81 6.30 -43.59
C ASP C 378 -44.25 5.19 -44.46
N GLY C 379 -43.30 4.41 -43.93
CA GLY C 379 -42.78 3.29 -44.70
C GLY C 379 -43.82 2.23 -44.97
N VAL C 380 -44.62 1.88 -43.96
CA VAL C 380 -45.72 0.95 -44.17
C VAL C 380 -46.80 1.57 -45.05
N ASN C 381 -47.01 2.88 -44.93
CA ASN C 381 -48.02 3.55 -45.74
C ASN C 381 -47.74 3.37 -47.23
N TYR C 382 -46.48 3.50 -47.64
CA TYR C 382 -46.11 3.23 -49.02
C TYR C 382 -46.22 1.76 -49.38
N LEU C 383 -46.39 0.88 -48.40
CA LEU C 383 -46.54 -0.56 -48.64
C LEU C 383 -48.00 -0.98 -48.72
N ILE C 384 -48.88 -0.35 -47.96
CA ILE C 384 -50.31 -0.70 -48.02
C ILE C 384 -50.87 -0.37 -49.40
N ASP C 385 -50.44 0.74 -49.99
CA ASP C 385 -50.96 1.14 -51.29
C ASP C 385 -50.62 0.11 -52.36
N CYS C 386 -49.41 -0.44 -52.33
CA CYS C 386 -49.03 -1.46 -53.29
C CYS C 386 -49.85 -2.74 -53.09
N GLU C 387 -50.34 -2.98 -51.88
CA GLU C 387 -51.17 -4.15 -51.58
C GLU C 387 -50.47 -5.47 -51.93
N SER D 31 -7.19 2.41 14.78
CA SER D 31 -8.22 3.06 13.98
C SER D 31 -7.71 4.36 13.36
N GLU D 32 -8.23 4.68 12.17
CA GLU D 32 -7.88 5.92 11.49
C GLU D 32 -8.83 7.05 11.83
N ARG D 33 -9.77 6.83 12.75
CA ARG D 33 -10.68 7.87 13.20
C ARG D 33 -10.12 8.68 14.36
N ARG D 34 -8.94 8.33 14.86
CA ARG D 34 -8.30 9.11 15.89
C ARG D 34 -7.82 10.44 15.32
N ARG D 35 -7.96 11.50 16.11
CA ARG D 35 -7.63 12.84 15.65
C ARG D 35 -6.18 13.19 15.98
N LEU D 36 -5.50 13.81 15.02
CA LEU D 36 -4.16 14.33 15.26
C LEU D 36 -4.22 15.64 16.02
N TYR D 37 -3.09 16.01 16.61
CA TYR D 37 -2.96 17.34 17.19
C TYR D 37 -3.07 18.37 16.08
N PRO D 38 -3.93 19.38 16.22
CA PRO D 38 -3.98 20.43 15.21
C PRO D 38 -2.66 21.15 15.11
N PRO D 39 -2.29 21.62 13.92
CA PRO D 39 -0.99 22.28 13.76
C PRO D 39 -0.80 23.48 14.68
N SER D 40 -1.87 24.20 15.00
CA SER D 40 -1.77 25.34 15.89
C SER D 40 -1.38 24.95 17.31
N ALA D 41 -1.62 23.69 17.70
CA ALA D 41 -1.20 23.23 19.01
C ALA D 41 0.32 23.11 19.11
N GLU D 42 1.02 22.96 17.98
CA GLU D 42 2.46 22.88 17.95
C GLU D 42 3.13 24.21 17.66
N TYR D 43 2.36 25.28 17.54
CA TYR D 43 2.92 26.58 17.18
C TYR D 43 3.84 27.08 18.29
N PRO D 44 5.06 27.52 17.96
CA PRO D 44 5.98 27.98 18.99
C PRO D 44 5.51 29.25 19.68
N ASP D 45 5.93 29.40 20.92
CA ASP D 45 5.63 30.59 21.71
C ASP D 45 6.70 31.64 21.42
N LEU D 46 6.36 32.61 20.56
CA LEU D 46 7.29 33.65 20.13
C LEU D 46 6.93 35.02 20.68
N ARG D 47 6.19 35.07 21.79
CA ARG D 47 5.78 36.35 22.36
C ARG D 47 6.95 37.15 22.93
N LYS D 48 8.11 36.52 23.11
CA LYS D 48 9.30 37.22 23.60
C LYS D 48 10.43 37.25 22.58
N HIS D 49 10.37 36.44 21.53
CA HIS D 49 11.43 36.39 20.54
C HIS D 49 11.43 37.65 19.68
N ASN D 50 12.61 38.00 19.17
CA ASN D 50 12.78 39.14 18.25
C ASN D 50 13.79 38.73 17.19
N ASN D 51 13.29 38.19 16.08
CA ASN D 51 14.14 37.81 14.96
C ASN D 51 13.24 37.68 13.73
N CYS D 52 13.87 37.36 12.59
CA CYS D 52 13.11 37.16 11.35
C CYS D 52 12.11 36.02 11.51
N MET D 53 12.47 34.99 12.28
CA MET D 53 11.53 33.90 12.57
C MET D 53 10.29 34.42 13.28
N ALA D 54 10.48 35.28 14.29
CA ALA D 54 9.33 35.76 15.05
C ALA D 54 8.41 36.62 14.19
N SER D 55 8.98 37.44 13.30
CA SER D 55 8.19 38.37 12.51
C SER D 55 7.67 37.77 11.21
N HIS D 56 8.17 36.61 10.79
CA HIS D 56 7.76 36.02 9.52
C HIS D 56 7.07 34.67 9.66
N LEU D 57 7.04 34.08 10.85
CA LEU D 57 6.33 32.83 11.07
C LEU D 57 4.95 33.16 11.62
N THR D 58 3.95 33.12 10.75
CA THR D 58 2.57 33.35 11.14
C THR D 58 1.84 32.03 11.28
N PRO D 59 0.73 32.01 12.03
CA PRO D 59 -0.01 30.73 12.18
C PRO D 59 -0.41 30.10 10.87
N ALA D 60 -0.78 30.91 9.87
CA ALA D 60 -1.14 30.34 8.57
C ALA D 60 0.05 29.64 7.92
N VAL D 61 1.21 30.29 7.94
CA VAL D 61 2.41 29.69 7.34
C VAL D 61 2.80 28.42 8.07
N TYR D 62 2.79 28.46 9.40
CA TYR D 62 3.16 27.28 10.18
C TYR D 62 2.21 26.13 9.92
N ALA D 63 0.90 26.42 9.86
CA ALA D 63 -0.08 25.37 9.60
C ALA D 63 0.07 24.81 8.18
N ARG D 64 0.42 25.67 7.23
CA ARG D 64 0.57 25.21 5.85
C ARG D 64 1.82 24.34 5.69
N LEU D 65 2.91 24.71 6.35
CA LEU D 65 4.18 24.02 6.18
C LEU D 65 4.43 22.90 7.18
N CYS D 66 3.49 22.67 8.10
CA CYS D 66 3.73 21.67 9.15
C CYS D 66 3.79 20.26 8.58
N ASP D 67 2.88 19.93 7.65
CA ASP D 67 2.81 18.56 7.14
C ASP D 67 3.92 18.26 6.13
N LYS D 68 4.45 19.28 5.45
CA LYS D 68 5.43 19.03 4.41
C LYS D 68 6.76 18.58 4.99
N THR D 69 7.51 17.84 4.19
CA THR D 69 8.83 17.35 4.59
C THR D 69 9.66 17.09 3.34
N THR D 70 10.98 17.19 3.51
CA THR D 70 11.91 16.89 2.43
C THR D 70 12.04 15.38 2.25
N PRO D 71 12.55 14.93 1.10
CA PRO D 71 12.71 13.48 0.89
C PRO D 71 13.58 12.82 1.95
N THR D 72 14.55 13.53 2.53
CA THR D 72 15.39 12.95 3.56
C THR D 72 14.77 13.02 4.95
N GLY D 73 13.58 13.61 5.09
CA GLY D 73 12.88 13.66 6.36
C GLY D 73 12.99 14.96 7.12
N TRP D 74 13.63 15.97 6.55
CA TRP D 74 13.73 17.26 7.22
C TRP D 74 12.36 17.93 7.29
N THR D 75 12.06 18.52 8.45
CA THR D 75 10.76 19.11 8.70
C THR D 75 10.92 20.58 9.12
N LEU D 76 9.78 21.27 9.19
CA LEU D 76 9.78 22.69 9.54
C LEU D 76 10.24 22.91 10.98
N ASP D 77 9.83 22.03 11.89
CA ASP D 77 10.21 22.18 13.29
C ASP D 77 11.72 22.08 13.45
N GLN D 78 12.35 21.16 12.72
CA GLN D 78 13.81 21.07 12.76
C GLN D 78 14.46 22.31 12.17
N CYS D 79 13.84 22.93 11.18
CA CYS D 79 14.34 24.18 10.63
C CYS D 79 14.31 25.30 11.66
N ILE D 80 13.20 25.41 12.41
CA ILE D 80 12.97 26.55 13.28
C ILE D 80 13.38 26.30 14.72
N GLN D 81 13.89 25.10 15.04
CA GLN D 81 14.30 24.81 16.41
C GLN D 81 15.43 25.71 16.88
N THR D 82 16.35 26.07 15.98
CA THR D 82 17.44 26.97 16.34
C THR D 82 16.89 28.33 16.80
N GLY D 83 15.96 28.89 16.04
CA GLY D 83 15.38 30.17 16.42
C GLY D 83 14.54 30.08 17.67
N VAL D 84 13.78 28.99 17.81
CA VAL D 84 12.92 28.86 18.98
C VAL D 84 13.74 28.70 20.26
N ASP D 85 14.79 27.88 20.22
CA ASP D 85 15.58 27.62 21.42
C ASP D 85 16.37 28.86 21.85
N ASN D 86 16.86 29.65 20.91
CA ASN D 86 17.64 30.84 21.22
C ASN D 86 16.87 32.09 20.82
N PRO D 87 16.16 32.73 21.76
CA PRO D 87 15.40 33.94 21.39
C PRO D 87 16.27 35.06 20.87
N GLY D 88 17.51 35.18 21.32
CA GLY D 88 18.38 36.24 20.88
C GLY D 88 18.05 37.57 21.54
N HIS D 89 18.63 38.62 20.98
CA HIS D 89 18.43 39.97 21.47
C HIS D 89 18.02 40.89 20.34
N PRO D 90 17.22 41.93 20.64
CA PRO D 90 16.78 42.90 19.64
C PRO D 90 17.95 43.67 19.02
N LYS D 93 20.45 40.80 15.24
CA LYS D 93 19.32 39.92 14.93
C LYS D 93 19.74 38.80 13.97
N THR D 94 19.92 37.61 14.52
CA THR D 94 20.32 36.46 13.73
C THR D 94 19.13 35.90 12.95
N VAL D 95 19.39 34.87 12.16
CA VAL D 95 18.35 34.27 11.34
C VAL D 95 17.56 33.25 12.14
N GLY D 96 18.26 32.30 12.77
CA GLY D 96 17.58 31.26 13.51
C GLY D 96 17.00 30.15 12.67
N MET D 97 17.42 30.02 11.41
CA MET D 97 16.95 28.96 10.55
C MET D 97 18.15 28.19 10.02
N VAL D 98 17.96 26.89 9.79
CA VAL D 98 18.94 26.05 9.11
C VAL D 98 18.21 25.14 8.14
N ALA D 99 18.94 24.67 7.14
CA ALA D 99 18.43 23.73 6.15
C ALA D 99 19.08 22.38 6.36
N GLY D 100 18.28 21.31 6.23
CA GLY D 100 18.79 19.97 6.41
C GLY D 100 19.35 19.35 5.15
N ASP D 101 18.95 19.89 4.00
CA ASP D 101 19.41 19.38 2.70
C ASP D 101 19.17 20.46 1.65
N GLU D 102 19.37 20.09 0.39
CA GLU D 102 19.16 21.03 -0.71
C GLU D 102 17.68 21.29 -0.95
N GLU D 103 16.85 20.24 -0.82
CA GLU D 103 15.43 20.37 -1.11
C GLU D 103 14.71 21.29 -0.12
N THR D 104 15.29 21.52 1.05
CA THR D 104 14.63 22.33 2.08
C THR D 104 14.23 23.70 1.53
N TYR D 105 15.19 24.40 0.92
CA TYR D 105 14.93 25.73 0.38
C TYR D 105 13.83 25.73 -0.66
N GLU D 106 13.55 24.58 -1.27
CA GLU D 106 12.42 24.46 -2.18
C GLU D 106 11.15 24.03 -1.45
N VAL D 107 11.27 23.10 -0.50
CA VAL D 107 10.09 22.61 0.19
C VAL D 107 9.53 23.67 1.13
N PHE D 108 10.40 24.35 1.88
CA PHE D 108 10.00 25.38 2.82
C PHE D 108 10.31 26.78 2.29
N ALA D 109 10.12 26.98 0.98
CA ALA D 109 10.41 28.28 0.39
C ALA D 109 9.51 29.37 0.95
N ASP D 110 8.27 29.04 1.30
CA ASP D 110 7.36 30.04 1.86
C ASP D 110 7.87 30.61 3.18
N LEU D 111 8.76 29.91 3.87
CA LEU D 111 9.35 30.37 5.11
C LEU D 111 10.69 31.07 4.90
N PHE D 112 11.57 30.48 4.08
CA PHE D 112 12.91 31.02 3.90
C PHE D 112 12.94 32.23 2.98
N ASP D 113 12.05 32.29 1.99
CA ASP D 113 12.10 33.36 1.01
C ASP D 113 11.96 34.76 1.62
N PRO D 114 10.97 35.04 2.48
CA PRO D 114 10.97 36.36 3.13
C PRO D 114 12.21 36.61 3.96
N VAL D 115 12.74 35.57 4.61
CA VAL D 115 13.95 35.73 5.41
C VAL D 115 15.15 36.01 4.51
N ILE D 116 15.25 35.29 3.40
CA ILE D 116 16.35 35.52 2.46
C ILE D 116 16.28 36.93 1.90
N GLN D 117 15.07 37.41 1.62
CA GLN D 117 14.91 38.74 1.05
C GLN D 117 15.22 39.83 2.07
N GLU D 118 14.72 39.70 3.30
CA GLU D 118 14.92 40.74 4.30
C GLU D 118 16.35 40.75 4.81
N ARG D 119 16.97 39.57 4.96
CA ARG D 119 18.34 39.51 5.45
C ARG D 119 19.31 40.13 4.45
N HIS D 120 19.08 39.92 3.15
CA HIS D 120 19.97 40.41 2.11
C HIS D 120 19.45 41.70 1.47
N ASN D 121 18.68 42.48 2.22
CA ASN D 121 18.24 43.84 1.87
C ASN D 121 17.82 43.97 0.41
N GLY D 122 16.79 43.21 0.04
CA GLY D 122 16.13 43.45 -1.23
C GLY D 122 16.09 42.30 -2.22
N TYR D 123 17.07 41.40 -2.16
CA TYR D 123 17.17 40.32 -3.13
C TYR D 123 15.97 39.38 -2.94
N ASP D 124 15.05 39.41 -3.89
CA ASP D 124 13.91 38.50 -3.86
C ASP D 124 14.29 37.22 -4.60
N PRO D 125 14.42 36.08 -3.92
CA PRO D 125 14.78 34.84 -4.63
C PRO D 125 13.77 34.42 -5.69
N ARG D 126 12.47 34.65 -5.45
CA ARG D 126 11.45 34.20 -6.38
C ARG D 126 11.57 34.90 -7.73
N THR D 127 11.86 36.20 -7.73
CA THR D 127 11.90 36.98 -8.96
C THR D 127 13.29 37.02 -9.57
N MET D 128 14.27 37.51 -8.82
CA MET D 128 15.61 37.71 -9.34
C MET D 128 16.42 36.42 -9.31
N LYS D 129 17.43 36.35 -10.17
CA LYS D 129 18.33 35.22 -10.27
C LYS D 129 19.73 35.65 -9.84
N HIS D 130 20.52 34.67 -9.40
CA HIS D 130 21.88 34.91 -8.93
C HIS D 130 22.88 34.45 -9.99
N THR D 131 23.85 35.30 -10.29
CA THR D 131 24.88 35.00 -11.27
C THR D 131 26.20 34.73 -10.55
N THR D 132 26.84 33.62 -10.90
CA THR D 132 28.10 33.22 -10.29
C THR D 132 29.25 33.54 -11.25
N ASP D 133 30.23 34.30 -10.76
CA ASP D 133 31.39 34.70 -11.57
C ASP D 133 32.63 34.62 -10.67
N LEU D 134 33.33 33.50 -10.75
CA LEU D 134 34.55 33.29 -9.99
C LEU D 134 35.81 33.60 -10.81
N ASP D 135 35.66 34.11 -12.02
CA ASP D 135 36.82 34.43 -12.86
C ASP D 135 37.47 35.70 -12.32
N ALA D 136 38.70 35.57 -11.81
CA ALA D 136 39.41 36.67 -11.18
C ALA D 136 40.23 37.48 -12.18
N SER D 137 40.18 37.16 -13.47
CA SER D 137 40.94 37.90 -14.46
C SER D 137 40.39 39.31 -14.68
N LYS D 138 39.17 39.59 -14.18
CA LYS D 138 38.52 40.87 -14.41
C LYS D 138 38.71 41.86 -13.26
N ILE D 139 39.50 41.51 -12.24
CA ILE D 139 39.70 42.42 -11.13
C ILE D 139 40.65 43.53 -11.55
N ARG D 140 40.35 44.75 -11.10
CA ARG D 140 41.15 45.93 -11.40
C ARG D 140 41.82 46.41 -10.12
N SER D 141 43.15 46.50 -10.15
CA SER D 141 43.94 46.98 -9.02
C SER D 141 43.69 46.17 -7.76
N GLY D 142 44.00 46.75 -6.61
CA GLY D 142 43.79 46.09 -5.33
C GLY D 142 45.07 45.69 -4.64
N TYR D 143 45.50 46.51 -3.68
CA TYR D 143 46.72 46.23 -2.92
C TYR D 143 46.70 47.13 -1.69
N PHE D 144 46.77 46.54 -0.51
CA PHE D 144 46.74 47.30 0.73
C PHE D 144 48.15 47.55 1.23
N ASP D 145 48.32 48.67 1.94
CA ASP D 145 49.61 49.01 2.50
C ASP D 145 50.05 47.95 3.50
N GLU D 146 51.35 47.59 3.43
CA GLU D 146 51.87 46.58 4.33
C GLU D 146 51.79 47.04 5.79
N ARG D 147 51.86 48.34 6.03
CA ARG D 147 51.67 48.86 7.39
C ARG D 147 50.25 48.62 7.87
N TYR D 148 49.29 48.50 6.96
CA TYR D 148 47.90 48.27 7.32
C TYR D 148 47.54 46.80 7.20
N LEU D 150 47.27 43.75 8.09
CA LEU D 150 48.11 42.70 8.65
C LEU D 150 48.02 41.42 7.82
N SER D 151 46.81 40.88 7.71
CA SER D 151 46.56 39.67 6.95
C SER D 151 45.32 39.85 6.08
N SER D 152 45.33 39.20 4.92
CA SER D 152 44.21 39.23 3.99
C SER D 152 43.62 37.83 3.87
N ARG D 153 42.29 37.75 3.92
CA ARG D 153 41.61 36.46 3.95
C ARG D 153 40.38 36.50 3.05
N VAL D 154 40.20 35.43 2.29
CA VAL D 154 39.00 35.22 1.48
C VAL D 154 38.43 33.85 1.83
N ARG D 155 37.12 33.80 2.08
CA ARG D 155 36.48 32.60 2.57
C ARG D 155 35.16 32.35 1.83
N THR D 156 34.91 31.10 1.49
CA THR D 156 33.60 30.67 1.00
C THR D 156 33.26 29.33 1.66
N GLY D 157 32.18 28.73 1.21
CA GLY D 157 31.80 27.42 1.68
C GLY D 157 31.00 26.71 0.62
N ARG D 158 31.16 25.38 0.55
CA ARG D 158 30.52 24.58 -0.47
C ARG D 158 29.89 23.35 0.16
N SER D 159 28.83 22.86 -0.47
CA SER D 159 28.16 21.64 -0.04
C SER D 159 28.13 20.66 -1.20
N ILE D 160 28.30 19.37 -0.90
CA ILE D 160 28.36 18.33 -1.91
C ILE D 160 26.94 17.84 -2.18
N ARG D 161 26.52 17.91 -3.44
CA ARG D 161 25.16 17.51 -3.81
C ARG D 161 24.97 16.01 -3.57
N GLY D 162 23.79 15.66 -3.05
CA GLY D 162 23.46 14.29 -2.75
C GLY D 162 23.67 13.87 -1.31
N LEU D 163 24.29 14.73 -0.50
CA LEU D 163 24.58 14.43 0.89
C LEU D 163 23.93 15.48 1.79
N SER D 164 23.35 15.03 2.90
CA SER D 164 22.63 15.91 3.79
C SER D 164 23.55 16.94 4.43
N LEU D 165 22.97 18.09 4.75
CA LEU D 165 23.72 19.18 5.37
C LEU D 165 24.04 18.84 6.82
N PRO D 166 25.00 19.53 7.42
CA PRO D 166 25.47 19.17 8.77
C PRO D 166 24.34 19.09 9.79
N PRO D 167 23.32 19.96 9.76
CA PRO D 167 22.22 19.81 10.72
C PRO D 167 21.51 18.48 10.63
N ALA D 168 21.42 17.88 9.44
CA ALA D 168 20.66 16.65 9.25
C ALA D 168 21.51 15.45 8.86
N CYS D 169 22.80 15.63 8.63
CA CYS D 169 23.63 14.54 8.13
C CYS D 169 23.83 13.46 9.21
N THR D 170 23.82 12.21 8.77
CA THR D 170 24.13 11.09 9.64
C THR D 170 25.65 10.91 9.72
N ARG D 171 26.08 9.92 10.50
CA ARG D 171 27.50 9.62 10.57
C ARG D 171 28.03 9.14 9.23
N ALA D 172 27.27 8.29 8.54
CA ALA D 172 27.70 7.77 7.24
C ALA D 172 27.81 8.88 6.21
N GLU D 173 26.84 9.80 6.19
CA GLU D 173 26.89 10.90 5.24
C GLU D 173 28.07 11.83 5.53
N ARG D 174 28.33 12.12 6.81
CA ARG D 174 29.46 12.96 7.16
C ARG D 174 30.78 12.30 6.76
N ARG D 175 30.91 11.00 7.00
CA ARG D 175 32.11 10.29 6.60
C ARG D 175 32.26 10.26 5.08
N GLU D 176 31.14 10.15 4.36
CA GLU D 176 31.18 10.20 2.90
C GLU D 176 31.67 11.55 2.41
N VAL D 177 31.18 12.63 3.04
CA VAL D 177 31.63 13.97 2.69
C VAL D 177 33.14 14.08 2.91
N GLU D 178 33.61 13.61 4.06
CA GLU D 178 35.03 13.69 4.37
C GLU D 178 35.86 12.90 3.36
N ARG D 179 35.41 11.70 3.01
N ARG D 179 35.41 11.69 3.02
CA ARG D 179 36.17 10.88 2.06
CA ARG D 179 36.14 10.87 2.06
C ARG D 179 36.20 11.52 0.68
C ARG D 179 36.20 11.53 0.69
N VAL D 180 35.08 12.07 0.22
CA VAL D 180 35.04 12.71 -1.08
C VAL D 180 36.00 13.91 -1.10
N VAL D 181 35.95 14.74 -0.06
CA VAL D 181 36.80 15.92 -0.02
C VAL D 181 38.27 15.52 0.04
N VAL D 182 38.60 14.51 0.84
CA VAL D 182 40.00 14.10 0.98
C VAL D 182 40.52 13.51 -0.32
N ASP D 183 39.74 12.64 -0.97
CA ASP D 183 40.18 12.06 -2.23
C ASP D 183 40.34 13.12 -3.30
N ALA D 184 39.45 14.11 -3.34
CA ALA D 184 39.59 15.20 -4.30
C ALA D 184 40.84 16.01 -4.02
N LEU D 185 41.05 16.41 -2.76
CA LEU D 185 42.19 17.26 -2.42
C LEU D 185 43.52 16.53 -2.55
N SER D 186 43.52 15.19 -2.54
CA SER D 186 44.75 14.45 -2.77
C SER D 186 45.34 14.73 -4.14
N GLY D 187 44.51 15.13 -5.11
CA GLY D 187 44.97 15.40 -6.45
C GLY D 187 45.56 16.78 -6.68
N LEU D 188 45.50 17.66 -5.68
CA LEU D 188 46.08 18.98 -5.82
C LEU D 188 47.59 18.89 -5.92
N LYS D 189 48.17 19.65 -6.83
CA LYS D 189 49.60 19.59 -7.12
C LYS D 189 50.19 20.99 -7.18
N GLY D 190 51.50 21.05 -7.01
CA GLY D 190 52.19 22.34 -7.08
C GLY D 190 52.09 23.08 -5.78
N ASP D 191 51.85 24.39 -5.87
CA ASP D 191 51.68 25.21 -4.67
C ASP D 191 50.49 24.74 -3.86
N LEU D 192 49.46 24.23 -4.54
CA LEU D 192 48.23 23.79 -3.89
C LEU D 192 48.37 22.45 -3.19
N ALA D 193 49.51 21.77 -3.29
CA ALA D 193 49.68 20.49 -2.62
C ALA D 193 49.66 20.66 -1.11
N GLY D 194 49.03 19.72 -0.42
CA GLY D 194 48.91 19.81 1.01
C GLY D 194 48.55 18.48 1.64
N ARG D 195 48.24 18.53 2.93
CA ARG D 195 47.94 17.34 3.72
C ARG D 195 46.66 17.55 4.52
N TYR D 196 45.96 16.46 4.78
CA TYR D 196 44.73 16.47 5.55
C TYR D 196 45.02 16.11 7.00
N TYR D 197 44.49 16.90 7.93
CA TYR D 197 44.73 16.71 9.36
C TYR D 197 43.39 16.45 10.04
N ARG D 198 43.21 15.22 10.53
CA ARG D 198 41.97 14.85 11.22
C ARG D 198 41.99 15.36 12.65
N LEU D 199 40.86 15.93 13.07
CA LEU D 199 40.76 16.47 14.43
C LEU D 199 40.91 15.37 15.48
N SER D 200 40.29 14.21 15.24
CA SER D 200 40.31 13.15 16.23
C SER D 200 41.70 12.61 16.49
N GLU D 201 42.61 12.74 15.51
CA GLU D 201 43.94 12.18 15.63
C GLU D 201 45.03 13.23 15.85
N MET D 202 44.66 14.47 16.17
CA MET D 202 45.62 15.50 16.50
C MET D 202 45.38 15.98 17.94
N THR D 203 46.46 16.44 18.57
CA THR D 203 46.40 16.84 19.97
C THR D 203 45.65 18.16 20.14
N GLU D 204 45.23 18.41 21.38
CA GLU D 204 44.50 19.63 21.68
C GLU D 204 45.41 20.85 21.74
N ALA D 205 46.69 20.66 22.08
CA ALA D 205 47.62 21.79 22.15
C ALA D 205 47.85 22.41 20.77
N GLU D 206 48.20 21.57 19.79
CA GLU D 206 48.36 22.07 18.43
C GLU D 206 47.03 22.58 17.89
N GLN D 207 45.93 21.96 18.30
CA GLN D 207 44.61 22.44 17.91
C GLN D 207 44.39 23.88 18.37
N GLN D 208 44.66 24.15 19.64
CA GLN D 208 44.49 25.50 20.17
C GLN D 208 45.47 26.48 19.54
N GLN D 209 46.69 26.02 19.27
CA GLN D 209 47.68 26.90 18.62
C GLN D 209 47.20 27.32 17.24
N LEU D 210 46.72 26.36 16.44
CA LEU D 210 46.20 26.69 15.12
C LEU D 210 44.92 27.52 15.20
N ILE D 211 44.12 27.32 16.25
CA ILE D 211 42.94 28.14 16.45
C ILE D 211 43.34 29.59 16.68
N ASP D 212 44.36 29.80 17.52
CA ASP D 212 44.87 31.15 17.77
C ASP D 212 45.43 31.76 16.49
N ASP D 213 46.16 30.96 15.71
CA ASP D 213 46.67 31.42 14.42
C ASP D 213 45.61 31.40 13.32
N HIS D 214 44.36 31.12 13.67
CA HIS D 214 43.27 30.98 12.70
C HIS D 214 43.61 29.93 11.63
N PHE D 215 44.28 28.87 12.05
CA PHE D 215 44.52 27.70 11.20
C PHE D 215 43.82 26.46 11.74
N LEU D 216 42.72 26.65 12.48
CA LEU D 216 41.85 25.57 12.90
C LEU D 216 40.54 26.17 13.38
N PHE D 217 39.51 25.32 13.41
CA PHE D 217 38.22 25.66 13.98
C PHE D 217 38.04 24.90 15.29
N ASP D 218 37.62 25.62 16.33
CA ASP D 218 37.47 25.00 17.65
C ASP D 218 36.18 24.22 17.72
N LYS D 219 36.06 23.42 18.79
CA LYS D 219 34.80 22.77 19.15
C LYS D 219 33.74 23.85 19.28
N PRO D 220 32.78 23.92 18.35
CA PRO D 220 31.83 25.04 18.38
C PRO D 220 30.82 24.88 19.53
N VAL D 221 30.99 25.68 20.57
CA VAL D 221 30.16 25.59 21.77
C VAL D 221 29.07 26.65 21.69
N SER D 222 28.94 27.29 20.53
CA SER D 222 27.92 28.30 20.35
C SER D 222 26.53 27.65 20.43
N PRO D 223 25.64 28.12 21.31
CA PRO D 223 24.31 27.52 21.40
C PRO D 223 23.47 27.67 20.14
N LEU D 224 23.82 28.62 19.27
CA LEU D 224 23.06 28.79 18.03
C LEU D 224 23.16 27.58 17.12
N LEU D 225 24.35 26.98 17.01
CA LEU D 225 24.53 25.80 16.17
C LEU D 225 24.39 24.49 16.94
N THR D 226 24.66 24.50 18.25
CA THR D 226 24.44 23.29 19.04
C THR D 226 22.97 22.89 19.06
N ALA D 227 22.08 23.87 19.19
CA ALA D 227 20.66 23.62 19.08
C ALA D 227 20.25 23.20 17.67
N ALA D 228 21.08 23.53 16.67
CA ALA D 228 20.81 23.13 15.30
C ALA D 228 21.21 21.68 15.02
N GLY D 229 21.91 21.03 15.95
CA GLY D 229 22.38 19.68 15.72
C GLY D 229 23.63 19.59 14.88
N MET D 230 24.45 20.63 14.85
CA MET D 230 25.67 20.67 14.05
C MET D 230 26.91 20.27 14.84
N ALA D 231 26.75 19.89 16.11
CA ALA D 231 27.87 19.44 16.92
C ALA D 231 27.77 17.96 17.26
N ARG D 232 26.88 17.22 16.60
CA ARG D 232 26.71 15.81 16.89
C ARG D 232 27.95 15.01 16.47
N ASP D 233 28.32 14.04 17.31
CA ASP D 233 29.41 13.11 17.02
C ASP D 233 30.75 13.81 16.88
N TRP D 234 30.91 14.97 17.49
CA TRP D 234 32.18 15.68 17.44
C TRP D 234 33.24 14.87 18.18
N PRO D 235 34.46 14.77 17.65
CA PRO D 235 34.95 15.31 16.38
C PRO D 235 35.04 14.27 15.27
N ASP D 236 34.08 13.35 15.17
CA ASP D 236 34.13 12.31 14.15
C ASP D 236 33.89 12.94 12.78
N ALA D 237 34.75 12.59 11.82
CA ALA D 237 34.68 13.04 10.43
C ALA D 237 34.88 14.54 10.26
N ARG D 238 35.41 15.22 11.27
CA ARG D 238 35.80 16.62 11.16
C ARG D 238 37.31 16.71 11.09
N GLY D 239 37.81 17.44 10.10
CA GLY D 239 39.25 17.61 9.93
C GLY D 239 39.52 18.89 9.16
N ILE D 240 40.80 19.17 8.98
CA ILE D 240 41.25 20.36 8.27
C ILE D 240 42.30 19.97 7.25
N TRP D 241 42.22 20.55 6.06
CA TRP D 241 43.19 20.35 5.00
C TRP D 241 43.84 21.69 4.68
N HIS D 242 45.17 21.73 4.70
CA HIS D 242 45.90 22.95 4.39
C HIS D 242 47.14 22.61 3.57
N ASN D 243 47.53 23.54 2.72
CA ASN D 243 48.73 23.37 1.92
C ASN D 243 49.98 23.59 2.77
N ASN D 244 51.13 23.25 2.19
CA ASN D 244 52.40 23.34 2.93
C ASN D 244 52.70 24.78 3.32
N GLU D 245 52.43 25.73 2.44
CA GLU D 245 52.69 27.14 2.72
C GLU D 245 51.70 27.75 3.70
N LYS D 246 50.70 26.98 4.15
CA LYS D 246 49.69 27.44 5.11
C LYS D 246 48.89 28.62 4.55
N SER D 247 48.70 28.65 3.23
CA SER D 247 47.96 29.73 2.58
C SER D 247 46.61 29.30 2.04
N PHE D 248 46.43 28.02 1.73
CA PHE D 248 45.15 27.50 1.25
C PHE D 248 44.59 26.57 2.33
N LEU D 249 43.52 27.00 2.98
CA LEU D 249 42.92 26.29 4.11
C LEU D 249 41.53 25.81 3.73
N ILE D 250 41.21 24.58 4.13
CA ILE D 250 39.88 24.01 3.93
C ILE D 250 39.43 23.35 5.22
N TRP D 251 38.24 23.72 5.69
CA TRP D 251 37.66 23.17 6.91
C TRP D 251 36.52 22.24 6.52
N VAL D 252 36.57 21.00 7.02
CA VAL D 252 35.65 19.95 6.60
C VAL D 252 34.66 19.68 7.73
N ASN D 253 33.36 19.76 7.41
CA ASN D 253 32.26 19.32 8.26
C ASN D 253 32.16 20.12 9.56
N GLU D 254 32.67 21.36 9.60
CA GLU D 254 32.50 22.17 10.79
C GLU D 254 31.16 22.88 10.82
N GLU D 255 30.94 23.77 9.86
CA GLU D 255 29.69 24.51 9.70
C GLU D 255 28.97 24.17 8.41
N ASP D 256 29.72 23.90 7.35
CA ASP D 256 29.19 23.38 6.10
C ASP D 256 29.99 22.13 5.75
N HIS D 257 29.73 21.57 4.57
CA HIS D 257 30.53 20.44 4.12
C HIS D 257 31.99 20.84 3.93
N THR D 258 32.23 22.02 3.35
CA THR D 258 33.57 22.55 3.17
C THR D 258 33.57 24.04 3.47
N ARG D 259 34.75 24.55 3.80
CA ARG D 259 34.95 25.97 4.03
C ARG D 259 36.33 26.33 3.49
N VAL D 260 36.37 26.81 2.25
CA VAL D 260 37.62 27.13 1.57
C VAL D 260 38.12 28.48 2.05
N ILE D 261 39.37 28.52 2.52
CA ILE D 261 39.98 29.74 3.02
C ILE D 261 41.30 29.95 2.31
N SER D 262 41.50 31.14 1.76
CA SER D 262 42.78 31.57 1.22
C SER D 262 43.31 32.70 2.10
N MET D 263 44.49 32.52 2.66
CA MET D 263 45.04 33.46 3.64
C MET D 263 46.48 33.79 3.31
N GLU D 264 46.86 35.02 3.63
CA GLU D 264 48.24 35.48 3.47
C GLU D 264 48.45 36.66 4.39
N LYS D 265 49.71 36.91 4.73
CA LYS D 265 50.09 38.01 5.61
C LYS D 265 50.49 39.21 4.76
N GLY D 266 49.90 40.37 5.06
CA GLY D 266 50.14 41.57 4.31
C GLY D 266 48.84 42.15 3.77
N GLY D 267 48.96 42.85 2.64
CA GLY D 267 47.80 43.46 2.01
C GLY D 267 47.70 43.15 0.53
N ASN D 268 48.34 42.06 0.12
CA ASN D 268 48.33 41.66 -1.29
C ASN D 268 47.10 40.79 -1.57
N MET D 269 45.94 41.45 -1.54
CA MET D 269 44.68 40.75 -1.79
C MET D 269 44.60 40.21 -3.21
N LYS D 270 45.35 40.77 -4.14
CA LYS D 270 45.39 40.26 -5.50
C LYS D 270 45.85 38.80 -5.52
N ARG D 271 46.99 38.52 -4.89
CA ARG D 271 47.51 37.16 -4.86
C ARG D 271 46.57 36.23 -4.10
N VAL D 272 46.01 36.70 -2.99
CA VAL D 272 45.11 35.87 -2.19
C VAL D 272 43.90 35.47 -3.01
N PHE D 273 43.30 36.44 -3.73
CA PHE D 273 42.11 36.14 -4.51
C PHE D 273 42.44 35.26 -5.71
N GLU D 274 43.61 35.47 -6.33
CA GLU D 274 44.00 34.63 -7.45
C GLU D 274 44.17 33.17 -7.00
N ARG D 275 44.89 32.97 -5.88
CA ARG D 275 45.05 31.62 -5.35
C ARG D 275 43.71 31.03 -4.97
N PHE D 276 42.84 31.83 -4.37
CA PHE D 276 41.51 31.37 -3.99
C PHE D 276 40.74 30.86 -5.20
N CYS D 277 40.72 31.65 -6.27
CA CYS D 277 39.94 31.28 -7.46
C CYS D 277 40.51 30.04 -8.13
N ARG D 278 41.83 29.97 -8.30
CA ARG D 278 42.42 28.80 -8.94
C ARG D 278 42.22 27.55 -8.09
N GLY D 279 42.33 27.69 -6.77
CA GLY D 279 42.09 26.55 -5.91
C GLY D 279 40.65 26.07 -5.96
N LEU D 280 39.69 26.99 -5.97
CA LEU D 280 38.30 26.60 -6.08
C LEU D 280 38.02 25.89 -7.41
N LYS D 281 38.58 26.42 -8.50
CA LYS D 281 38.41 25.77 -9.80
C LYS D 281 39.00 24.36 -9.80
N GLU D 282 40.20 24.21 -9.25
CA GLU D 282 40.84 22.90 -9.20
C GLU D 282 40.02 21.92 -8.35
N VAL D 283 39.54 22.38 -7.20
CA VAL D 283 38.76 21.51 -6.32
C VAL D 283 37.47 21.08 -7.01
N GLU D 284 36.78 22.01 -7.67
CA GLU D 284 35.55 21.66 -8.36
C GLU D 284 35.82 20.66 -9.48
N ARG D 285 36.89 20.86 -10.25
CA ARG D 285 37.22 19.92 -11.30
C ARG D 285 37.52 18.53 -10.74
N LEU D 286 38.26 18.48 -9.63
CA LEU D 286 38.65 17.20 -9.07
C LEU D 286 37.46 16.46 -8.46
N ILE D 287 36.52 17.18 -7.83
CA ILE D 287 35.34 16.51 -7.32
C ILE D 287 34.44 16.05 -8.47
N GLN D 288 34.39 16.83 -9.55
CA GLN D 288 33.57 16.42 -10.69
C GLN D 288 34.18 15.27 -11.46
N GLU D 289 35.49 15.07 -11.36
CA GLU D 289 36.12 13.92 -11.97
C GLU D 289 35.57 12.62 -11.40
N ARG D 290 35.33 12.58 -10.10
CA ARG D 290 34.82 11.39 -9.43
C ARG D 290 33.29 11.29 -9.44
N GLY D 291 32.60 12.30 -9.98
CA GLY D 291 31.17 12.25 -10.11
C GLY D 291 30.36 13.06 -9.13
N TRP D 292 31.00 13.90 -8.32
CA TRP D 292 30.30 14.72 -7.35
C TRP D 292 30.20 16.17 -7.82
N GLU D 293 29.14 16.85 -7.38
CA GLU D 293 28.92 18.24 -7.75
C GLU D 293 28.61 19.05 -6.49
N PHE D 294 28.96 20.33 -6.55
CA PHE D 294 28.52 21.27 -5.52
C PHE D 294 27.04 21.58 -5.70
N MET D 295 26.34 21.75 -4.58
CA MET D 295 24.96 22.20 -4.64
C MET D 295 24.91 23.62 -5.19
N TRP D 296 24.08 23.85 -6.20
CA TRP D 296 23.98 25.15 -6.83
C TRP D 296 22.74 25.25 -7.70
N ASN D 297 21.97 26.33 -7.54
CA ASN D 297 20.85 26.63 -8.41
C ASN D 297 20.90 28.11 -8.78
N GLU D 298 20.26 28.43 -9.91
CA GLU D 298 20.32 29.80 -10.43
C GLU D 298 19.66 30.79 -9.48
N ARG D 299 18.56 30.39 -8.84
CA ARG D 299 17.80 31.33 -8.02
C ARG D 299 18.55 31.71 -6.75
N LEU D 300 19.17 30.73 -6.08
CA LEU D 300 19.80 30.97 -4.78
C LEU D 300 21.32 30.94 -4.82
N GLY D 301 21.93 30.39 -5.87
CA GLY D 301 23.37 30.25 -5.88
C GLY D 301 23.83 28.98 -5.17
N TYR D 302 24.98 29.10 -4.51
CA TYR D 302 25.51 27.96 -3.77
C TYR D 302 24.71 27.75 -2.50
N ILE D 303 24.30 26.51 -2.25
CA ILE D 303 23.41 26.17 -1.16
C ILE D 303 24.23 25.88 0.09
N LEU D 304 23.91 26.57 1.18
CA LEU D 304 24.57 26.38 2.47
C LEU D 304 23.51 26.26 3.56
N THR D 305 23.95 25.88 4.76
CA THR D 305 23.01 25.62 5.85
C THR D 305 22.35 26.91 6.33
N CYS D 306 23.13 27.94 6.58
CA CYS D 306 22.58 29.20 7.07
C CYS D 306 22.06 30.02 5.90
N PRO D 307 20.79 30.46 5.92
CA PRO D 307 20.27 31.27 4.82
C PRO D 307 21.01 32.58 4.61
N SER D 308 21.67 33.11 5.64
CA SER D 308 22.45 34.32 5.48
C SER D 308 23.73 34.10 4.68
N ASN D 309 24.12 32.85 4.44
CA ASN D 309 25.33 32.53 3.70
C ASN D 309 25.03 32.13 2.25
N LEU D 310 23.78 32.26 1.81
CA LEU D 310 23.41 31.85 0.47
C LEU D 310 24.03 32.78 -0.58
N GLY D 311 23.98 32.33 -1.83
CA GLY D 311 24.54 33.10 -2.92
C GLY D 311 25.96 32.69 -3.27
N THR D 312 26.92 33.50 -2.85
CA THR D 312 28.33 33.17 -3.01
C THR D 312 28.97 32.66 -1.73
N GLY D 313 28.44 33.03 -0.58
CA GLY D 313 29.04 32.65 0.68
C GLY D 313 30.40 33.24 0.91
N LEU D 314 30.76 34.30 0.18
CA LEU D 314 32.11 34.85 0.24
C LEU D 314 32.22 35.87 1.36
N ARG D 315 33.39 35.90 1.98
CA ARG D 315 33.70 36.90 3.01
C ARG D 315 35.18 37.25 2.86
N ALA D 316 35.45 38.34 2.15
CA ALA D 316 36.82 38.83 1.99
C ALA D 316 37.12 39.79 3.13
N GLY D 317 38.02 39.39 4.02
CA GLY D 317 38.29 40.14 5.23
C GLY D 317 39.76 40.41 5.42
N VAL D 318 40.06 41.47 6.19
CA VAL D 318 41.42 41.83 6.55
C VAL D 318 41.46 42.09 8.05
N HIS D 319 42.67 42.08 8.60
CA HIS D 319 42.91 42.40 10.01
C HIS D 319 43.66 43.72 10.08
N ILE D 320 43.04 44.71 10.71
CA ILE D 320 43.65 46.03 10.84
C ILE D 320 43.38 46.60 12.23
N PRO D 323 45.06 53.48 14.91
CA PRO D 323 43.63 53.37 15.19
C PRO D 323 42.97 54.73 15.38
N LEU D 324 43.28 55.69 14.49
CA LEU D 324 42.69 57.02 14.59
C LEU D 324 41.19 57.00 14.30
N LEU D 325 40.72 56.04 13.51
CA LEU D 325 39.29 55.91 13.19
C LEU D 325 38.60 54.89 14.07
N SER D 326 39.04 54.72 15.31
CA SER D 326 38.42 53.82 16.27
C SER D 326 37.64 54.55 17.34
N LYS D 327 38.19 55.63 17.89
CA LYS D 327 37.48 56.41 18.90
C LYS D 327 36.38 57.28 18.29
N ASP D 328 36.53 57.66 17.02
CA ASP D 328 35.55 58.54 16.38
C ASP D 328 34.21 57.83 16.24
N SER D 329 33.13 58.59 16.49
CA SER D 329 31.79 58.05 16.40
C SER D 329 31.25 58.00 14.98
N ARG D 330 31.91 58.67 14.03
CA ARG D 330 31.48 58.62 12.64
C ARG D 330 31.96 57.38 11.91
N PHE D 331 32.90 56.64 12.50
CA PHE D 331 33.44 55.42 11.86
C PHE D 331 32.37 54.36 11.63
N PRO D 332 31.46 54.06 12.57
CA PRO D 332 30.34 53.16 12.22
C PRO D 332 29.51 53.67 11.08
N LYS D 333 29.27 54.98 11.02
CA LYS D 333 28.45 55.54 9.95
C LYS D 333 29.11 55.35 8.59
N ILE D 334 30.41 55.63 8.48
CA ILE D 334 31.06 55.51 7.19
C ILE D 334 31.23 54.04 6.80
N LEU D 335 31.48 53.14 7.76
CA LEU D 335 31.55 51.73 7.38
C LEU D 335 30.19 51.21 6.92
N GLU D 336 29.11 51.65 7.57
CA GLU D 336 27.78 51.26 7.12
C GLU D 336 27.47 51.82 5.73
N ASN D 337 27.85 53.08 5.49
CA ASN D 337 27.62 53.67 4.17
C ASN D 337 28.50 53.06 3.10
N LEU D 338 29.61 52.43 3.49
CA LEU D 338 30.53 51.79 2.55
C LEU D 338 30.19 50.33 2.28
N ARG D 339 29.06 49.85 2.81
CA ARG D 339 28.69 48.44 2.71
C ARG D 339 29.80 47.55 3.28
N LEU D 340 30.37 47.98 4.40
CA LEU D 340 31.54 47.36 4.99
C LEU D 340 31.21 46.96 6.41
N GLN D 341 31.61 45.75 6.81
CA GLN D 341 31.27 45.19 8.11
C GLN D 341 32.54 45.13 8.97
N LYS D 342 32.47 45.75 10.15
CA LYS D 342 33.60 45.80 11.07
C LYS D 342 33.20 45.19 12.40
N ARG D 343 34.06 44.31 12.92
CA ARG D 343 33.81 43.62 14.17
C ARG D 343 35.12 43.53 14.95
N GLY D 344 35.13 42.72 16.00
CA GLY D 344 36.32 42.61 16.81
C GLY D 344 37.49 42.05 16.02
N THR D 345 38.69 42.56 16.31
CA THR D 345 39.89 42.13 15.62
C THR D 345 40.32 40.74 16.06
N ASP D 358 38.83 43.06 12.52
CA ASP D 358 38.38 42.36 11.31
C ASP D 358 37.48 43.26 10.47
N ILE D 359 37.83 43.42 9.20
CA ILE D 359 37.12 44.28 8.27
C ILE D 359 36.59 43.41 7.15
N SER D 360 35.27 43.33 7.04
CA SER D 360 34.64 42.37 6.11
C SER D 360 33.46 43.05 5.42
N ASN D 361 32.67 42.24 4.73
CA ASN D 361 31.55 42.69 3.90
C ASN D 361 30.23 42.34 4.57
N LEU D 362 29.13 42.71 3.90
CA LEU D 362 27.77 42.42 4.36
C LEU D 362 27.05 41.42 3.49
N ASP D 363 26.97 41.67 2.19
CA ASP D 363 26.08 40.93 1.31
C ASP D 363 26.80 39.76 0.66
N ARG D 364 26.01 38.74 0.27
CA ARG D 364 26.54 37.58 -0.41
C ARG D 364 25.71 37.23 -1.64
N LEU D 365 24.45 37.65 -1.66
CA LEU D 365 23.54 37.38 -2.76
C LEU D 365 23.41 38.58 -3.68
N GLY D 366 23.19 38.31 -4.97
CA GLY D 366 22.95 39.32 -5.98
C GLY D 366 24.19 39.87 -6.66
N LYS D 367 25.26 40.05 -5.89
CA LYS D 367 26.50 40.61 -6.40
C LYS D 367 27.62 39.58 -6.31
N SER D 368 28.43 39.49 -7.37
CA SER D 368 29.34 38.38 -7.60
C SER D 368 30.57 38.47 -6.70
N GLU D 369 31.36 37.39 -6.72
CA GLU D 369 32.54 37.30 -5.87
C GLU D 369 33.57 38.36 -6.24
N VAL D 370 33.77 38.60 -7.54
CA VAL D 370 34.70 39.64 -7.96
C VAL D 370 34.24 41.01 -7.46
N GLU D 371 32.93 41.28 -7.57
CA GLU D 371 32.39 42.52 -7.04
C GLU D 371 32.53 42.59 -5.53
N LEU D 372 32.47 41.44 -4.85
CA LEU D 372 32.65 41.43 -3.39
C LEU D 372 34.03 41.94 -3.00
N VAL D 373 35.08 41.38 -3.59
CA VAL D 373 36.43 41.82 -3.27
C VAL D 373 36.65 43.25 -3.77
N GLN D 374 36.06 43.60 -4.91
CA GLN D 374 36.17 44.95 -5.42
C GLN D 374 35.60 45.96 -4.42
N LEU D 375 34.47 45.63 -3.80
CA LEU D 375 33.90 46.50 -2.78
C LEU D 375 34.83 46.61 -1.58
N VAL D 376 35.46 45.49 -1.18
CA VAL D 376 36.30 45.50 0.00
C VAL D 376 37.59 46.30 -0.25
N ILE D 377 38.22 46.08 -1.41
CA ILE D 377 39.48 46.77 -1.68
C ILE D 377 39.26 48.27 -1.81
N ASP D 378 38.19 48.67 -2.51
CA ASP D 378 37.87 50.09 -2.59
C ASP D 378 37.39 50.64 -1.25
N GLY D 379 36.64 49.85 -0.49
CA GLY D 379 36.20 50.28 0.82
C GLY D 379 37.36 50.51 1.78
N VAL D 380 38.32 49.58 1.80
CA VAL D 380 39.50 49.76 2.63
C VAL D 380 40.37 50.88 2.07
N ASN D 381 40.40 51.06 0.75
CA ASN D 381 41.20 52.12 0.15
C ASN D 381 40.77 53.49 0.67
N TYR D 382 39.46 53.73 0.79
CA TYR D 382 38.97 54.96 1.39
C TYR D 382 39.25 55.03 2.89
N LEU D 383 39.66 53.93 3.51
CA LEU D 383 39.98 53.91 4.92
C LEU D 383 41.47 54.10 5.20
N ILE D 384 42.34 53.66 4.30
CA ILE D 384 43.78 53.86 4.50
C ILE D 384 44.12 55.34 4.42
N ASP D 385 43.47 56.07 3.50
CA ASP D 385 43.76 57.50 3.34
C ASP D 385 43.46 58.27 4.62
N CYS D 386 42.34 57.95 5.28
CA CYS D 386 42.01 58.63 6.53
C CYS D 386 43.01 58.31 7.63
N GLU D 387 43.70 57.17 7.53
CA GLU D 387 44.72 56.77 8.51
C GLU D 387 44.17 56.71 9.93
N SER E 31 -4.36 -4.44 -15.47
CA SER E 31 -5.23 -5.36 -14.74
C SER E 31 -4.41 -6.42 -14.02
N GLU E 32 -4.95 -6.91 -12.90
CA GLU E 32 -4.31 -7.97 -12.13
C GLU E 32 -4.80 -9.35 -12.56
N ARG E 33 -5.63 -9.44 -13.58
CA ARG E 33 -6.10 -10.71 -14.11
C ARG E 33 -5.18 -11.26 -15.19
N ARG E 34 -4.14 -10.54 -15.58
CA ARG E 34 -3.16 -11.05 -16.52
C ARG E 34 -2.34 -12.16 -15.87
N ARG E 35 -2.06 -13.20 -16.64
CA ARG E 35 -1.36 -14.37 -16.14
C ARG E 35 0.15 -14.21 -16.31
N LEU E 36 0.89 -14.60 -15.28
CA LEU E 36 2.34 -14.64 -15.35
C LEU E 36 2.80 -15.89 -16.10
N TYR E 37 4.03 -15.86 -16.56
CA TYR E 37 4.65 -17.07 -17.10
C TYR E 37 4.77 -18.10 -15.99
N PRO E 38 4.31 -19.33 -16.20
CA PRO E 38 4.50 -20.35 -15.18
C PRO E 38 5.97 -20.60 -14.96
N PRO E 39 6.37 -20.95 -13.73
CA PRO E 39 7.81 -21.15 -13.45
C PRO E 39 8.45 -22.20 -14.33
N SER E 40 7.71 -23.24 -14.70
CA SER E 40 8.26 -24.29 -15.56
C SER E 40 8.61 -23.77 -16.95
N ALA E 41 8.03 -22.65 -17.37
CA ALA E 41 8.42 -22.04 -18.63
C ALA E 41 9.82 -21.43 -18.56
N GLU E 42 10.28 -21.09 -17.36
CA GLU E 42 11.62 -20.54 -17.17
C GLU E 42 12.65 -21.58 -16.79
N TYR E 43 12.27 -22.86 -16.75
CA TYR E 43 13.19 -23.90 -16.32
C TYR E 43 14.33 -24.04 -17.31
N PRO E 44 15.58 -24.07 -16.85
CA PRO E 44 16.70 -24.17 -17.78
C PRO E 44 16.75 -25.52 -18.49
N ASP E 45 17.32 -25.51 -19.69
CA ASP E 45 17.51 -26.73 -20.48
C ASP E 45 18.83 -27.36 -20.05
N LEU E 46 18.74 -28.41 -19.23
CA LEU E 46 19.90 -29.09 -18.68
C LEU E 46 20.08 -30.49 -19.24
N ARG E 47 19.52 -30.77 -20.43
CA ARG E 47 19.61 -32.10 -21.01
C ARG E 47 21.02 -32.46 -21.45
N LYS E 48 21.93 -31.50 -21.51
CA LYS E 48 23.32 -31.76 -21.86
C LYS E 48 24.30 -31.44 -20.74
N HIS E 49 23.87 -30.74 -19.70
CA HIS E 49 24.74 -30.37 -18.60
C HIS E 49 25.06 -31.59 -17.73
N ASN E 50 26.22 -31.53 -17.06
CA ASN E 50 26.63 -32.57 -16.11
C ASN E 50 27.36 -31.86 -14.96
N ASN E 51 26.62 -31.54 -13.90
CA ASN E 51 27.17 -30.94 -12.70
C ASN E 51 26.18 -31.13 -11.57
N CYS E 52 26.57 -30.68 -10.37
CA CYS E 52 25.67 -30.78 -9.22
C CYS E 52 24.38 -29.99 -9.46
N MET E 53 24.49 -28.87 -10.16
CA MET E 53 23.30 -28.10 -10.52
C MET E 53 22.36 -28.91 -11.39
N ALA E 54 22.88 -29.62 -12.39
CA ALA E 54 22.02 -30.39 -13.28
C ALA E 54 21.32 -31.52 -12.54
N SER E 55 22.03 -32.18 -11.61
CA SER E 55 21.48 -33.34 -10.93
C SER E 55 20.66 -32.98 -9.69
N HIS E 56 20.73 -31.74 -9.21
CA HIS E 56 20.02 -31.35 -7.99
C HIS E 56 18.96 -30.30 -8.23
N LEU E 57 18.84 -29.77 -9.44
CA LEU E 57 17.79 -28.80 -9.77
C LEU E 57 16.67 -29.56 -10.46
N THR E 58 15.61 -29.83 -9.71
CA THR E 58 14.43 -30.49 -10.23
C THR E 58 13.32 -29.48 -10.48
N PRO E 59 12.35 -29.81 -11.34
CA PRO E 59 11.26 -28.85 -11.58
C PRO E 59 10.54 -28.40 -10.33
N ALA E 60 10.35 -29.31 -9.36
CA ALA E 60 9.69 -28.92 -8.11
C ALA E 60 10.51 -27.89 -7.36
N VAL E 61 11.82 -28.11 -7.24
CA VAL E 61 12.68 -27.17 -6.53
C VAL E 61 12.73 -25.83 -7.24
N TYR E 62 12.87 -25.85 -8.57
CA TYR E 62 12.91 -24.60 -9.32
C TYR E 62 11.62 -23.83 -9.19
N ALA E 63 10.48 -24.52 -9.26
CA ALA E 63 9.19 -23.84 -9.11
C ALA E 63 9.00 -23.30 -7.71
N ARG E 64 9.50 -24.01 -6.69
CA ARG E 64 9.35 -23.55 -5.32
C ARG E 64 10.23 -22.33 -5.05
N LEU E 65 11.44 -22.31 -5.59
CA LEU E 65 12.40 -21.26 -5.29
C LEU E 65 12.37 -20.10 -6.29
N CYS E 66 11.51 -20.16 -7.31
CA CYS E 66 11.51 -19.13 -8.33
C CYS E 66 11.05 -17.78 -7.79
N ASP E 67 10.00 -17.78 -6.97
CA ASP E 67 9.44 -16.52 -6.49
C ASP E 67 10.28 -15.89 -5.38
N LYS E 68 11.03 -16.69 -4.63
CA LYS E 68 11.76 -16.16 -3.50
C LYS E 68 12.93 -15.29 -3.94
N THR E 69 13.30 -14.35 -3.07
CA THR E 69 14.43 -13.46 -3.34
C THR E 69 14.99 -12.96 -2.03
N THR E 70 16.28 -12.62 -2.05
CA THR E 70 16.94 -12.06 -0.90
C THR E 70 16.56 -10.60 -0.71
N PRO E 71 16.77 -10.02 0.47
CA PRO E 71 16.43 -8.60 0.66
C PRO E 71 17.14 -7.67 -0.31
N THR E 72 18.34 -8.02 -0.77
CA THR E 72 19.05 -7.18 -1.73
C THR E 72 18.63 -7.43 -3.17
N GLY E 73 17.73 -8.37 -3.42
CA GLY E 73 17.21 -8.62 -4.75
C GLY E 73 17.82 -9.79 -5.47
N TRP E 74 18.69 -10.56 -4.83
CA TRP E 74 19.28 -11.74 -5.46
C TRP E 74 18.22 -12.81 -5.67
N THR E 75 18.25 -13.45 -6.83
CA THR E 75 17.24 -14.43 -7.21
C THR E 75 17.91 -15.76 -7.58
N LEU E 76 17.08 -16.79 -7.75
CA LEU E 76 17.57 -18.12 -8.09
C LEU E 76 18.23 -18.14 -9.45
N ASP E 77 17.65 -17.43 -10.43
CA ASP E 77 18.20 -17.43 -11.78
C ASP E 77 19.61 -16.83 -11.78
N GLN E 78 19.83 -15.77 -11.00
CA GLN E 78 21.17 -15.21 -10.90
C GLN E 78 22.13 -16.18 -10.22
N CYS E 79 21.63 -16.99 -9.28
CA CYS E 79 22.46 -18.02 -8.67
C CYS E 79 22.90 -19.07 -9.69
N ILE E 80 21.97 -19.52 -10.54
CA ILE E 80 22.22 -20.66 -11.40
C ILE E 80 22.67 -20.26 -12.80
N GLN E 81 22.79 -18.96 -13.09
CA GLN E 81 23.22 -18.53 -14.42
C GLN E 81 24.63 -19.01 -14.74
N THR E 82 25.51 -19.05 -13.74
CA THR E 82 26.87 -19.54 -13.97
C THR E 82 26.86 -20.98 -14.47
N GLY E 83 26.10 -21.84 -13.79
CA GLY E 83 26.03 -23.23 -14.21
C GLY E 83 25.33 -23.41 -15.55
N VAL E 84 24.28 -22.63 -15.78
CA VAL E 84 23.53 -22.77 -17.03
C VAL E 84 24.38 -22.32 -18.22
N ASP E 85 25.09 -21.20 -18.09
CA ASP E 85 25.86 -20.68 -19.20
C ASP E 85 27.06 -21.58 -19.54
N ASN E 86 27.66 -22.19 -18.52
CA ASN E 86 28.82 -23.05 -18.73
C ASN E 86 28.45 -24.49 -18.40
N PRO E 87 28.10 -25.32 -19.39
CA PRO E 87 27.75 -26.71 -19.09
C PRO E 87 28.87 -27.50 -18.44
N GLY E 88 30.12 -27.20 -18.77
CA GLY E 88 31.24 -27.93 -18.21
C GLY E 88 31.43 -29.28 -18.87
N HIS E 89 32.24 -30.11 -18.23
CA HIS E 89 32.55 -31.43 -18.72
C HIS E 89 32.34 -32.46 -17.61
N PRO E 90 31.96 -33.69 -17.97
CA PRO E 90 31.75 -34.77 -17.00
C PRO E 90 33.03 -35.13 -16.24
N LYS E 93 34.06 -31.66 -12.26
CA LYS E 93 32.69 -31.20 -12.09
C LYS E 93 32.61 -30.02 -11.13
N THR E 94 32.46 -28.83 -11.69
CA THR E 94 32.37 -27.62 -10.88
C THR E 94 30.97 -27.49 -10.26
N VAL E 95 30.80 -26.45 -9.44
CA VAL E 95 29.52 -26.23 -8.79
C VAL E 95 28.56 -25.49 -9.72
N GLY E 96 29.01 -24.38 -10.29
CA GLY E 96 28.16 -23.60 -11.17
C GLY E 96 27.14 -22.74 -10.46
N MET E 97 27.32 -22.48 -9.17
CA MET E 97 26.41 -21.64 -8.41
C MET E 97 27.21 -20.62 -7.61
N VAL E 98 26.62 -19.44 -7.42
CA VAL E 98 27.23 -18.38 -6.61
C VAL E 98 26.14 -17.76 -5.74
N ALA E 99 26.57 -17.09 -4.69
CA ALA E 99 25.68 -16.37 -3.78
C ALA E 99 25.87 -14.87 -3.95
N GLY E 100 24.78 -14.14 -3.93
CA GLY E 100 24.84 -12.70 -4.08
C GLY E 100 25.02 -11.95 -2.78
N ASP E 101 24.70 -12.60 -1.66
CA ASP E 101 24.84 -11.98 -0.34
C ASP E 101 24.85 -13.09 0.70
N GLU E 102 24.79 -12.70 1.97
CA GLU E 102 24.78 -13.67 3.05
C GLU E 102 23.45 -14.40 3.14
N GLU E 103 22.34 -13.69 2.91
CA GLU E 103 21.02 -14.27 3.05
C GLU E 103 20.74 -15.35 2.01
N THR E 104 21.49 -15.37 0.91
CA THR E 104 21.23 -16.33 -0.15
C THR E 104 21.25 -17.75 0.37
N TYR E 105 22.32 -18.12 1.09
CA TYR E 105 22.45 -19.47 1.61
C TYR E 105 21.29 -19.84 2.54
N GLU E 106 20.60 -18.85 3.10
CA GLU E 106 19.41 -19.13 3.88
C GLU E 106 18.15 -19.13 3.01
N VAL E 107 18.07 -18.19 2.07
CA VAL E 107 16.87 -18.09 1.25
C VAL E 107 16.78 -19.26 0.28
N PHE E 108 17.90 -19.60 -0.37
CA PHE E 108 17.95 -20.70 -1.33
C PHE E 108 18.64 -21.92 -0.74
N ALA E 109 18.39 -22.20 0.54
CA ALA E 109 19.02 -23.34 1.20
C ALA E 109 18.60 -24.66 0.55
N ASP E 110 17.37 -24.74 0.05
CA ASP E 110 16.90 -25.97 -0.58
C ASP E 110 17.70 -26.32 -1.82
N LEU E 111 18.38 -25.35 -2.42
CA LEU E 111 19.22 -25.59 -3.59
C LEU E 111 20.68 -25.82 -3.23
N PHE E 112 21.22 -24.99 -2.33
CA PHE E 112 22.64 -25.06 -2.00
C PHE E 112 22.95 -26.22 -1.07
N ASP E 113 22.04 -26.57 -0.16
CA ASP E 113 22.34 -27.59 0.85
C ASP E 113 22.72 -28.94 0.25
N PRO E 114 21.96 -29.51 -0.70
CA PRO E 114 22.45 -30.75 -1.32
C PRO E 114 23.79 -30.58 -2.03
N VAL E 115 24.01 -29.42 -2.65
CA VAL E 115 25.29 -29.18 -3.32
C VAL E 115 26.41 -29.06 -2.30
N ILE E 116 26.16 -28.35 -1.19
CA ILE E 116 27.18 -28.22 -0.14
C ILE E 116 27.51 -29.59 0.44
N GLN E 117 26.50 -30.45 0.61
CA GLN E 117 26.74 -31.75 1.20
C GLN E 117 27.48 -32.67 0.23
N GLU E 118 27.09 -32.70 -1.04
CA GLU E 118 27.72 -33.60 -2.00
C GLU E 118 29.13 -33.14 -2.34
N ARG E 119 29.33 -31.83 -2.46
CA ARG E 119 30.65 -31.31 -2.80
C ARG E 119 31.67 -31.61 -1.70
N HIS E 120 31.25 -31.50 -0.44
CA HIS E 120 32.13 -31.69 0.70
C HIS E 120 32.00 -33.09 1.31
N ASN E 121 31.61 -34.06 0.50
CA ASN E 121 31.59 -35.50 0.82
C ASN E 121 31.08 -35.77 2.24
N GLY E 122 29.83 -35.40 2.48
CA GLY E 122 29.15 -35.85 3.67
C GLY E 122 28.64 -34.79 4.63
N TYR E 123 29.27 -33.62 4.64
CA TYR E 123 28.89 -32.58 5.59
C TYR E 123 27.50 -32.08 5.27
N ASP E 124 26.53 -32.42 6.12
CA ASP E 124 25.16 -31.94 5.96
C ASP E 124 25.04 -30.62 6.72
N PRO E 125 24.86 -29.48 6.04
CA PRO E 125 24.73 -28.22 6.76
C PRO E 125 23.53 -28.17 7.70
N ARG E 126 22.42 -28.81 7.33
CA ARG E 126 21.20 -28.72 8.15
C ARG E 126 21.41 -29.35 9.52
N THR E 127 22.08 -30.49 9.58
CA THR E 127 22.26 -31.22 10.84
C THR E 127 23.55 -30.85 11.55
N MET E 128 24.67 -30.90 10.84
CA MET E 128 25.98 -30.70 11.45
C MET E 128 26.31 -29.21 11.53
N LYS E 129 27.14 -28.87 12.53
CA LYS E 129 27.62 -27.51 12.73
C LYS E 129 29.11 -27.44 12.47
N HIS E 130 29.59 -26.26 12.09
CA HIS E 130 30.99 -26.03 11.78
C HIS E 130 31.66 -25.29 12.91
N THR E 131 32.81 -25.78 13.34
CA THR E 131 33.59 -25.18 14.42
C THR E 131 34.81 -24.49 13.84
N THR E 132 35.02 -23.24 14.22
CA THR E 132 36.14 -22.44 13.74
C THR E 132 37.22 -22.38 14.82
N ASP E 133 38.44 -22.78 14.44
CA ASP E 133 39.57 -22.79 15.38
C ASP E 133 40.80 -22.30 14.61
N LEU E 134 41.09 -21.00 14.73
CA LEU E 134 42.25 -20.40 14.10
C LEU E 134 43.46 -20.32 15.04
N ASP E 135 43.35 -20.86 16.25
CA ASP E 135 44.46 -20.80 17.19
C ASP E 135 45.54 -21.78 16.76
N ALA E 136 46.70 -21.25 16.39
CA ALA E 136 47.81 -22.05 15.88
C ALA E 136 48.74 -22.55 16.97
N SER E 137 48.42 -22.27 18.24
CA SER E 137 49.27 -22.74 19.33
C SER E 137 49.19 -24.25 19.52
N LYS E 138 48.22 -24.91 18.90
CA LYS E 138 48.00 -26.35 19.08
C LYS E 138 48.61 -27.20 17.97
N ILE E 139 49.35 -26.59 17.05
CA ILE E 139 49.95 -27.36 15.97
C ILE E 139 51.15 -28.13 16.50
N ARG E 140 51.29 -29.38 16.05
CA ARG E 140 52.39 -30.25 16.45
C ARG E 140 53.31 -30.45 15.26
N SER E 141 54.58 -30.11 15.43
CA SER E 141 55.61 -30.28 14.41
C SER E 141 55.24 -29.57 13.11
N GLY E 142 55.85 -30.00 12.00
CA GLY E 142 55.57 -29.44 10.71
C GLY E 142 56.72 -28.63 10.14
N TYR E 143 57.49 -29.24 9.25
CA TYR E 143 58.62 -28.58 8.61
C TYR E 143 59.03 -29.41 7.41
N PHE E 144 59.03 -28.82 6.22
CA PHE E 144 59.37 -29.53 5.01
C PHE E 144 60.84 -29.30 4.66
N ASP E 145 61.43 -30.29 4.00
CA ASP E 145 62.82 -30.18 3.58
C ASP E 145 63.00 -29.02 2.62
N GLU E 146 64.08 -28.27 2.80
CA GLU E 146 64.35 -27.12 1.94
C GLU E 146 64.56 -27.56 0.49
N ARG E 147 65.09 -28.76 0.29
CA ARG E 147 65.21 -29.30 -1.06
C ARG E 147 63.85 -29.52 -1.70
N TYR E 148 62.82 -29.74 -0.90
CA TYR E 148 61.48 -29.97 -1.41
C TYR E 148 60.65 -28.68 -1.36
N LEU E 150 59.53 -25.87 -2.33
CA LEU E 150 60.02 -24.59 -2.83
C LEU E 150 59.44 -23.43 -2.03
N SER E 151 58.11 -23.30 -2.07
CA SER E 151 57.40 -22.24 -1.37
C SER E 151 56.21 -22.82 -0.63
N SER E 152 55.88 -22.23 0.52
CA SER E 152 54.74 -22.64 1.31
C SER E 152 53.71 -21.51 1.36
N ARG E 153 52.44 -21.86 1.16
CA ARG E 153 51.39 -20.87 1.03
C ARG E 153 50.15 -21.32 1.80
N VAL E 154 49.55 -20.38 2.53
CA VAL E 154 48.27 -20.58 3.20
C VAL E 154 47.33 -19.47 2.76
N ARG E 155 46.11 -19.84 2.37
CA ARG E 155 45.16 -18.90 1.81
C ARG E 155 43.77 -19.11 2.39
N THR E 156 43.09 -18.02 2.69
CA THR E 156 41.67 -18.04 3.03
C THR E 156 40.99 -16.89 2.32
N GLY E 157 39.72 -16.68 2.65
CA GLY E 157 38.98 -15.55 2.11
C GLY E 157 37.89 -15.16 3.08
N ARG E 158 37.61 -13.85 3.13
CA ARG E 158 36.63 -13.33 4.06
C ARG E 158 35.71 -12.35 3.35
N SER E 159 34.49 -12.24 3.86
CA SER E 159 33.50 -11.30 3.35
C SER E 159 33.04 -10.40 4.48
N ILE E 160 32.81 -9.12 4.17
CA ILE E 160 32.42 -8.15 5.17
C ILE E 160 30.90 -8.15 5.28
N ARG E 161 30.40 -8.37 6.49
CA ARG E 161 28.95 -8.43 6.71
C ARG E 161 28.31 -7.08 6.42
N GLY E 162 27.14 -7.13 5.78
CA GLY E 162 26.40 -5.93 5.42
C GLY E 162 26.63 -5.45 4.00
N LEU E 163 27.57 -6.04 3.27
CA LEU E 163 27.89 -5.63 1.91
C LEU E 163 27.71 -6.82 0.98
N SER E 164 27.14 -6.56 -0.20
CA SER E 164 26.84 -7.62 -1.14
C SER E 164 28.11 -8.28 -1.66
N LEU E 165 27.98 -9.56 -2.03
CA LEU E 165 29.10 -10.32 -2.54
C LEU E 165 29.43 -9.87 -3.96
N PRO E 166 30.63 -10.20 -4.44
CA PRO E 166 31.09 -9.69 -5.75
C PRO E 166 30.11 -9.96 -6.88
N PRO E 167 29.44 -11.13 -6.94
CA PRO E 167 28.45 -11.32 -8.02
C PRO E 167 27.33 -10.30 -8.02
N ALA E 168 26.93 -9.77 -6.86
CA ALA E 168 25.80 -8.87 -6.77
C ALA E 168 26.16 -7.46 -6.31
N CYS E 169 27.42 -7.21 -5.95
CA CYS E 169 27.79 -5.92 -5.40
C CYS E 169 27.72 -4.82 -6.45
N THR E 170 27.27 -3.65 -6.04
CA THR E 170 27.29 -2.47 -6.90
C THR E 170 28.66 -1.81 -6.82
N ARG E 171 28.83 -0.72 -7.57
CA ARG E 171 30.08 0.03 -7.49
C ARG E 171 30.28 0.63 -6.11
N ALA E 172 29.22 1.18 -5.52
CA ALA E 172 29.33 1.79 -4.20
C ALA E 172 29.68 0.75 -3.14
N GLU E 173 29.06 -0.43 -3.20
CA GLU E 173 29.38 -1.49 -2.24
C GLU E 173 30.81 -1.96 -2.38
N ARG E 174 31.28 -2.13 -3.61
CA ARG E 174 32.66 -2.55 -3.84
C ARG E 174 33.64 -1.52 -3.31
N ARG E 175 33.36 -0.23 -3.57
CA ARG E 175 34.22 0.83 -3.05
C ARG E 175 34.18 0.87 -1.53
N GLU E 176 33.01 0.62 -0.92
CA GLU E 176 32.93 0.55 0.54
C GLU E 176 33.78 -0.58 1.08
N VAL E 177 33.72 -1.75 0.44
CA VAL E 177 34.55 -2.88 0.85
C VAL E 177 36.02 -2.49 0.81
N GLU E 178 36.43 -1.87 -0.30
CA GLU E 178 37.83 -1.48 -0.45
C GLU E 178 38.24 -0.47 0.62
N ARG E 179 37.38 0.51 0.90
N ARG E 179 37.38 0.50 0.90
CA ARG E 179 37.72 1.52 1.91
CA ARG E 179 37.70 1.51 1.91
C ARG E 179 37.84 0.88 3.29
C ARG E 179 37.84 0.88 3.29
N VAL E 180 36.92 -0.01 3.65
CA VAL E 180 36.97 -0.66 4.95
C VAL E 180 38.26 -1.47 5.07
N VAL E 181 38.59 -2.24 4.05
CA VAL E 181 39.78 -3.09 4.11
C VAL E 181 41.05 -2.23 4.20
N VAL E 182 41.11 -1.16 3.41
CA VAL E 182 42.31 -0.32 3.41
C VAL E 182 42.47 0.39 4.76
N ASP E 183 41.38 0.95 5.30
CA ASP E 183 41.47 1.62 6.59
C ASP E 183 41.86 0.65 7.69
N ALA E 184 41.33 -0.57 7.65
CA ALA E 184 41.72 -1.57 8.65
C ALA E 184 43.20 -1.93 8.52
N LEU E 185 43.65 -2.21 7.30
CA LEU E 185 45.03 -2.64 7.09
C LEU E 185 46.03 -1.52 7.33
N SER E 186 45.59 -0.25 7.32
CA SER E 186 46.50 0.83 7.65
C SER E 186 46.98 0.75 9.09
N GLY E 187 46.23 0.09 9.97
CA GLY E 187 46.62 -0.03 11.36
C GLY E 187 47.58 -1.16 11.67
N LEU E 188 47.92 -1.99 10.69
CA LEU E 188 48.88 -3.06 10.91
C LEU E 188 50.27 -2.47 11.16
N LYS E 189 50.97 -3.04 12.14
CA LYS E 189 52.25 -2.51 12.58
C LYS E 189 53.25 -3.64 12.72
N GLY E 190 54.53 -3.27 12.69
CA GLY E 190 55.58 -4.26 12.86
C GLY E 190 55.87 -4.98 11.56
N ASP E 191 56.06 -6.30 11.66
CA ASP E 191 56.29 -7.11 10.47
C ASP E 191 55.09 -7.04 9.52
N LEU E 192 53.89 -6.89 10.08
CA LEU E 192 52.67 -6.86 9.30
C LEU E 192 52.42 -5.54 8.59
N ALA E 193 53.28 -4.53 8.80
CA ALA E 193 53.09 -3.25 8.12
C ALA E 193 53.29 -3.40 6.63
N GLY E 194 52.46 -2.70 5.86
CA GLY E 194 52.51 -2.80 4.42
C GLY E 194 51.81 -1.65 3.74
N ARG E 195 51.67 -1.78 2.42
CA ARG E 195 51.09 -0.74 1.59
C ARG E 195 50.03 -1.34 0.67
N TYR E 196 49.05 -0.52 0.31
CA TYR E 196 47.97 -0.94 -0.59
C TYR E 196 48.28 -0.46 -2.01
N TYR E 197 48.14 -1.36 -2.97
CA TYR E 197 48.46 -1.09 -4.37
C TYR E 197 47.20 -1.27 -5.20
N ARG E 198 46.66 -0.16 -5.69
CA ARG E 198 45.46 -0.19 -6.51
C ARG E 198 45.78 -0.64 -7.93
N LEU E 199 44.95 -1.54 -8.47
CA LEU E 199 45.18 -2.05 -9.81
C LEU E 199 45.07 -0.95 -10.86
N SER E 200 44.09 -0.06 -10.72
CA SER E 200 43.87 0.97 -11.73
C SER E 200 45.03 1.94 -11.83
N GLU E 201 45.81 2.09 -10.77
CA GLU E 201 46.91 3.05 -10.75
C GLU E 201 48.28 2.41 -10.86
N MET E 202 48.36 1.11 -11.18
CA MET E 202 49.64 0.46 -11.40
C MET E 202 49.72 -0.06 -12.84
N THR E 203 50.94 -0.14 -13.35
CA THR E 203 51.17 -0.52 -14.73
C THR E 203 50.91 -2.00 -14.95
N GLU E 204 50.72 -2.36 -16.23
CA GLU E 204 50.47 -3.74 -16.58
C GLU E 204 51.72 -4.61 -16.53
N ALA E 205 52.90 -4.01 -16.73
CA ALA E 205 54.14 -4.78 -16.70
C ALA E 205 54.42 -5.30 -15.29
N GLU E 206 54.39 -4.41 -14.30
CA GLU E 206 54.55 -4.85 -12.91
C GLU E 206 53.42 -5.77 -12.50
N GLN E 207 52.21 -5.54 -13.04
CA GLN E 207 51.10 -6.44 -12.77
C GLN E 207 51.40 -7.85 -13.22
N GLN E 208 51.88 -8.00 -14.46
CA GLN E 208 52.20 -9.34 -14.98
C GLN E 208 53.38 -9.94 -14.24
N GLN E 209 54.36 -9.13 -13.85
CA GLN E 209 55.50 -9.63 -13.08
C GLN E 209 55.04 -10.21 -11.75
N LEU E 210 54.19 -9.48 -11.03
CA LEU E 210 53.67 -9.98 -9.76
C LEU E 210 52.76 -11.18 -9.96
N ILE E 211 52.04 -11.22 -11.08
CA ILE E 211 51.22 -12.39 -11.40
C ILE E 211 52.10 -13.63 -11.55
N ASP E 212 53.21 -13.48 -12.28
CA ASP E 212 54.14 -14.58 -12.44
C ASP E 212 54.75 -14.99 -11.11
N ASP E 213 55.09 -14.02 -10.26
CA ASP E 213 55.58 -14.30 -8.92
C ASP E 213 54.47 -14.64 -7.94
N HIS E 214 53.23 -14.77 -8.42
CA HIS E 214 52.07 -15.01 -7.57
C HIS E 214 51.93 -13.93 -6.49
N PHE E 215 52.27 -12.70 -6.86
CA PHE E 215 52.02 -11.54 -6.01
C PHE E 215 51.01 -10.59 -6.65
N LEU E 216 50.13 -11.11 -7.49
CA LEU E 216 48.99 -10.35 -8.02
C LEU E 216 48.00 -11.34 -8.61
N PHE E 217 46.77 -10.88 -8.77
CA PHE E 217 45.72 -11.62 -9.45
C PHE E 217 45.43 -10.96 -10.78
N ASP E 218 45.36 -11.75 -11.84
CA ASP E 218 45.14 -11.21 -13.18
C ASP E 218 43.67 -10.91 -13.40
N LYS E 219 43.40 -10.17 -14.48
CA LYS E 219 42.04 -9.95 -14.96
C LYS E 219 41.39 -11.31 -15.19
N PRO E 220 40.37 -11.68 -14.40
CA PRO E 220 39.78 -13.00 -14.57
C PRO E 220 38.98 -13.12 -15.86
N VAL E 221 39.55 -13.83 -16.83
CA VAL E 221 38.93 -14.00 -18.13
C VAL E 221 38.25 -15.36 -18.19
N SER E 222 38.26 -16.07 -17.07
CA SER E 222 37.63 -17.37 -17.02
C SER E 222 36.11 -17.20 -17.15
N PRO E 223 35.47 -17.90 -18.08
CA PRO E 223 34.03 -17.72 -18.28
C PRO E 223 33.20 -18.16 -17.08
N LEU E 224 33.75 -18.98 -16.19
CA LEU E 224 32.99 -19.43 -15.03
C LEU E 224 32.65 -18.28 -14.10
N LEU E 225 33.51 -17.27 -14.01
CA LEU E 225 33.25 -16.13 -13.16
C LEU E 225 32.82 -14.88 -13.92
N THR E 226 33.15 -14.79 -15.22
CA THR E 226 32.61 -13.70 -16.03
C THR E 226 31.10 -13.81 -16.16
N ALA E 227 30.60 -15.03 -16.38
CA ALA E 227 29.16 -15.25 -16.43
C ALA E 227 28.50 -15.04 -15.07
N ALA E 228 29.27 -15.12 -13.99
CA ALA E 228 28.74 -14.86 -12.66
C ALA E 228 28.58 -13.37 -12.36
N GLY E 229 29.09 -12.50 -13.23
CA GLY E 229 29.04 -11.08 -12.98
C GLY E 229 30.09 -10.58 -12.01
N MET E 230 31.21 -11.29 -11.86
CA MET E 230 32.26 -10.91 -10.93
C MET E 230 33.39 -10.13 -11.58
N ALA E 231 33.26 -9.79 -12.87
CA ALA E 231 34.25 -8.99 -13.56
C ALA E 231 33.71 -7.62 -13.96
N ARG E 232 32.57 -7.22 -13.40
CA ARG E 232 31.98 -5.94 -13.75
C ARG E 232 32.85 -4.80 -13.24
N ASP E 233 32.95 -3.74 -14.06
CA ASP E 233 33.63 -2.50 -13.70
C ASP E 233 35.11 -2.71 -13.41
N TRP E 234 35.71 -3.76 -13.95
CA TRP E 234 37.12 -4.02 -13.72
C TRP E 234 37.96 -2.91 -14.36
N PRO E 235 39.01 -2.44 -13.68
CA PRO E 235 39.47 -2.83 -12.35
C PRO E 235 39.09 -1.83 -11.25
N ASP E 236 37.85 -1.35 -11.22
CA ASP E 236 37.46 -0.39 -10.19
C ASP E 236 37.37 -1.07 -8.83
N ALA E 237 37.97 -0.43 -7.82
CA ALA E 237 37.94 -0.88 -6.43
C ALA E 237 38.58 -2.25 -6.24
N ARG E 238 39.43 -2.67 -7.18
CA ARG E 238 40.23 -3.88 -7.03
C ARG E 238 41.68 -3.49 -6.82
N GLY E 239 42.29 -4.04 -5.77
CA GLY E 239 43.68 -3.75 -5.49
C GLY E 239 44.28 -4.87 -4.68
N ILE E 240 45.56 -4.71 -4.35
CA ILE E 240 46.29 -5.70 -3.58
C ILE E 240 47.05 -5.00 -2.46
N TRP E 241 47.02 -5.60 -1.28
CA TRP E 241 47.76 -5.10 -0.12
C TRP E 241 48.76 -6.17 0.29
N HIS E 242 50.03 -5.78 0.39
CA HIS E 242 51.08 -6.70 0.80
C HIS E 242 52.05 -5.98 1.73
N ASN E 243 52.63 -6.75 2.65
CA ASN E 243 53.62 -6.21 3.57
C ASN E 243 54.95 -5.99 2.85
N ASN E 244 55.86 -5.31 3.54
CA ASN E 244 57.15 -4.97 2.94
C ASN E 244 57.96 -6.23 2.61
N GLU E 245 57.91 -7.23 3.48
CA GLU E 245 58.63 -8.48 3.25
C GLU E 245 58.01 -9.35 2.18
N LYS E 246 56.86 -8.95 1.61
CA LYS E 246 56.17 -9.70 0.57
C LYS E 246 55.74 -11.08 1.06
N SER E 247 55.43 -11.19 2.36
CA SER E 247 55.02 -12.45 2.95
C SER E 247 53.56 -12.50 3.33
N PHE E 248 52.94 -11.36 3.60
CA PHE E 248 51.51 -11.29 3.94
C PHE E 248 50.81 -10.57 2.79
N LEU E 249 50.00 -11.32 2.05
CA LEU E 249 49.33 -10.82 0.84
C LEU E 249 47.83 -10.83 1.06
N ILE E 250 47.16 -9.77 0.60
CA ILE E 250 45.71 -9.66 0.66
C ILE E 250 45.20 -9.15 -0.68
N TRP E 251 44.26 -9.88 -1.27
CA TRP E 251 43.65 -9.53 -2.54
C TRP E 251 42.24 -9.03 -2.30
N VAL E 252 41.93 -7.84 -2.82
CA VAL E 252 40.68 -7.15 -2.52
C VAL E 252 39.79 -7.20 -3.74
N ASN E 253 38.56 -7.70 -3.55
CA ASN E 253 37.47 -7.63 -4.53
C ASN E 253 37.76 -8.40 -5.82
N GLU E 254 38.66 -9.39 -5.78
CA GLU E 254 38.89 -10.20 -6.98
C GLU E 254 37.85 -11.30 -7.12
N GLU E 255 37.84 -12.24 -6.17
CA GLU E 255 36.89 -13.35 -6.12
C GLU E 255 35.97 -13.28 -4.93
N ASP E 256 36.48 -12.81 -3.79
CA ASP E 256 35.68 -12.51 -2.62
C ASP E 256 36.00 -11.07 -2.21
N HIS E 257 35.44 -10.64 -1.08
CA HIS E 257 35.78 -9.32 -0.57
C HIS E 257 37.26 -9.23 -0.23
N THR E 258 37.81 -10.28 0.39
CA THR E 258 39.22 -10.33 0.73
C THR E 258 39.73 -11.74 0.46
N ARG E 259 41.05 -11.84 0.25
CA ARG E 259 41.72 -13.12 0.07
C ARG E 259 43.08 -13.01 0.77
N VAL E 260 43.13 -13.48 2.01
CA VAL E 260 44.35 -13.38 2.81
C VAL E 260 45.31 -14.49 2.42
N ILE E 261 46.54 -14.12 2.09
CA ILE E 261 47.57 -15.06 1.67
C ILE E 261 48.81 -14.84 2.51
N SER E 262 49.32 -15.91 3.10
CA SER E 262 50.61 -15.91 3.78
C SER E 262 51.57 -16.79 2.98
N MET E 263 52.68 -16.22 2.54
CA MET E 263 53.60 -16.91 1.65
C MET E 263 55.03 -16.77 2.14
N GLU E 264 55.82 -17.80 1.88
CA GLU E 264 57.24 -17.80 2.18
C GLU E 264 57.93 -18.84 1.32
N LYS E 265 59.23 -18.65 1.12
CA LYS E 265 60.02 -19.56 0.31
C LYS E 265 60.70 -20.58 1.21
N GLY E 266 60.55 -21.86 0.88
CA GLY E 266 61.07 -22.94 1.69
C GLY E 266 59.99 -23.91 2.12
N GLY E 267 60.23 -24.59 3.22
CA GLY E 267 59.27 -25.53 3.76
C GLY E 267 58.93 -25.28 5.21
N ASN E 268 59.12 -24.05 5.66
CA ASN E 268 58.84 -23.67 7.05
C ASN E 268 57.37 -23.26 7.18
N MET E 269 56.50 -24.26 7.03
CA MET E 269 55.06 -24.01 7.13
C MET E 269 54.66 -23.57 8.53
N LYS E 270 55.46 -23.88 9.55
CA LYS E 270 55.18 -23.40 10.90
C LYS E 270 55.14 -21.87 10.95
N ARG E 271 56.18 -21.22 10.43
CA ARG E 271 56.24 -19.77 10.43
C ARG E 271 55.14 -19.18 9.56
N VAL E 272 54.88 -19.79 8.40
CA VAL E 272 53.84 -19.28 7.50
C VAL E 272 52.49 -19.31 8.19
N PHE E 273 52.17 -20.42 8.84
CA PHE E 273 50.87 -20.54 9.50
C PHE E 273 50.77 -19.62 10.71
N GLU E 274 51.86 -19.46 11.46
CA GLU E 274 51.85 -18.54 12.59
C GLU E 274 51.58 -17.11 12.14
N ARG E 275 52.31 -16.67 11.10
CA ARG E 275 52.08 -15.33 10.56
C ARG E 275 50.67 -15.19 10.03
N PHE E 276 50.16 -16.23 9.35
CA PHE E 276 48.80 -16.21 8.83
C PHE E 276 47.79 -16.01 9.94
N CYS E 277 47.92 -16.78 11.03
CA CYS E 277 46.95 -16.71 12.12
C CYS E 277 47.01 -15.36 12.83
N ARG E 278 48.21 -14.87 13.13
CA ARG E 278 48.31 -13.59 13.81
C ARG E 278 47.81 -12.46 12.92
N GLY E 279 48.09 -12.52 11.62
CA GLY E 279 47.58 -11.50 10.71
C GLY E 279 46.07 -11.52 10.61
N LEU E 280 45.47 -12.71 10.54
CA LEU E 280 44.01 -12.79 10.50
C LEU E 280 43.39 -12.24 11.78
N LYS E 281 43.98 -12.57 12.93
CA LYS E 281 43.47 -12.04 14.19
C LYS E 281 43.56 -10.52 14.23
N GLU E 282 44.70 -9.97 13.81
CA GLU E 282 44.88 -8.52 13.80
C GLU E 282 43.88 -7.85 12.86
N VAL E 283 43.68 -8.43 11.66
CA VAL E 283 42.77 -7.84 10.70
C VAL E 283 41.34 -7.87 11.24
N GLU E 284 40.93 -8.98 11.85
CA GLU E 284 39.59 -9.05 12.40
C GLU E 284 39.40 -8.04 13.52
N ARG E 285 40.39 -7.90 14.40
CA ARG E 285 40.28 -6.92 15.48
C ARG E 285 40.19 -5.51 14.92
N LEU E 286 40.98 -5.20 13.90
CA LEU E 286 40.98 -3.84 13.35
C LEU E 286 39.68 -3.52 12.60
N ILE E 287 39.10 -4.50 11.90
CA ILE E 287 37.83 -4.24 11.25
C ILE E 287 36.71 -4.12 12.29
N GLN E 288 36.79 -4.88 13.38
CA GLN E 288 35.77 -4.79 14.41
C GLN E 288 35.90 -3.50 15.23
N GLU E 289 37.09 -2.89 15.23
CA GLU E 289 37.26 -1.61 15.89
C GLU E 289 36.37 -0.55 15.24
N ARG E 290 36.25 -0.58 13.93
CA ARG E 290 35.45 0.40 13.19
C ARG E 290 34.00 -0.02 13.05
N GLY E 291 33.62 -1.20 13.52
CA GLY E 291 32.23 -1.61 13.51
C GLY E 291 31.85 -2.63 12.46
N TRP E 292 32.80 -3.21 11.75
CA TRP E 292 32.52 -4.19 10.70
C TRP E 292 32.84 -5.59 11.20
N GLU E 293 32.11 -6.57 10.66
CA GLU E 293 32.31 -7.97 11.02
C GLU E 293 32.42 -8.81 9.76
N PHE E 294 33.16 -9.91 9.87
CA PHE E 294 33.16 -10.93 8.83
C PHE E 294 31.86 -11.70 8.85
N MET E 295 31.36 -12.07 7.67
CA MET E 295 30.20 -12.95 7.60
C MET E 295 30.57 -14.32 8.15
N TRP E 296 29.75 -14.82 9.08
CA TRP E 296 30.02 -16.10 9.71
C TRP E 296 28.80 -16.61 10.46
N ASN E 297 28.44 -17.87 10.24
CA ASN E 297 27.39 -18.54 11.00
C ASN E 297 27.88 -19.93 11.40
N GLU E 298 27.26 -20.47 12.45
CA GLU E 298 27.70 -21.75 12.99
C GLU E 298 27.51 -22.88 12.00
N ARG E 299 26.40 -22.86 11.26
CA ARG E 299 26.08 -23.98 10.37
C ARG E 299 27.05 -24.07 9.20
N LEU E 300 27.38 -22.94 8.58
CA LEU E 300 28.19 -22.94 7.37
C LEU E 300 29.60 -22.42 7.55
N GLY E 301 29.88 -21.69 8.64
CA GLY E 301 31.19 -21.10 8.80
C GLY E 301 31.30 -19.74 8.11
N TYR E 302 32.47 -19.46 7.59
CA TYR E 302 32.69 -18.21 6.88
C TYR E 302 31.99 -18.24 5.52
N ILE E 303 31.24 -17.19 5.23
CA ILE E 303 30.40 -17.15 4.03
C ILE E 303 31.21 -16.58 2.88
N LEU E 304 31.25 -17.32 1.76
CA LEU E 304 31.94 -16.91 0.55
C LEU E 304 31.01 -17.13 -0.64
N THR E 305 31.43 -16.60 -1.80
CA THR E 305 30.58 -16.65 -2.98
C THR E 305 30.42 -18.07 -3.51
N CYS E 306 31.52 -18.79 -3.66
CA CYS E 306 31.46 -20.15 -4.17
C CYS E 306 31.12 -21.12 -3.04
N PRO E 307 30.08 -21.94 -3.18
CA PRO E 307 29.74 -22.89 -2.12
C PRO E 307 30.84 -23.89 -1.83
N SER E 308 31.74 -24.15 -2.78
CA SER E 308 32.86 -25.05 -2.52
C SER E 308 33.89 -24.44 -1.60
N ASN E 309 33.83 -23.14 -1.35
CA ASN E 309 34.78 -22.45 -0.48
C ASN E 309 34.22 -22.20 0.91
N LEU E 310 33.04 -22.74 1.22
CA LEU E 310 32.41 -22.47 2.51
C LEU E 310 33.19 -23.17 3.64
N GLY E 311 32.86 -22.80 4.87
CA GLY E 311 33.50 -23.36 6.03
C GLY E 311 34.68 -22.54 6.51
N THR E 312 35.88 -22.99 6.17
CA THR E 312 37.09 -22.24 6.49
C THR E 312 37.67 -21.52 5.29
N GLY E 313 37.40 -22.00 4.08
CA GLY E 313 37.99 -21.40 2.90
C GLY E 313 39.49 -21.51 2.82
N LEU E 314 40.09 -22.41 3.60
CA LEU E 314 41.54 -22.49 3.70
C LEU E 314 42.10 -23.39 2.62
N ARG E 315 43.30 -23.05 2.14
CA ARG E 315 44.01 -23.87 1.17
C ARG E 315 45.50 -23.73 1.46
N ALA E 316 46.04 -24.68 2.22
CA ALA E 316 47.46 -24.70 2.53
C ALA E 316 48.18 -25.47 1.43
N GLY E 317 48.97 -24.77 0.64
CA GLY E 317 49.59 -25.35 -0.54
C GLY E 317 51.09 -25.15 -0.56
N VAL E 318 51.78 -26.04 -1.26
CA VAL E 318 53.22 -25.96 -1.47
C VAL E 318 53.51 -26.18 -2.95
N HIS E 319 54.70 -25.77 -3.37
CA HIS E 319 55.18 -25.97 -4.74
C HIS E 319 56.32 -26.98 -4.70
N ILE E 320 56.11 -28.13 -5.34
CA ILE E 320 57.12 -29.18 -5.38
C ILE E 320 57.21 -29.77 -6.78
N PRO E 323 61.29 -35.71 -9.12
CA PRO E 323 59.94 -36.06 -9.56
C PRO E 323 59.77 -37.56 -9.79
N LEU E 324 60.29 -38.37 -8.87
CA LEU E 324 60.16 -39.82 -8.99
C LEU E 324 58.73 -40.30 -8.85
N LEU E 325 57.88 -39.54 -8.15
CA LEU E 325 56.48 -39.89 -7.98
C LEU E 325 55.57 -39.14 -8.94
N SER E 326 56.08 -38.82 -10.14
CA SER E 326 55.29 -38.16 -11.17
C SER E 326 54.91 -39.08 -12.31
N LYS E 327 55.84 -39.93 -12.76
CA LYS E 327 55.53 -40.88 -13.83
C LYS E 327 54.72 -42.06 -13.33
N ASP E 328 54.84 -42.40 -12.04
CA ASP E 328 54.14 -43.55 -11.49
C ASP E 328 52.63 -43.33 -11.52
N SER E 329 51.90 -44.38 -11.86
CA SER E 329 50.45 -44.32 -11.93
C SER E 329 49.78 -44.46 -10.57
N ARG E 330 50.52 -44.90 -9.54
CA ARG E 330 49.95 -45.02 -8.21
C ARG E 330 49.92 -43.69 -7.46
N PHE E 331 50.63 -42.67 -7.96
CA PHE E 331 50.67 -41.37 -7.30
C PHE E 331 49.29 -40.70 -7.19
N PRO E 332 48.44 -40.70 -8.23
CA PRO E 332 47.07 -40.22 -8.02
C PRO E 332 46.32 -40.99 -6.95
N LYS E 333 46.53 -42.32 -6.89
CA LYS E 333 45.83 -43.12 -5.90
C LYS E 333 46.25 -42.74 -4.48
N ILE E 334 47.55 -42.59 -4.24
CA ILE E 334 47.99 -42.27 -2.89
C ILE E 334 47.63 -40.84 -2.52
N LEU E 335 47.67 -39.90 -3.46
CA LEU E 335 47.24 -38.55 -3.12
C LEU E 335 45.75 -38.51 -2.79
N GLU E 336 44.94 -39.27 -3.54
CA GLU E 336 43.52 -39.33 -3.24
C GLU E 336 43.27 -39.98 -1.88
N ASN E 337 43.99 -41.06 -1.57
CA ASN E 337 43.84 -41.71 -0.28
C ASN E 337 44.36 -40.85 0.87
N LEU E 338 45.26 -39.91 0.58
CA LEU E 338 45.81 -39.02 1.59
C LEU E 338 44.98 -37.75 1.78
N ARG E 339 43.82 -37.66 1.13
CA ARG E 339 42.99 -36.45 1.15
C ARG E 339 43.81 -35.23 0.68
N LEU E 340 44.61 -35.44 -0.36
CA LEU E 340 45.58 -34.46 -0.83
C LEU E 340 45.27 -34.16 -2.29
N GLN E 341 45.31 -32.88 -2.65
CA GLN E 341 44.95 -32.43 -3.99
C GLN E 341 46.20 -31.96 -4.72
N LYS E 342 46.44 -32.52 -5.90
CA LYS E 342 47.60 -32.22 -6.71
C LYS E 342 47.15 -31.71 -8.08
N ARG E 343 47.75 -30.61 -8.53
CA ARG E 343 47.43 -30.00 -9.80
C ARG E 343 48.72 -29.49 -10.43
N GLY E 344 48.58 -28.70 -11.49
CA GLY E 344 49.75 -28.20 -12.18
C GLY E 344 50.59 -27.30 -11.28
N THR E 345 51.91 -27.39 -11.43
CA THR E 345 52.84 -26.62 -10.62
C THR E 345 52.84 -25.15 -11.04
N ASP E 358 51.75 -27.99 -7.69
CA ASP E 358 51.06 -27.51 -6.50
C ASP E 358 50.43 -28.67 -5.73
N ILE E 359 50.57 -28.62 -4.40
CA ILE E 359 50.08 -29.66 -3.51
C ILE E 359 49.17 -29.00 -2.49
N SER E 360 47.89 -29.35 -2.52
CA SER E 360 46.87 -28.66 -1.73
C SER E 360 45.95 -29.68 -1.10
N ASN E 361 44.85 -29.19 -0.53
CA ASN E 361 43.88 -29.97 0.22
C ASN E 361 42.58 -30.14 -0.56
N LEU E 362 41.63 -30.85 0.05
CA LEU E 362 40.31 -31.06 -0.53
C LEU E 362 39.20 -30.41 0.29
N ASP E 363 39.11 -30.73 1.57
CA ASP E 363 37.97 -30.33 2.40
C ASP E 363 38.17 -28.94 2.97
N ARG E 364 37.06 -28.24 3.18
CA ARG E 364 37.07 -26.94 3.83
C ARG E 364 36.00 -26.86 4.92
N LEU E 365 35.04 -27.77 4.88
CA LEU E 365 33.96 -27.82 5.85
C LEU E 365 34.09 -29.06 6.73
N GLY E 366 33.76 -28.90 8.02
CA GLY E 366 33.70 -30.00 8.95
C GLY E 366 34.97 -30.24 9.75
N LYS E 367 36.11 -29.72 9.29
CA LYS E 367 37.38 -29.90 9.99
C LYS E 367 38.12 -28.56 10.01
N SER E 368 38.84 -28.31 11.09
CA SER E 368 39.31 -26.96 11.40
C SER E 368 40.55 -26.61 10.58
N GLU E 369 40.93 -25.33 10.67
CA GLU E 369 42.09 -24.83 9.94
C GLU E 369 43.37 -25.52 10.41
N VAL E 370 43.51 -25.72 11.72
CA VAL E 370 44.69 -26.40 12.23
C VAL E 370 44.75 -27.83 11.69
N GLU E 371 43.60 -28.51 11.67
CA GLU E 371 43.55 -29.84 11.08
C GLU E 371 43.83 -29.80 9.58
N LEU E 372 43.49 -28.70 8.92
CA LEU E 372 43.79 -28.57 7.50
C LEU E 372 45.29 -28.61 7.25
N VAL E 373 46.04 -27.78 7.96
CA VAL E 373 47.49 -27.76 7.79
C VAL E 373 48.11 -29.05 8.33
N GLN E 374 47.54 -29.60 9.41
CA GLN E 374 48.04 -30.86 9.95
C GLN E 374 47.93 -31.98 8.92
N LEU E 375 46.83 -32.01 8.18
CA LEU E 375 46.68 -32.99 7.11
C LEU E 375 47.72 -32.77 6.02
N VAL E 376 47.99 -31.52 5.67
CA VAL E 376 48.93 -31.22 4.59
C VAL E 376 50.35 -31.57 5.01
N ILE E 377 50.76 -31.17 6.22
CA ILE E 377 52.14 -31.41 6.64
C ILE E 377 52.40 -32.91 6.78
N ASP E 378 51.46 -33.65 7.37
CA ASP E 378 51.61 -35.10 7.43
C ASP E 378 51.48 -35.74 6.06
N GLY E 379 50.59 -35.22 5.21
CA GLY E 379 50.47 -35.77 3.87
C GLY E 379 51.73 -35.58 3.05
N VAL E 380 52.32 -34.40 3.11
CA VAL E 380 53.59 -34.17 2.42
C VAL E 380 54.71 -34.95 3.08
N ASN E 381 54.65 -35.14 4.41
CA ASN E 381 55.68 -35.89 5.11
C ASN E 381 55.78 -37.32 4.57
N TYR E 382 54.64 -37.96 4.33
CA TYR E 382 54.64 -39.27 3.71
C TYR E 382 55.08 -39.23 2.25
N LEU E 383 55.16 -38.04 1.65
CA LEU E 383 55.61 -37.89 0.27
C LEU E 383 57.10 -37.59 0.15
N ILE E 384 57.68 -36.91 1.14
CA ILE E 384 59.11 -36.64 1.10
C ILE E 384 59.91 -37.92 1.24
N ASP E 385 59.44 -38.84 2.08
CA ASP E 385 60.16 -40.09 2.30
C ASP E 385 60.26 -40.91 1.02
N CYS E 386 59.17 -40.96 0.24
CA CYS E 386 59.21 -41.68 -1.03
C CYS E 386 60.16 -41.05 -2.02
N GLU E 387 60.43 -39.75 -1.88
CA GLU E 387 61.36 -39.03 -2.74
C GLU E 387 60.98 -39.14 -4.22
N SER F 31 -15.67 6.47 -0.44
CA SER F 31 -15.46 6.31 0.99
C SER F 31 -15.38 4.84 1.38
N GLU F 32 -14.72 4.56 2.50
CA GLU F 32 -14.61 3.20 3.02
C GLU F 32 -15.77 2.82 3.93
N ARG F 33 -16.71 3.73 4.17
CA ARG F 33 -17.88 3.44 4.98
C ARG F 33 -19.04 2.88 4.17
N ARG F 34 -18.89 2.76 2.86
CA ARG F 34 -19.92 2.13 2.04
C ARG F 34 -19.98 0.64 2.35
N ARG F 35 -21.20 0.13 2.47
CA ARG F 35 -21.41 -1.26 2.86
C ARG F 35 -21.45 -2.17 1.64
N LEU F 36 -20.80 -3.32 1.76
CA LEU F 36 -20.86 -4.34 0.73
C LEU F 36 -22.18 -5.10 0.82
N TYR F 37 -22.52 -5.76 -0.27
CA TYR F 37 -23.64 -6.69 -0.25
C TYR F 37 -23.33 -7.82 0.72
N PRO F 38 -24.21 -8.12 1.67
CA PRO F 38 -23.94 -9.25 2.57
C PRO F 38 -23.87 -10.55 1.79
N PRO F 39 -23.04 -11.49 2.23
CA PRO F 39 -22.88 -12.74 1.48
C PRO F 39 -24.18 -13.50 1.27
N SER F 40 -25.11 -13.42 2.21
CA SER F 40 -26.39 -14.11 2.05
C SER F 40 -27.23 -13.52 0.93
N ALA F 41 -26.96 -12.28 0.52
CA ALA F 41 -27.67 -11.71 -0.62
C ALA F 41 -27.27 -12.36 -1.93
N GLU F 42 -26.08 -12.96 -2.00
CA GLU F 42 -25.61 -13.64 -3.19
C GLU F 42 -25.88 -15.14 -3.16
N TYR F 43 -26.54 -15.63 -2.13
CA TYR F 43 -26.75 -17.07 -1.99
C TYR F 43 -27.65 -17.58 -3.11
N PRO F 44 -27.28 -18.65 -3.79
CA PRO F 44 -28.10 -19.15 -4.90
C PRO F 44 -29.43 -19.70 -4.43
N ASP F 45 -30.42 -19.64 -5.32
CA ASP F 45 -31.74 -20.18 -5.06
C ASP F 45 -31.73 -21.65 -5.46
N LEU F 46 -31.62 -22.54 -4.47
CA LEU F 46 -31.52 -23.97 -4.69
C LEU F 46 -32.76 -24.71 -4.21
N ARG F 47 -33.90 -24.02 -4.12
CA ARG F 47 -35.12 -24.64 -3.63
C ARG F 47 -35.69 -25.69 -4.57
N LYS F 48 -35.23 -25.74 -5.83
CA LYS F 48 -35.69 -26.74 -6.79
C LYS F 48 -34.53 -27.54 -7.38
N HIS F 49 -33.37 -27.52 -6.73
CA HIS F 49 -32.20 -28.27 -7.17
C HIS F 49 -32.08 -29.57 -6.39
N ASN F 50 -31.44 -30.56 -7.00
CA ASN F 50 -31.18 -31.86 -6.36
C ASN F 50 -29.81 -32.34 -6.84
N ASN F 51 -28.77 -32.04 -6.07
CA ASN F 51 -27.43 -32.53 -6.34
C ASN F 51 -26.59 -32.38 -5.07
N CYS F 52 -25.37 -32.91 -5.13
CA CYS F 52 -24.48 -32.82 -3.97
C CYS F 52 -24.18 -31.38 -3.61
N MET F 53 -24.04 -30.51 -4.61
CA MET F 53 -23.87 -29.09 -4.34
C MET F 53 -25.08 -28.51 -3.62
N ALA F 54 -26.29 -28.87 -4.04
CA ALA F 54 -27.49 -28.33 -3.41
C ALA F 54 -27.60 -28.78 -1.96
N SER F 55 -27.27 -30.05 -1.68
CA SER F 55 -27.43 -30.59 -0.35
C SER F 55 -26.24 -30.29 0.57
N HIS F 56 -25.12 -29.82 0.03
CA HIS F 56 -23.94 -29.54 0.84
C HIS F 56 -23.56 -28.06 0.88
N LEU F 57 -24.27 -27.20 0.16
CA LEU F 57 -24.01 -25.76 0.22
C LEU F 57 -25.01 -25.14 1.19
N THR F 58 -24.57 -24.91 2.41
CA THR F 58 -25.37 -24.27 3.43
C THR F 58 -25.02 -22.79 3.50
N PRO F 59 -25.92 -21.96 4.04
CA PRO F 59 -25.61 -20.52 4.15
C PRO F 59 -24.32 -20.23 4.90
N ALA F 60 -24.02 -21.00 5.95
CA ALA F 60 -22.78 -20.79 6.68
C ALA F 60 -21.57 -21.05 5.80
N VAL F 61 -21.58 -22.15 5.05
CA VAL F 61 -20.45 -22.48 4.18
C VAL F 61 -20.29 -21.43 3.09
N TYR F 62 -21.40 -21.03 2.47
CA TYR F 62 -21.34 -20.03 1.41
C TYR F 62 -20.81 -18.71 1.94
N ALA F 63 -21.27 -18.29 3.12
CA ALA F 63 -20.79 -17.04 3.69
C ALA F 63 -19.32 -17.13 4.07
N ARG F 64 -18.88 -18.29 4.53
CA ARG F 64 -17.48 -18.45 4.92
C ARG F 64 -16.55 -18.45 3.71
N LEU F 65 -16.96 -19.09 2.62
CA LEU F 65 -16.10 -19.29 1.47
C LEU F 65 -16.24 -18.22 0.39
N CYS F 66 -17.12 -17.23 0.59
CA CYS F 66 -17.37 -16.26 -0.47
C CYS F 66 -16.25 -15.25 -0.63
N ASP F 67 -15.59 -14.85 0.47
CA ASP F 67 -14.48 -13.91 0.35
C ASP F 67 -13.21 -14.55 -0.19
N LYS F 68 -13.02 -15.85 0.04
CA LYS F 68 -11.77 -16.49 -0.35
C LYS F 68 -11.66 -16.62 -1.86
N THR F 69 -10.41 -16.68 -2.34
CA THR F 69 -10.14 -16.83 -3.76
C THR F 69 -8.76 -17.46 -3.93
N THR F 70 -8.59 -18.16 -5.05
CA THR F 70 -7.30 -18.75 -5.38
C THR F 70 -6.35 -17.66 -5.89
N PRO F 71 -5.04 -17.94 -5.90
CA PRO F 71 -4.09 -16.93 -6.41
C PRO F 71 -4.37 -16.50 -7.84
N THR F 72 -4.94 -17.37 -8.67
CA THR F 72 -5.26 -17.01 -10.04
C THR F 72 -6.60 -16.30 -10.18
N GLY F 73 -7.34 -16.12 -9.09
CA GLY F 73 -8.59 -15.39 -9.10
C GLY F 73 -9.85 -16.24 -9.14
N TRP F 74 -9.72 -17.56 -9.06
CA TRP F 74 -10.90 -18.42 -9.04
C TRP F 74 -11.67 -18.24 -7.73
N THR F 75 -13.00 -18.18 -7.84
CA THR F 75 -13.86 -17.91 -6.71
C THR F 75 -14.91 -19.01 -6.56
N LEU F 76 -15.65 -18.94 -5.46
CA LEU F 76 -16.67 -19.94 -5.16
C LEU F 76 -17.81 -19.90 -6.17
N ASP F 77 -18.23 -18.69 -6.56
CA ASP F 77 -19.33 -18.56 -7.50
C ASP F 77 -18.98 -19.18 -8.84
N GLN F 78 -17.75 -19.02 -9.29
CA GLN F 78 -17.32 -19.67 -10.53
C GLN F 78 -17.30 -21.19 -10.37
N CYS F 79 -16.98 -21.69 -9.17
CA CYS F 79 -17.04 -23.11 -8.92
C CYS F 79 -18.46 -23.65 -9.02
N ILE F 80 -19.43 -22.93 -8.45
CA ILE F 80 -20.79 -23.44 -8.32
C ILE F 80 -21.73 -22.99 -9.42
N GLN F 81 -21.23 -22.18 -10.37
CA GLN F 81 -22.09 -21.71 -11.45
C GLN F 81 -22.62 -22.85 -12.31
N THR F 82 -21.81 -23.90 -12.50
CA THR F 82 -22.27 -25.05 -13.27
C THR F 82 -23.48 -25.70 -12.63
N GLY F 83 -23.41 -25.96 -11.32
CA GLY F 83 -24.54 -26.55 -10.62
C GLY F 83 -25.74 -25.64 -10.55
N VAL F 84 -25.51 -24.34 -10.36
CA VAL F 84 -26.62 -23.40 -10.25
C VAL F 84 -27.36 -23.28 -11.58
N ASP F 85 -26.61 -23.19 -12.69
CA ASP F 85 -27.25 -22.99 -13.98
C ASP F 85 -28.01 -24.23 -14.43
N ASN F 86 -27.50 -25.42 -14.10
CA ASN F 86 -28.15 -26.67 -14.50
C ASN F 86 -28.67 -27.39 -13.27
N PRO F 87 -29.96 -27.26 -12.94
CA PRO F 87 -30.49 -27.95 -11.75
C PRO F 87 -30.37 -29.46 -11.82
N GLY F 88 -30.47 -30.04 -13.01
CA GLY F 88 -30.39 -31.47 -13.15
C GLY F 88 -31.67 -32.17 -12.75
N HIS F 89 -31.57 -33.48 -12.59
CA HIS F 89 -32.70 -34.31 -12.21
C HIS F 89 -32.32 -35.20 -11.03
N PRO F 90 -33.30 -35.53 -10.17
CA PRO F 90 -33.06 -36.42 -9.02
C PRO F 90 -32.61 -37.82 -9.44
N LYS F 93 -27.36 -38.07 -10.48
CA LYS F 93 -27.02 -36.87 -9.73
C LYS F 93 -25.59 -36.43 -10.02
N THR F 94 -25.45 -35.44 -10.90
CA THR F 94 -24.13 -34.92 -11.26
C THR F 94 -23.58 -34.05 -10.13
N VAL F 95 -22.30 -33.73 -10.23
CA VAL F 95 -21.65 -32.91 -9.23
C VAL F 95 -22.03 -31.45 -9.38
N GLY F 96 -21.89 -30.91 -10.60
CA GLY F 96 -22.19 -29.52 -10.82
C GLY F 96 -21.16 -28.55 -10.29
N MET F 97 -19.94 -29.01 -10.05
CA MET F 97 -18.86 -28.16 -9.57
C MET F 97 -17.59 -28.44 -10.36
N VAL F 98 -16.78 -27.40 -10.56
CA VAL F 98 -15.51 -27.51 -11.25
C VAL F 98 -14.46 -26.72 -10.50
N ALA F 99 -13.20 -27.02 -10.79
CA ALA F 99 -12.07 -26.33 -10.20
C ALA F 99 -11.35 -25.51 -11.27
N GLY F 100 -10.94 -24.31 -10.92
CA GLY F 100 -10.26 -23.44 -11.86
C GLY F 100 -8.76 -23.64 -11.91
N ASP F 101 -8.19 -24.24 -10.87
CA ASP F 101 -6.76 -24.49 -10.80
C ASP F 101 -6.51 -25.55 -9.74
N GLU F 102 -5.23 -25.77 -9.43
CA GLU F 102 -4.87 -26.77 -8.42
C GLU F 102 -5.21 -26.28 -7.01
N GLU F 103 -5.01 -24.99 -6.75
CA GLU F 103 -5.23 -24.46 -5.41
C GLU F 103 -6.69 -24.49 -5.00
N THR F 104 -7.62 -24.60 -5.96
CA THR F 104 -9.04 -24.57 -5.64
C THR F 104 -9.40 -25.64 -4.61
N TYR F 105 -9.00 -26.88 -4.86
CA TYR F 105 -9.31 -27.97 -3.95
C TYR F 105 -8.76 -27.74 -2.56
N GLU F 106 -7.74 -26.89 -2.43
CA GLU F 106 -7.26 -26.51 -1.10
C GLU F 106 -7.99 -25.28 -0.56
N VAL F 107 -8.26 -24.29 -1.42
CA VAL F 107 -8.91 -23.07 -0.96
C VAL F 107 -10.36 -23.34 -0.60
N PHE F 108 -11.08 -24.08 -1.45
CA PHE F 108 -12.48 -24.40 -1.24
C PHE F 108 -12.66 -25.84 -0.77
N ALA F 109 -11.75 -26.32 0.07
CA ALA F 109 -11.84 -27.69 0.56
C ALA F 109 -13.10 -27.92 1.37
N ASP F 110 -13.56 -26.91 2.11
CA ASP F 110 -14.77 -27.07 2.91
C ASP F 110 -16.00 -27.33 2.06
N LEU F 111 -15.95 -27.01 0.77
CA LEU F 111 -17.05 -27.27 -0.16
C LEU F 111 -16.87 -28.56 -0.93
N PHE F 112 -15.66 -28.81 -1.45
CA PHE F 112 -15.42 -29.97 -2.29
C PHE F 112 -15.29 -31.26 -1.47
N ASP F 113 -14.77 -31.18 -0.25
CA ASP F 113 -14.50 -32.39 0.52
C ASP F 113 -15.75 -33.22 0.78
N PRO F 114 -16.87 -32.66 1.26
CA PRO F 114 -18.07 -33.50 1.38
C PRO F 114 -18.54 -34.07 0.06
N VAL F 115 -18.40 -33.31 -1.03
CA VAL F 115 -18.80 -33.80 -2.33
C VAL F 115 -17.88 -34.93 -2.79
N ILE F 116 -16.57 -34.77 -2.57
CA ILE F 116 -15.63 -35.83 -2.93
C ILE F 116 -15.90 -37.08 -2.12
N GLN F 117 -16.25 -36.93 -0.85
CA GLN F 117 -16.48 -38.08 0.00
C GLN F 117 -17.78 -38.80 -0.36
N GLU F 118 -18.86 -38.04 -0.58
CA GLU F 118 -20.14 -38.66 -0.89
C GLU F 118 -20.16 -39.25 -2.29
N ARG F 119 -19.52 -38.58 -3.25
CA ARG F 119 -19.49 -39.08 -4.62
C ARG F 119 -18.72 -40.40 -4.71
N HIS F 120 -17.64 -40.52 -3.96
CA HIS F 120 -16.78 -41.69 -4.00
C HIS F 120 -17.04 -42.65 -2.85
N ASN F 121 -18.26 -42.61 -2.30
CA ASN F 121 -18.78 -43.56 -1.31
C ASN F 121 -17.76 -43.90 -0.23
N GLY F 122 -17.37 -42.88 0.53
CA GLY F 122 -16.63 -43.12 1.75
C GLY F 122 -15.26 -42.49 1.86
N TYR F 123 -14.60 -42.25 0.72
CA TYR F 123 -13.24 -41.72 0.74
C TYR F 123 -13.26 -40.30 1.30
N ASP F 124 -12.77 -40.13 2.52
CA ASP F 124 -12.65 -38.82 3.13
C ASP F 124 -11.27 -38.26 2.79
N PRO F 125 -11.15 -37.23 1.95
CA PRO F 125 -9.83 -36.72 1.58
C PRO F 125 -9.02 -36.22 2.77
N ARG F 126 -9.67 -35.62 3.76
CA ARG F 126 -8.94 -35.06 4.90
C ARG F 126 -8.28 -36.14 5.75
N THR F 127 -8.87 -37.33 5.80
CA THR F 127 -8.37 -38.38 6.69
C THR F 127 -7.39 -39.32 5.98
N MET F 128 -7.84 -39.98 4.93
CA MET F 128 -7.03 -41.00 4.26
C MET F 128 -6.26 -40.40 3.10
N LYS F 129 -5.17 -41.08 2.72
CA LYS F 129 -4.30 -40.66 1.63
C LYS F 129 -4.50 -41.56 0.43
N HIS F 130 -4.22 -41.03 -0.75
CA HIS F 130 -4.34 -41.77 -2.00
C HIS F 130 -2.97 -42.23 -2.47
N THR F 131 -2.88 -43.51 -2.83
CA THR F 131 -1.64 -44.11 -3.31
C THR F 131 -1.75 -44.33 -4.82
N THR F 132 -0.74 -43.86 -5.55
CA THR F 132 -0.70 -44.00 -6.99
C THR F 132 0.24 -45.14 -7.37
N ASP F 133 -0.27 -46.10 -8.15
CA ASP F 133 0.52 -47.26 -8.57
C ASP F 133 0.16 -47.56 -10.03
N LEU F 134 0.95 -47.02 -10.95
CA LEU F 134 0.78 -47.25 -12.37
C LEU F 134 1.63 -48.41 -12.88
N ASP F 135 2.37 -49.09 -12.00
CA ASP F 135 3.21 -50.21 -12.40
C ASP F 135 2.32 -51.40 -12.77
N ALA F 136 2.31 -51.74 -14.06
CA ALA F 136 1.46 -52.82 -14.57
C ALA F 136 2.12 -54.18 -14.51
N SER F 137 3.34 -54.26 -13.97
CA SER F 137 4.01 -55.56 -13.87
C SER F 137 3.37 -56.47 -12.82
N LYS F 138 2.46 -55.94 -12.00
CA LYS F 138 1.83 -56.70 -10.93
C LYS F 138 0.45 -57.23 -11.32
N ILE F 139 0.04 -57.06 -12.57
CA ILE F 139 -1.28 -57.55 -12.99
C ILE F 139 -1.24 -59.06 -13.13
N ARG F 140 -2.32 -59.72 -12.73
CA ARG F 140 -2.45 -61.16 -12.84
C ARG F 140 -3.57 -61.48 -13.84
N SER F 141 -3.22 -62.23 -14.88
CA SER F 141 -4.17 -62.67 -15.89
C SER F 141 -4.89 -61.50 -16.55
N GLY F 142 -6.03 -61.78 -17.19
CA GLY F 142 -6.83 -60.76 -17.82
C GLY F 142 -6.83 -60.85 -19.33
N TYR F 143 -7.88 -61.45 -19.89
CA TYR F 143 -8.01 -61.58 -21.34
C TYR F 143 -9.46 -61.89 -21.63
N PHE F 144 -10.15 -60.99 -22.34
CA PHE F 144 -11.56 -61.20 -22.67
C PHE F 144 -11.69 -62.01 -23.96
N ASP F 145 -12.77 -62.77 -24.04
CA ASP F 145 -13.04 -63.56 -25.24
C ASP F 145 -13.19 -62.65 -26.45
N GLU F 146 -12.59 -63.07 -27.57
CA GLU F 146 -12.67 -62.27 -28.78
C GLU F 146 -14.11 -62.14 -29.28
N ARG F 147 -14.95 -63.14 -29.01
CA ARG F 147 -16.37 -63.03 -29.34
C ARG F 147 -17.05 -61.94 -28.52
N TYR F 148 -16.52 -61.64 -27.34
CA TYR F 148 -17.10 -60.63 -26.46
C TYR F 148 -16.40 -59.28 -26.64
N LEU F 150 -15.64 -56.50 -27.97
CA LEU F 150 -15.39 -55.85 -29.24
C LEU F 150 -14.11 -55.02 -29.20
N SER F 151 -14.12 -53.97 -28.38
CA SER F 151 -12.98 -53.08 -28.24
C SER F 151 -12.70 -52.82 -26.77
N SER F 152 -11.42 -52.80 -26.42
CA SER F 152 -10.98 -52.54 -25.05
C SER F 152 -10.32 -51.17 -24.98
N ARG F 153 -10.68 -50.39 -23.96
CA ARG F 153 -10.25 -49.00 -23.86
C ARG F 153 -9.86 -48.69 -22.42
N VAL F 154 -8.77 -47.94 -22.27
CA VAL F 154 -8.34 -47.40 -20.98
C VAL F 154 -8.14 -45.90 -21.16
N ARG F 155 -8.68 -45.12 -20.23
CA ARG F 155 -8.67 -43.67 -20.34
C ARG F 155 -8.31 -43.04 -18.99
N THR F 156 -7.43 -42.04 -19.02
CA THR F 156 -7.18 -41.20 -17.86
C THR F 156 -7.13 -39.76 -18.33
N GLY F 157 -6.76 -38.87 -17.42
CA GLY F 157 -6.60 -37.46 -17.74
C GLY F 157 -5.56 -36.82 -16.83
N ARG F 158 -4.76 -35.91 -17.38
CA ARG F 158 -3.70 -35.27 -16.63
C ARG F 158 -3.75 -33.77 -16.84
N SER F 159 -3.30 -33.03 -15.83
CA SER F 159 -3.21 -31.59 -15.87
C SER F 159 -1.78 -31.16 -15.61
N ILE F 160 -1.31 -30.15 -16.33
CA ILE F 160 0.06 -29.68 -16.21
C ILE F 160 0.13 -28.66 -15.09
N ARG F 161 1.01 -28.90 -14.12
CA ARG F 161 1.14 -28.02 -12.97
C ARG F 161 1.64 -26.64 -13.40
N GLY F 162 1.07 -25.60 -12.82
CA GLY F 162 1.43 -24.24 -13.12
C GLY F 162 0.53 -23.55 -14.13
N LEU F 163 -0.41 -24.28 -14.74
CA LEU F 163 -1.30 -23.75 -15.74
C LEU F 163 -2.75 -23.96 -15.31
N SER F 164 -3.58 -22.94 -15.52
CA SER F 164 -4.95 -22.98 -15.07
C SER F 164 -5.75 -24.07 -15.79
N LEU F 165 -6.75 -24.59 -15.11
CA LEU F 165 -7.61 -25.63 -15.66
C LEU F 165 -8.53 -25.05 -16.73
N PRO F 166 -9.10 -25.90 -17.58
CA PRO F 166 -9.90 -25.41 -18.72
C PRO F 166 -10.99 -24.43 -18.32
N PRO F 167 -11.69 -24.63 -17.19
CA PRO F 167 -12.70 -23.64 -16.80
C PRO F 167 -12.15 -22.23 -16.60
N ALA F 168 -10.90 -22.11 -16.16
CA ALA F 168 -10.33 -20.80 -15.84
C ALA F 168 -9.16 -20.40 -16.74
N CYS F 169 -8.71 -21.28 -17.64
CA CYS F 169 -7.53 -20.99 -18.43
C CYS F 169 -7.80 -19.88 -19.45
N THR F 170 -6.79 -19.03 -19.65
CA THR F 170 -6.86 -18.01 -20.68
C THR F 170 -6.41 -18.62 -22.01
N ARG F 171 -6.41 -17.79 -23.06
CA ARG F 171 -5.92 -18.25 -24.36
C ARG F 171 -4.44 -18.57 -24.30
N ALA F 172 -3.66 -17.73 -23.62
CA ALA F 172 -2.22 -17.97 -23.51
C ALA F 172 -1.92 -19.24 -22.75
N GLU F 173 -2.63 -19.48 -21.65
CA GLU F 173 -2.42 -20.70 -20.88
C GLU F 173 -2.78 -21.95 -21.67
N ARG F 174 -3.90 -21.89 -22.40
CA ARG F 174 -4.31 -23.03 -23.22
C ARG F 174 -3.28 -23.30 -24.31
N ARG F 175 -2.78 -22.26 -24.96
CA ARG F 175 -1.75 -22.43 -25.98
C ARG F 175 -0.46 -22.97 -25.37
N GLU F 176 -0.11 -22.55 -24.15
CA GLU F 176 1.06 -23.08 -23.47
C GLU F 176 0.89 -24.57 -23.19
N VAL F 177 -0.30 -24.97 -22.74
CA VAL F 177 -0.58 -26.38 -22.50
C VAL F 177 -0.39 -27.17 -23.79
N GLU F 178 -0.96 -26.66 -24.89
CA GLU F 178 -0.85 -27.36 -26.16
C GLU F 178 0.60 -27.47 -26.61
N ARG F 179 1.37 -26.40 -26.46
N ARG F 179 1.37 -26.40 -26.47
CA ARG F 179 2.77 -26.43 -26.88
CA ARG F 179 2.77 -26.41 -26.86
C ARG F 179 3.57 -27.43 -26.05
C ARG F 179 3.57 -27.43 -26.05
N VAL F 180 3.36 -27.44 -24.73
CA VAL F 180 4.08 -28.38 -23.88
C VAL F 180 3.75 -29.82 -24.27
N VAL F 181 2.46 -30.11 -24.46
CA VAL F 181 2.06 -31.47 -24.79
C VAL F 181 2.62 -31.88 -26.14
N VAL F 182 2.56 -30.99 -27.13
CA VAL F 182 3.05 -31.34 -28.47
C VAL F 182 4.55 -31.55 -28.46
N ASP F 183 5.30 -30.67 -27.79
CA ASP F 183 6.75 -30.84 -27.74
C ASP F 183 7.13 -32.11 -27.01
N ALA F 184 6.42 -32.46 -25.93
CA ALA F 184 6.69 -33.71 -25.23
C ALA F 184 6.39 -34.91 -26.12
N LEU F 185 5.23 -34.91 -26.78
CA LEU F 185 4.84 -36.05 -27.60
C LEU F 185 5.68 -36.20 -28.85
N SER F 186 6.35 -35.13 -29.29
CA SER F 186 7.25 -35.25 -30.44
C SER F 186 8.41 -36.19 -30.15
N GLY F 187 8.77 -36.37 -28.88
CA GLY F 187 9.86 -37.26 -28.53
C GLY F 187 9.50 -38.72 -28.42
N LEU F 188 8.23 -39.07 -28.55
CA LEU F 188 7.83 -40.47 -28.51
C LEU F 188 8.39 -41.22 -29.71
N LYS F 189 8.93 -42.40 -29.46
CA LYS F 189 9.59 -43.19 -30.49
C LYS F 189 9.06 -44.62 -30.47
N GLY F 190 9.28 -45.31 -31.59
CA GLY F 190 8.85 -46.69 -31.72
C GLY F 190 7.38 -46.84 -32.04
N ASP F 191 6.72 -47.81 -31.41
CA ASP F 191 5.29 -47.99 -31.61
C ASP F 191 4.49 -46.79 -31.13
N LEU F 192 5.07 -45.96 -30.25
CA LEU F 192 4.40 -44.79 -29.71
C LEU F 192 4.58 -43.55 -30.56
N ALA F 193 5.26 -43.65 -31.71
CA ALA F 193 5.41 -42.50 -32.58
C ALA F 193 4.09 -42.13 -33.22
N GLY F 194 3.84 -40.83 -33.33
CA GLY F 194 2.59 -40.36 -33.88
C GLY F 194 2.65 -38.92 -34.33
N ARG F 195 1.49 -38.38 -34.67
CA ARG F 195 1.37 -37.03 -35.19
C ARG F 195 0.25 -36.30 -34.48
N TYR F 196 0.40 -34.98 -34.38
CA TYR F 196 -0.58 -34.11 -33.73
C TYR F 196 -1.48 -33.50 -34.78
N TYR F 197 -2.80 -33.59 -34.56
CA TYR F 197 -3.79 -33.10 -35.51
C TYR F 197 -4.60 -32.00 -34.85
N ARG F 198 -4.38 -30.77 -35.28
CA ARG F 198 -5.11 -29.63 -34.75
C ARG F 198 -6.53 -29.59 -35.29
N LEU F 199 -7.48 -29.28 -34.41
CA LEU F 199 -8.89 -29.24 -34.84
C LEU F 199 -9.14 -28.10 -35.81
N SER F 200 -8.53 -26.94 -35.57
CA SER F 200 -8.81 -25.76 -36.39
C SER F 200 -8.33 -25.95 -37.83
N GLU F 201 -7.32 -26.78 -38.04
CA GLU F 201 -6.71 -26.94 -39.36
C GLU F 201 -7.16 -28.22 -40.07
N MET F 202 -8.20 -28.89 -39.58
CA MET F 202 -8.68 -30.12 -40.20
C MET F 202 -10.19 -30.03 -40.43
N THR F 203 -10.66 -30.79 -41.40
CA THR F 203 -12.04 -30.69 -41.85
C THR F 203 -13.01 -31.31 -40.84
N GLU F 204 -14.28 -30.92 -40.97
CA GLU F 204 -15.32 -31.43 -40.09
C GLU F 204 -15.75 -32.85 -40.45
N ALA F 205 -15.59 -33.25 -41.72
CA ALA F 205 -15.98 -34.59 -42.13
C ALA F 205 -15.11 -35.65 -41.48
N GLU F 206 -13.78 -35.49 -41.57
CA GLU F 206 -12.88 -36.40 -40.88
C GLU F 206 -13.07 -36.32 -39.37
N GLN F 207 -13.41 -35.14 -38.87
CA GLN F 207 -13.69 -34.98 -37.45
C GLN F 207 -14.85 -35.87 -37.03
N GLN F 208 -15.96 -35.81 -37.77
CA GLN F 208 -17.12 -36.62 -37.44
C GLN F 208 -16.83 -38.11 -37.62
N GLN F 209 -16.04 -38.45 -38.65
CA GLN F 209 -15.68 -39.86 -38.85
C GLN F 209 -14.89 -40.39 -37.66
N LEU F 210 -13.90 -39.63 -37.20
CA LEU F 210 -13.13 -40.07 -36.04
C LEU F 210 -13.97 -40.07 -34.77
N ILE F 211 -14.94 -39.15 -34.68
CA ILE F 211 -15.85 -39.14 -33.53
C ILE F 211 -16.65 -40.43 -33.51
N ASP F 212 -17.17 -40.84 -34.66
CA ASP F 212 -17.90 -42.10 -34.75
C ASP F 212 -17.01 -43.28 -34.41
N ASP F 213 -15.77 -43.27 -34.88
CA ASP F 213 -14.79 -44.29 -34.52
C ASP F 213 -14.19 -44.07 -33.14
N HIS F 214 -14.68 -43.07 -32.39
CA HIS F 214 -14.12 -42.70 -31.10
C HIS F 214 -12.62 -42.39 -31.20
N PHE F 215 -12.23 -41.77 -32.30
CA PHE F 215 -10.89 -41.23 -32.48
C PHE F 215 -10.89 -39.72 -32.56
N LEU F 216 -11.88 -39.07 -31.95
CA LEU F 216 -11.92 -37.62 -31.81
C LEU F 216 -13.04 -37.25 -30.84
N PHE F 217 -12.88 -36.08 -30.22
CA PHE F 217 -13.90 -35.50 -29.37
C PHE F 217 -14.64 -34.41 -30.14
N ASP F 218 -15.95 -34.41 -30.03
CA ASP F 218 -16.76 -33.43 -30.75
C ASP F 218 -16.78 -32.10 -30.00
N LYS F 219 -17.27 -31.07 -30.69
CA LYS F 219 -17.61 -29.80 -30.07
C LYS F 219 -18.55 -30.08 -28.91
N PRO F 220 -18.10 -29.94 -27.67
CA PRO F 220 -18.97 -30.32 -26.54
C PRO F 220 -20.07 -29.30 -26.31
N VAL F 221 -21.28 -29.66 -26.70
CA VAL F 221 -22.43 -28.76 -26.62
C VAL F 221 -23.21 -29.06 -25.35
N SER F 222 -22.63 -29.89 -24.48
CA SER F 222 -23.30 -30.21 -23.22
C SER F 222 -23.40 -28.97 -22.35
N PRO F 223 -24.59 -28.60 -21.89
CA PRO F 223 -24.71 -27.41 -21.03
C PRO F 223 -23.98 -27.54 -19.71
N LEU F 224 -23.64 -28.75 -19.28
CA LEU F 224 -22.92 -28.93 -18.03
C LEU F 224 -21.54 -28.28 -18.08
N LEU F 225 -20.85 -28.39 -19.22
CA LEU F 225 -19.52 -27.80 -19.36
C LEU F 225 -19.53 -26.44 -20.05
N THR F 226 -20.53 -26.16 -20.89
CA THR F 226 -20.63 -24.83 -21.49
C THR F 226 -20.84 -23.76 -20.43
N ALA F 227 -21.70 -24.05 -19.45
CA ALA F 227 -21.87 -23.15 -18.32
C ALA F 227 -20.63 -23.08 -17.44
N ALA F 228 -19.76 -24.08 -17.52
CA ALA F 228 -18.51 -24.07 -16.77
C ALA F 228 -17.44 -23.21 -17.42
N GLY F 229 -17.66 -22.75 -18.65
CA GLY F 229 -16.65 -21.99 -19.35
C GLY F 229 -15.56 -22.82 -20.00
N MET F 230 -15.85 -24.08 -20.32
CA MET F 230 -14.88 -24.98 -20.90
C MET F 230 -14.97 -25.04 -22.42
N ALA F 231 -15.83 -24.23 -23.03
CA ALA F 231 -15.96 -24.18 -24.48
C ALA F 231 -15.52 -22.83 -25.04
N ARG F 232 -14.85 -22.00 -24.25
CA ARG F 232 -14.43 -20.69 -24.72
C ARG F 232 -13.36 -20.82 -25.80
N ASP F 233 -13.45 -19.95 -26.80
CA ASP F 233 -12.46 -19.84 -27.88
C ASP F 233 -12.32 -21.13 -28.69
N TRP F 234 -13.35 -21.96 -28.71
CA TRP F 234 -13.29 -23.19 -29.47
C TRP F 234 -13.20 -22.88 -30.97
N PRO F 235 -12.35 -23.60 -31.72
CA PRO F 235 -11.46 -24.68 -31.29
C PRO F 235 -10.00 -24.24 -31.16
N ASP F 236 -9.71 -23.09 -30.55
CA ASP F 236 -8.33 -22.65 -30.42
C ASP F 236 -7.58 -23.53 -29.41
N ALA F 237 -6.39 -23.96 -29.81
CA ALA F 237 -5.48 -24.76 -28.97
C ALA F 237 -6.10 -26.09 -28.55
N ARG F 238 -7.08 -26.58 -29.30
CA ARG F 238 -7.63 -27.92 -29.10
C ARG F 238 -7.23 -28.79 -30.28
N GLY F 239 -6.65 -29.94 -29.98
CA GLY F 239 -6.24 -30.87 -31.03
C GLY F 239 -6.18 -32.27 -30.47
N ILE F 240 -5.77 -33.19 -31.32
CA ILE F 240 -5.67 -34.60 -30.96
C ILE F 240 -4.34 -35.15 -31.45
N TRP F 241 -3.69 -35.94 -30.61
CA TRP F 241 -2.46 -36.64 -30.97
C TRP F 241 -2.72 -38.13 -30.90
N HIS F 242 -2.43 -38.84 -31.99
CA HIS F 242 -2.59 -40.28 -32.03
C HIS F 242 -1.42 -40.91 -32.77
N ASN F 243 -1.07 -42.12 -32.35
CA ASN F 243 0.01 -42.85 -32.99
C ASN F 243 -0.45 -43.40 -34.34
N ASN F 244 0.51 -43.90 -35.12
CA ASN F 244 0.22 -44.38 -36.47
C ASN F 244 -0.74 -45.56 -36.43
N GLU F 245 -0.57 -46.46 -35.46
CA GLU F 245 -1.44 -47.63 -35.34
C GLU F 245 -2.82 -47.29 -34.82
N LYS F 246 -3.08 -46.02 -34.47
CA LYS F 246 -4.38 -45.58 -33.97
C LYS F 246 -4.75 -46.27 -32.66
N SER F 247 -3.75 -46.64 -31.86
CA SER F 247 -3.98 -47.33 -30.60
C SER F 247 -3.71 -46.46 -29.38
N PHE F 248 -2.86 -45.46 -29.50
CA PHE F 248 -2.55 -44.53 -28.41
C PHE F 248 -3.12 -43.17 -28.78
N LEU F 249 -4.16 -42.74 -28.07
CA LEU F 249 -4.88 -41.51 -28.36
C LEU F 249 -4.72 -40.53 -27.21
N ILE F 250 -4.51 -39.26 -27.54
CA ILE F 250 -4.42 -38.20 -26.55
C ILE F 250 -5.26 -37.02 -27.02
N TRP F 251 -6.16 -36.56 -26.16
CA TRP F 251 -7.02 -35.42 -26.45
C TRP F 251 -6.55 -34.22 -25.63
N VAL F 252 -6.34 -33.10 -26.31
CA VAL F 252 -5.72 -31.92 -25.71
C VAL F 252 -6.78 -30.84 -25.53
N ASN F 253 -6.92 -30.36 -24.28
CA ASN F 253 -7.70 -29.16 -23.96
C ASN F 253 -9.19 -29.33 -24.24
N GLU F 254 -9.69 -30.56 -24.28
CA GLU F 254 -11.12 -30.76 -24.45
C GLU F 254 -11.87 -30.62 -23.13
N GLU F 255 -11.59 -31.51 -22.18
CA GLU F 255 -12.19 -31.50 -20.86
C GLU F 255 -11.17 -31.28 -19.76
N ASP F 256 -9.98 -31.80 -19.93
CA ASP F 256 -8.82 -31.53 -19.09
C ASP F 256 -7.68 -31.06 -19.99
N HIS F 257 -6.51 -30.85 -19.39
CA HIS F 257 -5.34 -30.51 -20.20
C HIS F 257 -4.99 -31.63 -21.17
N THR F 258 -5.05 -32.88 -20.70
CA THR F 258 -4.79 -34.04 -21.53
C THR F 258 -5.80 -35.13 -21.20
N ARG F 259 -6.00 -36.04 -22.16
CA ARG F 259 -6.86 -37.19 -21.97
C ARG F 259 -6.20 -38.37 -22.69
N VAL F 260 -5.41 -39.14 -21.95
CA VAL F 260 -4.65 -40.24 -22.53
C VAL F 260 -5.58 -41.45 -22.70
N ILE F 261 -5.63 -41.98 -23.92
CA ILE F 261 -6.50 -43.11 -24.25
C ILE F 261 -5.66 -44.17 -24.94
N SER F 262 -5.78 -45.41 -24.48
CA SER F 262 -5.21 -46.57 -25.14
C SER F 262 -6.35 -47.46 -25.60
N MET F 263 -6.40 -47.74 -26.90
CA MET F 263 -7.53 -48.45 -27.49
C MET F 263 -7.04 -49.58 -28.38
N GLU F 264 -7.84 -50.64 -28.44
CA GLU F 264 -7.56 -51.77 -29.31
C GLU F 264 -8.88 -52.51 -29.56
N LYS F 265 -8.91 -53.25 -30.65
CA LYS F 265 -10.07 -54.06 -31.02
C LYS F 265 -9.85 -55.50 -30.55
N GLY F 266 -10.82 -56.04 -29.81
CA GLY F 266 -10.72 -57.37 -29.26
C GLY F 266 -10.90 -57.37 -27.76
N GLY F 267 -10.36 -58.39 -27.11
CA GLY F 267 -10.46 -58.51 -25.68
C GLY F 267 -9.12 -58.66 -25.00
N ASN F 268 -8.05 -58.20 -25.67
CA ASN F 268 -6.69 -58.29 -25.14
C ASN F 268 -6.43 -57.11 -24.21
N MET F 269 -7.09 -57.15 -23.04
CA MET F 269 -6.96 -56.08 -22.07
C MET F 269 -5.52 -55.92 -21.58
N LYS F 270 -4.77 -57.02 -21.52
CA LYS F 270 -3.40 -56.97 -21.03
C LYS F 270 -2.53 -56.07 -21.90
N ARG F 271 -2.60 -56.25 -23.22
CA ARG F 271 -1.80 -55.42 -24.12
C ARG F 271 -2.21 -53.97 -24.06
N VAL F 272 -3.51 -53.71 -23.99
CA VAL F 272 -3.99 -52.33 -23.92
C VAL F 272 -3.46 -51.65 -22.66
N PHE F 273 -3.55 -52.34 -21.52
CA PHE F 273 -3.09 -51.74 -20.27
C PHE F 273 -1.57 -51.58 -20.26
N GLU F 274 -0.84 -52.53 -20.84
CA GLU F 274 0.61 -52.41 -20.91
C GLU F 274 1.02 -51.21 -21.74
N ARG F 275 0.41 -51.05 -22.92
CA ARG F 275 0.71 -49.89 -23.75
C ARG F 275 0.32 -48.60 -23.05
N PHE F 276 -0.82 -48.61 -22.37
CA PHE F 276 -1.26 -47.44 -21.61
C PHE F 276 -0.23 -47.03 -20.57
N CYS F 277 0.25 -48.00 -19.79
CA CYS F 277 1.18 -47.68 -18.71
C CYS F 277 2.52 -47.20 -19.27
N ARG F 278 3.05 -47.89 -20.29
CA ARG F 278 4.34 -47.46 -20.83
C ARG F 278 4.22 -46.10 -21.50
N GLY F 279 3.10 -45.82 -22.17
CA GLY F 279 2.90 -44.52 -22.77
C GLY F 279 2.80 -43.42 -21.73
N LEU F 280 2.08 -43.67 -20.65
CA LEU F 280 1.99 -42.68 -19.58
C LEU F 280 3.37 -42.41 -18.97
N LYS F 281 4.14 -43.47 -18.73
CA LYS F 281 5.48 -43.28 -18.18
C LYS F 281 6.36 -42.47 -19.13
N GLU F 282 6.31 -42.79 -20.43
CA GLU F 282 7.12 -42.05 -21.39
C GLU F 282 6.71 -40.59 -21.47
N VAL F 283 5.40 -40.32 -21.49
CA VAL F 283 4.92 -38.95 -21.56
C VAL F 283 5.34 -38.17 -20.32
N GLU F 284 5.20 -38.77 -19.14
CA GLU F 284 5.62 -38.08 -17.92
C GLU F 284 7.12 -37.79 -17.94
N ARG F 285 7.93 -38.77 -18.34
CA ARG F 285 9.37 -38.54 -18.39
C ARG F 285 9.71 -37.40 -19.35
N LEU F 286 9.05 -37.38 -20.51
CA LEU F 286 9.34 -36.34 -21.49
C LEU F 286 8.87 -34.96 -21.04
N ILE F 287 7.77 -34.88 -20.29
CA ILE F 287 7.35 -33.56 -19.81
C ILE F 287 8.26 -33.07 -18.70
N GLN F 288 8.74 -33.97 -17.82
CA GLN F 288 9.70 -33.50 -16.81
C GLN F 288 11.09 -33.26 -17.39
N GLU F 289 11.38 -33.78 -18.58
CA GLU F 289 12.64 -33.41 -19.23
C GLU F 289 12.69 -31.91 -19.51
N ARG F 290 11.56 -31.31 -19.88
CA ARG F 290 11.49 -29.89 -20.16
C ARG F 290 11.13 -29.06 -18.93
N GLY F 291 10.86 -29.68 -17.80
CA GLY F 291 10.61 -28.96 -16.57
C GLY F 291 9.17 -28.87 -16.11
N TRP F 292 8.26 -29.61 -16.73
CA TRP F 292 6.85 -29.58 -16.37
C TRP F 292 6.47 -30.83 -15.58
N GLU F 293 5.48 -30.68 -14.71
CA GLU F 293 4.99 -31.79 -13.90
C GLU F 293 3.48 -31.87 -14.00
N PHE F 294 2.96 -33.08 -13.83
CA PHE F 294 1.52 -33.28 -13.66
C PHE F 294 1.10 -32.83 -12.28
N MET F 295 -0.08 -32.23 -12.18
CA MET F 295 -0.64 -31.92 -10.87
C MET F 295 -0.94 -33.21 -10.11
N TRP F 296 -0.46 -33.29 -8.88
CA TRP F 296 -0.65 -34.49 -8.08
C TRP F 296 -0.32 -34.22 -6.61
N ASN F 297 -1.22 -34.61 -5.71
CA ASN F 297 -0.96 -34.56 -4.28
C ASN F 297 -1.39 -35.87 -3.65
N GLU F 298 -0.82 -36.16 -2.47
CA GLU F 298 -1.08 -37.44 -1.82
C GLU F 298 -2.53 -37.59 -1.41
N ARG F 299 -3.18 -36.52 -0.96
CA ARG F 299 -4.53 -36.62 -0.44
C ARG F 299 -5.55 -36.90 -1.54
N LEU F 300 -5.43 -36.22 -2.68
CA LEU F 300 -6.42 -36.31 -3.74
C LEU F 300 -5.95 -37.07 -4.97
N GLY F 301 -4.65 -37.28 -5.14
CA GLY F 301 -4.16 -37.92 -6.35
C GLY F 301 -3.99 -36.92 -7.48
N TYR F 302 -4.26 -37.38 -8.70
CA TYR F 302 -4.15 -36.51 -9.87
C TYR F 302 -5.30 -35.51 -9.88
N ILE F 303 -4.98 -34.24 -10.08
CA ILE F 303 -5.95 -33.16 -9.99
C ILE F 303 -6.58 -32.95 -11.36
N LEU F 304 -7.91 -32.98 -11.39
CA LEU F 304 -8.69 -32.73 -12.61
C LEU F 304 -9.81 -31.75 -12.30
N THR F 305 -10.47 -31.29 -13.37
CA THR F 305 -11.48 -30.24 -13.21
C THR F 305 -12.71 -30.78 -12.47
N CYS F 306 -13.23 -31.92 -12.90
CA CYS F 306 -14.42 -32.49 -12.27
C CYS F 306 -14.02 -33.26 -11.02
N PRO F 307 -14.60 -32.95 -9.86
CA PRO F 307 -14.24 -33.69 -8.64
C PRO F 307 -14.55 -35.18 -8.72
N SER F 308 -15.49 -35.60 -9.58
CA SER F 308 -15.77 -37.01 -9.76
C SER F 308 -14.66 -37.74 -10.48
N ASN F 309 -13.72 -37.02 -11.09
CA ASN F 309 -12.60 -37.61 -11.82
C ASN F 309 -11.31 -37.61 -11.02
N LEU F 310 -11.36 -37.23 -9.75
CA LEU F 310 -10.15 -37.13 -8.94
C LEU F 310 -9.59 -38.52 -8.65
N GLY F 311 -8.35 -38.53 -8.13
CA GLY F 311 -7.69 -39.76 -7.80
C GLY F 311 -6.82 -40.28 -8.93
N THR F 312 -7.32 -41.27 -9.66
CA THR F 312 -6.63 -41.79 -10.83
C THR F 312 -7.23 -41.32 -12.14
N GLY F 313 -8.50 -40.95 -12.14
CA GLY F 313 -9.16 -40.56 -13.37
C GLY F 313 -9.28 -41.66 -14.39
N LEU F 314 -9.12 -42.91 -13.98
CA LEU F 314 -9.07 -44.02 -14.91
C LEU F 314 -10.47 -44.54 -15.19
N ARG F 315 -10.70 -44.95 -16.44
CA ARG F 315 -11.95 -45.57 -16.86
C ARG F 315 -11.59 -46.67 -17.85
N ALA F 316 -11.45 -47.89 -17.33
CA ALA F 316 -11.16 -49.05 -18.16
C ALA F 316 -12.48 -49.64 -18.63
N GLY F 317 -12.76 -49.54 -19.94
CA GLY F 317 -14.04 -49.91 -20.49
C GLY F 317 -13.92 -50.98 -21.55
N VAL F 318 -15.09 -51.43 -22.02
CA VAL F 318 -15.18 -52.43 -23.08
C VAL F 318 -16.54 -52.27 -23.76
N HIS F 319 -16.62 -52.69 -25.01
CA HIS F 319 -17.85 -52.66 -25.78
C HIS F 319 -18.33 -54.09 -26.00
N ILE F 320 -19.55 -54.38 -25.59
CA ILE F 320 -20.11 -55.72 -25.71
C ILE F 320 -21.64 -55.64 -25.75
N PRO F 323 -26.34 -61.10 -25.97
CA PRO F 323 -26.73 -60.17 -24.91
C PRO F 323 -27.84 -60.74 -24.02
N LEU F 324 -27.67 -62.00 -23.59
CA LEU F 324 -28.69 -62.65 -22.79
C LEU F 324 -28.87 -61.99 -21.42
N LEU F 325 -27.89 -61.24 -20.94
CA LEU F 325 -27.97 -60.56 -19.65
C LEU F 325 -28.35 -59.10 -19.80
N SER F 326 -29.19 -58.77 -20.77
CA SER F 326 -29.70 -57.42 -20.94
C SER F 326 -31.21 -57.31 -20.75
N LYS F 327 -31.96 -58.37 -21.04
CA LYS F 327 -33.40 -58.35 -20.76
C LYS F 327 -33.68 -58.54 -19.28
N ASP F 328 -32.86 -59.33 -18.59
CA ASP F 328 -33.14 -59.66 -17.20
C ASP F 328 -33.05 -58.43 -16.31
N SER F 329 -33.94 -58.36 -15.33
CA SER F 329 -33.95 -57.24 -14.38
C SER F 329 -32.90 -57.39 -13.29
N ARG F 330 -32.30 -58.57 -13.14
CA ARG F 330 -31.24 -58.77 -12.16
C ARG F 330 -29.89 -58.27 -12.65
N PHE F 331 -29.74 -57.99 -13.94
CA PHE F 331 -28.47 -57.50 -14.48
C PHE F 331 -28.03 -56.17 -13.87
N PRO F 332 -28.91 -55.17 -13.68
CA PRO F 332 -28.48 -54.00 -12.89
C PRO F 332 -28.02 -54.35 -11.49
N LYS F 333 -28.70 -55.30 -10.84
CA LYS F 333 -28.31 -55.69 -9.49
C LYS F 333 -26.91 -56.28 -9.46
N ILE F 334 -26.61 -57.20 -10.39
CA ILE F 334 -25.28 -57.82 -10.36
C ILE F 334 -24.20 -56.85 -10.79
N LEU F 335 -24.49 -55.94 -11.73
CA LEU F 335 -23.47 -54.95 -12.09
C LEU F 335 -23.20 -54.01 -10.91
N GLU F 336 -24.24 -53.63 -10.17
CA GLU F 336 -24.04 -52.80 -9.00
C GLU F 336 -23.25 -53.54 -7.92
N ASN F 337 -23.56 -54.82 -7.70
CA ASN F 337 -22.84 -55.61 -6.71
C ASN F 337 -21.41 -55.88 -7.13
N LEU F 338 -21.10 -55.82 -8.42
CA LEU F 338 -19.76 -56.04 -8.93
C LEU F 338 -18.93 -54.77 -8.94
N ARG F 339 -19.46 -53.65 -8.44
CA ARG F 339 -18.83 -52.33 -8.57
C ARG F 339 -18.54 -52.01 -10.03
N LEU F 340 -19.46 -52.41 -10.91
CA LEU F 340 -19.26 -52.38 -12.35
C LEU F 340 -20.31 -51.48 -12.97
N GLN F 341 -19.88 -50.61 -13.88
CA GLN F 341 -20.76 -49.62 -14.47
C GLN F 341 -21.19 -50.04 -15.87
N LYS F 342 -22.41 -49.66 -16.23
CA LYS F 342 -22.96 -49.99 -17.54
C LYS F 342 -23.78 -48.80 -18.04
N ARG F 343 -23.63 -48.49 -19.32
CA ARG F 343 -24.36 -47.41 -19.96
C ARG F 343 -24.60 -47.79 -21.42
N GLY F 344 -25.03 -46.81 -22.22
CA GLY F 344 -25.31 -47.08 -23.62
C GLY F 344 -24.06 -47.50 -24.35
N THR F 345 -24.23 -48.45 -25.28
CA THR F 345 -23.12 -48.96 -26.06
C THR F 345 -22.66 -47.95 -27.12
N ASP F 358 -21.07 -50.10 -23.20
CA ASP F 358 -19.91 -49.44 -22.60
C ASP F 358 -19.77 -49.80 -21.13
N ILE F 359 -19.38 -51.06 -20.88
CA ILE F 359 -19.15 -51.52 -19.52
C ILE F 359 -17.94 -50.81 -18.94
N SER F 360 -18.10 -50.22 -17.76
CA SER F 360 -17.05 -49.43 -17.14
C SER F 360 -16.99 -49.60 -15.63
N ASN F 361 -16.26 -48.72 -14.95
CA ASN F 361 -16.02 -48.79 -13.52
C ASN F 361 -16.77 -47.67 -12.81
N LEU F 362 -16.67 -47.65 -11.49
CA LEU F 362 -17.30 -46.62 -10.67
C LEU F 362 -16.27 -45.75 -9.94
N ASP F 363 -15.39 -46.35 -9.16
CA ASP F 363 -14.51 -45.61 -8.26
C ASP F 363 -13.24 -45.16 -8.97
N ARG F 364 -12.69 -44.05 -8.50
CA ARG F 364 -11.42 -43.55 -9.02
C ARG F 364 -10.46 -43.22 -7.88
N LEU F 365 -10.99 -42.84 -6.72
CA LEU F 365 -10.17 -42.55 -5.55
C LEU F 365 -10.13 -43.74 -4.60
N GLY F 366 -8.98 -43.88 -3.93
CA GLY F 366 -8.82 -44.88 -2.90
C GLY F 366 -8.26 -46.21 -3.39
N LYS F 367 -8.57 -46.56 -4.63
CA LYS F 367 -8.17 -47.84 -5.22
C LYS F 367 -7.37 -47.58 -6.49
N SER F 368 -6.30 -48.35 -6.67
CA SER F 368 -5.26 -48.02 -7.64
C SER F 368 -5.69 -48.39 -9.06
N GLU F 369 -4.90 -47.92 -10.02
CA GLU F 369 -5.20 -48.15 -11.43
C GLU F 369 -5.16 -49.63 -11.78
N VAL F 370 -4.17 -50.35 -11.25
CA VAL F 370 -4.10 -51.79 -11.49
C VAL F 370 -5.32 -52.48 -10.90
N GLU F 371 -5.71 -52.07 -9.68
CA GLU F 371 -6.92 -52.61 -9.08
C GLU F 371 -8.16 -52.20 -9.88
N LEU F 372 -8.12 -51.04 -10.54
CA LEU F 372 -9.24 -50.64 -11.38
C LEU F 372 -9.47 -51.64 -12.50
N VAL F 373 -8.43 -51.95 -13.26
CA VAL F 373 -8.57 -52.93 -14.33
C VAL F 373 -8.79 -54.32 -13.75
N GLN F 374 -8.16 -54.62 -12.62
CA GLN F 374 -8.37 -55.91 -11.98
C GLN F 374 -9.84 -56.15 -11.66
N LEU F 375 -10.52 -55.11 -11.17
CA LEU F 375 -11.96 -55.24 -10.93
C LEU F 375 -12.72 -55.43 -12.23
N VAL F 376 -12.33 -54.71 -13.28
CA VAL F 376 -13.05 -54.77 -14.54
C VAL F 376 -12.88 -56.13 -15.20
N ILE F 377 -11.64 -56.64 -15.25
CA ILE F 377 -11.41 -57.91 -15.90
C ILE F 377 -12.10 -59.05 -15.15
N ASP F 378 -12.02 -59.05 -13.82
CA ASP F 378 -12.73 -60.06 -13.04
C ASP F 378 -14.24 -59.83 -13.07
N GLY F 379 -14.68 -58.56 -13.06
CA GLY F 379 -16.10 -58.29 -13.16
C GLY F 379 -16.69 -58.75 -14.48
N VAL F 380 -15.98 -58.50 -15.58
CA VAL F 380 -16.43 -59.01 -16.88
C VAL F 380 -16.26 -60.52 -16.94
N ASN F 381 -15.25 -61.07 -16.26
CA ASN F 381 -15.05 -62.52 -16.27
C ASN F 381 -16.27 -63.25 -15.72
N TYR F 382 -16.86 -62.73 -14.63
CA TYR F 382 -18.10 -63.29 -14.11
C TYR F 382 -19.28 -63.04 -15.04
N LEU F 383 -19.13 -62.17 -16.04
CA LEU F 383 -20.20 -61.88 -16.99
C LEU F 383 -20.09 -62.71 -18.26
N ILE F 384 -18.87 -63.04 -18.70
CA ILE F 384 -18.72 -63.88 -19.89
C ILE F 384 -19.28 -65.27 -19.64
N ASP F 385 -19.06 -65.82 -18.44
CA ASP F 385 -19.52 -67.17 -18.14
C ASP F 385 -21.04 -67.26 -18.23
N CYS F 386 -21.75 -66.25 -17.72
CA CYS F 386 -23.20 -66.25 -17.81
C CYS F 386 -23.69 -66.16 -19.24
N GLU F 387 -22.88 -65.61 -20.14
CA GLU F 387 -23.20 -65.50 -21.57
C GLU F 387 -24.53 -64.79 -21.81
N SER G 31 14.34 3.98 -8.02
CA SER G 31 14.31 2.53 -8.13
C SER G 31 14.49 1.87 -6.78
N GLU G 32 14.01 0.64 -6.66
CA GLU G 32 14.17 -0.15 -5.44
C GLU G 32 15.47 -0.96 -5.43
N ARG G 33 16.28 -0.85 -6.48
CA ARG G 33 17.55 -1.55 -6.56
C ARG G 33 18.70 -0.73 -5.99
N ARG G 34 18.45 0.50 -5.55
CA ARG G 34 19.48 1.29 -4.90
C ARG G 34 19.80 0.72 -3.53
N ARG G 35 21.09 0.71 -3.19
CA ARG G 35 21.55 0.11 -1.94
C ARG G 35 21.58 1.14 -0.83
N LEU G 36 21.13 0.72 0.35
CA LEU G 36 21.22 1.55 1.54
C LEU G 36 22.64 1.50 2.11
N TYR G 37 22.96 2.49 2.94
CA TYR G 37 24.19 2.44 3.69
C TYR G 37 24.15 1.24 4.64
N PRO G 38 25.18 0.38 4.64
CA PRO G 38 25.18 -0.73 5.58
C PRO G 38 25.20 -0.22 7.01
N PRO G 39 24.58 -0.94 7.93
CA PRO G 39 24.52 -0.45 9.33
C PRO G 39 25.87 -0.19 9.94
N SER G 40 26.91 -0.95 9.56
CA SER G 40 28.23 -0.74 10.11
C SER G 40 28.85 0.58 9.66
N ALA G 41 28.34 1.18 8.58
CA ALA G 41 28.81 2.49 8.16
C ALA G 41 28.36 3.59 9.11
N GLU G 42 27.27 3.37 9.85
CA GLU G 42 26.76 4.33 10.81
C GLU G 42 27.24 4.06 12.23
N TYR G 43 28.10 3.06 12.42
CA TYR G 43 28.53 2.70 13.76
C TYR G 43 29.35 3.82 14.37
N PRO G 44 29.05 4.24 15.60
CA PRO G 44 29.80 5.34 16.22
C PRO G 44 31.26 4.97 16.49
N ASP G 45 32.10 6.00 16.49
CA ASP G 45 33.52 5.85 16.81
C ASP G 45 33.66 5.95 18.32
N LEU G 46 33.81 4.81 18.99
CA LEU G 46 33.90 4.75 20.44
C LEU G 46 35.28 4.32 20.92
N ARG G 47 36.30 4.54 20.09
CA ARG G 47 37.65 4.13 20.44
C ARG G 47 38.24 4.92 21.60
N LYS G 48 37.65 6.07 21.94
CA LYS G 48 38.14 6.89 23.05
C LYS G 48 37.04 7.14 24.10
N HIS G 49 35.99 6.34 24.08
CA HIS G 49 34.90 6.47 25.04
C HIS G 49 35.06 5.43 26.15
N ASN G 50 34.50 5.77 27.32
CA ASN G 50 34.51 4.86 28.48
C ASN G 50 33.18 5.04 29.22
N ASN G 51 32.21 4.20 28.89
CA ASN G 51 30.93 4.17 29.59
C ASN G 51 30.25 2.85 29.27
N CYS G 52 29.12 2.62 29.96
CA CYS G 52 28.38 1.38 29.76
C CYS G 52 27.92 1.24 28.31
N MET G 53 27.52 2.36 27.69
CA MET G 53 27.18 2.33 26.27
C MET G 53 28.37 1.91 25.42
N ALA G 54 29.55 2.44 25.71
CA ALA G 54 30.73 2.11 24.90
C ALA G 54 31.08 0.63 25.03
N SER G 55 30.99 0.08 26.24
CA SER G 55 31.38 -1.31 26.47
C SER G 55 30.28 -2.31 26.14
N HIS G 56 29.03 -1.86 25.94
CA HIS G 56 27.94 -2.77 25.66
C HIS G 56 27.36 -2.60 24.25
N LEU G 57 27.83 -1.63 23.49
CA LEU G 57 27.37 -1.45 22.11
C LEU G 57 28.38 -2.13 21.19
N THR G 58 28.05 -3.32 20.75
CA THR G 58 28.87 -4.08 19.81
C THR G 58 28.32 -3.94 18.40
N PRO G 59 29.15 -4.18 17.38
CA PRO G 59 28.65 -4.08 16.00
C PRO G 59 27.43 -4.95 15.73
N ALA G 60 27.37 -6.14 16.31
CA ALA G 60 26.22 -7.00 16.11
C ALA G 60 24.96 -6.37 16.68
N VAL G 61 25.04 -5.84 17.90
CA VAL G 61 23.87 -5.22 18.53
C VAL G 61 23.43 -3.99 17.75
N TYR G 62 24.39 -3.15 17.35
CA TYR G 62 24.06 -1.95 16.60
C TYR G 62 23.40 -2.29 15.28
N ALA G 63 23.93 -3.29 14.57
CA ALA G 63 23.35 -3.69 13.29
C ALA G 63 21.97 -4.29 13.49
N ARG G 64 21.75 -5.02 14.58
CA ARG G 64 20.45 -5.63 14.82
C ARG G 64 19.40 -4.60 15.18
N LEU G 65 19.76 -3.59 15.97
CA LEU G 65 18.79 -2.64 16.50
C LEU G 65 18.62 -1.39 15.65
N CYS G 66 19.37 -1.26 14.55
CA CYS G 66 19.35 0.00 13.80
C CYS G 66 18.09 0.18 12.96
N ASP G 67 17.51 -0.91 12.42
CA ASP G 67 16.27 -0.78 11.67
C ASP G 67 15.08 -0.54 12.59
N LYS G 68 15.12 -1.05 13.82
CA LYS G 68 13.95 -0.98 14.69
C LYS G 68 13.67 0.45 15.13
N THR G 69 12.40 0.72 15.42
CA THR G 69 11.98 2.03 15.88
C THR G 69 10.71 1.87 16.70
N THR G 70 10.49 2.80 17.61
CA THR G 70 9.28 2.83 18.41
C THR G 70 8.12 3.38 17.58
N PRO G 71 6.88 3.15 18.01
CA PRO G 71 5.73 3.69 17.26
C PRO G 71 5.77 5.21 17.08
N THR G 72 6.36 5.94 18.03
CA THR G 72 6.46 7.38 17.92
C THR G 72 7.65 7.85 17.10
N GLY G 73 8.48 6.91 16.62
CA GLY G 73 9.60 7.26 15.76
C GLY G 73 10.94 7.32 16.44
N TRP G 74 11.03 6.98 17.72
CA TRP G 74 12.32 6.98 18.41
C TRP G 74 13.20 5.86 17.88
N THR G 75 14.48 6.16 17.68
CA THR G 75 15.43 5.24 17.09
C THR G 75 16.63 5.05 18.00
N LEU G 76 17.48 4.09 17.62
CA LEU G 76 18.67 3.78 18.42
C LEU G 76 19.67 4.93 18.44
N ASP G 77 19.85 5.60 17.29
CA ASP G 77 20.80 6.70 17.22
C ASP G 77 20.39 7.83 18.16
N GLN G 78 19.09 8.13 18.22
CA GLN G 78 18.63 9.14 19.16
C GLN G 78 18.84 8.70 20.61
N CYS G 79 18.75 7.40 20.89
CA CYS G 79 19.04 6.89 22.22
C CYS G 79 20.51 7.12 22.59
N ILE G 80 21.42 6.83 21.66
CA ILE G 80 22.85 6.79 21.97
C ILE G 80 23.56 8.10 21.64
N GLN G 81 22.84 9.10 21.11
CA GLN G 81 23.49 10.37 20.76
C GLN G 81 24.08 11.05 21.98
N THR G 82 23.43 10.93 23.14
CA THR G 82 23.96 11.54 24.36
C THR G 82 25.32 10.96 24.71
N GLY G 83 25.43 9.63 24.70
CA GLY G 83 26.71 9.00 25.00
C GLY G 83 27.77 9.28 23.96
N VAL G 84 27.37 9.30 22.68
CA VAL G 84 28.34 9.53 21.61
C VAL G 84 28.88 10.96 21.67
N ASP G 85 28.01 11.94 21.90
CA ASP G 85 28.45 13.33 21.89
C ASP G 85 29.32 13.65 23.09
N ASN G 86 29.04 13.03 24.24
CA ASN G 86 29.81 13.29 25.46
C ASN G 86 30.58 12.03 25.84
N PRO G 87 31.86 11.93 25.49
CA PRO G 87 32.62 10.73 25.86
C PRO G 87 32.72 10.50 27.35
N GLY G 88 32.75 11.56 28.15
CA GLY G 88 32.87 11.42 29.58
C GLY G 88 34.29 11.09 30.02
N HIS G 89 34.39 10.67 31.28
CA HIS G 89 35.67 10.31 31.88
C HIS G 89 35.57 8.94 32.54
N PRO G 90 36.68 8.20 32.57
CA PRO G 90 36.72 6.88 33.22
C PRO G 90 36.44 6.95 34.72
N LYS G 93 31.20 7.15 35.81
CA LYS G 93 30.77 6.59 34.53
C LYS G 93 29.26 6.74 34.34
N THR G 94 28.88 7.77 33.58
CA THR G 94 27.47 8.02 33.30
C THR G 94 26.93 7.01 32.29
N VAL G 95 25.60 6.99 32.16
CA VAL G 95 24.96 6.06 31.24
C VAL G 95 25.10 6.54 29.81
N GLY G 96 24.75 7.79 29.55
CA GLY G 96 24.82 8.32 28.20
C GLY G 96 23.72 7.83 27.28
N MET G 97 22.62 7.33 27.83
CA MET G 97 21.49 6.87 27.03
C MET G 97 20.20 7.40 27.62
N VAL G 98 19.23 7.66 26.75
CA VAL G 98 17.91 8.13 27.15
C VAL G 98 16.85 7.39 26.34
N ALA G 99 15.63 7.42 26.85
CA ALA G 99 14.48 6.82 26.18
C ALA G 99 13.54 7.91 25.70
N GLY G 100 12.98 7.72 24.51
CA GLY G 100 12.08 8.70 23.94
C GLY G 100 10.63 8.49 24.32
N ASP G 101 10.29 7.29 24.77
CA ASP G 101 8.92 6.96 25.16
C ASP G 101 8.96 5.70 26.01
N GLU G 102 7.77 5.16 26.31
CA GLU G 102 7.69 3.95 27.12
C GLU G 102 8.12 2.72 26.33
N GLU G 103 7.77 2.67 25.04
CA GLU G 103 8.07 1.50 24.23
C GLU G 103 9.56 1.31 24.00
N THR G 104 10.37 2.36 24.18
CA THR G 104 11.80 2.27 23.92
C THR G 104 12.43 1.12 24.71
N TYR G 105 12.19 1.07 26.02
CA TYR G 105 12.76 0.04 26.86
C TYR G 105 12.35 -1.36 26.41
N GLU G 106 11.24 -1.48 25.68
CA GLU G 106 10.88 -2.76 25.10
C GLU G 106 11.48 -2.95 23.72
N VAL G 107 11.49 -1.90 22.89
CA VAL G 107 12.00 -2.03 21.54
C VAL G 107 13.52 -2.21 21.54
N PHE G 108 14.23 -1.42 22.35
CA PHE G 108 15.68 -1.48 22.45
C PHE G 108 16.13 -2.17 23.73
N ALA G 109 15.40 -3.21 24.14
CA ALA G 109 15.74 -3.93 25.36
C ALA G 109 17.12 -4.57 25.27
N ASP G 110 17.51 -5.04 24.08
CA ASP G 110 18.82 -5.67 23.92
C ASP G 110 19.97 -4.71 24.21
N LEU G 111 19.71 -3.40 24.16
CA LEU G 111 20.72 -2.39 24.47
C LEU G 111 20.63 -1.90 25.91
N PHE G 112 19.42 -1.61 26.38
CA PHE G 112 19.27 -1.05 27.73
C PHE G 112 19.42 -2.09 28.82
N ASP G 113 19.04 -3.35 28.57
CA ASP G 113 19.04 -4.37 29.61
C ASP G 113 20.43 -4.59 30.22
N PRO G 114 21.51 -4.79 29.44
CA PRO G 114 22.82 -4.89 30.08
C PRO G 114 23.21 -3.64 30.85
N VAL G 115 22.83 -2.46 30.35
CA VAL G 115 23.14 -1.22 31.05
C VAL G 115 22.34 -1.13 32.35
N ILE G 116 21.07 -1.50 32.31
CA ILE G 116 20.25 -1.48 33.52
C ILE G 116 20.79 -2.45 34.55
N GLN G 117 21.27 -3.61 34.09
CA GLN G 117 21.77 -4.62 35.02
C GLN G 117 23.11 -4.21 35.62
N GLU G 118 24.03 -3.70 34.80
CA GLU G 118 25.34 -3.33 35.31
C GLU G 118 25.28 -2.07 36.17
N ARG G 119 24.44 -1.11 35.79
CA ARG G 119 24.31 0.12 36.55
C ARG G 119 23.75 -0.15 37.94
N HIS G 120 22.78 -1.05 38.04
CA HIS G 120 22.11 -1.35 39.30
C HIS G 120 22.65 -2.61 39.96
N ASN G 121 23.90 -2.98 39.66
CA ASN G 121 24.67 -4.03 40.32
C ASN G 121 23.84 -5.29 40.59
N GLY G 122 23.36 -5.91 39.52
CA GLY G 122 22.78 -7.24 39.63
C GLY G 122 21.38 -7.41 39.10
N TYR G 123 20.56 -6.36 39.16
CA TYR G 123 19.16 -6.48 38.76
C TYR G 123 19.08 -6.77 37.27
N ASP G 124 18.70 -8.00 36.92
CA ASP G 124 18.46 -8.37 35.53
C ASP G 124 16.99 -8.14 35.24
N PRO G 125 16.62 -7.15 34.42
CA PRO G 125 15.19 -6.90 34.17
C PRO G 125 14.47 -8.07 33.54
N ARG G 126 15.14 -8.84 32.67
CA ARG G 126 14.48 -9.93 31.99
C ARG G 126 14.10 -11.06 32.94
N THR G 127 14.86 -11.25 34.01
CA THR G 127 14.64 -12.37 34.92
C THR G 127 13.74 -12.00 36.10
N MET G 128 14.16 -11.03 36.90
CA MET G 128 13.45 -10.69 38.13
C MET G 128 12.49 -9.53 37.90
N LYS G 129 11.44 -9.49 38.72
CA LYS G 129 10.40 -8.47 38.64
C LYS G 129 10.60 -7.44 39.74
N HIS G 130 10.05 -6.25 39.52
CA HIS G 130 10.13 -5.15 40.48
C HIS G 130 8.81 -4.99 41.20
N THR G 131 8.86 -4.88 42.52
CA THR G 131 7.69 -4.70 43.36
C THR G 131 7.63 -3.26 43.85
N THR G 132 6.50 -2.60 43.66
CA THR G 132 6.30 -1.23 44.10
C THR G 132 5.49 -1.22 45.39
N ASP G 133 6.04 -0.56 46.41
CA ASP G 133 5.39 -0.48 47.73
C ASP G 133 5.62 0.93 48.26
N LEU G 134 4.64 1.81 48.02
CA LEU G 134 4.68 3.17 48.53
C LEU G 134 3.95 3.33 49.85
N ASP G 135 3.42 2.24 50.41
CA ASP G 135 2.71 2.31 51.69
C ASP G 135 3.73 2.59 52.80
N ALA G 136 3.63 3.76 53.42
CA ALA G 136 4.56 4.18 54.46
C ALA G 136 4.11 3.77 55.85
N SER G 137 3.00 3.06 55.98
CA SER G 137 2.55 2.61 57.28
C SER G 137 3.43 1.53 57.89
N LYS G 138 4.34 0.95 57.11
CA LYS G 138 5.20 -0.13 57.56
C LYS G 138 6.60 0.35 57.96
N ILE G 139 6.82 1.66 58.02
CA ILE G 139 8.14 2.16 58.41
C ILE G 139 8.31 2.02 59.91
N ARG G 140 9.52 1.66 60.33
CA ARG G 140 9.86 1.52 61.74
C ARG G 140 10.87 2.59 62.12
N SER G 141 10.52 3.42 63.10
CA SER G 141 11.39 4.46 63.62
C SER G 141 11.84 5.43 62.53
N GLY G 142 12.93 6.16 62.79
CA GLY G 142 13.48 7.09 61.83
C GLY G 142 13.31 8.54 62.22
N TYR G 143 14.36 9.12 62.79
CA TYR G 143 14.33 10.53 63.19
C TYR G 143 15.77 10.97 63.39
N PHE G 144 16.24 11.92 62.58
CA PHE G 144 17.60 12.42 62.67
C PHE G 144 17.69 13.52 63.71
N ASP G 145 18.87 13.64 64.33
CA ASP G 145 19.10 14.68 65.31
C ASP G 145 18.97 16.05 64.66
N GLU G 146 18.31 16.97 65.36
CA GLU G 146 18.13 18.32 64.83
C GLU G 146 19.46 19.03 64.62
N ARG G 147 20.47 18.70 65.44
CA ARG G 147 21.80 19.25 65.23
C ARG G 147 22.41 18.75 63.93
N TYR G 148 21.98 17.58 63.46
CA TYR G 148 22.51 17.01 62.22
C TYR G 148 21.59 17.32 61.05
N LEU G 150 20.28 19.02 58.68
CA LEU G 150 19.78 20.36 58.35
C LEU G 150 18.40 20.28 57.69
N SER G 151 18.35 19.65 56.52
CA SER G 151 17.11 19.51 55.76
C SER G 151 16.98 18.09 55.24
N SER G 152 15.77 17.56 55.29
CA SER G 152 15.46 16.22 54.79
C SER G 152 14.63 16.34 53.52
N ARG G 153 14.97 15.53 52.52
CA ARG G 153 14.35 15.64 51.21
C ARG G 153 14.08 14.26 50.64
N VAL G 154 12.92 14.10 50.02
CA VAL G 154 12.55 12.90 49.28
C VAL G 154 12.16 13.32 47.87
N ARG G 155 12.70 12.62 46.87
CA ARG G 155 12.48 12.98 45.48
C ARG G 155 12.19 11.74 44.66
N THR G 156 11.18 11.82 43.80
CA THR G 156 10.94 10.80 42.78
C THR G 156 10.62 11.52 41.46
N GLY G 157 10.24 10.74 40.46
CA GLY G 157 9.84 11.27 39.18
C GLY G 157 8.83 10.37 38.50
N ARG G 158 7.85 10.95 37.84
CA ARG G 158 6.79 10.19 37.19
C ARG G 158 6.60 10.67 35.76
N SER G 159 6.17 9.76 34.90
CA SER G 159 5.87 10.06 33.52
C SER G 159 4.43 9.66 33.22
N ILE G 160 3.74 10.48 32.44
CA ILE G 160 2.34 10.26 32.12
C ILE G 160 2.25 9.34 30.91
N ARG G 161 1.54 8.23 31.06
CA ARG G 161 1.42 7.26 29.99
C ARG G 161 0.68 7.86 28.80
N GLY G 162 1.16 7.56 27.59
CA GLY G 162 0.57 8.07 26.38
C GLY G 162 1.22 9.31 25.81
N LEU G 163 2.18 9.90 26.53
CA LEU G 163 2.87 11.10 26.10
C LEU G 163 4.36 10.84 26.04
N SER G 164 5.00 11.37 25.00
CA SER G 164 6.43 11.12 24.78
C SER G 164 7.27 11.75 25.89
N LEU G 165 8.42 11.13 26.14
CA LEU G 165 9.34 11.60 27.16
C LEU G 165 10.03 12.88 26.70
N PRO G 166 10.61 13.63 27.62
CA PRO G 166 11.18 14.95 27.29
C PRO G 166 12.18 14.90 26.13
N PRO G 167 13.02 13.87 26.01
CA PRO G 167 13.91 13.83 24.84
C PRO G 167 13.18 13.81 23.51
N ALA G 168 12.00 13.21 23.44
CA ALA G 168 11.28 13.07 22.18
C ALA G 168 9.96 13.84 22.12
N CYS G 169 9.54 14.48 23.19
CA CYS G 169 8.23 15.13 23.22
C CYS G 169 8.22 16.35 22.32
N THR G 170 7.09 16.56 21.65
CA THR G 170 6.87 17.78 20.87
C THR G 170 6.37 18.89 21.78
N ARG G 171 6.12 20.06 21.18
CA ARG G 171 5.55 21.16 21.96
C ARG G 171 4.15 20.82 22.44
N ALA G 172 3.35 20.21 21.58
CA ALA G 172 1.97 19.85 21.95
C ALA G 172 1.96 18.83 23.08
N GLU G 173 2.83 17.82 23.00
CA GLU G 173 2.88 16.81 24.04
C GLU G 173 3.34 17.41 25.37
N ARG G 174 4.34 18.29 25.33
CA ARG G 174 4.80 18.94 26.56
C ARG G 174 3.70 19.80 27.18
N ARG G 175 2.98 20.55 26.34
CA ARG G 175 1.88 21.35 26.85
C ARG G 175 0.76 20.48 27.42
N GLU G 176 0.52 19.32 26.78
CA GLU G 176 -0.47 18.39 27.31
C GLU G 176 -0.06 17.86 28.67
N VAL G 177 1.22 17.53 28.83
CA VAL G 177 1.73 17.08 30.13
C VAL G 177 1.51 18.16 31.18
N GLU G 178 1.86 19.40 30.83
CA GLU G 178 1.70 20.51 31.79
C GLU G 178 0.25 20.70 32.17
N ARG G 179 -0.66 20.65 31.19
N ARG G 179 -0.66 20.66 31.18
CA ARG G 179 -2.07 20.85 31.48
CA ARG G 179 -2.08 20.83 31.46
C ARG G 179 -2.63 19.73 32.35
C ARG G 179 -2.62 19.73 32.35
N VAL G 180 -2.25 18.49 32.07
CA VAL G 180 -2.72 17.36 32.88
C VAL G 180 -2.24 17.51 34.32
N VAL G 181 -0.96 17.83 34.49
CA VAL G 181 -0.40 17.96 35.84
C VAL G 181 -1.05 19.12 36.58
N VAL G 182 -1.26 20.25 35.89
CA VAL G 182 -1.84 21.42 36.56
C VAL G 182 -3.28 21.15 36.95
N ASP G 183 -4.08 20.55 36.06
CA ASP G 183 -5.47 20.25 36.39
C ASP G 183 -5.55 19.25 37.53
N ALA G 184 -4.67 18.25 37.55
CA ALA G 184 -4.66 17.30 38.66
C ALA G 184 -4.30 17.99 39.97
N LEU G 185 -3.24 18.79 39.97
CA LEU G 185 -2.79 19.43 41.20
C LEU G 185 -3.74 20.51 41.69
N SER G 186 -4.62 21.03 40.82
CA SER G 186 -5.61 21.99 41.27
C SER G 186 -6.58 21.37 42.28
N GLY G 187 -6.75 20.05 42.25
CA GLY G 187 -7.65 19.38 43.17
C GLY G 187 -7.08 19.07 44.54
N LEU G 188 -5.79 19.33 44.74
CA LEU G 188 -5.18 19.08 46.04
C LEU G 188 -5.76 20.03 47.08
N LYS G 189 -6.09 19.49 48.25
CA LYS G 189 -6.75 20.25 49.30
C LYS G 189 -6.01 20.05 50.62
N GLY G 190 -6.26 20.96 51.55
CA GLY G 190 -5.66 20.90 52.86
C GLY G 190 -4.23 21.40 52.89
N ASP G 191 -3.36 20.70 53.62
CA ASP G 191 -1.95 21.07 53.67
C ASP G 191 -1.28 20.94 52.31
N LEU G 192 -1.87 20.17 51.39
CA LEU G 192 -1.32 19.95 50.07
C LEU G 192 -1.79 20.98 49.05
N ALA G 193 -2.57 21.97 49.47
CA ALA G 193 -3.00 23.03 48.55
C ALA G 193 -1.83 23.90 48.16
N GLY G 194 -1.79 24.29 46.89
CA GLY G 194 -0.68 25.08 46.39
C GLY G 194 -1.02 25.77 45.09
N ARG G 195 0.00 26.39 44.50
CA ARG G 195 -0.14 27.16 43.28
C ARG G 195 0.93 26.76 42.28
N TYR G 196 0.60 26.89 41.00
CA TYR G 196 1.51 26.56 39.91
C TYR G 196 2.18 27.84 39.42
N TYR G 197 3.51 27.79 39.28
CA TYR G 197 4.31 28.94 38.89
C TYR G 197 5.02 28.61 37.57
N ARG G 198 4.57 29.24 36.49
CA ARG G 198 5.17 29.02 35.18
C ARG G 198 6.50 29.76 35.09
N LEU G 199 7.50 29.09 34.51
CA LEU G 199 8.83 29.69 34.38
C LEU G 199 8.80 30.90 33.47
N SER G 200 8.05 30.82 32.36
CA SER G 200 8.06 31.90 31.39
C SER G 200 7.45 33.18 31.94
N GLU G 201 6.62 33.07 32.98
CA GLU G 201 5.93 34.23 33.54
C GLU G 201 6.49 34.68 34.88
N MET G 202 7.63 34.14 35.30
CA MET G 202 8.28 34.57 36.54
C MET G 202 9.66 35.14 36.23
N THR G 203 10.11 36.04 37.10
CA THR G 203 11.37 36.75 36.88
C THR G 203 12.56 35.84 37.18
N GLU G 204 13.72 36.25 36.67
CA GLU G 204 14.95 35.49 36.87
C GLU G 204 15.51 35.64 38.27
N ALA G 205 15.25 36.77 38.94
CA ALA G 205 15.78 36.97 40.29
C ALA G 205 15.13 36.00 41.28
N GLU G 206 13.80 35.92 41.28
CA GLU G 206 13.11 34.95 42.12
C GLU G 206 13.46 33.53 41.70
N GLN G 207 13.68 33.32 40.41
CA GLN G 207 14.11 32.02 39.93
C GLN G 207 15.42 31.60 40.57
N GLN G 208 16.42 32.49 40.54
CA GLN G 208 17.71 32.17 41.14
C GLN G 208 17.61 32.02 42.65
N GLN G 209 16.77 32.83 43.29
CA GLN G 209 16.58 32.71 44.74
C GLN G 209 16.02 31.34 45.09
N LEU G 210 14.98 30.89 44.37
CA LEU G 210 14.42 29.57 44.62
C LEU G 210 15.40 28.46 44.27
N ILE G 211 16.22 28.68 43.24
CA ILE G 211 17.25 27.70 42.90
C ILE G 211 18.23 27.54 44.05
N ASP G 212 18.66 28.66 44.63
CA ASP G 212 19.55 28.61 45.78
C ASP G 212 18.90 27.92 46.96
N ASP G 213 17.62 28.21 47.20
CA ASP G 213 16.86 27.53 48.24
C ASP G 213 16.39 26.14 47.81
N HIS G 214 16.80 25.68 46.63
CA HIS G 214 16.36 24.41 46.07
C HIS G 214 14.83 24.35 45.96
N PHE G 215 14.23 25.49 45.63
CA PHE G 215 12.81 25.57 45.31
C PHE G 215 12.58 25.94 43.85
N LEU G 216 13.55 25.64 42.99
CA LEU G 216 13.39 25.75 41.55
C LEU G 216 14.54 25.02 40.87
N PHE G 217 14.29 24.62 39.63
CA PHE G 217 15.30 24.02 38.77
C PHE G 217 15.78 25.06 37.77
N ASP G 218 17.10 25.17 37.61
CA ASP G 218 17.67 26.15 36.72
C ASP G 218 17.58 25.68 35.27
N LYS G 219 17.83 26.62 34.35
CA LYS G 219 18.00 26.29 32.94
C LYS G 219 19.13 25.27 32.83
N PRO G 220 18.83 24.01 32.51
CA PRO G 220 19.87 22.99 32.55
C PRO G 220 20.83 23.11 31.38
N VAL G 221 22.04 23.60 31.67
CA VAL G 221 23.04 23.85 30.65
C VAL G 221 24.00 22.67 30.58
N SER G 222 23.65 21.59 31.29
CA SER G 222 24.49 20.40 31.27
C SER G 222 24.51 19.80 29.88
N PRO G 223 25.68 19.57 29.28
CA PRO G 223 25.73 18.99 27.93
C PRO G 223 25.19 17.59 27.87
N LEU G 224 25.10 16.88 29.00
CA LEU G 224 24.58 15.52 28.99
C LEU G 224 23.12 15.47 28.58
N LEU G 225 22.35 16.51 28.93
CA LEU G 225 20.94 16.56 28.56
C LEU G 225 20.64 17.49 27.39
N THR G 226 21.48 18.50 27.16
CA THR G 226 21.30 19.35 25.99
C THR G 226 21.49 18.55 24.71
N ALA G 227 22.48 17.67 24.68
CA ALA G 227 22.66 16.76 23.55
C ALA G 227 21.54 15.74 23.46
N ALA G 228 20.82 15.49 24.56
CA ALA G 228 19.69 14.58 24.55
C ALA G 228 18.42 15.21 23.98
N GLY G 229 18.43 16.53 23.75
CA GLY G 229 17.24 17.20 23.27
C GLY G 229 16.22 17.52 24.34
N MET G 230 16.65 17.64 25.59
CA MET G 230 15.75 17.90 26.71
C MET G 230 15.68 19.38 27.07
N ALA G 231 16.36 20.25 26.31
CA ALA G 231 16.30 21.68 26.54
C ALA G 231 15.59 22.41 25.41
N ARG G 232 14.91 21.69 24.53
CA ARG G 232 14.23 22.32 23.39
C ARG G 232 13.06 23.17 23.88
N ASP G 233 12.89 24.33 23.25
CA ASP G 233 11.75 25.22 23.49
C ASP G 233 11.73 25.75 24.92
N TRP G 234 12.87 25.77 25.60
CA TRP G 234 12.92 26.31 26.95
C TRP G 234 12.61 27.80 26.93
N PRO G 235 11.80 28.31 27.87
CA PRO G 235 11.13 27.59 28.97
C PRO G 235 9.66 27.34 28.70
N ASP G 236 9.26 27.00 27.49
CA ASP G 236 7.85 26.77 27.17
C ASP G 236 7.39 25.48 27.84
N ALA G 237 6.24 25.56 28.52
CA ALA G 237 5.59 24.45 29.20
C ALA G 237 6.40 23.90 30.36
N ARG G 238 7.40 24.63 30.85
CA ARG G 238 8.11 24.26 32.06
C ARG G 238 7.68 25.18 33.19
N GLY G 239 7.32 24.59 34.33
CA GLY G 239 6.89 25.35 35.48
C GLY G 239 7.11 24.56 36.74
N ILE G 240 6.72 25.15 37.86
CA ILE G 240 6.88 24.53 39.18
C ILE G 240 5.58 24.69 39.94
N TRP G 241 5.20 23.64 40.67
CA TRP G 241 4.06 23.68 41.57
C TRP G 241 4.54 23.37 42.97
N HIS G 242 4.23 24.26 43.91
CA HIS G 242 4.60 24.06 45.31
C HIS G 242 3.45 24.49 46.21
N ASN G 243 3.34 23.82 47.35
CA ASN G 243 2.32 24.14 48.32
C ASN G 243 2.68 25.43 49.07
N ASN G 244 1.71 25.94 49.83
CA ASN G 244 1.91 27.21 50.54
C ASN G 244 3.03 27.09 51.57
N GLU G 245 3.11 25.95 52.26
CA GLU G 245 4.14 25.75 53.27
C GLU G 245 5.52 25.52 52.66
N LYS G 246 5.63 25.44 51.34
CA LYS G 246 6.90 25.23 50.65
C LYS G 246 7.53 23.89 51.01
N SER G 247 6.69 22.89 51.33
CA SER G 247 7.17 21.58 51.72
C SER G 247 6.91 20.50 50.67
N PHE G 248 5.93 20.70 49.79
CA PHE G 248 5.63 19.77 48.71
C PHE G 248 5.94 20.46 47.39
N LEU G 249 6.99 20.01 46.72
CA LEU G 249 7.47 20.62 45.49
C LEU G 249 7.30 19.65 44.33
N ILE G 250 6.86 20.18 43.19
CA ILE G 250 6.74 19.39 41.96
C ILE G 250 7.33 20.19 40.81
N TRP G 251 8.26 19.57 40.08
CA TRP G 251 8.90 20.18 38.92
C TRP G 251 8.36 19.55 37.66
N VAL G 252 7.89 20.38 36.73
CA VAL G 252 7.18 19.92 35.54
C VAL G 252 8.08 20.11 34.33
N ASN G 253 8.29 19.03 33.58
CA ASN G 253 8.93 19.03 32.27
C ASN G 253 10.38 19.49 32.31
N GLU G 254 11.07 19.36 33.44
CA GLU G 254 12.49 19.72 33.49
C GLU G 254 13.36 18.57 32.99
N GLU G 255 13.34 17.44 33.69
CA GLU G 255 14.08 16.24 33.35
C GLU G 255 13.18 15.07 33.05
N ASP G 256 12.04 14.98 33.74
CA ASP G 256 10.98 14.04 33.45
C ASP G 256 9.68 14.82 33.31
N HIS G 257 8.57 14.10 33.13
CA HIS G 257 7.29 14.77 33.10
C HIS G 257 7.00 15.46 34.42
N THR G 258 7.29 14.78 35.53
CA THR G 258 7.10 15.34 36.86
C THR G 258 8.29 14.96 37.73
N ARG G 259 8.51 15.75 38.78
CA ARG G 259 9.55 15.49 39.77
C ARG G 259 8.99 15.87 41.13
N VAL G 260 8.41 14.90 41.82
CA VAL G 260 7.76 15.14 43.10
C VAL G 260 8.82 15.22 44.20
N ILE G 261 8.81 16.32 44.95
CA ILE G 261 9.78 16.56 46.01
C ILE G 261 9.03 16.92 47.29
N SER G 262 9.39 16.25 48.38
CA SER G 262 8.91 16.60 49.72
C SER G 262 10.11 17.05 50.53
N MET G 263 10.05 18.26 51.06
CA MET G 263 11.19 18.88 51.73
C MET G 263 10.77 19.45 53.08
N GLU G 264 11.70 19.44 54.02
CA GLU G 264 11.51 20.03 55.34
C GLU G 264 12.86 20.34 55.93
N LYS G 265 12.87 21.25 56.90
CA LYS G 265 14.08 21.62 57.62
C LYS G 265 14.13 20.88 58.94
N GLY G 266 15.27 20.22 59.20
CA GLY G 266 15.44 19.42 60.40
C GLY G 266 15.78 17.98 60.07
N GLY G 267 15.47 17.09 61.00
CA GLY G 267 15.75 15.68 60.82
C GLY G 267 14.53 14.81 60.99
N ASN G 268 13.34 15.40 60.81
CA ASN G 268 12.08 14.67 60.95
C ASN G 268 11.78 13.93 59.64
N MET G 269 12.56 12.87 59.41
CA MET G 269 12.42 12.09 58.19
C MET G 269 11.04 11.45 58.08
N LYS G 270 10.45 11.08 59.22
CA LYS G 270 9.16 10.41 59.21
C LYS G 270 8.08 11.29 58.62
N ARG G 271 8.01 12.56 59.05
CA ARG G 271 6.99 13.46 58.54
C ARG G 271 7.19 13.73 57.05
N VAL G 272 8.44 13.92 56.63
CA VAL G 272 8.72 14.17 55.22
C VAL G 272 8.26 12.99 54.37
N PHE G 273 8.59 11.77 54.80
CA PHE G 273 8.19 10.60 54.02
C PHE G 273 6.68 10.40 54.04
N GLU G 274 6.03 10.68 55.17
CA GLU G 274 4.57 10.55 55.23
C GLU G 274 3.89 11.52 54.29
N ARG G 275 4.33 12.79 54.31
CA ARG G 275 3.77 13.76 53.38
C ARG G 275 4.04 13.38 51.93
N PHE G 276 5.26 12.88 51.66
CA PHE G 276 5.61 12.43 50.33
C PHE G 276 4.65 11.34 49.84
N CYS G 277 4.42 10.33 50.68
CA CYS G 277 3.58 9.21 50.27
C CYS G 277 2.13 9.64 50.08
N ARG G 278 1.59 10.43 51.01
CA ARG G 278 0.20 10.85 50.86
C ARG G 278 0.03 11.77 49.66
N GLY G 279 1.01 12.63 49.40
CA GLY G 279 0.94 13.48 48.22
C GLY G 279 1.00 12.69 46.93
N LEU G 280 1.89 11.69 46.86
CA LEU G 280 1.94 10.85 45.67
C LEU G 280 0.63 10.10 45.46
N LYS G 281 0.05 9.57 46.53
CA LYS G 281 -1.23 8.87 46.40
C LYS G 281 -2.32 9.80 45.91
N GLU G 282 -2.39 11.02 46.47
CA GLU G 282 -3.40 11.98 46.05
C GLU G 282 -3.22 12.38 44.59
N VAL G 283 -1.97 12.63 44.19
CA VAL G 283 -1.71 13.03 42.81
C VAL G 283 -2.10 11.92 41.85
N GLU G 284 -1.73 10.67 42.17
CA GLU G 284 -2.09 9.56 41.31
C GLU G 284 -3.60 9.41 41.22
N ARG G 285 -4.31 9.50 42.34
CA ARG G 285 -5.77 9.38 42.30
C ARG G 285 -6.37 10.48 41.43
N LEU G 286 -5.86 11.70 41.56
CA LEU G 286 -6.42 12.81 40.80
C LEU G 286 -6.12 12.69 39.31
N ILE G 287 -4.96 12.12 38.94
CA ILE G 287 -4.68 11.97 37.51
C ILE G 287 -5.52 10.84 36.92
N GLN G 288 -5.75 9.76 37.66
CA GLN G 288 -6.64 8.73 37.13
C GLN G 288 -8.11 9.12 37.18
N GLU G 289 -8.47 10.15 37.96
CA GLU G 289 -9.83 10.67 37.88
C GLU G 289 -10.13 11.20 36.48
N ARG G 290 -9.15 11.83 35.84
CA ARG G 290 -9.32 12.38 34.50
C ARG G 290 -8.94 11.40 33.41
N GLY G 291 -8.44 10.21 33.75
CA GLY G 291 -8.17 9.19 32.77
C GLY G 291 -6.71 8.98 32.42
N TRP G 292 -5.78 9.58 33.15
CA TRP G 292 -4.36 9.43 32.89
C TRP G 292 -3.71 8.50 33.90
N GLU G 293 -2.65 7.81 33.45
CA GLU G 293 -1.91 6.89 34.30
C GLU G 293 -0.43 7.19 34.22
N PHE G 294 0.28 6.88 35.31
CA PHE G 294 1.74 6.90 35.28
C PHE G 294 2.25 5.70 34.52
N MET G 295 3.34 5.89 33.78
CA MET G 295 4.00 4.76 33.14
C MET G 295 4.57 3.83 34.20
N TRP G 296 4.26 2.54 34.09
CA TRP G 296 4.73 1.57 35.06
C TRP G 296 4.53 0.15 34.55
N ASN G 297 5.59 -0.67 34.65
CA ASN G 297 5.50 -2.09 34.32
C ASN G 297 6.19 -2.89 35.43
N GLU G 298 5.81 -4.16 35.53
CA GLU G 298 6.32 -5.00 36.61
C GLU G 298 7.83 -5.20 36.51
N ARG G 299 8.35 -5.33 35.29
CA ARG G 299 9.75 -5.66 35.12
C ARG G 299 10.67 -4.50 35.50
N LEU G 300 10.31 -3.28 35.08
CA LEU G 300 11.18 -2.13 35.27
C LEU G 300 10.69 -1.14 36.31
N GLY G 301 9.42 -1.20 36.71
CA GLY G 301 8.89 -0.22 37.62
C GLY G 301 8.43 1.04 36.91
N TYR G 302 8.61 2.17 37.57
CA TYR G 302 8.24 3.45 36.97
C TYR G 302 9.22 3.83 35.87
N ILE G 303 8.69 4.20 34.71
CA ILE G 303 9.50 4.46 33.53
C ILE G 303 9.93 5.91 33.52
N LEU G 304 11.24 6.14 33.40
CA LEU G 304 11.81 7.49 33.32
C LEU G 304 12.80 7.53 32.16
N THR G 305 13.25 8.74 31.84
CA THR G 305 14.12 8.93 30.67
C THR G 305 15.49 8.30 30.90
N CYS G 306 16.12 8.58 32.04
CA CYS G 306 17.44 8.03 32.31
C CYS G 306 17.31 6.62 32.86
N PRO G 307 17.97 5.63 32.25
CA PRO G 307 17.89 4.26 32.78
C PRO G 307 18.39 4.11 34.19
N SER G 308 19.27 5.00 34.66
CA SER G 308 19.73 4.95 36.03
C SER G 308 18.66 5.36 37.03
N ASN G 309 17.56 5.95 36.56
CA ASN G 309 16.47 6.38 37.43
C ASN G 309 15.30 5.42 37.42
N LEU G 310 15.43 4.26 36.78
CA LEU G 310 14.34 3.32 36.66
C LEU G 310 14.01 2.69 38.02
N GLY G 311 12.88 2.00 38.07
CA GLY G 311 12.43 1.36 39.29
C GLY G 311 11.52 2.22 40.12
N THR G 312 12.08 2.82 41.18
CA THR G 312 11.33 3.76 42.01
C THR G 312 11.70 5.21 41.74
N GLY G 313 12.90 5.47 41.24
CA GLY G 313 13.34 6.83 41.02
C GLY G 313 13.48 7.65 42.28
N LEU G 314 13.55 7.00 43.43
CA LEU G 314 13.56 7.69 44.71
C LEU G 314 14.98 8.07 45.10
N ARG G 315 15.11 9.25 45.71
CA ARG G 315 16.39 9.72 46.25
C ARG G 315 16.08 10.43 47.57
N ALA G 316 16.16 9.68 48.66
CA ALA G 316 15.97 10.22 50.00
C ALA G 316 17.30 10.77 50.49
N GLY G 317 17.39 12.09 50.64
CA GLY G 317 18.63 12.75 50.95
C GLY G 317 18.55 13.58 52.23
N VAL G 318 19.70 14.12 52.61
CA VAL G 318 19.82 14.98 53.78
C VAL G 318 21.04 15.86 53.60
N HIS G 319 21.04 17.01 54.27
CA HIS G 319 22.15 17.94 54.24
C HIS G 319 22.81 17.95 55.61
N ILE G 320 24.10 17.65 55.65
CA ILE G 320 24.84 17.59 56.91
C ILE G 320 26.32 17.88 56.65
N PRO G 323 31.92 17.84 61.32
CA PRO G 323 32.53 17.18 60.16
C PRO G 323 33.76 16.35 60.54
N LEU G 324 33.66 15.60 61.64
CA LEU G 324 34.77 14.77 62.07
C LEU G 324 35.03 13.63 61.11
N LEU G 325 33.99 13.16 60.41
CA LEU G 325 34.12 12.08 59.45
C LEU G 325 34.25 12.58 58.01
N SER G 326 34.87 13.76 57.83
CA SER G 326 35.12 14.30 56.51
C SER G 326 36.58 14.20 56.09
N LYS G 327 37.51 14.47 57.00
CA LYS G 327 38.93 14.36 56.68
C LYS G 327 39.41 12.90 56.66
N ASP G 328 38.74 12.02 57.41
CA ASP G 328 39.18 10.63 57.49
C ASP G 328 39.03 9.94 56.13
N SER G 329 40.03 9.13 55.80
CA SER G 329 40.01 8.41 54.53
C SER G 329 39.13 7.16 54.56
N ARG G 330 38.72 6.72 55.74
CA ARG G 330 37.83 5.57 55.84
C ARG G 330 36.37 5.92 55.61
N PHE G 331 36.02 7.21 55.62
CA PHE G 331 34.64 7.63 55.40
C PHE G 331 34.10 7.21 54.04
N PRO G 332 34.83 7.34 52.93
CA PRO G 332 34.33 6.74 51.67
C PRO G 332 34.10 5.24 51.78
N LYS G 333 34.97 4.53 52.50
CA LYS G 333 34.82 3.09 52.64
C LYS G 333 33.54 2.74 53.38
N ILE G 334 33.25 3.43 54.49
CA ILE G 334 32.06 3.08 55.24
C ILE G 334 30.80 3.53 54.52
N LEU G 335 30.83 4.66 53.80
CA LEU G 335 29.65 5.03 53.02
C LEU G 335 29.39 4.03 51.91
N GLU G 336 30.46 3.53 51.26
CA GLU G 336 30.28 2.51 50.23
C GLU G 336 29.74 1.22 50.83
N ASN G 337 30.25 0.82 51.99
CA ASN G 337 29.78 -0.40 52.64
C ASN G 337 28.36 -0.25 53.18
N LEU G 338 27.91 0.97 53.41
CA LEU G 338 26.56 1.23 53.89
C LEU G 338 25.54 1.37 52.76
N ARG G 339 25.96 1.18 51.50
CA ARG G 339 25.13 1.48 50.34
C ARG G 339 24.63 2.92 50.38
N LEU G 340 25.50 3.82 50.81
CA LEU G 340 25.15 5.20 51.09
C LEU G 340 25.95 6.11 50.17
N GLN G 341 25.29 7.09 49.57
CA GLN G 341 25.95 7.96 48.61
C GLN G 341 26.25 9.32 49.24
N LYS G 342 27.38 9.89 48.82
CA LYS G 342 27.81 11.18 49.33
C LYS G 342 28.36 12.01 48.18
N ARG G 343 28.00 13.29 48.17
CA ARG G 343 28.49 14.21 47.16
C ARG G 343 28.60 15.60 47.79
N GLY G 344 28.76 16.62 46.96
CA GLY G 344 28.91 17.97 47.48
C GLY G 344 27.65 18.42 48.20
N THR G 345 27.85 19.17 49.28
CA THR G 345 26.73 19.66 50.09
C THR G 345 26.00 20.80 49.38
N ASP G 358 25.27 16.36 50.96
CA ASP G 358 24.12 15.73 50.33
C ASP G 358 24.21 14.21 50.41
N ILE G 359 23.97 13.68 51.60
CA ILE G 359 23.98 12.22 51.81
C ILE G 359 22.78 11.63 51.09
N SER G 360 23.03 10.61 50.26
CA SER G 360 21.96 10.04 49.45
C SER G 360 22.07 8.52 49.33
N ASN G 361 21.33 7.95 48.38
CA ASN G 361 21.25 6.51 48.19
C ASN G 361 21.95 6.13 46.89
N LEU G 362 21.98 4.82 46.62
CA LEU G 362 22.53 4.28 45.38
C LEU G 362 21.49 3.59 44.52
N ASP G 363 20.79 2.60 45.06
CA ASP G 363 19.92 1.73 44.27
C ASP G 363 18.53 2.33 44.13
N ARG G 364 17.88 2.00 43.01
CA ARG G 364 16.51 2.41 42.78
C ARG G 364 15.65 1.22 42.35
N LEU G 365 16.27 0.24 41.70
CA LEU G 365 15.57 -0.97 41.29
C LEU G 365 15.84 -2.12 42.26
N GLY G 366 14.86 -3.01 42.38
CA GLY G 366 15.01 -4.20 43.19
C GLY G 366 14.47 -4.09 44.61
N LYS G 367 14.65 -2.92 45.23
CA LYS G 367 14.26 -2.71 46.61
C LYS G 367 13.32 -1.51 46.69
N SER G 368 12.36 -1.57 47.61
CA SER G 368 11.21 -0.69 47.58
C SER G 368 11.53 0.68 48.19
N GLU G 369 10.58 1.61 48.02
CA GLU G 369 10.77 2.98 48.49
C GLU G 369 10.92 3.03 50.00
N VAL G 370 10.11 2.25 50.72
CA VAL G 370 10.23 2.20 52.18
C VAL G 370 11.61 1.67 52.57
N GLU G 371 12.08 0.64 51.88
CA GLU G 371 13.42 0.14 52.13
C GLU G 371 14.49 1.16 51.75
N LEU G 372 14.20 2.03 50.77
CA LEU G 372 15.15 3.08 50.41
C LEU G 372 15.40 4.02 51.58
N VAL G 373 14.32 4.56 52.16
CA VAL G 373 14.47 5.43 53.32
C VAL G 373 14.94 4.64 54.53
N GLN G 374 14.52 3.39 54.65
CA GLN G 374 14.98 2.54 55.75
C GLN G 374 16.49 2.41 55.72
N LEU G 375 17.07 2.20 54.53
CA LEU G 375 18.53 2.15 54.42
C LEU G 375 19.15 3.50 54.77
N VAL G 376 18.52 4.59 54.34
CA VAL G 376 19.08 5.92 54.58
C VAL G 376 19.05 6.26 56.06
N ILE G 377 17.90 6.03 56.73
CA ILE G 377 17.80 6.40 58.13
C ILE G 377 18.73 5.58 58.99
N ASP G 378 18.81 4.27 58.73
CA ASP G 378 19.76 3.43 59.47
C ASP G 378 21.19 3.72 59.07
N GLY G 379 21.43 4.02 57.79
CA GLY G 379 22.78 4.39 57.36
C GLY G 379 23.26 5.66 58.01
N VAL G 380 22.39 6.68 58.09
CA VAL G 380 22.75 7.90 58.80
C VAL G 380 22.81 7.66 60.29
N ASN G 381 21.98 6.74 60.81
CA ASN G 381 22.01 6.44 62.25
C ASN G 381 23.37 5.95 62.69
N TYR G 382 24.00 5.08 61.89
CA TYR G 382 25.37 4.66 62.17
C TYR G 382 26.38 5.78 61.97
N LEU G 383 25.98 6.89 61.35
CA LEU G 383 26.86 8.02 61.12
C LEU G 383 26.73 9.08 62.22
N ILE G 384 25.54 9.27 62.77
CA ILE G 384 25.37 10.25 63.86
C ILE G 384 26.17 9.83 65.08
N ASP G 385 26.19 8.52 65.37
CA ASP G 385 26.90 8.04 66.56
C ASP G 385 28.40 8.34 66.47
N CYS G 386 28.99 8.16 65.28
CA CYS G 386 30.41 8.46 65.12
C CYS G 386 30.69 9.94 65.28
N GLU G 387 29.70 10.80 65.01
CA GLU G 387 29.82 12.25 65.18
C GLU G 387 30.99 12.82 64.39
N SER H 31 -12.66 -11.25 -1.07
CA SER H 31 -12.36 -10.99 -2.47
C SER H 31 -12.72 -9.57 -2.86
N GLU H 32 -12.09 -9.07 -3.93
CA GLU H 32 -12.38 -7.75 -4.44
C GLU H 32 -13.47 -7.74 -5.49
N ARG H 33 -14.04 -8.89 -5.80
CA ARG H 33 -15.15 -9.00 -6.74
C ARG H 33 -16.51 -8.85 -6.08
N ARG H 34 -16.55 -8.71 -4.76
CA ARG H 34 -17.81 -8.47 -4.07
C ARG H 34 -18.33 -7.07 -4.41
N ARG H 35 -19.63 -6.99 -4.67
CA ARG H 35 -20.24 -5.74 -5.10
C ARG H 35 -20.71 -4.93 -3.91
N LEU H 36 -20.45 -3.62 -3.97
CA LEU H 36 -20.95 -2.70 -2.96
C LEU H 36 -22.43 -2.40 -3.22
N TYR H 37 -23.09 -1.90 -2.19
CA TYR H 37 -24.44 -1.39 -2.37
C TYR H 37 -24.41 -0.20 -3.32
N PRO H 38 -25.23 -0.18 -4.36
CA PRO H 38 -25.25 0.99 -5.23
C PRO H 38 -25.68 2.22 -4.47
N PRO H 39 -25.16 3.39 -4.85
CA PRO H 39 -25.51 4.62 -4.09
C PRO H 39 -26.99 4.90 -4.02
N SER H 40 -27.75 4.54 -5.06
CA SER H 40 -29.19 4.77 -5.05
C SER H 40 -29.90 3.92 -4.01
N ALA H 41 -29.28 2.83 -3.54
CA ALA H 41 -29.88 2.04 -2.48
C ALA H 41 -29.85 2.76 -1.14
N GLU H 42 -28.94 3.71 -0.96
CA GLU H 42 -28.84 4.49 0.26
C GLU H 42 -29.57 5.82 0.17
N TYR H 43 -30.25 6.09 -0.93
CA TYR H 43 -30.90 7.38 -1.11
C TYR H 43 -32.03 7.55 -0.10
N PRO H 44 -32.10 8.68 0.60
CA PRO H 44 -33.15 8.86 1.60
C PRO H 44 -34.53 8.95 0.98
N ASP H 45 -35.53 8.55 1.77
CA ASP H 45 -36.93 8.63 1.37
C ASP H 45 -37.43 10.03 1.74
N LEU H 46 -37.53 10.90 0.74
CA LEU H 46 -37.92 12.30 0.95
C LEU H 46 -39.28 12.61 0.33
N ARG H 47 -40.12 11.59 0.15
CA ARG H 47 -41.42 11.78 -0.48
C ARG H 47 -42.39 12.58 0.38
N LYS H 48 -42.10 12.75 1.67
CA LYS H 48 -42.95 13.53 2.56
C LYS H 48 -42.18 14.65 3.26
N HIS H 49 -41.02 15.01 2.73
CA HIS H 49 -40.22 16.10 3.28
C HIS H 49 -40.43 17.38 2.50
N ASN H 50 -40.23 18.52 3.16
CA ASN H 50 -40.34 19.83 2.53
C ASN H 50 -39.27 20.73 3.14
N ASN H 51 -38.12 20.79 2.48
CA ASN H 51 -37.03 21.68 2.88
C ASN H 51 -36.08 21.82 1.71
N CYS H 52 -35.08 22.69 1.88
CA CYS H 52 -34.08 22.89 0.83
C CYS H 52 -33.35 21.60 0.52
N MET H 53 -33.11 20.77 1.55
CA MET H 53 -32.49 19.47 1.33
C MET H 53 -33.36 18.58 0.46
N ALA H 54 -34.67 18.56 0.72
CA ALA H 54 -35.56 17.71 -0.07
C ALA H 54 -35.61 18.15 -1.53
N SER H 55 -35.65 19.46 -1.76
CA SER H 55 -35.80 19.99 -3.11
C SER H 55 -34.48 20.10 -3.87
N HIS H 56 -33.34 19.99 -3.20
CA HIS H 56 -32.04 20.13 -3.85
C HIS H 56 -31.20 18.86 -3.83
N LEU H 57 -31.64 17.81 -3.15
CA LEU H 57 -30.93 16.53 -3.17
C LEU H 57 -31.57 15.64 -4.22
N THR H 58 -30.94 15.57 -5.37
CA THR H 58 -31.38 14.71 -6.47
C THR H 58 -30.57 13.44 -6.49
N PRO H 59 -31.09 12.37 -7.10
CA PRO H 59 -30.31 11.12 -7.16
C PRO H 59 -28.93 11.28 -7.77
N ALA H 60 -28.79 12.13 -8.79
CA ALA H 60 -27.48 12.34 -9.39
C ALA H 60 -26.51 12.97 -8.39
N VAL H 61 -26.96 14.00 -7.66
CA VAL H 61 -26.10 14.66 -6.69
C VAL H 61 -25.73 13.70 -5.56
N TYR H 62 -26.70 12.94 -5.06
CA TYR H 62 -26.43 12.01 -3.98
C TYR H 62 -25.44 10.93 -4.42
N ALA H 63 -25.62 10.41 -5.64
CA ALA H 63 -24.70 9.39 -6.14
C ALA H 63 -23.31 9.97 -6.37
N ARG H 64 -23.22 11.23 -6.77
CA ARG H 64 -21.92 11.83 -7.02
C ARG H 64 -21.18 12.12 -5.73
N LEU H 65 -21.89 12.56 -4.69
CA LEU H 65 -21.25 13.03 -3.47
C LEU H 65 -21.12 11.94 -2.40
N CYS H 66 -21.62 10.73 -2.65
CA CYS H 66 -21.66 9.72 -1.59
C CYS H 66 -20.29 9.10 -1.32
N ASP H 67 -19.44 8.96 -2.34
CA ASP H 67 -18.09 8.43 -2.11
C ASP H 67 -17.18 9.45 -1.43
N LYS H 68 -17.39 10.73 -1.67
CA LYS H 68 -16.47 11.75 -1.17
C LYS H 68 -16.57 11.87 0.34
N THR H 69 -15.47 12.32 0.94
CA THR H 69 -15.41 12.53 2.39
C THR H 69 -14.33 13.57 2.69
N THR H 70 -14.50 14.26 3.80
CA THR H 70 -13.52 15.22 4.25
C THR H 70 -12.33 14.51 4.88
N PRO H 71 -11.19 15.20 5.02
CA PRO H 71 -10.02 14.56 5.65
C PRO H 71 -10.29 14.03 7.04
N THR H 72 -11.20 14.65 7.80
CA THR H 72 -11.52 14.17 9.14
C THR H 72 -12.57 13.08 9.14
N GLY H 73 -13.09 12.68 7.98
CA GLY H 73 -14.03 11.58 7.88
C GLY H 73 -15.49 11.97 7.77
N TRP H 74 -15.79 13.27 7.68
CA TRP H 74 -17.18 13.70 7.52
C TRP H 74 -17.71 13.29 6.16
N THR H 75 -18.94 12.80 6.13
CA THR H 75 -19.55 12.29 4.90
C THR H 75 -20.87 13.00 4.63
N LEU H 76 -21.45 12.72 3.46
CA LEU H 76 -22.70 13.35 3.06
C LEU H 76 -23.87 12.90 3.93
N ASP H 77 -23.89 11.62 4.29
CA ASP H 77 -24.98 11.11 5.12
C ASP H 77 -25.00 11.79 6.47
N GLN H 78 -23.84 12.02 7.06
CA GLN H 78 -23.78 12.76 8.31
C GLN H 78 -24.24 14.20 8.14
N CYS H 79 -23.98 14.80 6.98
CA CYS H 79 -24.47 16.15 6.70
C CYS H 79 -25.99 16.18 6.65
N ILE H 80 -26.61 15.19 5.99
CA ILE H 80 -28.04 15.25 5.70
C ILE H 80 -28.88 14.48 6.71
N GLN H 81 -28.25 13.86 7.71
CA GLN H 81 -29.02 13.11 8.71
C GLN H 81 -29.98 14.01 9.48
N THR H 82 -29.58 15.26 9.75
CA THR H 82 -30.46 16.19 10.44
C THR H 82 -31.75 16.42 9.67
N GLY H 83 -31.63 16.71 8.36
CA GLY H 83 -32.81 16.93 7.55
C GLY H 83 -33.64 15.67 7.38
N VAL H 84 -32.98 14.53 7.23
CA VAL H 84 -33.70 13.28 7.01
C VAL H 84 -34.50 12.89 8.25
N ASP H 85 -33.88 13.03 9.43
CA ASP H 85 -34.55 12.62 10.66
C ASP H 85 -35.71 13.53 11.01
N ASN H 86 -35.59 14.82 10.72
CA ASN H 86 -36.64 15.78 11.02
C ASN H 86 -37.24 16.32 9.73
N PRO H 87 -38.37 15.78 9.26
CA PRO H 87 -38.97 16.28 8.02
C PRO H 87 -39.36 17.74 8.08
N GLY H 88 -39.77 18.23 9.24
CA GLY H 88 -40.17 19.62 9.36
C GLY H 88 -41.56 19.86 8.80
N HIS H 89 -41.88 21.15 8.64
CA HIS H 89 -43.18 21.57 8.14
C HIS H 89 -42.98 22.55 6.98
N PRO H 90 -43.91 22.56 6.02
CA PRO H 90 -43.86 23.49 4.89
C PRO H 90 -43.94 24.95 5.32
N LYS H 93 -39.19 26.87 6.90
CA LYS H 93 -38.39 25.86 6.21
C LYS H 93 -36.93 25.93 6.66
N THR H 94 -36.56 25.01 7.54
CA THR H 94 -35.20 24.95 8.05
C THR H 94 -34.27 24.35 7.00
N VAL H 95 -32.96 24.47 7.25
CA VAL H 95 -31.98 23.98 6.30
C VAL H 95 -31.86 22.46 6.38
N GLY H 96 -31.63 21.93 7.59
CA GLY H 96 -31.51 20.50 7.76
C GLY H 96 -30.16 19.91 7.44
N MET H 97 -29.12 20.74 7.31
CA MET H 97 -27.77 20.24 7.13
C MET H 97 -26.83 20.91 8.11
N VAL H 98 -25.73 20.22 8.43
CA VAL H 98 -24.65 20.75 9.24
C VAL H 98 -23.34 20.36 8.57
N ALA H 99 -22.28 21.08 8.92
CA ALA H 99 -20.94 20.77 8.44
C ALA H 99 -20.11 20.22 9.60
N GLY H 100 -19.29 19.21 9.30
CA GLY H 100 -18.48 18.59 10.33
C GLY H 100 -17.15 19.27 10.53
N ASP H 101 -16.70 20.04 9.54
CA ASP H 101 -15.43 20.74 9.60
C ASP H 101 -15.43 21.84 8.56
N GLU H 102 -14.27 22.48 8.37
CA GLU H 102 -14.16 23.55 7.39
C GLU H 102 -14.18 23.02 5.97
N GLU H 103 -13.55 21.86 5.74
CA GLU H 103 -13.44 21.31 4.41
C GLU H 103 -14.78 20.88 3.84
N THR H 104 -15.79 20.66 4.70
CA THR H 104 -17.08 20.18 4.24
C THR H 104 -17.66 21.07 3.16
N TYR H 105 -17.71 22.39 3.43
CA TYR H 105 -18.27 23.33 2.47
C TYR H 105 -17.52 23.31 1.14
N GLU H 106 -16.28 22.84 1.13
CA GLU H 106 -15.57 22.65 -0.13
C GLU H 106 -15.80 21.27 -0.71
N VAL H 107 -15.82 20.23 0.13
CA VAL H 107 -15.98 18.87 -0.38
C VAL H 107 -17.40 18.66 -0.89
N PHE H 108 -18.39 19.11 -0.13
CA PHE H 108 -19.80 18.95 -0.49
C PHE H 108 -20.40 20.25 -0.99
N ALA H 109 -19.62 21.03 -1.75
CA ALA H 109 -20.10 22.31 -2.26
C ALA H 109 -21.28 22.12 -3.21
N ASP H 110 -21.31 21.02 -3.96
CA ASP H 110 -22.42 20.79 -4.89
C ASP H 110 -23.76 20.65 -4.17
N LEU H 111 -23.74 20.33 -2.87
CA LEU H 111 -24.96 20.22 -2.07
C LEU H 111 -25.28 21.51 -1.32
N PHE H 112 -24.27 22.11 -0.69
CA PHE H 112 -24.51 23.29 0.13
C PHE H 112 -24.71 24.56 -0.69
N ASP H 113 -24.04 24.67 -1.84
CA ASP H 113 -24.09 25.92 -2.61
C ASP H 113 -25.49 26.32 -3.03
N PRO H 114 -26.30 25.45 -3.64
CA PRO H 114 -27.68 25.87 -3.96
C PRO H 114 -28.46 26.27 -2.72
N VAL H 115 -28.24 25.57 -1.61
CA VAL H 115 -28.96 25.89 -0.39
C VAL H 115 -28.47 27.21 0.21
N ILE H 116 -27.16 27.45 0.18
CA ILE H 116 -26.63 28.74 0.63
C ILE H 116 -27.20 29.87 -0.22
N GLN H 117 -27.36 29.63 -1.52
CA GLN H 117 -27.87 30.66 -2.40
C GLN H 117 -29.35 30.91 -2.17
N GLU H 118 -30.15 29.85 -2.04
CA GLU H 118 -31.59 30.01 -1.90
C GLU H 118 -31.97 30.52 -0.51
N ARG H 119 -31.26 30.07 0.52
CA ARG H 119 -31.53 30.52 1.88
C ARG H 119 -31.24 32.01 2.03
N HIS H 120 -30.16 32.49 1.39
CA HIS H 120 -29.74 33.88 1.50
C HIS H 120 -30.19 34.71 0.30
N ASN H 121 -31.26 34.30 -0.36
CA ASN H 121 -31.95 35.03 -1.42
C ASN H 121 -30.99 35.70 -2.39
N GLY H 122 -30.21 34.88 -3.09
CA GLY H 122 -29.47 35.36 -4.23
C GLY H 122 -27.97 35.21 -4.19
N TYR H 123 -27.39 35.18 -2.99
CA TYR H 123 -25.93 35.11 -2.86
C TYR H 123 -25.43 33.77 -3.40
N ASP H 124 -24.80 33.79 -4.56
CA ASP H 124 -24.18 32.60 -5.12
C ASP H 124 -22.74 32.53 -4.63
N PRO H 125 -22.39 31.58 -3.76
CA PRO H 125 -21.01 31.53 -3.25
C PRO H 125 -19.97 31.33 -4.33
N ARG H 126 -20.28 30.57 -5.38
CA ARG H 126 -19.30 30.30 -6.42
C ARG H 126 -18.94 31.55 -7.22
N THR H 127 -19.88 32.48 -7.36
CA THR H 127 -19.66 33.65 -8.20
C THR H 127 -19.11 34.84 -7.42
N MET H 128 -19.86 35.32 -6.43
CA MET H 128 -19.50 36.52 -5.70
C MET H 128 -18.69 36.19 -4.45
N LYS H 129 -17.94 37.17 -3.98
CA LYS H 129 -17.10 37.05 -2.79
C LYS H 129 -17.70 37.83 -1.64
N HIS H 130 -17.39 37.39 -0.41
CA HIS H 130 -17.88 38.02 0.80
C HIS H 130 -16.79 38.90 1.40
N THR H 131 -17.16 40.13 1.75
CA THR H 131 -16.25 41.09 2.34
C THR H 131 -16.57 41.24 3.82
N THR H 132 -15.55 41.11 4.66
CA THR H 132 -15.71 41.24 6.10
C THR H 132 -15.24 42.61 6.55
N ASP H 133 -16.10 43.34 7.26
CA ASP H 133 -15.79 44.69 7.73
C ASP H 133 -16.38 44.83 9.13
N LEU H 134 -15.55 44.57 10.14
CA LEU H 134 -15.94 44.73 11.53
C LEU H 134 -15.57 46.09 12.09
N ASP H 135 -14.96 46.96 11.28
CA ASP H 135 -14.58 48.30 11.73
C ASP H 135 -15.84 49.11 12.00
N ALA H 136 -16.11 49.40 13.27
CA ALA H 136 -17.32 50.11 13.66
C ALA H 136 -17.14 51.62 13.67
N SER H 137 -15.96 52.12 13.28
CA SER H 137 -15.75 53.56 13.23
C SER H 137 -16.53 54.24 12.11
N LYS H 138 -17.13 53.48 11.20
CA LYS H 138 -17.85 54.03 10.06
C LYS H 138 -19.36 54.05 10.27
N ILE H 139 -19.83 53.74 11.48
CA ILE H 139 -21.26 53.76 11.74
C ILE H 139 -21.74 55.19 11.88
N ARG H 140 -22.93 55.47 11.35
CA ARG H 140 -23.54 56.80 11.41
C ARG H 140 -24.78 56.71 12.29
N SER H 141 -24.81 57.52 13.36
CA SER H 141 -25.95 57.61 14.26
C SER H 141 -26.31 56.26 14.86
N GLY H 142 -27.53 56.15 15.37
CA GLY H 142 -28.03 54.90 15.92
C GLY H 142 -28.22 54.95 17.42
N TYR H 143 -29.47 55.18 17.86
CA TYR H 143 -29.80 55.22 19.26
C TYR H 143 -31.30 55.04 19.42
N PHE H 144 -31.72 53.96 20.06
CA PHE H 144 -33.14 53.69 20.25
C PHE H 144 -33.66 54.39 21.50
N ASP H 145 -34.94 54.75 21.47
CA ASP H 145 -35.57 55.40 22.61
C ASP H 145 -35.54 54.48 23.83
N GLU H 146 -35.23 55.06 24.99
CA GLU H 146 -35.16 54.28 26.22
C GLU H 146 -36.52 53.66 26.56
N ARG H 147 -37.61 54.34 26.19
CA ARG H 147 -38.94 53.77 26.37
C ARG H 147 -39.13 52.54 25.49
N TYR H 148 -38.41 52.45 24.39
CA TYR H 148 -38.52 51.32 23.47
C TYR H 148 -37.43 50.29 23.74
N LEU H 150 -35.95 47.83 25.18
CA LEU H 150 -35.64 47.28 26.49
C LEU H 150 -34.16 46.92 26.60
N SER H 151 -33.74 45.91 25.83
CA SER H 151 -32.36 45.45 25.83
C SER H 151 -31.87 45.29 24.40
N SER H 152 -30.65 45.74 24.15
CA SER H 152 -30.02 45.65 22.84
C SER H 152 -28.96 44.55 22.87
N ARG H 153 -28.91 43.73 21.83
CA ARG H 153 -28.05 42.56 21.79
C ARG H 153 -27.43 42.41 20.42
N VAL H 154 -26.13 42.07 20.40
CA VAL H 154 -25.43 41.71 19.18
C VAL H 154 -24.79 40.35 19.40
N ARG H 155 -24.95 39.46 18.43
CA ARG H 155 -24.48 38.08 18.55
C ARG H 155 -23.81 37.63 17.27
N THR H 156 -22.66 36.98 17.41
CA THR H 156 -22.02 36.29 16.29
C THR H 156 -21.55 34.92 16.79
N GLY H 157 -20.82 34.21 15.94
CA GLY H 157 -20.24 32.95 16.31
C GLY H 157 -18.97 32.69 15.52
N ARG H 158 -17.97 32.07 16.16
CA ARG H 158 -16.69 31.83 15.53
C ARG H 158 -16.27 30.39 15.76
N SER H 159 -15.50 29.86 14.81
CA SER H 159 -14.95 28.52 14.89
C SER H 159 -13.44 28.60 14.78
N ILE H 160 -12.74 27.79 15.57
CA ILE H 160 -11.28 27.78 15.61
C ILE H 160 -10.77 26.86 14.51
N ARG H 161 -9.92 27.39 13.63
CA ARG H 161 -9.40 26.62 12.53
C ARG H 161 -8.52 25.48 13.03
N GLY H 162 -8.66 24.31 12.40
CA GLY H 162 -7.90 23.14 12.77
C GLY H 162 -8.64 22.19 13.70
N LEU H 163 -9.81 22.55 14.18
CA LEU H 163 -10.58 21.73 15.10
C LEU H 163 -11.97 21.47 14.51
N SER H 164 -12.44 20.24 14.67
CA SER H 164 -13.70 19.83 14.06
C SER H 164 -14.88 20.60 14.68
N LEU H 165 -15.92 20.77 13.88
CA LEU H 165 -17.12 21.47 14.33
C LEU H 165 -17.91 20.60 15.30
N PRO H 166 -18.81 21.20 16.08
CA PRO H 166 -19.52 20.47 17.14
C PRO H 166 -20.19 19.19 16.64
N PRO H 167 -20.80 19.18 15.44
CA PRO H 167 -21.38 17.90 14.98
C PRO H 167 -20.38 16.77 14.85
N ALA H 168 -19.12 17.05 14.55
CA ALA H 168 -18.12 16.01 14.32
C ALA H 168 -17.00 16.00 15.34
N CYS H 169 -16.94 16.96 16.25
CA CYS H 169 -15.82 17.06 17.17
C CYS H 169 -15.82 15.91 18.17
N THR H 170 -14.62 15.42 18.48
CA THR H 170 -14.45 14.43 19.53
C THR H 170 -14.37 15.11 20.89
N ARG H 171 -14.22 14.32 21.94
CA ARG H 171 -14.04 14.89 23.28
C ARG H 171 -12.74 15.68 23.37
N ALA H 172 -11.66 15.15 22.79
CA ALA H 172 -10.38 15.84 22.84
C ALA H 172 -10.44 17.16 22.08
N GLU H 173 -11.07 17.17 20.91
CA GLU H 173 -11.18 18.41 20.13
C GLU H 173 -12.01 19.45 20.87
N ARG H 174 -13.12 19.01 21.48
CA ARG H 174 -13.96 19.95 22.24
C ARG H 174 -13.21 20.53 23.42
N ARG H 175 -12.45 19.68 24.14
CA ARG H 175 -11.65 20.17 25.25
C ARG H 175 -10.55 21.12 24.77
N GLU H 176 -9.96 20.84 23.61
CA GLU H 176 -8.96 21.75 23.05
C GLU H 176 -9.58 23.10 22.72
N VAL H 177 -10.78 23.10 22.13
CA VAL H 177 -11.48 24.35 21.84
C VAL H 177 -11.69 25.13 23.13
N GLU H 178 -12.17 24.44 24.17
CA GLU H 178 -12.43 25.12 25.45
C GLU H 178 -11.15 25.70 26.04
N ARG H 179 -10.06 24.93 25.99
N ARG H 179 -10.06 24.93 25.99
CA ARG H 179 -8.80 25.41 26.55
CA ARG H 179 -8.79 25.39 26.54
C ARG H 179 -8.28 26.62 25.80
C ARG H 179 -8.28 26.62 25.80
N VAL H 180 -8.35 26.60 24.46
CA VAL H 180 -7.89 27.73 23.67
C VAL H 180 -8.70 28.97 23.99
N VAL H 181 -10.03 28.82 24.05
CA VAL H 181 -10.89 29.97 24.31
C VAL H 181 -10.64 30.53 25.71
N VAL H 182 -10.51 29.65 26.70
CA VAL H 182 -10.30 30.11 28.07
C VAL H 182 -8.95 30.80 28.22
N ASP H 183 -7.89 30.22 27.64
CA ASP H 183 -6.58 30.85 27.74
C ASP H 183 -6.56 32.20 27.03
N ALA H 184 -7.23 32.30 25.88
CA ALA H 184 -7.31 33.59 25.20
C ALA H 184 -8.06 34.61 26.03
N LEU H 185 -9.24 34.24 26.56
CA LEU H 185 -10.06 35.16 27.31
C LEU H 185 -9.45 35.55 28.65
N SER H 186 -8.51 34.75 29.17
CA SER H 186 -7.83 35.13 30.40
C SER H 186 -7.03 36.42 30.23
N GLY H 187 -6.59 36.74 29.02
CA GLY H 187 -5.83 37.93 28.75
C GLY H 187 -6.64 39.20 28.57
N LEU H 188 -7.97 39.11 28.57
CA LEU H 188 -8.79 40.30 28.45
C LEU H 188 -8.64 41.18 29.69
N LYS H 189 -8.46 42.47 29.47
CA LYS H 189 -8.20 43.42 30.55
C LYS H 189 -9.17 44.59 30.45
N GLY H 190 -9.30 45.29 31.57
CA GLY H 190 -10.17 46.46 31.63
C GLY H 190 -11.63 46.11 31.81
N ASP H 191 -12.51 46.82 31.08
CA ASP H 191 -13.93 46.53 31.13
C ASP H 191 -14.25 45.14 30.58
N LEU H 192 -13.34 44.55 29.80
CA LEU H 192 -13.53 43.24 29.21
C LEU H 192 -13.04 42.11 30.10
N ALA H 193 -12.56 42.41 31.31
CA ALA H 193 -12.14 41.36 32.23
C ALA H 193 -13.33 40.56 32.72
N GLY H 194 -13.15 39.25 32.84
CA GLY H 194 -14.24 38.39 33.24
C GLY H 194 -13.75 37.05 33.72
N ARG H 195 -14.71 36.15 33.95
CA ARG H 195 -14.43 34.82 34.49
C ARG H 195 -15.16 33.77 33.66
N TYR H 196 -14.59 32.58 33.60
CA TYR H 196 -15.16 31.46 32.87
C TYR H 196 -15.93 30.56 33.84
N TYR H 197 -17.16 30.21 33.47
CA TYR H 197 -18.03 29.41 34.33
C TYR H 197 -18.36 28.11 33.60
N ARG H 198 -17.80 27.01 34.07
CA ARG H 198 -18.04 25.70 33.48
C ARG H 198 -19.42 25.20 33.87
N LEU H 199 -20.14 24.63 32.89
CA LEU H 199 -21.48 24.13 33.15
C LEU H 199 -21.47 22.97 34.12
N SER H 200 -20.50 22.07 33.99
CA SER H 200 -20.47 20.88 34.83
C SER H 200 -20.23 21.21 36.29
N GLU H 201 -19.66 22.37 36.59
CA GLU H 201 -19.33 22.75 37.95
C GLU H 201 -20.26 23.83 38.52
N MET H 202 -21.34 24.16 37.84
CA MET H 202 -22.31 25.13 38.35
C MET H 202 -23.67 24.45 38.51
N THR H 203 -24.45 24.97 39.47
CA THR H 203 -25.73 24.38 39.81
C THR H 203 -26.77 24.65 38.73
N GLU H 204 -27.85 23.86 38.77
CA GLU H 204 -28.93 24.01 37.80
C GLU H 204 -29.81 25.22 38.09
N ALA H 205 -29.92 25.64 39.36
CA ALA H 205 -30.75 26.78 39.69
C ALA H 205 -30.19 28.07 39.10
N GLU H 206 -28.89 28.33 39.35
CA GLU H 206 -28.25 29.49 38.73
C GLU H 206 -28.24 29.36 37.22
N GLN H 207 -28.13 28.13 36.71
CA GLN H 207 -28.19 27.91 35.28
C GLN H 207 -29.53 28.39 34.70
N GLN H 208 -30.63 27.97 35.33
CA GLN H 208 -31.95 28.39 34.86
C GLN H 208 -32.15 29.89 35.03
N GLN H 209 -31.64 30.46 36.12
CA GLN H 209 -31.76 31.90 36.32
C GLN H 209 -31.07 32.67 35.21
N LEU H 210 -29.83 32.26 34.88
CA LEU H 210 -29.11 32.93 33.80
C LEU H 210 -29.76 32.68 32.45
N ILE H 211 -30.37 31.49 32.27
CA ILE H 211 -31.10 31.22 31.03
C ILE H 211 -32.27 32.18 30.88
N ASP H 212 -33.02 32.38 31.98
CA ASP H 212 -34.12 33.34 31.96
C ASP H 212 -33.63 34.75 31.69
N ASP H 213 -32.51 35.13 32.29
CA ASP H 213 -31.89 36.42 32.01
C ASP H 213 -31.10 36.44 30.71
N HIS H 214 -31.15 35.35 29.94
CA HIS H 214 -30.37 35.19 28.71
C HIS H 214 -28.88 35.37 28.98
N PHE H 215 -28.43 34.90 30.14
CA PHE H 215 -27.01 34.83 30.47
C PHE H 215 -26.54 33.38 30.59
N LEU H 216 -27.22 32.46 29.91
CA LEU H 216 -26.75 31.08 29.77
C LEU H 216 -27.57 30.40 28.69
N PHE H 217 -26.99 29.36 28.11
CA PHE H 217 -27.65 28.50 27.15
C PHE H 217 -28.07 27.22 27.83
N ASP H 218 -29.32 26.80 27.61
CA ASP H 218 -29.83 25.61 28.24
C ASP H 218 -29.35 24.35 27.53
N LYS H 219 -29.55 23.21 28.18
CA LYS H 219 -29.38 21.91 27.54
C LYS H 219 -30.24 21.89 26.29
N PRO H 220 -29.64 21.91 25.10
CA PRO H 220 -30.46 22.01 23.89
C PRO H 220 -31.14 20.70 23.56
N VAL H 221 -32.45 20.64 23.82
CA VAL H 221 -33.22 19.42 23.63
C VAL H 221 -33.91 19.47 22.28
N SER H 222 -33.56 20.45 21.47
CA SER H 222 -34.15 20.57 20.14
C SER H 222 -33.75 19.36 19.29
N PRO H 223 -34.71 18.64 18.71
CA PRO H 223 -34.35 17.48 17.88
C PRO H 223 -33.55 17.84 16.65
N LEU H 224 -33.59 19.12 16.22
CA LEU H 224 -32.82 19.53 15.04
C LEU H 224 -31.32 19.35 15.25
N LEU H 225 -30.82 19.73 16.43
CA LEU H 225 -29.39 19.60 16.72
C LEU H 225 -29.04 18.30 17.42
N THR H 226 -29.97 17.70 18.15
CA THR H 226 -29.71 16.40 18.78
C THR H 226 -29.45 15.33 17.72
N ALA H 227 -30.25 15.34 16.64
CA ALA H 227 -30.00 14.44 15.52
C ALA H 227 -28.71 14.78 14.79
N ALA H 228 -28.22 16.02 14.93
CA ALA H 228 -26.97 16.43 14.32
C ALA H 228 -25.75 15.95 15.09
N GLY H 229 -25.93 15.42 16.30
CA GLY H 229 -24.81 15.01 17.12
C GLY H 229 -24.13 16.14 17.86
N MET H 230 -24.85 17.23 18.12
CA MET H 230 -24.29 18.39 18.80
C MET H 230 -24.54 18.40 20.30
N ALA H 231 -25.16 17.33 20.82
CA ALA H 231 -25.41 17.22 22.26
C ALA H 231 -24.62 16.08 22.89
N ARG H 232 -23.64 15.53 22.18
CA ARG H 232 -22.87 14.42 22.71
C ARG H 232 -22.02 14.87 23.90
N ASP H 233 -21.92 14.00 24.90
CA ASP H 233 -21.06 14.20 26.07
C ASP H 233 -21.44 15.44 26.87
N TRP H 234 -22.68 15.89 26.77
CA TRP H 234 -23.10 17.07 27.51
C TRP H 234 -23.06 16.78 29.02
N PRO H 235 -22.59 17.72 29.84
CA PRO H 235 -22.05 19.05 29.49
C PRO H 235 -20.52 19.11 29.52
N ASP H 236 -19.82 18.13 28.96
CA ASP H 236 -18.37 18.16 28.98
C ASP H 236 -17.84 19.24 28.05
N ALA H 237 -16.90 20.04 28.55
CA ALA H 237 -16.23 21.10 27.80
C ALA H 237 -17.19 22.17 27.29
N ARG H 238 -18.35 22.31 27.93
CA ARG H 238 -19.28 23.39 27.65
C ARG H 238 -19.31 24.33 28.85
N GLY H 239 -19.12 25.61 28.59
CA GLY H 239 -19.13 26.60 29.65
C GLY H 239 -19.49 27.95 29.09
N ILE H 240 -19.46 28.95 29.97
CA ILE H 240 -19.79 30.32 29.60
C ILE H 240 -18.74 31.24 30.20
N TRP H 241 -18.33 32.24 29.42
CA TRP H 241 -17.44 33.29 29.87
C TRP H 241 -18.16 34.62 29.76
N HIS H 242 -18.24 35.36 30.87
CA HIS H 242 -18.87 36.67 30.87
C HIS H 242 -18.05 37.63 31.71
N ASN H 243 -18.08 38.89 31.32
CA ASN H 243 -17.37 39.94 32.06
C ASN H 243 -18.13 40.27 33.34
N ASN H 244 -17.46 41.05 34.20
CA ASN H 244 -18.03 41.39 35.51
C ASN H 244 -19.31 42.20 35.36
N GLU H 245 -19.34 43.11 34.39
CA GLU H 245 -20.52 43.94 34.15
C GLU H 245 -21.67 43.17 33.51
N LYS H 246 -21.46 41.91 33.14
CA LYS H 246 -22.48 41.06 32.52
C LYS H 246 -22.93 41.62 31.17
N SER H 247 -22.02 42.31 30.47
CA SER H 247 -22.32 42.91 29.19
C SER H 247 -21.66 42.20 28.02
N PHE H 248 -20.54 41.51 28.24
CA PHE H 248 -19.85 40.75 27.20
C PHE H 248 -19.97 39.27 27.54
N LEU H 249 -20.74 38.55 26.73
CA LEU H 249 -21.05 37.15 26.97
C LEU H 249 -20.46 36.30 25.86
N ILE H 250 -19.88 35.15 26.22
CA ILE H 250 -19.34 34.20 25.26
C ILE H 250 -19.80 32.80 25.67
N TRP H 251 -20.40 32.08 24.73
CA TRP H 251 -20.88 30.72 24.94
C TRP H 251 -19.97 29.76 24.21
N VAL H 252 -19.45 28.76 24.92
CA VAL H 252 -18.43 27.86 24.41
C VAL H 252 -19.05 26.50 24.15
N ASN H 253 -18.88 26.01 22.92
CA ASN H 253 -19.20 24.64 22.51
C ASN H 253 -20.69 24.31 22.65
N GLU H 254 -21.58 25.30 22.59
CA GLU H 254 -23.00 25.01 22.61
C GLU H 254 -23.52 24.65 21.22
N GLU H 255 -23.47 25.61 20.30
CA GLU H 255 -23.89 25.43 18.91
C GLU H 255 -22.74 25.57 17.93
N ASP H 256 -21.80 26.46 18.23
CA ASP H 256 -20.55 26.59 17.52
C ASP H 256 -19.41 26.49 18.53
N HIS H 257 -18.18 26.70 18.06
CA HIS H 257 -17.05 26.73 18.99
C HIS H 257 -17.19 27.89 19.96
N THR H 258 -17.60 29.05 19.48
CA THR H 258 -17.82 30.22 20.32
C THR H 258 -19.09 30.94 19.86
N ARG H 259 -19.67 31.71 20.77
CA ARG H 259 -20.85 32.52 20.47
C ARG H 259 -20.67 33.84 21.24
N VAL H 260 -20.11 34.84 20.57
CA VAL H 260 -19.81 36.11 21.21
C VAL H 260 -21.08 36.95 21.26
N ILE H 261 -21.44 37.42 22.46
CA ILE H 261 -22.65 38.20 22.67
C ILE H 261 -22.28 39.46 23.43
N SER H 262 -22.75 40.60 22.93
CA SER H 262 -22.66 41.88 23.63
C SER H 262 -24.07 42.32 23.96
N MET H 263 -24.35 42.55 25.24
CA MET H 263 -25.69 42.84 25.70
C MET H 263 -25.69 44.03 26.64
N GLU H 264 -26.77 44.81 26.59
CA GLU H 264 -26.96 45.93 27.49
C GLU H 264 -28.45 46.25 27.55
N LYS H 265 -28.85 46.93 28.61
CA LYS H 265 -30.24 47.31 28.81
C LYS H 265 -30.45 48.74 28.34
N GLY H 266 -31.47 48.95 27.51
CA GLY H 266 -31.75 50.25 26.95
C GLY H 266 -31.73 50.24 25.44
N GLY H 267 -31.59 51.42 24.84
CA GLY H 267 -31.55 51.52 23.39
C GLY H 267 -30.24 52.09 22.87
N ASN H 268 -29.19 51.98 23.68
CA ASN H 268 -27.87 52.51 23.31
C ASN H 268 -27.15 51.47 22.45
N MET H 269 -27.67 51.32 21.22
CA MET H 269 -27.10 50.36 20.28
C MET H 269 -25.65 50.68 19.92
N LYS H 270 -25.30 51.97 19.88
CA LYS H 270 -23.93 52.35 19.53
C LYS H 270 -22.91 51.78 20.52
N ARG H 271 -23.19 51.92 21.82
CA ARG H 271 -22.26 51.40 22.82
C ARG H 271 -22.16 49.88 22.74
N VAL H 272 -23.29 49.20 22.55
CA VAL H 272 -23.28 47.74 22.46
C VAL H 272 -22.44 47.30 21.28
N PHE H 273 -22.62 47.94 20.13
CA PHE H 273 -21.87 47.54 18.95
C PHE H 273 -20.38 47.87 19.09
N GLU H 274 -20.06 49.01 19.72
CA GLU H 274 -18.66 49.37 19.93
C GLU H 274 -17.98 48.35 20.83
N ARG H 275 -18.63 47.98 21.94
CA ARG H 275 -18.07 46.97 22.83
C ARG H 275 -17.94 45.63 22.11
N PHE H 276 -18.94 45.28 21.31
CA PHE H 276 -18.89 44.04 20.54
C PHE H 276 -17.67 44.02 19.62
N CYS H 277 -17.46 45.09 18.87
CA CYS H 277 -16.37 45.12 17.90
C CYS H 277 -15.01 45.09 18.60
N ARG H 278 -14.83 45.90 19.66
CA ARG H 278 -13.55 45.90 20.34
C ARG H 278 -13.28 44.55 21.02
N GLY H 279 -14.32 43.93 21.57
CA GLY H 279 -14.14 42.61 22.16
C GLY H 279 -13.77 41.56 21.14
N LEU H 280 -14.41 41.58 19.98
CA LEU H 280 -14.06 40.64 18.93
C LEU H 280 -12.61 40.85 18.47
N LYS H 281 -12.21 42.11 18.29
CA LYS H 281 -10.83 42.38 17.89
C LYS H 281 -9.84 41.87 18.93
N GLU H 282 -10.12 42.14 20.22
CA GLU H 282 -9.22 41.68 21.28
C GLU H 282 -9.14 40.16 21.33
N VAL H 283 -10.29 39.49 21.21
CA VAL H 283 -10.31 38.03 21.26
C VAL H 283 -9.52 37.45 20.09
N GLU H 284 -9.72 38.00 18.89
CA GLU H 284 -8.98 37.52 17.74
C GLU H 284 -7.48 37.72 17.92
N ARG H 285 -7.07 38.90 18.39
CA ARG H 285 -5.65 39.14 18.59
C ARG H 285 -5.08 38.17 19.60
N LEU H 286 -5.81 37.90 20.69
CA LEU H 286 -5.30 37.01 21.71
C LEU H 286 -5.24 35.56 21.25
N ILE H 287 -6.15 35.15 20.36
CA ILE H 287 -6.08 33.77 19.87
C ILE H 287 -4.94 33.62 18.86
N GLN H 288 -4.69 34.64 18.03
CA GLN H 288 -3.53 34.54 17.13
C GLN H 288 -2.21 34.74 17.85
N GLU H 289 -2.23 35.31 19.07
CA GLU H 289 -1.00 35.36 19.85
C GLU H 289 -0.49 33.95 20.15
N ARG H 290 -1.40 33.01 20.41
CA ARG H 290 -1.03 31.63 20.70
C ARG H 290 -0.97 30.75 19.46
N GLY H 291 -1.30 31.28 18.29
CA GLY H 291 -1.17 30.54 17.05
C GLY H 291 -2.46 29.98 16.46
N TRP H 292 -3.62 30.38 16.97
CA TRP H 292 -4.89 29.90 16.47
C TRP H 292 -5.57 30.97 15.63
N GLU H 293 -6.37 30.53 14.65
CA GLU H 293 -7.10 31.42 13.78
C GLU H 293 -8.56 31.01 13.72
N PHE H 294 -9.43 31.99 13.47
CA PHE H 294 -10.81 31.70 13.16
C PHE H 294 -10.92 31.16 11.74
N MET H 295 -11.84 30.22 11.54
CA MET H 295 -12.12 29.76 10.18
C MET H 295 -12.74 30.90 9.38
N TRP H 296 -12.19 31.15 8.20
CA TRP H 296 -12.67 32.24 7.35
C TRP H 296 -12.13 32.12 5.93
N ASN H 297 -13.01 32.21 4.95
CA ASN H 297 -12.60 32.28 3.55
C ASN H 297 -13.37 33.39 2.85
N GLU H 298 -12.80 33.86 1.74
CA GLU H 298 -13.38 35.00 1.03
C GLU H 298 -14.76 34.68 0.47
N ARG H 299 -14.97 33.45 0.00
CA ARG H 299 -16.22 33.12 -0.67
C ARG H 299 -17.39 33.04 0.31
N LEU H 300 -17.17 32.41 1.47
CA LEU H 300 -18.25 32.15 2.41
C LEU H 300 -18.19 33.00 3.67
N GLY H 301 -17.05 33.62 3.97
CA GLY H 301 -16.93 34.36 5.21
C GLY H 301 -16.54 33.46 6.38
N TYR H 302 -17.08 33.78 7.55
CA TYR H 302 -16.81 32.98 8.74
C TYR H 302 -17.57 31.66 8.65
N ILE H 303 -16.87 30.56 8.90
CA ILE H 303 -17.42 29.23 8.73
C ILE H 303 -18.09 28.79 10.03
N LEU H 304 -19.36 28.39 9.93
CA LEU H 304 -20.13 27.89 11.06
C LEU H 304 -20.83 26.59 10.66
N THR H 305 -21.41 25.92 11.66
CA THR H 305 -22.01 24.62 11.41
C THR H 305 -23.26 24.73 10.54
N CYS H 306 -24.16 25.63 10.89
CA CYS H 306 -25.40 25.79 10.14
C CYS H 306 -25.15 26.67 8.91
N PRO H 307 -25.48 26.21 7.71
CA PRO H 307 -25.26 27.04 6.51
C PRO H 307 -26.03 28.35 6.54
N SER H 308 -27.14 28.42 7.29
CA SER H 308 -27.88 29.67 7.40
C SER H 308 -27.15 30.72 8.23
N ASN H 309 -26.10 30.33 8.95
CA ASN H 309 -25.32 31.24 9.78
C ASN H 309 -24.02 31.67 9.12
N LEU H 310 -23.81 31.31 7.85
CA LEU H 310 -22.55 31.63 7.18
C LEU H 310 -22.45 33.12 6.92
N GLY H 311 -21.24 33.55 6.54
CA GLY H 311 -20.98 34.94 6.26
C GLY H 311 -20.45 35.69 7.46
N THR H 312 -21.32 36.45 8.12
CA THR H 312 -20.96 37.15 9.34
C THR H 312 -21.51 36.48 10.59
N GLY H 313 -22.61 35.73 10.46
CA GLY H 313 -23.21 35.11 11.62
C GLY H 313 -23.79 36.10 12.61
N LEU H 314 -24.00 37.35 12.20
CA LEU H 314 -24.41 38.40 13.11
C LEU H 314 -25.93 38.43 13.25
N ARG H 315 -26.40 38.79 14.44
CA ARG H 315 -27.82 38.95 14.71
C ARG H 315 -27.95 40.08 15.73
N ALA H 316 -28.18 41.30 15.23
CA ALA H 316 -28.39 42.46 16.09
C ALA H 316 -29.85 42.47 16.53
N GLY H 317 -30.08 42.20 17.82
CA GLY H 317 -31.43 42.02 18.33
C GLY H 317 -31.77 43.05 19.39
N VAL H 318 -33.06 43.39 19.46
CA VAL H 318 -33.59 44.25 20.51
C VAL H 318 -34.90 43.62 21.00
N HIS H 319 -35.29 43.98 22.21
CA HIS H 319 -36.54 43.52 22.81
C HIS H 319 -37.49 44.70 22.91
N ILE H 320 -38.67 44.57 22.31
CA ILE H 320 -39.66 45.64 22.29
C ILE H 320 -41.04 45.07 22.57
N PRO H 323 -47.34 48.74 21.98
CA PRO H 323 -47.29 47.76 20.90
C PRO H 323 -48.43 47.95 19.89
N LEU H 324 -48.63 49.18 19.44
CA LEU H 324 -49.73 49.48 18.53
C LEU H 324 -49.57 48.80 17.18
N LEU H 325 -48.34 48.45 16.80
CA LEU H 325 -48.09 47.76 15.54
C LEU H 325 -47.99 46.25 15.72
N SER H 326 -48.75 45.68 16.65
CA SER H 326 -48.82 44.23 16.81
C SER H 326 -50.18 43.64 16.45
N LYS H 327 -51.27 44.40 16.62
CA LYS H 327 -52.57 43.91 16.19
C LYS H 327 -52.76 44.02 14.68
N ASP H 328 -52.15 45.03 14.06
CA ASP H 328 -52.39 45.30 12.65
C ASP H 328 -51.87 44.17 11.77
N SER H 329 -52.61 43.87 10.70
CA SER H 329 -52.20 42.83 9.77
C SER H 329 -51.14 43.30 8.79
N ARG H 330 -50.89 44.61 8.72
CA ARG H 330 -49.84 45.13 7.86
C ARG H 330 -48.46 45.08 8.53
N PHE H 331 -48.41 44.79 9.83
CA PHE H 331 -47.17 44.72 10.58
C PHE H 331 -46.24 43.64 10.04
N PRO H 332 -46.72 42.40 9.75
CA PRO H 332 -45.81 41.39 9.19
C PRO H 332 -45.25 41.79 7.83
N LYS H 333 -45.99 42.64 7.10
CA LYS H 333 -45.57 43.01 5.75
C LYS H 333 -44.43 44.03 5.77
N ILE H 334 -44.58 45.09 6.56
CA ILE H 334 -43.61 46.19 6.53
C ILE H 334 -42.22 45.69 6.94
N LEU H 335 -42.15 44.87 7.99
CA LEU H 335 -40.88 44.28 8.38
C LEU H 335 -40.29 43.46 7.25
N GLU H 336 -41.14 42.74 6.51
CA GLU H 336 -40.67 42.02 5.32
C GLU H 336 -40.09 42.97 4.30
N ASN H 337 -40.72 44.14 4.12
CA ASN H 337 -40.16 45.17 3.26
C ASN H 337 -38.95 45.85 3.88
N LEU H 338 -38.78 45.73 5.19
CA LEU H 338 -37.65 46.33 5.89
C LEU H 338 -36.46 45.39 6.03
N ARG H 339 -36.55 44.18 5.48
CA ARG H 339 -35.54 43.14 5.69
C ARG H 339 -35.29 42.92 7.17
N LEU H 340 -36.39 42.92 7.93
CA LEU H 340 -36.36 42.89 9.39
C LEU H 340 -37.19 41.71 9.85
N GLN H 341 -36.64 40.91 10.76
CA GLN H 341 -37.31 39.70 11.23
C GLN H 341 -37.89 39.93 12.62
N LYS H 342 -39.11 39.46 12.82
CA LYS H 342 -39.81 39.57 14.09
C LYS H 342 -40.26 38.19 14.55
N ARG H 343 -40.03 37.90 15.83
CA ARG H 343 -40.42 36.63 16.43
C ARG H 343 -40.92 36.90 17.84
N GLY H 344 -41.11 35.82 18.61
CA GLY H 344 -41.61 35.97 19.96
C GLY H 344 -40.63 36.74 20.84
N THR H 345 -41.19 37.54 21.75
CA THR H 345 -40.39 38.35 22.64
C THR H 345 -39.72 37.50 23.72
N ASP H 358 -39.00 39.94 19.84
CA ASP H 358 -37.61 40.16 19.44
C ASP H 358 -37.52 40.71 18.02
N ILE H 359 -36.67 41.72 17.85
CA ILE H 359 -36.45 42.37 16.56
C ILE H 359 -35.05 41.98 16.09
N SER H 360 -34.98 41.37 14.91
CA SER H 360 -33.73 40.83 14.39
C SER H 360 -33.64 41.11 12.90
N ASN H 361 -32.70 40.44 12.24
CA ASN H 361 -32.40 40.63 10.82
C ASN H 361 -32.67 39.33 10.06
N LEU H 362 -32.43 39.38 8.75
CA LEU H 362 -32.57 38.20 7.89
C LEU H 362 -31.24 37.75 7.31
N ASP H 363 -30.52 38.63 6.62
CA ASP H 363 -29.36 38.24 5.84
C ASP H 363 -28.10 38.24 6.70
N ARG H 364 -27.17 37.36 6.34
CA ARG H 364 -25.87 37.32 7.00
C ARG H 364 -24.74 37.38 5.96
N LEU H 365 -24.95 36.76 4.81
CA LEU H 365 -23.99 36.79 3.72
C LEU H 365 -24.26 37.96 2.78
N GLY H 366 -23.20 38.46 2.15
CA GLY H 366 -23.30 39.50 1.15
C GLY H 366 -23.17 40.91 1.67
N LYS H 367 -23.63 41.20 2.88
CA LYS H 367 -23.62 42.55 3.43
C LYS H 367 -22.93 42.52 4.78
N SER H 368 -22.22 43.60 5.10
CA SER H 368 -21.27 43.59 6.20
C SER H 368 -21.98 43.74 7.55
N GLU H 369 -21.21 43.52 8.63
CA GLU H 369 -21.74 43.60 9.97
C GLU H 369 -22.23 45.00 10.30
N VAL H 370 -21.48 46.03 9.87
CA VAL H 370 -21.93 47.40 10.09
C VAL H 370 -23.24 47.65 9.36
N GLU H 371 -23.35 47.15 8.13
CA GLU H 371 -24.60 47.27 7.39
C GLU H 371 -25.72 46.49 8.06
N LEU H 372 -25.40 45.40 8.76
CA LEU H 372 -26.42 44.65 9.49
C LEU H 372 -27.07 45.52 10.56
N VAL H 373 -26.25 46.13 11.42
CA VAL H 373 -26.79 47.00 12.46
C VAL H 373 -27.37 48.26 11.83
N GLN H 374 -26.77 48.75 10.76
CA GLN H 374 -27.31 49.92 10.06
C GLN H 374 -28.73 49.66 9.59
N LEU H 375 -28.98 48.46 9.04
CA LEU H 375 -30.34 48.10 8.64
C LEU H 375 -31.26 48.01 9.85
N VAL H 376 -30.77 47.45 10.96
CA VAL H 376 -31.61 47.27 12.14
C VAL H 376 -31.96 48.62 12.76
N ILE H 377 -30.97 49.50 12.93
CA ILE H 377 -31.23 50.77 13.60
C ILE H 377 -32.16 51.63 12.75
N ASP H 378 -31.94 51.67 11.44
CA ASP H 378 -32.86 52.41 10.57
C ASP H 378 -34.21 51.68 10.45
N GLY H 379 -34.20 50.36 10.45
CA GLY H 379 -35.45 49.63 10.41
C GLY H 379 -36.30 49.87 11.64
N VAL H 380 -35.68 49.85 12.82
CA VAL H 380 -36.40 50.16 14.04
C VAL H 380 -36.75 51.65 14.08
N ASN H 381 -35.91 52.51 13.49
CA ASN H 381 -36.20 53.94 13.48
C ASN H 381 -37.52 54.24 12.79
N TYR H 382 -37.80 53.56 11.66
CA TYR H 382 -39.09 53.69 11.01
C TYR H 382 -40.22 53.06 11.82
N LEU H 383 -39.89 52.26 12.85
CA LEU H 383 -40.88 51.63 13.70
C LEU H 383 -41.20 52.44 14.96
N ILE H 384 -40.20 53.14 15.52
CA ILE H 384 -40.45 53.96 16.69
C ILE H 384 -41.41 55.10 16.37
N ASP H 385 -41.26 55.70 15.18
CA ASP H 385 -42.10 56.83 14.81
C ASP H 385 -43.56 56.44 14.75
N CYS H 386 -43.87 55.25 14.22
CA CYS H 386 -45.26 54.80 14.17
C CYS H 386 -45.83 54.56 15.57
N GLU H 387 -44.98 54.27 16.54
CA GLU H 387 -45.39 54.08 17.93
C GLU H 387 -46.46 53.00 18.06
#